data_6BO7
#
_entry.id   6BO7
#
_cell.length_a   55.784
_cell.length_b   219.854
_cell.length_c   254.139
_cell.angle_alpha   90.00
_cell.angle_beta   90.00
_cell.angle_gamma   90.00
#
_symmetry.space_group_name_H-M   'P 2 21 21'
#
loop_
_entity.id
_entity.type
_entity.pdbx_description
1 polymer 'Hypoxanthine phosphoribosyltransferase'
2 non-polymer 'MAGNESIUM ION'
3 non-polymer '[3-[(3~{R},4~{R})-3-(2-azanyl-6-oxidanylidene-1~{H}-purin-9-yl)-4-[(2~{S})-2-oxidanyl-2-phosphono-ethoxy]pyrrolidin-1-y l]-3-oxidanylidene-propyl]phosphonic acid'
#
_entity_poly.entity_id   1
_entity_poly.type   'polypeptide(L)'
_entity_poly.pdbx_seq_one_letter_code
;HHHHHHKIPNNPGAGENALEPIYIKDDDGYDIDTFLIPDHYKNYITKVLIPNGVLKNRIEKLAFDIKQVYRNEEFHVICL
LKGSRGFFSALLKYLNRIHNYSSTESPKHLYVEHYVRVKSYCNDQSLDRIEIVSEDLSCLKDKHVLIVEDIIDTGKTLLK
FCEYLKKFEVKTIAITCLFIKRTPLWNGFKADFVGFSIPDAFVVGYSLDYNEKFRDLDHLCLVNDEGIKKFRTAPPTA
;
_entity_poly.pdbx_strand_id   A,B,C,D,E,F,G,H,I,J,K,L
#
# COMPACT_ATOMS: atom_id res chain seq x y z
N HIS A 4 9.22 42.58 34.52
CA HIS A 4 7.80 42.22 34.60
C HIS A 4 7.55 40.77 34.19
N HIS A 5 6.40 40.25 34.62
CA HIS A 5 5.93 38.95 34.18
C HIS A 5 4.77 39.16 33.21
N HIS A 6 5.03 38.94 31.92
CA HIS A 6 4.07 39.28 30.88
C HIS A 6 3.04 38.17 30.72
N LYS A 7 1.77 38.54 30.72
CA LYS A 7 0.71 37.59 30.49
C LYS A 7 0.75 37.23 29.00
N ILE A 8 0.34 36.01 28.65
CA ILE A 8 0.32 35.60 27.25
C ILE A 8 -0.90 36.22 26.55
N PRO A 9 -0.66 36.98 25.47
CA PRO A 9 -1.74 37.73 24.81
C PRO A 9 -2.88 36.85 24.29
N ASN A 10 -4.11 37.21 24.65
CA ASN A 10 -5.28 36.48 24.17
C ASN A 10 -6.46 37.41 23.92
N ASN A 11 -6.28 38.37 23.03
CA ASN A 11 -7.37 39.26 22.64
C ASN A 11 -7.04 39.90 21.29
N PRO A 12 -7.19 39.12 20.21
CA PRO A 12 -6.78 39.51 18.85
C PRO A 12 -7.41 40.80 18.36
N GLY A 13 -6.58 41.80 18.09
CA GLY A 13 -7.03 43.08 17.57
C GLY A 13 -6.94 44.17 18.60
N ALA A 14 -6.75 43.80 19.85
CA ALA A 14 -6.69 44.76 20.95
C ALA A 14 -5.29 45.33 21.15
N GLY A 15 -4.29 44.45 21.15
CA GLY A 15 -2.92 44.86 21.41
C GLY A 15 -2.76 45.49 22.78
N GLU A 16 -3.30 44.82 23.80
CA GLU A 16 -3.38 45.38 25.15
C GLU A 16 -2.04 45.79 25.73
N ASN A 17 -1.06 44.89 25.66
CA ASN A 17 0.26 45.19 26.23
C ASN A 17 1.32 45.33 25.16
N ALA A 18 0.90 45.76 23.97
CA ALA A 18 1.82 45.88 22.84
C ALA A 18 2.80 47.03 23.03
N LEU A 19 4.07 46.75 22.76
CA LEU A 19 5.12 47.77 22.79
C LEU A 19 5.07 48.63 21.53
N GLU A 20 5.47 49.89 21.68
CA GLU A 20 5.49 50.83 20.58
C GLU A 20 6.49 50.43 19.51
N PRO A 21 6.09 50.54 18.23
CA PRO A 21 6.98 50.18 17.12
C PRO A 21 7.86 51.35 16.74
N ILE A 22 8.72 51.17 15.75
CA ILE A 22 9.51 52.27 15.21
C ILE A 22 8.60 53.16 14.38
N TYR A 23 8.61 54.46 14.67
CA TYR A 23 7.78 55.41 13.96
C TYR A 23 8.51 56.02 12.77
N ILE A 24 8.23 55.51 11.58
CA ILE A 24 8.77 56.09 10.35
C ILE A 24 7.97 57.33 9.95
N LYS A 25 8.55 58.51 10.15
CA LYS A 25 7.81 59.76 9.90
C LYS A 25 7.45 59.97 8.44
N ASP A 26 6.46 60.82 8.20
CA ASP A 26 6.03 61.16 6.85
C ASP A 26 7.08 61.95 6.09
N ASP A 27 7.66 61.31 5.08
CA ASP A 27 8.62 61.92 4.16
C ASP A 27 10.03 61.93 4.73
N ASP A 28 10.49 60.75 5.15
CA ASP A 28 11.88 60.54 5.50
C ASP A 28 12.34 59.24 4.85
N GLY A 29 13.65 59.05 4.79
CA GLY A 29 14.18 57.85 4.18
C GLY A 29 15.45 58.18 3.43
N TYR A 30 15.79 57.37 2.44
CA TYR A 30 17.06 57.56 1.75
C TYR A 30 16.86 57.47 0.25
N ASP A 31 17.70 58.18 -0.50
CA ASP A 31 17.62 58.13 -1.96
C ASP A 31 18.21 56.83 -2.48
N ILE A 32 18.14 56.64 -3.79
CA ILE A 32 18.55 55.39 -4.42
C ILE A 32 20.04 55.12 -4.26
N ASP A 33 20.85 56.15 -4.45
CA ASP A 33 22.30 56.00 -4.48
C ASP A 33 22.94 55.81 -3.12
N THR A 34 22.12 55.70 -2.08
CA THR A 34 22.60 55.52 -0.71
C THR A 34 23.01 54.09 -0.41
N PHE A 35 22.15 53.13 -0.77
CA PHE A 35 22.44 51.73 -0.53
C PHE A 35 22.54 51.01 -1.88
N LEU A 36 22.87 49.72 -1.85
CA LEU A 36 22.96 48.96 -3.08
C LEU A 36 21.58 48.45 -3.51
N ILE A 37 21.12 48.94 -4.65
CA ILE A 37 19.84 48.55 -5.24
C ILE A 37 20.09 47.92 -6.61
N PRO A 38 19.43 46.78 -6.89
CA PRO A 38 19.52 46.08 -8.17
C PRO A 38 19.30 47.01 -9.37
N ASP A 39 20.10 46.86 -10.42
CA ASP A 39 20.02 47.74 -11.59
C ASP A 39 18.67 47.68 -12.27
N HIS A 40 18.05 46.51 -12.22
CA HIS A 40 16.78 46.28 -12.88
C HIS A 40 15.59 46.82 -12.08
N TYR A 41 15.87 47.33 -10.90
CA TYR A 41 14.84 47.91 -10.04
C TYR A 41 15.10 49.40 -9.79
N LYS A 42 16.28 49.86 -10.21
CA LYS A 42 16.73 51.19 -9.86
C LYS A 42 15.84 52.29 -10.43
N ASN A 43 15.31 52.08 -11.63
CA ASN A 43 14.46 53.09 -12.28
C ASN A 43 13.00 53.03 -11.86
N TYR A 44 12.67 52.09 -10.99
CA TYR A 44 11.28 51.87 -10.59
C TYR A 44 11.03 52.17 -9.12
N ILE A 45 12.00 52.80 -8.47
CA ILE A 45 11.90 53.10 -7.06
C ILE A 45 12.10 54.58 -6.76
N THR A 46 11.17 55.16 -6.03
CA THR A 46 11.26 56.57 -5.64
C THR A 46 12.35 56.77 -4.60
N LYS A 47 12.23 56.04 -3.51
CA LYS A 47 13.15 56.19 -2.39
C LYS A 47 13.15 54.92 -1.54
N VAL A 48 14.18 54.77 -0.73
CA VAL A 48 14.25 53.65 0.21
C VAL A 48 13.67 54.09 1.55
N LEU A 49 12.62 53.41 1.98
CA LEU A 49 11.96 53.75 3.23
C LEU A 49 12.69 53.15 4.43
N ILE A 50 12.85 51.83 4.43
CA ILE A 50 13.57 51.15 5.50
C ILE A 50 14.63 50.22 4.93
N PRO A 51 15.90 50.44 5.29
CA PRO A 51 17.02 49.60 4.86
C PRO A 51 16.89 48.15 5.36
N ASN A 52 17.44 47.21 4.60
CA ASN A 52 17.37 45.79 4.94
C ASN A 52 17.91 45.47 6.33
N GLY A 53 18.96 46.18 6.72
CA GLY A 53 19.60 45.94 8.00
C GLY A 53 18.74 46.33 9.19
N VAL A 54 17.99 47.42 9.04
CA VAL A 54 17.08 47.85 10.10
C VAL A 54 15.98 46.83 10.35
N LEU A 55 15.47 46.27 9.26
CA LEU A 55 14.44 45.24 9.33
C LEU A 55 14.93 44.05 10.16
N LYS A 56 16.11 43.54 9.81
CA LYS A 56 16.66 42.39 10.51
C LYS A 56 16.89 42.72 11.99
N ASN A 57 17.38 43.92 12.27
CA ASN A 57 17.64 44.33 13.64
C ASN A 57 16.36 44.48 14.47
N ARG A 58 15.28 44.91 13.85
CA ARG A 58 14.00 45.06 14.53
C ARG A 58 13.38 43.71 14.84
N ILE A 59 13.38 42.83 13.84
CA ILE A 59 12.83 41.49 13.98
C ILE A 59 13.54 40.72 15.09
N GLU A 60 14.85 40.94 15.21
CA GLU A 60 15.63 40.32 16.25
C GLU A 60 15.12 40.74 17.63
N LYS A 61 14.64 41.97 17.73
CA LYS A 61 14.09 42.46 18.97
C LYS A 61 12.67 41.92 19.15
N LEU A 62 11.95 41.78 18.04
CA LEU A 62 10.62 41.18 18.06
C LEU A 62 10.70 39.73 18.54
N ALA A 63 11.67 38.99 18.02
CA ALA A 63 11.90 37.61 18.42
C ALA A 63 12.22 37.53 19.91
N PHE A 64 12.93 38.54 20.41
CA PHE A 64 13.23 38.61 21.83
C PHE A 64 11.97 38.86 22.65
N ASP A 65 11.15 39.80 22.19
CA ASP A 65 9.90 40.15 22.86
C ASP A 65 8.94 38.97 22.89
N ILE A 66 8.88 38.24 21.78
CA ILE A 66 8.01 37.08 21.67
C ILE A 66 8.44 35.96 22.63
N LYS A 67 9.74 35.72 22.71
CA LYS A 67 10.27 34.68 23.61
C LYS A 67 10.06 35.06 25.07
N GLN A 68 10.05 36.36 25.36
CA GLN A 68 9.85 36.82 26.73
C GLN A 68 8.46 36.47 27.25
N VAL A 69 7.46 36.44 26.37
CA VAL A 69 6.10 36.19 26.80
C VAL A 69 5.68 34.74 26.59
N TYR A 70 6.39 34.01 25.74
CA TYR A 70 6.02 32.61 25.50
C TYR A 70 6.99 31.71 26.24
N ARG A 71 7.90 32.33 26.98
CA ARG A 71 8.82 31.61 27.86
C ARG A 71 8.09 30.50 28.63
N ASN A 72 8.47 29.25 28.39
CA ASN A 72 7.98 28.05 29.09
C ASN A 72 6.66 27.46 28.57
N GLU A 73 6.26 27.90 27.37
CA GLU A 73 5.13 27.33 26.64
C GLU A 73 5.41 27.09 25.15
N GLU A 74 4.86 26.00 24.62
CA GLU A 74 4.94 25.70 23.19
C GLU A 74 3.88 26.53 22.46
N PHE A 75 4.24 27.10 21.32
CA PHE A 75 3.29 27.90 20.55
C PHE A 75 3.40 27.60 19.07
N HIS A 76 2.26 27.66 18.38
CA HIS A 76 2.21 27.34 16.97
C HIS A 76 2.14 28.61 16.12
N VAL A 77 3.18 28.82 15.32
CA VAL A 77 3.25 29.98 14.45
C VAL A 77 2.62 29.72 13.08
N ILE A 78 1.84 30.68 12.61
CA ILE A 78 1.17 30.57 11.33
C ILE A 78 1.73 31.61 10.35
N CYS A 79 2.37 31.14 9.30
CA CYS A 79 2.93 32.04 8.29
C CYS A 79 1.89 32.34 7.21
N LEU A 80 1.53 33.61 7.08
CA LEU A 80 0.57 34.04 6.09
C LEU A 80 1.24 34.27 4.74
N LEU A 81 1.25 33.22 3.93
CA LEU A 81 1.86 33.27 2.60
C LEU A 81 1.15 34.27 1.69
N LYS A 82 1.89 34.90 0.78
CA LYS A 82 3.32 34.65 0.63
C LYS A 82 4.14 35.90 0.92
N GLY A 83 3.54 36.89 1.55
CA GLY A 83 4.20 38.14 1.85
C GLY A 83 4.94 38.13 3.18
N SER A 84 4.61 37.16 4.02
CA SER A 84 5.20 37.07 5.35
C SER A 84 6.45 36.21 5.34
N ARG A 85 6.83 35.71 4.17
CA ARG A 85 7.93 34.74 4.06
C ARG A 85 9.24 35.32 4.60
N GLY A 86 9.58 36.53 4.19
CA GLY A 86 10.79 37.17 4.67
C GLY A 86 10.77 37.42 6.17
N PHE A 87 9.68 37.99 6.65
CA PHE A 87 9.48 38.25 8.08
C PHE A 87 9.52 36.94 8.87
N PHE A 88 8.89 35.91 8.32
CA PHE A 88 8.77 34.62 9.00
C PHE A 88 10.11 33.92 9.17
N SER A 89 10.88 33.83 8.10
CA SER A 89 12.16 33.13 8.13
C SER A 89 13.19 33.83 9.02
N ALA A 90 13.19 35.17 8.99
CA ALA A 90 14.08 35.95 9.84
C ALA A 90 13.71 35.75 11.30
N LEU A 91 12.42 35.61 11.55
CA LEU A 91 11.92 35.42 12.90
C LEU A 91 12.38 34.08 13.47
N LEU A 92 12.30 33.03 12.66
CA LEU A 92 12.74 31.71 13.09
C LEU A 92 14.25 31.68 13.30
N LYS A 93 14.97 32.38 12.44
CA LYS A 93 16.42 32.45 12.51
C LYS A 93 16.85 33.00 13.86
N TYR A 94 16.22 34.09 14.28
CA TYR A 94 16.57 34.71 15.55
C TYR A 94 15.97 33.96 16.74
N LEU A 95 14.87 33.25 16.51
CA LEU A 95 14.32 32.40 17.56
C LEU A 95 15.27 31.25 17.85
N ASN A 96 15.79 30.64 16.78
CA ASN A 96 16.76 29.57 16.93
C ASN A 96 18.01 30.04 17.66
N ARG A 97 18.47 31.25 17.31
CA ARG A 97 19.64 31.85 17.93
C ARG A 97 19.42 32.03 19.43
N ILE A 98 18.22 32.45 19.81
CA ILE A 98 17.89 32.63 21.22
C ILE A 98 17.90 31.31 21.97
N HIS A 99 17.31 30.28 21.38
CA HIS A 99 17.27 28.97 22.02
C HIS A 99 18.68 28.39 22.16
N ASN A 100 19.62 28.82 21.30
CA ASN A 100 20.98 28.29 21.34
C ASN A 100 21.98 29.10 22.21
N TYR A 101 21.65 30.35 22.54
CA TYR A 101 22.60 31.22 23.25
C TYR A 101 22.21 31.69 24.65
N SER A 102 21.07 31.23 25.17
CA SER A 102 20.66 31.62 26.51
C SER A 102 20.60 30.46 27.51
N SER A 103 20.74 29.23 27.00
CA SER A 103 20.65 28.02 27.82
C SER A 103 19.25 27.92 28.41
N THR A 104 19.12 27.15 29.50
CA THR A 104 17.83 26.88 30.15
C THR A 104 16.74 26.65 29.12
N GLU A 105 16.71 25.46 28.53
CA GLU A 105 15.73 25.17 27.48
C GLU A 105 15.20 23.74 27.57
N SER A 106 14.00 23.51 27.04
CA SER A 106 13.35 22.20 27.06
C SER A 106 12.65 21.89 25.74
N PRO A 107 12.94 20.72 25.13
CA PRO A 107 12.25 20.36 23.88
C PRO A 107 10.75 20.12 24.06
N LYS A 108 10.09 20.98 24.82
CA LYS A 108 8.67 20.88 25.08
C LYS A 108 8.10 22.29 25.08
N HIS A 109 9.02 23.25 25.06
CA HIS A 109 8.67 24.66 24.99
C HIS A 109 9.34 25.28 23.77
N LEU A 110 8.81 24.98 22.60
CA LEU A 110 9.37 25.44 21.34
C LEU A 110 8.25 25.84 20.41
N TYR A 111 8.53 25.86 19.11
CA TYR A 111 7.50 26.26 18.16
C TYR A 111 7.24 25.23 17.06
N VAL A 112 6.01 25.26 16.54
CA VAL A 112 5.61 24.39 15.45
C VAL A 112 5.15 25.24 14.27
N GLU A 113 5.71 24.96 13.09
CA GLU A 113 5.46 25.77 11.91
C GLU A 113 4.16 25.41 11.21
N HIS A 114 3.39 26.42 10.82
CA HIS A 114 2.17 26.19 10.05
C HIS A 114 2.12 27.22 8.92
N TYR A 115 1.53 26.86 7.78
CA TYR A 115 1.48 27.79 6.66
C TYR A 115 0.08 27.87 6.06
N VAL A 116 -0.47 29.07 6.00
CA VAL A 116 -1.78 29.29 5.40
C VAL A 116 -1.75 30.38 4.34
N ARG A 117 -2.69 30.34 3.40
CA ARG A 117 -2.84 31.45 2.47
C ARG A 117 -4.25 32.01 2.56
N VAL A 118 -4.33 33.29 2.86
CA VAL A 118 -5.61 33.97 3.08
C VAL A 118 -5.90 34.98 1.97
N LYS A 119 -7.11 34.89 1.42
CA LYS A 119 -7.54 35.77 0.33
C LYS A 119 -8.72 36.62 0.76
N ILE A 130 -14.30 34.92 3.36
CA ILE A 130 -12.86 34.78 3.51
C ILE A 130 -12.50 33.31 3.28
N GLU A 131 -11.55 33.06 2.39
CA GLU A 131 -11.25 31.68 2.04
C GLU A 131 -9.80 31.31 2.36
N ILE A 132 -9.63 30.11 2.89
CA ILE A 132 -8.35 29.66 3.39
C ILE A 132 -7.79 28.45 2.65
N VAL A 133 -6.56 28.58 2.15
CA VAL A 133 -5.84 27.47 1.53
C VAL A 133 -4.75 27.04 2.49
N SER A 134 -4.99 25.93 3.19
CA SER A 134 -4.07 25.48 4.23
C SER A 134 -4.22 24.00 4.55
N GLU A 135 -3.80 23.66 5.75
CA GLU A 135 -3.85 22.31 6.30
C GLU A 135 -5.16 22.21 7.08
N ASP A 136 -5.29 21.27 8.00
CA ASP A 136 -6.59 21.08 8.62
C ASP A 136 -6.77 22.10 9.74
N LEU A 137 -5.68 22.45 10.41
CA LEU A 137 -5.70 23.41 11.52
C LEU A 137 -6.52 22.93 12.72
N SER A 138 -7.04 21.71 12.65
CA SER A 138 -7.82 21.16 13.76
C SER A 138 -6.91 20.74 14.91
N CYS A 139 -5.62 20.61 14.60
CA CYS A 139 -4.62 20.24 15.59
C CYS A 139 -4.21 21.43 16.46
N LEU A 140 -4.80 22.59 16.19
CA LEU A 140 -4.49 23.81 16.93
C LEU A 140 -5.36 23.98 18.19
N LYS A 141 -6.21 22.99 18.46
CA LYS A 141 -7.06 23.03 19.65
C LYS A 141 -6.18 22.95 20.90
N ASP A 142 -6.50 23.79 21.90
CA ASP A 142 -5.72 23.89 23.13
C ASP A 142 -4.26 24.25 22.85
N LYS A 143 -4.03 25.04 21.80
CA LYS A 143 -2.68 25.47 21.44
C LYS A 143 -2.57 26.98 21.41
N HIS A 144 -1.38 27.49 21.70
CA HIS A 144 -1.08 28.91 21.58
C HIS A 144 -0.75 29.26 20.14
N VAL A 145 -1.51 30.19 19.56
CA VAL A 145 -1.31 30.53 18.16
C VAL A 145 -0.72 31.92 18.04
N LEU A 146 0.36 32.01 17.28
CA LEU A 146 1.00 33.28 16.97
C LEU A 146 0.95 33.52 15.47
N ILE A 147 0.17 34.52 15.06
CA ILE A 147 0.03 34.83 13.63
C ILE A 147 1.10 35.79 13.16
N VAL A 148 1.76 35.42 12.07
CA VAL A 148 2.82 36.25 11.50
C VAL A 148 2.38 36.93 10.21
N GLU A 149 2.06 38.21 10.30
CA GLU A 149 1.61 38.96 9.14
C GLU A 149 2.64 40.00 8.76
N ASP A 150 2.84 40.21 7.47
CA ASP A 150 3.83 41.16 6.98
C ASP A 150 3.38 42.59 7.20
N ILE A 151 2.11 42.87 6.92
CA ILE A 151 1.62 44.24 6.95
C ILE A 151 0.11 44.34 7.24
N ILE A 152 -0.25 45.33 8.05
CA ILE A 152 -1.65 45.62 8.32
C ILE A 152 -2.02 46.96 7.69
N ASP A 153 -3.00 46.92 6.79
CA ASP A 153 -3.48 48.10 6.09
C ASP A 153 -4.82 48.54 6.67
N THR A 154 -5.88 47.86 6.26
CA THR A 154 -7.22 48.17 6.73
C THR A 154 -7.62 47.27 7.91
N GLY A 155 -6.95 46.13 8.02
CA GLY A 155 -7.22 45.20 9.11
C GLY A 155 -8.38 44.27 8.84
N LYS A 156 -8.91 44.29 7.62
CA LYS A 156 -10.04 43.42 7.30
C LYS A 156 -9.63 41.94 7.28
N THR A 157 -8.49 41.65 6.66
CA THR A 157 -8.04 40.27 6.51
C THR A 157 -7.83 39.59 7.87
N LEU A 158 -7.14 40.27 8.77
CA LEU A 158 -6.81 39.69 10.07
C LEU A 158 -8.04 39.61 10.97
N LEU A 159 -9.00 40.51 10.77
CA LEU A 159 -10.22 40.50 11.55
C LEU A 159 -11.05 39.26 11.23
N LYS A 160 -11.21 38.99 9.94
CA LYS A 160 -11.99 37.84 9.47
C LYS A 160 -11.32 36.51 9.82
N PHE A 161 -10.00 36.51 9.75
CA PHE A 161 -9.20 35.30 9.96
C PHE A 161 -9.23 34.83 11.41
N CYS A 162 -9.28 35.78 12.35
CA CYS A 162 -9.33 35.44 13.76
C CYS A 162 -10.67 34.79 14.17
N GLU A 163 -11.76 35.20 13.51
CA GLU A 163 -13.06 34.58 13.73
C GLU A 163 -13.10 33.17 13.16
N TYR A 164 -12.49 33.00 11.99
CA TYR A 164 -12.43 31.70 11.35
C TYR A 164 -11.64 30.72 12.20
N LEU A 165 -10.63 31.25 12.89
CA LEU A 165 -9.75 30.45 13.75
C LEU A 165 -10.41 30.04 15.06
N LYS A 166 -11.49 30.73 15.43
CA LYS A 166 -12.19 30.46 16.68
C LYS A 166 -12.99 29.18 16.54
N LYS A 167 -13.07 28.71 15.31
CA LYS A 167 -13.81 27.52 14.96
C LYS A 167 -13.04 26.25 15.33
N PHE A 168 -11.76 26.43 15.61
CA PHE A 168 -10.89 25.31 15.94
C PHE A 168 -10.57 25.23 17.43
N GLU A 169 -11.25 26.04 18.24
CA GLU A 169 -11.15 25.97 19.70
C GLU A 169 -9.71 26.05 20.23
N VAL A 170 -8.97 27.08 19.82
CA VAL A 170 -7.61 27.30 20.29
C VAL A 170 -7.56 27.95 21.67
N LYS A 171 -6.43 27.82 22.34
CA LYS A 171 -6.24 28.41 23.66
C LYS A 171 -6.11 29.94 23.60
N THR A 172 -5.09 30.43 22.89
CA THR A 172 -4.86 31.87 22.75
C THR A 172 -4.52 32.26 21.30
N ILE A 173 -4.78 33.53 20.95
CA ILE A 173 -4.42 34.06 19.64
C ILE A 173 -3.68 35.39 19.74
N ALA A 174 -2.40 35.39 19.36
CA ALA A 174 -1.61 36.62 19.32
C ALA A 174 -1.16 36.93 17.90
N ILE A 175 -0.96 38.21 17.62
CA ILE A 175 -0.55 38.62 16.28
C ILE A 175 0.72 39.43 16.33
N THR A 176 1.72 39.00 15.55
CA THR A 176 2.92 39.80 15.35
C THR A 176 2.90 40.34 13.94
N CYS A 177 3.25 41.62 13.80
CA CYS A 177 3.19 42.28 12.50
C CYS A 177 4.40 43.17 12.29
N LEU A 178 4.95 43.14 11.07
CA LEU A 178 6.16 43.87 10.77
C LEU A 178 5.89 45.36 10.52
N PHE A 179 4.87 45.64 9.72
CA PHE A 179 4.53 47.02 9.38
C PHE A 179 3.05 47.29 9.61
N ILE A 180 2.74 48.42 10.23
CA ILE A 180 1.37 48.91 10.25
C ILE A 180 1.31 50.22 9.52
N LYS A 181 0.42 50.30 8.52
CA LYS A 181 0.27 51.52 7.75
C LYS A 181 -0.70 52.48 8.43
N ARG A 182 -0.36 53.75 8.42
CA ARG A 182 -1.23 54.75 9.02
C ARG A 182 -2.30 55.22 8.01
N THR A 183 -3.17 54.30 7.62
CA THR A 183 -4.27 54.58 6.71
C THR A 183 -5.52 54.93 7.52
N PRO A 184 -6.26 55.98 7.11
CA PRO A 184 -7.53 56.33 7.76
C PRO A 184 -8.61 55.26 7.58
N LEU A 185 -8.36 54.28 6.73
CA LEU A 185 -9.31 53.18 6.52
C LEU A 185 -9.10 52.05 7.52
N TRP A 186 -8.20 52.27 8.48
CA TRP A 186 -7.89 51.28 9.50
C TRP A 186 -9.09 51.04 10.41
N ASN A 187 -9.36 49.78 10.70
CA ASN A 187 -10.53 49.40 11.49
C ASN A 187 -10.22 49.25 12.99
N GLY A 188 -8.98 49.52 13.37
CA GLY A 188 -8.60 49.50 14.78
C GLY A 188 -7.98 48.18 15.22
N PHE A 189 -7.68 47.31 14.27
CA PHE A 189 -7.07 46.03 14.58
C PHE A 189 -5.60 46.23 14.93
N LYS A 190 -5.24 45.92 16.17
CA LYS A 190 -3.88 46.11 16.65
C LYS A 190 -3.17 44.77 16.82
N ALA A 191 -1.89 44.74 16.45
CA ALA A 191 -1.06 43.56 16.68
C ALA A 191 -0.46 43.61 18.08
N ASP A 192 -0.03 42.46 18.59
CA ASP A 192 0.54 42.39 19.93
C ASP A 192 2.05 42.62 19.92
N PHE A 193 2.65 42.42 18.75
CA PHE A 193 4.09 42.64 18.54
C PHE A 193 4.29 43.35 17.21
N VAL A 194 4.51 44.67 17.27
CA VAL A 194 4.61 45.47 16.05
C VAL A 194 6.05 45.91 15.78
N GLY A 195 6.46 45.82 14.52
CA GLY A 195 7.80 46.22 14.13
C GLY A 195 7.92 47.68 13.76
N PHE A 196 7.19 48.09 12.73
CA PHE A 196 7.28 49.46 12.23
C PHE A 196 5.91 50.09 12.01
N SER A 197 5.84 51.40 12.20
CA SER A 197 4.68 52.17 11.81
C SER A 197 5.05 53.04 10.62
N ILE A 198 4.49 52.72 9.45
CA ILE A 198 4.90 53.38 8.23
C ILE A 198 3.77 54.25 7.65
N PRO A 199 4.14 55.30 6.89
CA PRO A 199 3.19 56.22 6.25
C PRO A 199 2.22 55.53 5.30
N ASP A 200 1.17 56.24 4.90
CA ASP A 200 0.18 55.71 3.97
C ASP A 200 0.68 55.79 2.53
N ALA A 201 1.62 54.91 2.18
CA ALA A 201 2.14 54.84 0.83
C ALA A 201 2.35 53.39 0.43
N PHE A 202 2.28 53.11 -0.88
CA PHE A 202 2.44 51.73 -1.35
C PHE A 202 3.91 51.33 -1.34
N VAL A 203 4.24 50.37 -0.48
CA VAL A 203 5.62 49.95 -0.32
C VAL A 203 5.87 48.58 -0.93
N VAL A 204 7.10 48.36 -1.37
CA VAL A 204 7.49 47.06 -1.90
C VAL A 204 8.82 46.62 -1.31
N GLY A 205 9.18 45.37 -1.54
CA GLY A 205 10.43 44.85 -1.01
C GLY A 205 10.19 44.03 0.24
N TYR A 206 11.17 43.19 0.56
CA TYR A 206 11.09 42.29 1.71
C TYR A 206 9.83 41.44 1.67
N SER A 207 9.65 40.74 0.55
CA SER A 207 8.52 39.85 0.27
C SER A 207 7.19 40.59 0.04
N LEU A 208 7.20 41.92 0.06
CA LEU A 208 6.00 42.71 -0.28
C LEU A 208 6.02 43.06 -1.76
N ASP A 209 4.92 42.77 -2.45
CA ASP A 209 4.91 42.80 -3.91
C ASP A 209 3.97 43.79 -4.55
N TYR A 210 4.21 44.05 -5.84
CA TYR A 210 3.24 44.67 -6.72
C TYR A 210 3.11 43.82 -7.99
N ASN A 211 2.03 43.04 -8.07
CA ASN A 211 1.82 42.07 -9.13
C ASN A 211 2.98 41.08 -9.22
N GLU A 212 3.29 40.46 -8.08
CA GLU A 212 4.32 39.43 -7.96
C GLU A 212 5.73 39.91 -8.29
N LYS A 213 5.90 41.22 -8.45
CA LYS A 213 7.22 41.80 -8.65
C LYS A 213 7.72 42.45 -7.36
N PHE A 214 9.01 42.78 -7.32
CA PHE A 214 9.66 43.46 -6.20
C PHE A 214 9.72 42.66 -4.89
N ARG A 215 9.41 41.36 -4.95
CA ARG A 215 9.48 40.55 -3.73
C ARG A 215 10.92 40.31 -3.29
N ASP A 216 11.82 40.21 -4.27
CA ASP A 216 13.22 39.87 -4.02
C ASP A 216 14.06 41.07 -3.59
N LEU A 217 13.43 42.23 -3.52
CA LEU A 217 14.10 43.44 -3.07
C LEU A 217 14.32 43.40 -1.56
N ASP A 218 15.57 43.56 -1.14
CA ASP A 218 15.92 43.41 0.27
C ASP A 218 15.49 44.60 1.11
N HIS A 219 15.40 45.77 0.48
CA HIS A 219 15.01 46.98 1.19
C HIS A 219 13.52 47.25 0.99
N LEU A 220 12.93 47.96 1.94
CA LEU A 220 11.55 48.41 1.81
C LEU A 220 11.51 49.75 1.09
N CYS A 221 10.89 49.77 -0.08
CA CYS A 221 10.94 50.94 -0.93
C CYS A 221 9.57 51.44 -1.37
N LEU A 222 9.55 52.63 -1.95
CA LEU A 222 8.33 53.19 -2.52
C LEU A 222 8.41 53.10 -4.04
N VAL A 223 7.33 52.62 -4.65
CA VAL A 223 7.28 52.50 -6.10
C VAL A 223 6.99 53.84 -6.74
N ASN A 224 7.72 54.16 -7.80
CA ASN A 224 7.45 55.37 -8.57
C ASN A 224 6.36 55.13 -9.61
N ASP A 225 6.08 56.17 -10.39
CA ASP A 225 5.04 56.10 -11.42
C ASP A 225 5.44 55.10 -12.52
N GLU A 226 6.73 55.01 -12.81
CA GLU A 226 7.24 54.08 -13.83
C GLU A 226 7.08 52.60 -13.47
N GLY A 227 7.30 52.26 -12.21
CA GLY A 227 7.19 50.88 -11.78
C GLY A 227 5.77 50.33 -11.86
N ILE A 228 4.82 51.14 -11.42
CA ILE A 228 3.42 50.76 -11.46
C ILE A 228 2.96 50.56 -12.91
N LYS A 229 3.40 51.46 -13.79
CA LYS A 229 3.04 51.38 -15.20
C LYS A 229 3.67 50.17 -15.89
N LYS A 230 4.94 49.91 -15.58
CA LYS A 230 5.66 48.83 -16.23
C LYS A 230 5.09 47.45 -15.94
N PHE A 231 4.76 47.21 -14.67
CA PHE A 231 4.34 45.88 -14.23
C PHE A 231 2.83 45.80 -13.99
N ARG A 232 2.08 46.68 -14.65
CA ARG A 232 0.63 46.67 -14.54
C ARG A 232 0.04 45.49 -15.30
N THR A 233 -1.02 44.91 -14.77
CA THR A 233 -1.67 43.76 -15.39
C THR A 233 -2.83 44.16 -16.30
N HIS B 4 29.61 56.46 -15.63
CA HIS B 4 30.64 57.49 -15.55
C HIS B 4 32.03 56.86 -15.68
N HIS B 5 33.01 57.68 -16.06
CA HIS B 5 34.40 57.25 -16.00
C HIS B 5 35.09 58.02 -14.88
N HIS B 6 35.32 57.36 -13.76
CA HIS B 6 35.82 58.02 -12.56
C HIS B 6 37.34 58.10 -12.52
N LYS B 7 37.86 59.29 -12.24
CA LYS B 7 39.29 59.43 -12.02
C LYS B 7 39.59 58.81 -10.66
N ILE B 8 40.75 58.17 -10.52
CA ILE B 8 41.13 57.60 -9.24
C ILE B 8 41.66 58.76 -8.39
N PRO B 9 41.07 58.98 -7.21
CA PRO B 9 41.40 60.14 -6.38
C PRO B 9 42.86 60.20 -5.91
N ASN B 10 43.48 61.35 -6.12
CA ASN B 10 44.87 61.59 -5.71
C ASN B 10 45.05 63.01 -5.19
N ASN B 11 44.29 63.32 -4.14
CA ASN B 11 44.39 64.61 -3.46
C ASN B 11 43.83 64.48 -2.05
N PRO B 12 44.60 63.84 -1.15
CA PRO B 12 44.17 63.49 0.20
C PRO B 12 43.68 64.68 1.00
N GLY B 13 42.41 64.67 1.38
CA GLY B 13 41.85 65.73 2.18
C GLY B 13 40.89 66.63 1.42
N ALA B 14 40.90 66.51 0.10
CA ALA B 14 40.09 67.38 -0.74
C ALA B 14 38.66 66.85 -0.89
N GLY B 15 38.51 65.54 -1.12
CA GLY B 15 37.21 64.95 -1.36
C GLY B 15 36.58 65.52 -2.62
N GLU B 16 37.39 65.54 -3.69
CA GLU B 16 37.03 66.19 -4.94
C GLU B 16 35.76 65.65 -5.59
N ASN B 17 35.71 64.34 -5.75
CA ASN B 17 34.57 63.67 -6.37
C ASN B 17 33.81 62.82 -5.37
N ALA B 18 33.87 63.22 -4.10
CA ALA B 18 33.26 62.44 -3.05
C ALA B 18 31.74 62.46 -3.18
N LEU B 19 31.12 61.29 -3.08
CA LEU B 19 29.67 61.24 -3.11
C LEU B 19 29.16 61.65 -1.74
N GLU B 20 28.04 62.36 -1.73
CA GLU B 20 27.47 62.84 -0.48
C GLU B 20 26.99 61.68 0.37
N PRO B 21 27.28 61.74 1.68
CA PRO B 21 26.96 60.67 2.63
C PRO B 21 25.55 60.76 3.21
N ILE B 22 25.22 59.81 4.09
CA ILE B 22 23.98 59.85 4.82
C ILE B 22 24.04 60.94 5.90
N TYR B 23 23.05 61.81 5.90
CA TYR B 23 22.98 62.90 6.87
C TYR B 23 22.18 62.50 8.11
N ILE B 24 22.88 62.16 9.18
CA ILE B 24 22.23 61.91 10.47
C ILE B 24 21.91 63.23 11.18
N LYS B 25 20.63 63.60 11.21
CA LYS B 25 20.24 64.89 11.79
C LYS B 25 20.45 64.96 13.31
N ASP B 26 20.48 66.19 13.82
CA ASP B 26 20.60 66.48 15.25
C ASP B 26 19.37 66.10 16.07
N ASP B 27 19.54 65.11 16.96
CA ASP B 27 18.53 64.71 17.94
C ASP B 27 17.52 63.78 17.29
N ASP B 28 18.04 62.74 16.64
CA ASP B 28 17.21 61.66 16.14
C ASP B 28 17.93 60.35 16.47
N GLY B 29 17.20 59.25 16.36
CA GLY B 29 17.75 57.95 16.65
C GLY B 29 16.68 57.11 17.29
N TYR B 30 17.10 56.12 18.07
CA TYR B 30 16.16 55.17 18.63
C TYR B 30 16.40 54.98 20.11
N ASP B 31 15.34 54.68 20.85
CA ASP B 31 15.47 54.42 22.27
C ASP B 31 16.06 53.04 22.50
N ILE B 32 16.31 52.71 23.76
CA ILE B 32 16.98 51.48 24.11
C ILE B 32 16.16 50.24 23.77
N ASP B 33 14.87 50.31 24.06
CA ASP B 33 13.99 49.16 23.90
C ASP B 33 13.63 48.84 22.45
N THR B 34 14.24 49.58 21.52
CA THR B 34 13.96 49.40 20.09
C THR B 34 14.71 48.19 19.50
N PHE B 35 16.00 48.10 19.80
CA PHE B 35 16.82 46.99 19.32
C PHE B 35 17.40 46.18 20.46
N LEU B 36 18.17 45.14 20.13
CA LEU B 36 18.85 44.35 21.15
C LEU B 36 20.13 45.01 21.60
N ILE B 37 20.16 45.38 22.87
CA ILE B 37 21.34 45.95 23.50
C ILE B 37 21.75 45.05 24.64
N PRO B 38 23.05 44.72 24.71
CA PRO B 38 23.57 43.87 25.80
C PRO B 38 23.13 44.39 27.15
N ASP B 39 22.71 43.49 28.05
CA ASP B 39 22.18 43.90 29.34
C ASP B 39 23.21 44.68 30.14
N HIS B 40 24.49 44.39 29.90
CA HIS B 40 25.56 45.04 30.65
C HIS B 40 25.92 46.44 30.14
N TYR B 41 25.29 46.88 29.06
CA TYR B 41 25.55 48.21 28.51
C TYR B 41 24.31 49.09 28.55
N LYS B 42 23.18 48.46 28.87
CA LYS B 42 21.87 49.08 28.74
C LYS B 42 21.69 50.32 29.62
N ASN B 43 22.32 50.33 30.79
CA ASN B 43 22.19 51.45 31.73
C ASN B 43 23.15 52.61 31.43
N TYR B 44 23.99 52.43 30.41
CA TYR B 44 25.03 53.39 30.10
C TYR B 44 24.84 54.03 28.72
N ILE B 45 23.67 53.85 28.14
CA ILE B 45 23.40 54.34 26.80
C ILE B 45 22.19 55.25 26.78
N THR B 46 22.37 56.44 26.22
CA THR B 46 21.28 57.40 26.09
C THR B 46 20.31 56.91 25.04
N LYS B 47 20.81 56.70 23.83
CA LYS B 47 20.00 56.27 22.72
C LYS B 47 20.87 55.64 21.64
N VAL B 48 20.24 54.89 20.74
CA VAL B 48 20.95 54.31 19.62
C VAL B 48 20.92 55.29 18.46
N LEU B 49 22.10 55.69 17.98
CA LEU B 49 22.18 56.65 16.90
C LEU B 49 21.99 55.96 15.54
N ILE B 50 22.83 54.97 15.25
CA ILE B 50 22.74 54.22 14.02
C ILE B 50 22.71 52.71 14.28
N PRO B 51 21.66 52.03 13.82
CA PRO B 51 21.54 50.57 13.96
C PRO B 51 22.67 49.84 13.25
N ASN B 52 23.02 48.66 13.74
CA ASN B 52 24.07 47.85 13.15
C ASN B 52 23.83 47.55 11.68
N GLY B 53 22.57 47.33 11.33
CA GLY B 53 22.21 46.97 9.98
C GLY B 53 22.41 48.07 8.97
N VAL B 54 22.14 49.31 9.38
CA VAL B 54 22.36 50.46 8.51
C VAL B 54 23.84 50.61 8.18
N LEU B 55 24.69 50.40 9.19
CA LEU B 55 26.13 50.49 8.99
C LEU B 55 26.60 49.51 7.92
N LYS B 56 26.21 48.24 8.05
CA LYS B 56 26.61 47.23 7.09
C LYS B 56 26.07 47.53 5.70
N ASN B 57 24.83 48.00 5.62
CA ASN B 57 24.22 48.32 4.33
C ASN B 57 24.91 49.50 3.64
N ARG B 58 25.37 50.47 4.42
CA ARG B 58 26.10 51.62 3.87
C ARG B 58 27.49 51.18 3.43
N ILE B 59 28.16 50.41 4.29
CA ILE B 59 29.49 49.92 4.00
C ILE B 59 29.47 49.05 2.74
N GLU B 60 28.40 48.30 2.56
CA GLU B 60 28.22 47.49 1.36
C GLU B 60 28.19 48.36 0.11
N LYS B 61 27.61 49.55 0.25
CA LYS B 61 27.54 50.49 -0.85
C LYS B 61 28.88 51.20 -1.06
N LEU B 62 29.59 51.47 0.04
CA LEU B 62 30.90 52.08 -0.04
C LEU B 62 31.86 51.18 -0.81
N ALA B 63 31.82 49.89 -0.50
CA ALA B 63 32.65 48.91 -1.20
C ALA B 63 32.32 48.91 -2.68
N PHE B 64 31.05 49.13 -2.99
CA PHE B 64 30.62 49.23 -4.37
C PHE B 64 31.20 50.49 -5.00
N ASP B 65 31.13 51.61 -4.28
CA ASP B 65 31.66 52.88 -4.76
C ASP B 65 33.18 52.82 -4.94
N ILE B 66 33.85 52.15 -4.02
CA ILE B 66 35.30 51.99 -4.06
C ILE B 66 35.73 51.15 -5.25
N LYS B 67 34.99 50.08 -5.51
CA LYS B 67 35.30 49.18 -6.60
C LYS B 67 35.10 49.85 -7.95
N GLN B 68 34.19 50.83 -8.00
CA GLN B 68 33.88 51.54 -9.24
C GLN B 68 35.08 52.35 -9.73
N VAL B 69 35.89 52.85 -8.80
CA VAL B 69 37.03 53.68 -9.19
C VAL B 69 38.34 52.90 -9.20
N TYR B 70 38.37 51.76 -8.52
CA TYR B 70 39.58 50.95 -8.47
C TYR B 70 39.44 49.70 -9.34
N ARG B 71 38.31 49.59 -10.03
CA ARG B 71 38.04 48.48 -10.97
C ARG B 71 39.26 48.16 -11.84
N ASN B 72 39.74 46.93 -11.71
CA ASN B 72 40.81 46.41 -12.56
C ASN B 72 42.14 47.02 -12.17
N GLU B 73 42.20 47.58 -10.97
CA GLU B 73 43.45 48.14 -10.46
C GLU B 73 43.79 47.58 -9.09
N GLU B 74 45.06 47.32 -8.83
CA GLU B 74 45.49 46.89 -7.50
C GLU B 74 45.60 48.10 -6.57
N PHE B 75 45.08 47.97 -5.35
CA PHE B 75 45.18 49.05 -4.38
C PHE B 75 45.47 48.51 -2.99
N HIS B 76 46.22 49.27 -2.19
CA HIS B 76 46.59 48.84 -0.85
C HIS B 76 45.76 49.53 0.22
N VAL B 77 45.00 48.74 0.96
CA VAL B 77 44.15 49.28 2.02
C VAL B 77 44.90 49.33 3.35
N ILE B 78 44.77 50.45 4.05
CA ILE B 78 45.44 50.62 5.33
C ILE B 78 44.44 50.74 6.49
N CYS B 79 44.48 49.76 7.38
CA CYS B 79 43.62 49.77 8.56
C CYS B 79 44.26 50.51 9.72
N LEU B 80 43.61 51.58 10.17
CA LEU B 80 44.09 52.35 11.31
C LEU B 80 43.60 51.76 12.62
N LEU B 81 44.43 50.89 13.21
CA LEU B 81 44.10 50.22 14.46
C LEU B 81 43.97 51.21 15.61
N LYS B 82 43.07 50.92 16.56
CA LYS B 82 42.26 49.71 16.53
C LYS B 82 40.77 50.03 16.43
N GLY B 83 40.45 51.27 16.06
CA GLY B 83 39.06 51.69 15.97
C GLY B 83 38.43 51.45 14.61
N SER B 84 39.28 51.24 13.61
CA SER B 84 38.83 51.06 12.23
C SER B 84 38.60 49.59 11.91
N ARG B 85 38.82 48.74 12.91
CA ARG B 85 38.82 47.29 12.70
C ARG B 85 37.48 46.79 12.16
N GLY B 86 36.39 47.22 12.79
CA GLY B 86 35.05 46.81 12.38
C GLY B 86 34.69 47.26 10.99
N PHE B 87 34.96 48.53 10.70
CA PHE B 87 34.74 49.11 9.38
C PHE B 87 35.56 48.37 8.33
N PHE B 88 36.79 48.05 8.69
CA PHE B 88 37.74 47.40 7.79
C PHE B 88 37.29 45.98 7.45
N SER B 89 36.88 45.21 8.46
CA SER B 89 36.47 43.83 8.25
C SER B 89 35.20 43.75 7.41
N ALA B 90 34.27 44.67 7.65
CA ALA B 90 33.04 44.73 6.87
C ALA B 90 33.34 45.12 5.42
N LEU B 91 34.33 45.98 5.25
CA LEU B 91 34.71 46.46 3.93
C LEU B 91 35.28 45.31 3.09
N LEU B 92 36.12 44.48 3.73
CA LEU B 92 36.71 43.34 3.05
C LEU B 92 35.68 42.28 2.67
N LYS B 93 34.71 42.07 3.55
CA LYS B 93 33.67 41.09 3.32
C LYS B 93 32.90 41.38 2.04
N TYR B 94 32.52 42.65 1.87
CA TYR B 94 31.74 43.07 0.71
C TYR B 94 32.62 43.23 -0.52
N LEU B 95 33.90 43.49 -0.33
CA LEU B 95 34.83 43.53 -1.45
C LEU B 95 35.00 42.12 -2.02
N ASN B 96 35.18 41.14 -1.14
CA ASN B 96 35.26 39.75 -1.55
C ASN B 96 33.99 39.32 -2.24
N ARG B 97 32.87 39.80 -1.72
CA ARG B 97 31.55 39.52 -2.27
C ARG B 97 31.45 39.94 -3.73
N ILE B 98 31.98 41.11 -4.05
CA ILE B 98 31.97 41.63 -5.42
C ILE B 98 32.81 40.76 -6.35
N HIS B 99 34.00 40.37 -5.87
CA HIS B 99 34.91 39.55 -6.67
C HIS B 99 34.36 38.15 -6.94
N ASN B 100 33.48 37.65 -6.09
CA ASN B 100 32.95 36.30 -6.25
C ASN B 100 31.75 36.30 -7.18
N TYR B 101 31.19 37.48 -7.41
CA TYR B 101 29.99 37.60 -8.21
C TYR B 101 30.25 38.46 -9.43
N SER B 102 31.36 38.17 -10.11
CA SER B 102 31.75 38.86 -11.33
C SER B 102 32.73 38.01 -12.13
N SER B 103 32.28 37.57 -13.31
CA SER B 103 33.06 36.74 -14.23
C SER B 103 34.25 37.44 -14.90
N THR B 104 34.44 38.73 -14.67
CA THR B 104 35.53 39.46 -15.31
C THR B 104 36.50 40.17 -14.37
N GLU B 105 37.41 39.40 -13.79
CA GLU B 105 38.43 39.92 -12.84
C GLU B 105 39.76 39.17 -13.00
N SER B 106 40.84 39.76 -12.51
CA SER B 106 42.18 39.19 -12.61
C SER B 106 42.92 39.27 -11.27
N PRO B 107 43.63 38.19 -10.88
CA PRO B 107 44.31 38.19 -9.57
C PRO B 107 45.42 39.23 -9.42
N LYS B 108 45.67 40.06 -10.42
CA LYS B 108 46.67 41.11 -10.30
C LYS B 108 45.93 42.42 -10.01
N HIS B 109 44.60 42.36 -10.07
CA HIS B 109 43.75 43.51 -9.78
C HIS B 109 42.92 43.24 -8.53
N LEU B 110 43.55 43.30 -7.36
CA LEU B 110 42.86 43.00 -6.10
C LEU B 110 43.35 43.97 -5.03
N TYR B 111 43.19 43.60 -3.77
CA TYR B 111 43.64 44.48 -2.69
C TYR B 111 44.61 43.76 -1.75
N VAL B 112 45.49 44.55 -1.16
CA VAL B 112 46.50 44.08 -0.21
C VAL B 112 46.37 44.78 1.13
N GLU B 113 46.26 44.01 2.19
CA GLU B 113 46.01 44.58 3.51
C GLU B 113 47.29 45.05 4.22
N HIS B 114 47.22 46.20 4.86
CA HIS B 114 48.32 46.69 5.70
C HIS B 114 47.73 47.21 7.00
N TYR B 115 48.47 47.12 8.10
CA TYR B 115 47.92 47.53 9.38
C TYR B 115 48.91 48.44 10.08
N VAL B 116 48.44 49.62 10.44
CA VAL B 116 49.29 50.58 11.15
C VAL B 116 48.64 51.05 12.44
N ARG B 117 49.47 51.52 13.36
CA ARG B 117 48.98 52.11 14.60
C ARG B 117 49.48 53.54 14.73
N VAL B 118 48.54 54.47 14.84
CA VAL B 118 48.88 55.89 14.90
C VAL B 118 48.50 56.46 16.28
N LYS B 119 49.47 57.05 16.99
CA LYS B 119 49.17 57.61 18.31
C LYS B 119 49.53 59.09 18.42
N ILE B 130 54.17 62.78 15.59
CA ILE B 130 53.33 61.67 15.15
C ILE B 130 54.07 60.34 15.26
N GLU B 131 53.45 59.36 15.90
CA GLU B 131 54.11 58.06 16.04
C GLU B 131 53.33 56.96 15.33
N ILE B 132 54.09 56.18 14.57
CA ILE B 132 53.57 55.12 13.71
C ILE B 132 54.16 53.77 14.10
N VAL B 133 53.29 52.82 14.39
CA VAL B 133 53.71 51.45 14.63
C VAL B 133 53.34 50.57 13.45
N SER B 134 54.33 50.21 12.64
CA SER B 134 54.05 49.41 11.45
C SER B 134 55.27 48.61 11.03
N GLU B 135 55.27 48.16 9.78
CA GLU B 135 56.40 47.43 9.25
C GLU B 135 57.30 48.31 8.39
N ASP B 136 57.27 48.17 7.07
CA ASP B 136 58.20 48.98 6.28
C ASP B 136 57.61 50.31 5.80
N LEU B 137 56.48 50.24 5.10
CA LEU B 137 55.78 51.36 4.46
C LEU B 137 56.53 51.88 3.22
N SER B 138 57.70 51.31 2.95
CA SER B 138 58.49 51.64 1.76
C SER B 138 58.03 50.84 0.54
N CYS B 139 57.30 49.76 0.80
CA CYS B 139 56.81 48.90 -0.26
C CYS B 139 55.59 49.53 -0.93
N LEU B 140 55.17 50.67 -0.40
CA LEU B 140 54.01 51.38 -0.91
C LEU B 140 54.44 52.33 -2.03
N LYS B 141 55.72 52.28 -2.38
CA LYS B 141 56.25 53.10 -3.45
C LYS B 141 55.57 52.72 -4.76
N ASP B 142 55.14 53.73 -5.52
CA ASP B 142 54.44 53.52 -6.78
C ASP B 142 53.18 52.65 -6.65
N LYS B 143 52.50 52.75 -5.51
CA LYS B 143 51.27 51.98 -5.26
C LYS B 143 50.08 52.89 -4.95
N HIS B 144 48.89 52.41 -5.29
CA HIS B 144 47.65 53.10 -4.94
C HIS B 144 47.25 52.79 -3.50
N VAL B 145 47.13 53.82 -2.67
CA VAL B 145 46.83 53.64 -1.26
C VAL B 145 45.45 54.13 -0.87
N LEU B 146 44.70 53.28 -0.17
CA LEU B 146 43.40 53.65 0.37
C LEU B 146 43.42 53.54 1.89
N ILE B 147 43.28 54.68 2.56
CA ILE B 147 43.29 54.73 4.01
C ILE B 147 41.89 54.51 4.56
N VAL B 148 41.77 53.57 5.49
CA VAL B 148 40.48 53.22 6.08
C VAL B 148 40.36 53.76 7.50
N GLU B 149 39.61 54.84 7.66
CA GLU B 149 39.46 55.45 8.97
C GLU B 149 38.03 55.30 9.48
N ASP B 150 37.90 55.05 10.78
CA ASP B 150 36.60 54.88 11.40
C ASP B 150 35.88 56.22 11.51
N ILE B 151 36.61 57.25 11.93
CA ILE B 151 35.99 58.55 12.20
C ILE B 151 36.96 59.73 12.05
N ILE B 152 36.46 60.80 11.47
CA ILE B 152 37.18 62.06 11.35
C ILE B 152 36.53 63.11 12.22
N ASP B 153 37.27 63.64 13.19
CA ASP B 153 36.75 64.64 14.10
C ASP B 153 37.29 66.01 13.75
N THR B 154 38.54 66.27 14.13
CA THR B 154 39.18 67.56 13.88
C THR B 154 39.96 67.53 12.58
N GLY B 155 40.30 66.31 12.14
CA GLY B 155 41.01 66.13 10.90
C GLY B 155 42.50 66.30 10.99
N LYS B 156 43.00 66.49 12.21
CA LYS B 156 44.44 66.67 12.43
C LYS B 156 45.22 65.37 12.16
N THR B 157 44.71 64.25 12.64
CA THR B 157 45.42 62.97 12.51
C THR B 157 45.67 62.59 11.05
N LEU B 158 44.66 62.70 10.21
CA LEU B 158 44.78 62.30 8.81
C LEU B 158 45.58 63.31 7.99
N LEU B 159 45.56 64.58 8.40
CA LEU B 159 46.30 65.61 7.69
C LEU B 159 47.80 65.37 7.80
N LYS B 160 48.29 65.11 9.01
CA LYS B 160 49.71 64.81 9.20
C LYS B 160 50.09 63.45 8.64
N PHE B 161 49.17 62.49 8.73
CA PHE B 161 49.47 61.13 8.31
C PHE B 161 49.65 61.06 6.79
N CYS B 162 48.87 61.85 6.06
CA CYS B 162 48.99 61.90 4.61
C CYS B 162 50.32 62.52 4.18
N GLU B 163 50.83 63.47 4.97
CA GLU B 163 52.14 64.05 4.68
C GLU B 163 53.26 63.06 4.94
N TYR B 164 53.15 62.31 6.02
CA TYR B 164 54.15 61.31 6.36
C TYR B 164 54.15 60.18 5.34
N LEU B 165 52.97 59.89 4.80
CA LEU B 165 52.81 58.81 3.83
C LEU B 165 53.36 59.22 2.46
N LYS B 166 53.44 60.52 2.23
CA LYS B 166 53.90 61.06 0.97
C LYS B 166 55.43 60.96 0.86
N LYS B 167 56.06 60.58 1.97
CA LYS B 167 57.52 60.43 2.02
C LYS B 167 57.97 59.11 1.37
N PHE B 168 57.03 58.21 1.09
CA PHE B 168 57.39 56.93 0.51
C PHE B 168 57.09 56.86 -0.99
N GLU B 169 56.82 58.03 -1.58
CA GLU B 169 56.61 58.15 -3.01
C GLU B 169 55.52 57.22 -3.56
N VAL B 170 54.33 57.30 -2.96
CA VAL B 170 53.20 56.53 -3.43
C VAL B 170 52.58 57.23 -4.64
N LYS B 171 51.84 56.48 -5.45
CA LYS B 171 51.17 57.05 -6.62
C LYS B 171 49.99 57.91 -6.22
N THR B 172 49.06 57.30 -5.49
CA THR B 172 47.84 58.00 -5.08
C THR B 172 47.51 57.76 -3.61
N ILE B 173 46.80 58.71 -3.01
CA ILE B 173 46.29 58.56 -1.65
C ILE B 173 44.81 58.91 -1.58
N ALA B 174 43.97 57.91 -1.31
CA ALA B 174 42.55 58.14 -1.13
C ALA B 174 42.14 57.75 0.29
N ILE B 175 41.10 58.40 0.81
CA ILE B 175 40.64 58.13 2.16
C ILE B 175 39.15 57.80 2.18
N THR B 176 38.83 56.66 2.78
CA THR B 176 37.44 56.31 3.06
C THR B 176 37.19 56.41 4.56
N CYS B 177 36.05 56.98 4.93
CA CYS B 177 35.76 57.20 6.35
C CYS B 177 34.31 56.85 6.64
N LEU B 178 34.08 56.19 7.77
CA LEU B 178 32.75 55.73 8.12
C LEU B 178 31.88 56.86 8.68
N PHE B 179 32.46 57.64 9.59
CA PHE B 179 31.73 58.75 10.20
C PHE B 179 32.54 60.04 10.15
N ILE B 180 31.90 61.13 9.76
CA ILE B 180 32.51 62.44 9.92
C ILE B 180 31.66 63.28 10.86
N LYS B 181 32.29 63.79 11.90
CA LYS B 181 31.60 64.60 12.89
C LYS B 181 31.53 66.05 12.43
N ARG B 182 30.38 66.67 12.65
CA ARG B 182 30.20 68.07 12.29
C ARG B 182 30.68 69.01 13.40
N THR B 183 32.00 69.00 13.64
CA THR B 183 32.62 69.87 14.64
C THR B 183 33.06 71.18 14.00
N PRO B 184 32.79 72.32 14.67
CA PRO B 184 33.28 73.61 14.14
C PRO B 184 34.80 73.74 14.14
N LEU B 185 35.50 72.85 14.83
CA LEU B 185 36.97 72.86 14.86
C LEU B 185 37.57 72.07 13.70
N TRP B 186 36.70 71.61 12.80
CA TRP B 186 37.11 70.81 11.65
C TRP B 186 38.02 71.62 10.72
N ASN B 187 39.11 71.00 10.26
CA ASN B 187 40.10 71.70 9.46
C ASN B 187 39.90 71.59 7.94
N GLY B 188 38.82 70.92 7.54
CA GLY B 188 38.46 70.84 6.13
C GLY B 188 38.95 69.59 5.42
N PHE B 189 39.44 68.61 6.18
CA PHE B 189 39.91 67.37 5.58
C PHE B 189 38.71 66.50 5.20
N LYS B 190 38.52 66.29 3.90
CA LYS B 190 37.41 65.49 3.43
C LYS B 190 37.88 64.14 2.90
N ALA B 191 37.11 63.09 3.21
CA ALA B 191 37.40 61.77 2.69
C ALA B 191 36.76 61.63 1.31
N ASP B 192 37.26 60.67 0.54
CA ASP B 192 36.76 60.47 -0.82
C ASP B 192 35.57 59.52 -0.83
N PHE B 193 35.42 58.76 0.24
CA PHE B 193 34.30 57.84 0.39
C PHE B 193 33.75 57.93 1.81
N VAL B 194 32.67 58.68 1.99
CA VAL B 194 32.15 58.92 3.33
C VAL B 194 30.87 58.13 3.55
N GLY B 195 30.76 57.52 4.73
CA GLY B 195 29.57 56.75 5.05
C GLY B 195 28.48 57.60 5.66
N PHE B 196 28.77 58.19 6.81
CA PHE B 196 27.77 58.96 7.54
C PHE B 196 28.32 60.31 8.00
N SER B 197 27.44 61.30 8.06
CA SER B 197 27.75 62.57 8.69
C SER B 197 26.96 62.66 9.98
N ILE B 198 27.65 62.60 11.12
CA ILE B 198 26.97 62.51 12.40
C ILE B 198 27.13 63.80 13.20
N PRO B 199 26.17 64.07 14.10
CA PRO B 199 26.20 65.26 14.97
C PRO B 199 27.42 65.34 15.87
N ASP B 200 27.65 66.50 16.46
CA ASP B 200 28.79 66.71 17.34
C ASP B 200 28.53 66.12 18.73
N ALA B 201 28.58 64.81 18.81
CA ALA B 201 28.40 64.11 20.09
C ALA B 201 29.37 62.94 20.18
N PHE B 202 29.74 62.56 21.39
CA PHE B 202 30.67 61.45 21.56
C PHE B 202 29.96 60.11 21.36
N VAL B 203 30.34 59.37 20.33
CA VAL B 203 29.68 58.14 20.00
C VAL B 203 30.53 56.92 20.32
N VAL B 204 29.88 55.80 20.63
CA VAL B 204 30.59 54.55 20.88
C VAL B 204 29.93 53.41 20.12
N GLY B 205 30.61 52.27 20.09
CA GLY B 205 30.10 51.10 19.40
C GLY B 205 30.75 50.95 18.04
N TYR B 206 30.68 49.74 17.51
CA TYR B 206 31.28 49.40 16.22
C TYR B 206 32.77 49.74 16.22
N SER B 207 33.48 49.21 17.20
CA SER B 207 34.92 49.41 17.40
C SER B 207 35.30 50.83 17.84
N LEU B 208 34.31 51.68 18.08
CA LEU B 208 34.57 53.00 18.65
C LEU B 208 34.44 52.93 20.16
N ASP B 209 35.44 53.45 20.87
CA ASP B 209 35.58 53.19 22.30
C ASP B 209 35.47 54.42 23.20
N TYR B 210 35.20 54.16 24.47
CA TYR B 210 35.38 55.14 25.54
C TYR B 210 36.23 54.50 26.64
N ASN B 211 37.51 54.85 26.66
CA ASN B 211 38.50 54.21 27.53
C ASN B 211 38.51 52.71 27.32
N GLU B 212 38.65 52.31 26.06
CA GLU B 212 38.72 50.91 25.65
C GLU B 212 37.44 50.11 25.95
N LYS B 213 36.37 50.82 26.30
CA LYS B 213 35.07 50.19 26.52
C LYS B 213 34.12 50.38 25.33
N PHE B 214 33.03 49.61 25.31
CA PHE B 214 31.97 49.69 24.30
C PHE B 214 32.37 49.30 22.87
N ARG B 215 33.55 48.71 22.71
CA ARG B 215 33.99 48.31 21.38
C ARG B 215 33.15 47.17 20.82
N ASP B 216 32.71 46.28 21.69
CA ASP B 216 31.98 45.08 21.26
C ASP B 216 30.50 45.35 21.02
N LEU B 217 30.08 46.60 21.24
CA LEU B 217 28.70 47.00 20.98
C LEU B 217 28.47 47.13 19.48
N ASP B 218 27.46 46.43 18.96
CA ASP B 218 27.23 46.37 17.53
C ASP B 218 26.60 47.63 16.94
N HIS B 219 25.86 48.38 17.75
CA HIS B 219 25.22 49.60 17.27
C HIS B 219 26.05 50.82 17.62
N LEU B 220 25.88 51.90 16.87
CA LEU B 220 26.52 53.17 17.20
C LEU B 220 25.64 53.94 18.16
N CYS B 221 26.14 54.17 19.38
CA CYS B 221 25.33 54.73 20.44
C CYS B 221 25.98 55.95 21.10
N LEU B 222 25.19 56.67 21.88
CA LEU B 222 25.70 57.77 22.69
C LEU B 222 25.76 57.34 24.15
N VAL B 223 26.88 57.60 24.80
CA VAL B 223 27.03 57.24 26.20
C VAL B 223 26.33 58.30 27.03
N ASN B 224 25.58 57.87 28.04
CA ASN B 224 24.93 58.81 28.94
C ASN B 224 25.91 59.27 30.00
N ASP B 225 25.46 60.15 30.89
CA ASP B 225 26.33 60.69 31.92
C ASP B 225 26.81 59.61 32.89
N GLU B 226 25.97 58.61 33.17
CA GLU B 226 26.36 57.54 34.07
C GLU B 226 27.49 56.72 33.48
N GLY B 227 27.42 56.47 32.18
CA GLY B 227 28.43 55.69 31.49
C GLY B 227 29.79 56.36 31.43
N ILE B 228 29.79 57.67 31.17
CA ILE B 228 31.01 58.45 31.12
C ILE B 228 31.71 58.44 32.47
N LYS B 229 30.94 58.61 33.53
CA LYS B 229 31.47 58.60 34.89
C LYS B 229 31.94 57.22 35.32
N LYS B 230 31.18 56.22 34.94
CA LYS B 230 31.44 54.84 35.37
C LYS B 230 32.78 54.31 34.88
N PHE B 231 33.09 54.55 33.61
CA PHE B 231 34.29 53.97 33.02
C PHE B 231 35.42 54.98 32.83
N ARG B 232 35.35 56.07 33.59
CA ARG B 232 36.39 57.08 33.61
C ARG B 232 37.57 56.52 34.39
N THR B 233 38.79 56.81 33.95
CA THR B 233 39.96 56.32 34.65
C THR B 233 40.50 57.34 35.65
N HIS C 6 24.77 24.98 -21.87
CA HIS C 6 23.93 23.96 -21.27
C HIS C 6 22.64 23.74 -22.05
N LYS C 7 21.79 22.87 -21.53
CA LYS C 7 20.42 22.75 -22.00
C LYS C 7 19.51 22.82 -20.78
N ILE C 8 18.32 23.39 -20.92
CA ILE C 8 17.39 23.47 -19.79
C ILE C 8 16.67 22.13 -19.63
N PRO C 9 16.78 21.52 -18.44
CA PRO C 9 16.23 20.19 -18.18
C PRO C 9 14.71 20.10 -18.35
N ASN C 10 14.28 19.12 -19.13
CA ASN C 10 12.86 18.88 -19.35
C ASN C 10 12.58 17.38 -19.44
N ASN C 11 12.93 16.67 -18.37
CA ASN C 11 12.68 15.24 -18.27
C ASN C 11 12.71 14.79 -16.81
N PRO C 12 11.63 15.08 -16.07
CA PRO C 12 11.57 14.86 -14.62
C PRO C 12 11.85 13.41 -14.23
N GLY C 13 12.93 13.21 -13.48
CA GLY C 13 13.32 11.90 -13.00
C GLY C 13 14.56 11.35 -13.68
N ALA C 14 14.96 11.96 -14.79
CA ALA C 14 16.09 11.46 -15.56
C ALA C 14 17.43 12.00 -15.07
N GLY C 15 17.50 13.31 -14.84
CA GLY C 15 18.75 13.93 -14.47
C GLY C 15 19.79 13.78 -15.56
N GLU C 16 19.41 14.12 -16.79
CA GLU C 16 20.25 13.88 -17.97
C GLU C 16 21.64 14.51 -17.87
N ASN C 17 21.69 15.79 -17.54
CA ASN C 17 22.98 16.49 -17.44
C ASN C 17 23.27 16.87 -16.00
N ALA C 18 22.76 16.06 -15.06
CA ALA C 18 22.92 16.35 -13.64
C ALA C 18 24.39 16.22 -13.23
N LEU C 19 24.87 17.21 -12.50
CA LEU C 19 26.23 17.22 -11.97
C LEU C 19 26.32 16.34 -10.73
N GLU C 20 27.47 15.70 -10.54
CA GLU C 20 27.66 14.84 -9.37
C GLU C 20 27.63 15.68 -8.10
N PRO C 21 26.90 15.20 -7.09
CA PRO C 21 26.77 15.89 -5.80
C PRO C 21 27.90 15.50 -4.85
N ILE C 22 27.87 16.06 -3.65
CA ILE C 22 28.80 15.66 -2.62
C ILE C 22 28.43 14.27 -2.12
N TYR C 23 29.38 13.36 -2.15
CA TYR C 23 29.12 12.00 -1.68
C TYR C 23 29.53 11.89 -0.22
N ILE C 24 28.55 11.95 0.68
CA ILE C 24 28.81 11.72 2.09
C ILE C 24 28.93 10.22 2.33
N LYS C 25 30.15 9.77 2.61
CA LYS C 25 30.44 8.35 2.75
C LYS C 25 29.74 7.71 3.95
N ASP C 26 29.61 6.39 3.90
CA ASP C 26 29.01 5.60 4.96
C ASP C 26 29.85 5.56 6.23
N ASP C 27 29.33 6.18 7.29
CA ASP C 27 29.92 6.15 8.63
C ASP C 27 31.03 7.18 8.74
N ASP C 28 30.70 8.41 8.38
CA ASP C 28 31.57 9.56 8.62
C ASP C 28 30.72 10.69 9.17
N GLY C 29 31.36 11.70 9.74
CA GLY C 29 30.66 12.81 10.32
C GLY C 29 31.39 13.27 11.55
N TYR C 30 30.68 13.91 12.47
CA TYR C 30 31.33 14.50 13.63
C TYR C 30 30.57 14.16 14.90
N ASP C 31 31.28 14.08 16.02
CA ASP C 31 30.64 13.82 17.30
C ASP C 31 29.93 15.08 17.78
N ILE C 32 29.23 14.97 18.91
CA ILE C 32 28.37 16.04 19.39
C ILE C 32 29.12 17.31 19.79
N ASP C 33 30.22 17.14 20.51
CA ASP C 33 30.97 18.29 21.05
C ASP C 33 31.79 19.04 20.01
N THR C 34 31.63 18.67 18.74
CA THR C 34 32.38 19.30 17.65
C THR C 34 31.82 20.66 17.26
N PHE C 35 30.50 20.74 17.06
CA PHE C 35 29.84 21.99 16.69
C PHE C 35 28.83 22.42 17.77
N LEU C 36 28.17 23.55 17.54
CA LEU C 36 27.12 24.01 18.45
C LEU C 36 25.80 23.31 18.20
N ILE C 37 25.35 22.56 19.19
CA ILE C 37 24.07 21.89 19.14
C ILE C 37 23.20 22.41 20.29
N PRO C 38 21.92 22.71 20.02
CA PRO C 38 21.03 23.11 21.10
C PRO C 38 21.07 22.12 22.27
N ASP C 39 21.12 22.63 23.50
CA ASP C 39 21.25 21.78 24.68
C ASP C 39 20.09 20.81 24.82
N HIS C 40 18.93 21.21 24.30
CA HIS C 40 17.72 20.41 24.40
C HIS C 40 17.64 19.28 23.37
N TYR C 41 18.60 19.21 22.47
CA TYR C 41 18.61 18.16 21.45
C TYR C 41 19.83 17.23 21.54
N LYS C 42 20.81 17.61 22.37
CA LYS C 42 22.09 16.89 22.42
C LYS C 42 22.01 15.44 22.85
N ASN C 43 21.07 15.15 23.75
CA ASN C 43 20.93 13.81 24.28
C ASN C 43 20.12 12.93 23.35
N TYR C 44 19.65 13.51 22.25
CA TYR C 44 18.79 12.81 21.31
C TYR C 44 19.46 12.67 19.95
N ILE C 45 20.75 12.98 19.89
CA ILE C 45 21.48 12.95 18.63
C ILE C 45 22.73 12.07 18.69
N THR C 46 22.84 11.16 17.73
CA THR C 46 24.00 10.29 17.62
C THR C 46 25.24 11.05 17.16
N LYS C 47 25.13 11.69 16.00
CA LYS C 47 26.27 12.37 15.40
C LYS C 47 25.80 13.44 14.41
N VAL C 48 26.68 14.38 14.09
CA VAL C 48 26.38 15.38 13.08
C VAL C 48 26.86 14.88 11.71
N LEU C 49 25.92 14.74 10.78
CA LEU C 49 26.27 14.22 9.46
C LEU C 49 26.83 15.33 8.56
N ILE C 50 26.05 16.38 8.38
CA ILE C 50 26.48 17.51 7.57
C ILE C 50 26.28 18.81 8.34
N PRO C 51 27.38 19.54 8.58
CA PRO C 51 27.34 20.83 9.28
C PRO C 51 26.50 21.88 8.54
N ASN C 52 25.95 22.81 9.29
CA ASN C 52 25.11 23.88 8.74
C ASN C 52 25.84 24.68 7.68
N GLY C 53 27.15 24.88 7.89
CA GLY C 53 27.96 25.67 7.00
C GLY C 53 28.19 25.02 5.64
N VAL C 54 28.34 23.70 5.64
CA VAL C 54 28.50 22.96 4.39
C VAL C 54 27.23 23.08 3.56
N LEU C 55 26.09 22.99 4.23
CA LEU C 55 24.80 23.13 3.58
C LEU C 55 24.69 24.45 2.82
N LYS C 56 24.98 25.55 3.52
CA LYS C 56 24.89 26.88 2.92
C LYS C 56 25.85 27.02 1.74
N ASN C 57 27.06 26.51 1.90
CA ASN C 57 28.07 26.60 0.85
C ASN C 57 27.69 25.79 -0.38
N ARG C 58 27.04 24.64 -0.17
CA ARG C 58 26.61 23.81 -1.27
C ARG C 58 25.42 24.42 -2.01
N ILE C 59 24.45 24.90 -1.24
CA ILE C 59 23.27 25.53 -1.80
C ILE C 59 23.64 26.77 -2.61
N GLU C 60 24.64 27.48 -2.12
CA GLU C 60 25.16 28.67 -2.78
C GLU C 60 25.69 28.32 -4.17
N LYS C 61 26.25 27.12 -4.27
CA LYS C 61 26.75 26.61 -5.55
C LYS C 61 25.61 26.09 -6.44
N LEU C 62 24.60 25.49 -5.81
CA LEU C 62 23.43 25.02 -6.54
C LEU C 62 22.73 26.19 -7.21
N ALA C 63 22.61 27.29 -6.47
CA ALA C 63 21.99 28.50 -7.00
C ALA C 63 22.76 29.01 -8.21
N PHE C 64 24.08 28.84 -8.20
CA PHE C 64 24.91 29.22 -9.34
C PHE C 64 24.62 28.34 -10.54
N ASP C 65 24.55 27.03 -10.33
CA ASP C 65 24.25 26.07 -11.41
C ASP C 65 22.86 26.30 -11.98
N ILE C 66 21.91 26.61 -11.11
CA ILE C 66 20.53 26.87 -11.51
C ILE C 66 20.43 28.12 -12.38
N LYS C 67 21.14 29.18 -11.97
CA LYS C 67 21.09 30.42 -12.73
C LYS C 67 21.79 30.28 -14.09
N GLN C 68 22.76 29.36 -14.17
CA GLN C 68 23.52 29.16 -15.40
C GLN C 68 22.64 28.67 -16.53
N VAL C 69 21.62 27.89 -16.21
CA VAL C 69 20.76 27.31 -17.23
C VAL C 69 19.47 28.12 -17.42
N TYR C 70 19.16 28.98 -16.46
CA TYR C 70 17.95 29.79 -16.54
C TYR C 70 18.20 31.26 -16.85
N ARG C 71 19.48 31.61 -17.06
CA ARG C 71 19.90 32.95 -17.47
C ARG C 71 19.07 33.50 -18.65
N ASN C 72 18.35 34.59 -18.37
CA ASN C 72 17.55 35.38 -19.33
C ASN C 72 16.19 34.71 -19.51
N GLU C 73 15.86 33.81 -18.59
CA GLU C 73 14.58 33.13 -18.58
C GLU C 73 13.88 33.30 -17.23
N GLU C 74 12.57 33.50 -17.26
CA GLU C 74 11.79 33.51 -16.04
C GLU C 74 11.49 32.07 -15.66
N PHE C 75 11.65 31.75 -14.38
CA PHE C 75 11.37 30.39 -13.93
C PHE C 75 10.63 30.42 -12.60
N HIS C 76 9.75 29.45 -12.42
CA HIS C 76 8.92 29.40 -11.22
C HIS C 76 9.42 28.33 -10.25
N VAL C 77 9.85 28.77 -9.08
CA VAL C 77 10.32 27.84 -8.06
C VAL C 77 9.16 27.41 -7.17
N ILE C 78 9.08 26.12 -6.90
CA ILE C 78 8.01 25.57 -6.07
C ILE C 78 8.57 24.99 -4.79
N CYS C 79 8.18 25.58 -3.66
CA CYS C 79 8.65 25.09 -2.36
C CYS C 79 7.73 24.00 -1.84
N LEU C 80 8.28 22.81 -1.66
CA LEU C 80 7.49 21.70 -1.14
C LEU C 80 7.48 21.72 0.38
N LEU C 81 6.48 22.38 0.95
CA LEU C 81 6.32 22.51 2.38
C LEU C 81 6.15 21.14 3.05
N LYS C 82 6.59 21.00 4.29
CA LYS C 82 7.19 22.10 5.04
C LYS C 82 8.63 21.79 5.39
N GLY C 83 9.18 20.76 4.75
CA GLY C 83 10.53 20.33 5.00
C GLY C 83 11.55 21.00 4.11
N SER C 84 11.07 21.59 3.02
CA SER C 84 11.95 22.22 2.04
C SER C 84 12.17 23.69 2.36
N ARG C 85 11.55 24.15 3.44
CA ARG C 85 11.55 25.57 3.79
C ARG C 85 12.96 26.13 3.97
N GLY C 86 13.79 25.42 4.73
CA GLY C 86 15.16 25.83 4.95
C GLY C 86 15.96 25.87 3.67
N PHE C 87 15.85 24.81 2.88
CA PHE C 87 16.50 24.74 1.57
C PHE C 87 16.02 25.86 0.66
N PHE C 88 14.70 26.09 0.68
CA PHE C 88 14.09 27.06 -0.21
C PHE C 88 14.53 28.50 0.08
N SER C 89 14.46 28.89 1.35
CA SER C 89 14.81 30.25 1.72
C SER C 89 16.30 30.51 1.48
N ALA C 90 17.12 29.50 1.75
CA ALA C 90 18.56 29.61 1.51
C ALA C 90 18.86 29.74 0.03
N LEU C 91 18.08 29.04 -0.80
CA LEU C 91 18.25 29.09 -2.24
C LEU C 91 17.92 30.47 -2.80
N LEU C 92 16.83 31.06 -2.31
CA LEU C 92 16.42 32.38 -2.77
C LEU C 92 17.43 33.46 -2.37
N LYS C 93 18.01 33.29 -1.19
CA LYS C 93 18.98 34.23 -0.66
C LYS C 93 20.17 34.38 -1.61
N TYR C 94 20.69 33.26 -2.10
CA TYR C 94 21.84 33.30 -2.97
C TYR C 94 21.43 33.68 -4.40
N LEU C 95 20.19 33.38 -4.76
CA LEU C 95 19.65 33.80 -6.05
C LEU C 95 19.51 35.31 -6.10
N ASN C 96 18.99 35.88 -5.02
CA ASN C 96 18.89 37.34 -4.90
C ASN C 96 20.28 37.95 -4.96
N ARG C 97 21.22 37.28 -4.29
CA ARG C 97 22.61 37.70 -4.22
C ARG C 97 23.20 37.82 -5.61
N ILE C 98 22.92 36.85 -6.46
CA ILE C 98 23.42 36.87 -7.84
C ILE C 98 22.77 38.00 -8.63
N HIS C 99 21.46 38.12 -8.49
CA HIS C 99 20.69 39.17 -9.17
C HIS C 99 21.04 40.57 -8.69
N ASN C 100 21.56 40.68 -7.48
CA ASN C 100 21.79 41.98 -6.86
C ASN C 100 23.12 42.59 -7.30
N TYR C 101 23.98 41.75 -7.88
CA TYR C 101 25.32 42.20 -8.27
C TYR C 101 25.48 42.08 -9.77
N SER C 102 24.41 41.67 -10.45
CA SER C 102 24.44 41.48 -11.89
C SER C 102 23.87 42.67 -12.65
N SER C 103 24.72 43.28 -13.47
CA SER C 103 24.31 44.42 -14.28
C SER C 103 23.77 43.99 -15.64
N THR C 104 23.32 42.74 -15.73
CA THR C 104 22.80 42.18 -16.99
C THR C 104 21.51 41.41 -16.76
N GLU C 105 20.61 41.99 -15.97
CA GLU C 105 19.36 41.33 -15.61
C GLU C 105 18.13 42.11 -16.06
N SER C 106 17.02 41.40 -16.11
CA SER C 106 15.74 41.96 -16.54
C SER C 106 14.68 41.56 -15.54
N PRO C 107 13.92 42.54 -15.03
CA PRO C 107 12.89 42.27 -14.04
C PRO C 107 11.76 41.41 -14.59
N LYS C 108 11.76 41.17 -15.90
CA LYS C 108 10.76 40.28 -16.49
C LYS C 108 11.30 38.87 -16.55
N HIS C 109 12.61 38.74 -16.33
CA HIS C 109 13.27 37.44 -16.37
C HIS C 109 13.97 37.07 -15.05
N LEU C 110 13.22 36.65 -14.04
CA LEU C 110 13.83 36.32 -12.76
C LEU C 110 13.17 35.06 -12.20
N TYR C 111 12.72 35.08 -10.95
CA TYR C 111 12.03 33.90 -10.44
C TYR C 111 10.71 34.27 -9.78
N VAL C 112 9.76 33.34 -9.79
CA VAL C 112 8.47 33.55 -9.13
C VAL C 112 8.22 32.43 -8.12
N GLU C 113 7.91 32.83 -6.88
CA GLU C 113 7.76 31.88 -5.79
C GLU C 113 6.38 31.23 -5.75
N HIS C 114 6.35 29.91 -5.54
CA HIS C 114 5.09 29.18 -5.36
C HIS C 114 5.23 28.20 -4.21
N TYR C 115 4.12 27.90 -3.52
CA TYR C 115 4.19 27.02 -2.37
C TYR C 115 3.13 25.93 -2.44
N VAL C 116 3.57 24.67 -2.36
CA VAL C 116 2.66 23.54 -2.35
C VAL C 116 2.95 22.63 -1.15
N ARG C 117 1.94 21.86 -0.73
CA ARG C 117 2.13 20.89 0.32
C ARG C 117 1.76 19.51 -0.20
N VAL C 118 2.76 18.63 -0.33
CA VAL C 118 2.54 17.31 -0.89
C VAL C 118 2.82 16.17 0.09
N LYS C 119 1.81 15.33 0.32
CA LYS C 119 1.93 14.17 1.21
C LYS C 119 1.54 12.87 0.50
N SER C 120 1.91 11.73 1.08
CA SER C 120 1.57 10.43 0.52
C SER C 120 0.63 9.66 1.44
N ILE C 130 -1.19 10.05 -2.69
CA ILE C 130 -0.77 11.37 -3.15
C ILE C 130 -1.83 12.47 -2.90
N GLU C 131 -1.46 13.46 -2.10
CA GLU C 131 -2.37 14.57 -1.81
C GLU C 131 -1.72 15.93 -2.06
N ILE C 132 -2.44 16.84 -2.70
CA ILE C 132 -1.88 18.15 -3.03
C ILE C 132 -2.70 19.26 -2.40
N VAL C 133 -2.07 20.07 -1.56
CA VAL C 133 -2.72 21.26 -1.03
C VAL C 133 -2.09 22.52 -1.63
N SER C 134 -2.79 23.19 -2.54
CA SER C 134 -2.20 24.35 -3.17
C SER C 134 -3.24 25.34 -3.63
N GLU C 135 -2.87 26.31 -4.46
CA GLU C 135 -3.89 27.26 -4.89
C GLU C 135 -4.29 27.02 -6.35
N ASP C 136 -3.58 27.64 -7.30
CA ASP C 136 -3.95 27.48 -8.70
C ASP C 136 -3.18 26.36 -9.39
N LEU C 137 -1.93 26.70 -9.72
CA LEU C 137 -0.97 25.89 -10.47
C LEU C 137 -1.37 25.80 -11.94
N SER C 138 -2.50 26.38 -12.30
CA SER C 138 -2.90 26.45 -13.70
C SER C 138 -2.15 27.59 -14.36
N CYS C 139 -1.62 28.48 -13.51
CA CYS C 139 -0.86 29.63 -13.96
C CYS C 139 0.57 29.22 -14.32
N LEU C 140 0.86 27.94 -14.14
CA LEU C 140 2.18 27.42 -14.47
C LEU C 140 2.22 27.00 -15.93
N LYS C 141 1.11 27.21 -16.63
CA LYS C 141 1.04 26.89 -18.05
C LYS C 141 2.01 27.75 -18.85
N ASP C 142 2.73 27.11 -19.77
CA ASP C 142 3.74 27.77 -20.60
C ASP C 142 4.82 28.46 -19.78
N LYS C 143 5.11 27.88 -18.61
CA LYS C 143 6.15 28.42 -17.72
C LYS C 143 7.21 27.37 -17.42
N HIS C 144 8.43 27.83 -17.15
CA HIS C 144 9.50 26.95 -16.70
C HIS C 144 9.35 26.68 -15.21
N VAL C 145 9.25 25.41 -14.84
CA VAL C 145 9.01 25.05 -13.46
C VAL C 145 10.23 24.39 -12.82
N LEU C 146 10.62 24.89 -11.66
CA LEU C 146 11.70 24.30 -10.89
C LEU C 146 11.20 23.84 -9.54
N ILE C 147 11.19 22.53 -9.32
CA ILE C 147 10.69 21.95 -8.08
C ILE C 147 11.78 21.89 -7.01
N VAL C 148 11.47 22.42 -5.83
CA VAL C 148 12.44 22.45 -4.74
C VAL C 148 12.08 21.46 -3.64
N GLU C 149 12.78 20.32 -3.62
CA GLU C 149 12.52 19.29 -2.62
C GLU C 149 13.68 19.13 -1.65
N ASP C 150 13.37 18.88 -0.39
CA ASP C 150 14.40 18.73 0.63
C ASP C 150 15.14 17.40 0.52
N ILE C 151 14.41 16.31 0.30
CA ILE C 151 15.02 14.99 0.30
C ILE C 151 14.25 14.00 -0.55
N ILE C 152 14.98 13.13 -1.25
CA ILE C 152 14.40 12.04 -2.01
C ILE C 152 14.75 10.73 -1.36
N ASP C 153 13.74 9.98 -0.93
CA ASP C 153 13.94 8.70 -0.28
C ASP C 153 13.62 7.58 -1.26
N THR C 154 12.33 7.31 -1.44
CA THR C 154 11.90 6.26 -2.34
C THR C 154 11.62 6.84 -3.73
N GLY C 155 11.34 8.14 -3.78
CA GLY C 155 11.10 8.83 -5.03
C GLY C 155 9.69 8.71 -5.58
N LYS C 156 8.82 8.05 -4.81
CA LYS C 156 7.43 7.86 -5.23
C LYS C 156 6.62 9.14 -5.21
N THR C 157 6.77 9.94 -4.17
CA THR C 157 6.01 11.17 -4.03
C THR C 157 6.29 12.09 -5.21
N LEU C 158 7.57 12.22 -5.55
CA LEU C 158 8.00 13.11 -6.62
C LEU C 158 7.62 12.59 -7.99
N LEU C 159 7.56 11.26 -8.14
CA LEU C 159 7.20 10.67 -9.41
C LEU C 159 5.75 10.97 -9.75
N LYS C 160 4.85 10.80 -8.78
CA LYS C 160 3.44 11.11 -9.01
C LYS C 160 3.21 12.59 -9.17
N PHE C 161 3.97 13.41 -8.44
CA PHE C 161 3.76 14.84 -8.49
C PHE C 161 4.19 15.41 -9.82
N CYS C 162 5.29 14.89 -10.37
CA CYS C 162 5.76 15.33 -11.67
C CYS C 162 4.79 14.88 -12.77
N GLU C 163 4.16 13.72 -12.57
CA GLU C 163 3.15 13.24 -13.51
C GLU C 163 1.88 14.06 -13.40
N TYR C 164 1.50 14.43 -12.18
CA TYR C 164 0.29 15.21 -11.97
C TYR C 164 0.49 16.61 -12.52
N LEU C 165 1.72 17.09 -12.43
CA LEU C 165 2.07 18.45 -12.85
C LEU C 165 2.04 18.53 -14.37
N LYS C 166 2.10 17.38 -15.02
CA LYS C 166 2.06 17.30 -16.47
C LYS C 166 0.65 17.59 -16.98
N LYS C 167 -0.29 17.61 -16.05
CA LYS C 167 -1.69 17.88 -16.34
C LYS C 167 -1.94 19.37 -16.54
N PHE C 168 -0.97 20.20 -16.17
CA PHE C 168 -1.12 21.65 -16.30
C PHE C 168 -0.42 22.27 -17.51
N GLU C 169 0.07 21.42 -18.41
CA GLU C 169 0.67 21.85 -19.66
C GLU C 169 1.79 22.88 -19.48
N VAL C 170 2.75 22.56 -18.60
CA VAL C 170 3.90 23.42 -18.38
C VAL C 170 4.94 23.18 -19.46
N LYS C 171 5.86 24.12 -19.64
CA LYS C 171 6.92 23.96 -20.63
C LYS C 171 7.96 22.95 -20.17
N THR C 172 8.55 23.20 -19.00
CA THR C 172 9.57 22.32 -18.46
C THR C 172 9.36 22.01 -16.98
N ILE C 173 9.88 20.87 -16.55
CA ILE C 173 9.86 20.48 -15.16
C ILE C 173 11.25 20.05 -14.73
N ALA C 174 11.87 20.85 -13.87
CA ALA C 174 13.18 20.50 -13.33
C ALA C 174 13.05 20.29 -11.83
N ILE C 175 13.91 19.45 -11.28
CA ILE C 175 13.86 19.17 -9.86
C ILE C 175 15.23 19.41 -9.24
N THR C 176 15.26 20.26 -8.21
CA THR C 176 16.46 20.44 -7.42
C THR C 176 16.23 19.79 -6.06
N CYS C 177 17.24 19.09 -5.56
CA CYS C 177 17.09 18.36 -4.31
C CYS C 177 18.33 18.49 -3.44
N LEU C 178 18.13 18.67 -2.14
CA LEU C 178 19.25 18.88 -1.23
C LEU C 178 19.93 17.57 -0.83
N PHE C 179 19.13 16.54 -0.54
CA PHE C 179 19.66 15.24 -0.16
C PHE C 179 19.02 14.10 -0.95
N ILE C 180 19.83 13.18 -1.46
CA ILE C 180 19.29 11.93 -1.99
C ILE C 180 19.83 10.75 -1.18
N LYS C 181 18.93 9.94 -0.66
CA LYS C 181 19.33 8.79 0.15
C LYS C 181 19.60 7.57 -0.72
N ARG C 182 20.66 6.83 -0.39
CA ARG C 182 21.01 5.62 -1.10
C ARG C 182 20.23 4.43 -0.52
N THR C 183 18.91 4.49 -0.67
CA THR C 183 18.01 3.44 -0.20
C THR C 183 17.75 2.43 -1.31
N PRO C 184 17.78 1.12 -0.97
CA PRO C 184 17.44 0.08 -1.96
C PRO C 184 15.98 0.17 -2.44
N LEU C 185 15.18 1.00 -1.77
CA LEU C 185 13.78 1.23 -2.15
C LEU C 185 13.62 2.31 -3.20
N TRP C 186 14.75 2.86 -3.67
CA TRP C 186 14.73 3.93 -4.66
C TRP C 186 14.15 3.45 -5.99
N ASN C 187 13.25 4.25 -6.56
CA ASN C 187 12.56 3.86 -7.79
C ASN C 187 13.25 4.38 -9.04
N GLY C 188 14.38 5.06 -8.86
CA GLY C 188 15.17 5.53 -9.97
C GLY C 188 14.93 6.97 -10.37
N PHE C 189 14.19 7.72 -9.55
CA PHE C 189 13.92 9.12 -9.83
C PHE C 189 15.14 10.00 -9.51
N LYS C 190 15.69 10.63 -10.54
CA LYS C 190 16.89 11.45 -10.41
C LYS C 190 16.55 12.94 -10.52
N ALA C 191 17.15 13.74 -9.65
CA ALA C 191 16.99 15.20 -9.70
C ALA C 191 18.02 15.82 -10.64
N ASP C 192 17.75 17.05 -11.09
CA ASP C 192 18.64 17.73 -12.02
C ASP C 192 19.71 18.55 -11.29
N PHE C 193 19.43 18.90 -10.04
CA PHE C 193 20.37 19.65 -9.21
C PHE C 193 20.40 19.07 -7.80
N VAL C 194 21.40 18.23 -7.53
CA VAL C 194 21.47 17.52 -6.26
C VAL C 194 22.60 18.08 -5.39
N GLY C 195 22.32 18.21 -4.10
CA GLY C 195 23.31 18.73 -3.17
C GLY C 195 24.21 17.65 -2.60
N PHE C 196 23.62 16.69 -1.89
CA PHE C 196 24.37 15.65 -1.21
C PHE C 196 23.80 14.26 -1.50
N SER C 197 24.67 13.25 -1.49
CA SER C 197 24.23 11.86 -1.52
C SER C 197 24.54 11.24 -0.16
N ILE C 198 23.50 10.90 0.60
CA ILE C 198 23.69 10.47 1.98
C ILE C 198 23.39 8.98 2.22
N PRO C 199 24.01 8.40 3.26
CA PRO C 199 23.75 6.99 3.62
C PRO C 199 22.30 6.72 3.97
N ASP C 200 21.92 5.44 3.99
CA ASP C 200 20.55 5.04 4.31
C ASP C 200 20.29 5.06 5.82
N ALA C 201 20.16 6.26 6.39
CA ALA C 201 19.86 6.42 7.80
C ALA C 201 18.89 7.59 7.99
N PHE C 202 18.09 7.53 9.05
CA PHE C 202 17.09 8.58 9.28
C PHE C 202 17.74 9.83 9.85
N VAL C 203 17.71 10.91 9.08
CA VAL C 203 18.36 12.15 9.46
C VAL C 203 17.35 13.24 9.84
N VAL C 204 17.76 14.14 10.72
CA VAL C 204 16.92 15.27 11.10
C VAL C 204 17.73 16.56 11.10
N GLY C 205 17.02 17.69 11.23
CA GLY C 205 17.67 18.98 11.22
C GLY C 205 17.52 19.65 9.87
N TYR C 206 17.70 20.97 9.87
CA TYR C 206 17.54 21.79 8.66
C TYR C 206 16.18 21.61 8.01
N SER C 207 15.13 21.83 8.81
CA SER C 207 13.72 21.70 8.40
C SER C 207 13.29 20.25 8.15
N LEU C 208 14.19 19.29 8.39
CA LEU C 208 13.83 17.87 8.34
C LEU C 208 13.45 17.40 9.74
N ASP C 209 12.29 16.76 9.85
CA ASP C 209 11.70 16.52 11.15
C ASP C 209 11.54 15.05 11.54
N TYR C 210 11.35 14.85 12.84
CA TYR C 210 10.86 13.58 13.37
C TYR C 210 9.68 13.91 14.28
N ASN C 211 8.47 13.71 13.75
CA ASN C 211 7.24 14.11 14.42
C ASN C 211 7.23 15.60 14.76
N GLU C 212 7.47 16.42 13.74
CA GLU C 212 7.45 17.88 13.84
C GLU C 212 8.52 18.43 14.78
N LYS C 213 9.43 17.56 15.20
CA LYS C 213 10.55 17.97 16.05
C LYS C 213 11.82 18.07 15.22
N PHE C 214 12.85 18.70 15.79
CA PHE C 214 14.17 18.82 15.18
C PHE C 214 14.22 19.69 13.93
N ARG C 215 13.15 20.42 13.65
CA ARG C 215 13.13 21.29 12.48
C ARG C 215 14.07 22.49 12.66
N ASP C 216 14.18 22.96 13.90
CA ASP C 216 14.96 24.16 14.21
C ASP C 216 16.45 23.87 14.35
N LEU C 217 16.82 22.60 14.21
CA LEU C 217 18.21 22.19 14.29
C LEU C 217 18.95 22.62 13.03
N ASP C 218 20.03 23.39 13.21
CA ASP C 218 20.74 23.97 12.08
C ASP C 218 21.61 22.95 11.34
N HIS C 219 22.04 21.90 12.04
CA HIS C 219 22.84 20.85 11.43
C HIS C 219 22.00 19.65 11.05
N LEU C 220 22.45 18.88 10.07
CA LEU C 220 21.82 17.63 9.69
C LEU C 220 22.39 16.49 10.53
N CYS C 221 21.54 15.87 11.33
CA CYS C 221 22.02 14.90 12.32
C CYS C 221 21.31 13.56 12.25
N LEU C 222 21.86 12.56 12.94
CA LEU C 222 21.21 11.27 13.05
C LEU C 222 20.59 11.12 14.43
N VAL C 223 19.34 10.67 14.48
CA VAL C 223 18.62 10.49 15.74
C VAL C 223 19.05 9.18 16.40
N ASN C 224 19.26 9.23 17.72
CA ASN C 224 19.57 8.01 18.47
C ASN C 224 18.30 7.26 18.84
N ASP C 225 18.45 6.13 19.51
CA ASP C 225 17.30 5.31 19.88
C ASP C 225 16.41 6.02 20.90
N GLU C 226 17.02 6.80 21.78
CA GLU C 226 16.27 7.53 22.80
C GLU C 226 15.38 8.59 22.18
N GLY C 227 15.90 9.25 21.14
CA GLY C 227 15.16 10.29 20.46
C GLY C 227 13.93 9.73 19.77
N ILE C 228 14.09 8.55 19.16
CA ILE C 228 12.98 7.88 18.51
C ILE C 228 11.87 7.55 19.50
N LYS C 229 12.27 7.05 20.67
CA LYS C 229 11.32 6.69 21.70
C LYS C 229 10.66 7.92 22.33
N LYS C 230 11.45 8.96 22.56
CA LYS C 230 10.96 10.17 23.22
C LYS C 230 9.87 10.92 22.47
N PHE C 231 10.06 11.13 21.17
CA PHE C 231 9.12 11.96 20.41
C PHE C 231 8.22 11.08 19.55
N ARG C 232 8.10 9.84 19.98
CA ARG C 232 7.24 8.85 19.37
C ARG C 232 5.77 9.17 19.68
N THR C 233 4.88 8.89 18.72
CA THR C 233 3.47 9.18 18.90
C THR C 233 2.69 7.98 19.44
N LYS D 7 40.98 24.92 35.24
CA LYS D 7 40.48 26.27 35.20
C LYS D 7 41.08 26.94 33.95
N ILE D 8 41.76 28.05 34.17
CA ILE D 8 42.43 28.81 33.13
C ILE D 8 43.72 28.12 32.73
N PRO D 9 43.88 27.80 31.45
CA PRO D 9 45.09 27.12 30.99
C PRO D 9 46.32 27.99 31.27
N ASN D 10 47.34 27.43 31.90
CA ASN D 10 48.54 28.19 32.21
C ASN D 10 49.81 27.36 32.06
N ASN D 11 50.01 26.84 30.85
CA ASN D 11 51.21 26.11 30.48
C ASN D 11 51.36 26.07 28.96
N PRO D 12 51.77 27.20 28.36
CA PRO D 12 51.82 27.39 26.91
C PRO D 12 52.70 26.36 26.18
N GLY D 13 52.06 25.60 25.30
CA GLY D 13 52.76 24.60 24.50
C GLY D 13 52.40 23.19 24.91
N ALA D 14 51.78 23.06 26.08
CA ALA D 14 51.44 21.75 26.61
C ALA D 14 50.10 21.26 26.09
N GLY D 15 49.10 22.13 26.11
CA GLY D 15 47.76 21.76 25.71
C GLY D 15 47.21 20.67 26.62
N GLU D 16 47.33 20.89 27.92
CA GLU D 16 47.02 19.90 28.95
C GLU D 16 45.60 19.35 28.87
N ASN D 17 44.61 20.25 28.82
CA ASN D 17 43.20 19.86 28.77
C ASN D 17 42.54 20.23 27.45
N ALA D 18 43.33 20.27 26.39
CA ALA D 18 42.82 20.63 25.07
C ALA D 18 41.89 19.53 24.57
N LEU D 19 40.74 19.93 24.06
CA LEU D 19 39.82 18.97 23.47
C LEU D 19 40.37 18.62 22.10
N GLU D 20 40.25 17.36 21.68
CA GLU D 20 40.78 16.97 20.38
C GLU D 20 39.96 17.63 19.28
N PRO D 21 40.65 18.11 18.23
CA PRO D 21 40.03 18.85 17.12
C PRO D 21 39.46 17.95 16.04
N ILE D 22 38.93 18.57 14.98
CA ILE D 22 38.49 17.82 13.81
C ILE D 22 39.72 17.31 13.06
N TYR D 23 39.76 16.01 12.80
CA TYR D 23 40.88 15.41 12.10
C TYR D 23 40.62 15.35 10.61
N ILE D 24 41.21 16.29 9.86
CA ILE D 24 41.14 16.23 8.41
C ILE D 24 42.16 15.21 7.87
N LYS D 25 41.65 14.08 7.42
CA LYS D 25 42.50 12.97 6.99
C LYS D 25 43.31 13.30 5.74
N ASP D 26 44.38 12.56 5.53
CA ASP D 26 45.24 12.70 4.36
C ASP D 26 44.51 12.27 3.09
N ASP D 27 44.22 13.25 2.23
CA ASP D 27 43.63 13.04 0.91
C ASP D 27 42.11 12.91 0.97
N ASP D 28 41.46 13.88 1.61
CA ASP D 28 40.01 14.00 1.54
C ASP D 28 39.68 15.46 1.27
N GLY D 29 38.45 15.72 0.87
CA GLY D 29 38.05 17.08 0.59
C GLY D 29 37.12 17.10 -0.61
N TYR D 30 37.08 18.22 -1.30
CA TYR D 30 36.15 18.39 -2.39
C TYR D 30 36.85 18.96 -3.61
N ASP D 31 36.34 18.62 -4.79
CA ASP D 31 36.90 19.16 -6.03
C ASP D 31 36.44 20.60 -6.23
N ILE D 32 36.93 21.22 -7.29
CA ILE D 32 36.68 22.64 -7.54
C ILE D 32 35.20 22.92 -7.79
N ASP D 33 34.56 22.05 -8.56
CA ASP D 33 33.18 22.27 -9.00
C ASP D 33 32.15 22.04 -7.89
N THR D 34 32.62 21.77 -6.68
CA THR D 34 31.73 21.50 -5.55
C THR D 34 31.15 22.78 -4.92
N PHE D 35 32.02 23.75 -4.64
CA PHE D 35 31.60 25.02 -4.03
C PHE D 35 31.89 26.23 -4.93
N LEU D 36 31.57 27.41 -4.42
CA LEU D 36 31.86 28.66 -5.13
C LEU D 36 33.30 29.10 -4.95
N ILE D 37 34.05 29.12 -6.04
CA ILE D 37 35.43 29.57 -6.05
C ILE D 37 35.59 30.73 -7.03
N PRO D 38 36.27 31.82 -6.61
CA PRO D 38 36.54 32.96 -7.50
C PRO D 38 37.17 32.53 -8.82
N ASP D 39 36.73 33.11 -9.94
CA ASP D 39 37.22 32.71 -11.25
C ASP D 39 38.72 32.96 -11.44
N HIS D 40 39.24 33.97 -10.75
CA HIS D 40 40.64 34.32 -10.88
C HIS D 40 41.52 33.39 -10.05
N TYR D 41 40.89 32.48 -9.32
CA TYR D 41 41.62 31.54 -8.50
C TYR D 41 41.38 30.08 -8.89
N LYS D 42 40.41 29.81 -9.77
CA LYS D 42 40.03 28.43 -10.06
C LYS D 42 41.13 27.62 -10.72
N ASN D 43 41.94 28.28 -11.55
CA ASN D 43 42.99 27.56 -12.26
C ASN D 43 44.25 27.41 -11.41
N TYR D 44 44.22 27.96 -10.20
CA TYR D 44 45.39 27.96 -9.34
C TYR D 44 45.14 27.15 -8.06
N ILE D 45 44.04 26.41 -8.04
CA ILE D 45 43.67 25.62 -6.87
C ILE D 45 43.47 24.15 -7.19
N THR D 46 44.18 23.29 -6.45
CA THR D 46 44.05 21.84 -6.60
C THR D 46 42.71 21.34 -6.07
N LYS D 47 42.44 21.62 -4.80
CA LYS D 47 41.21 21.13 -4.17
C LYS D 47 40.83 21.99 -2.98
N VAL D 48 39.58 21.89 -2.57
CA VAL D 48 39.10 22.54 -1.37
C VAL D 48 39.24 21.57 -0.20
N LEU D 49 40.02 21.97 0.80
CA LEU D 49 40.23 21.12 1.96
C LEU D 49 39.08 21.28 2.97
N ILE D 50 38.87 22.50 3.43
CA ILE D 50 37.80 22.80 4.37
C ILE D 50 36.96 23.98 3.88
N PRO D 51 35.65 23.74 3.70
CA PRO D 51 34.72 24.79 3.26
C PRO D 51 34.62 25.95 4.26
N ASN D 52 34.31 27.13 3.76
CA ASN D 52 34.20 28.33 4.59
C ASN D 52 33.19 28.17 5.73
N GLY D 53 32.11 27.44 5.46
CA GLY D 53 31.06 27.25 6.44
C GLY D 53 31.49 26.39 7.61
N VAL D 54 32.28 25.36 7.33
CA VAL D 54 32.80 24.50 8.39
C VAL D 54 33.70 25.31 9.31
N LEU D 55 34.49 26.20 8.70
CA LEU D 55 35.35 27.07 9.48
C LEU D 55 34.54 27.90 10.47
N LYS D 56 33.50 28.56 9.98
CA LYS D 56 32.69 29.41 10.85
C LYS D 56 32.01 28.60 11.96
N ASN D 57 31.48 27.43 11.60
CA ASN D 57 30.79 26.60 12.59
C ASN D 57 31.72 26.06 13.67
N ARG D 58 32.95 25.75 13.29
CA ARG D 58 33.93 25.26 14.24
C ARG D 58 34.38 26.39 15.17
N ILE D 59 34.64 27.55 14.60
CA ILE D 59 35.03 28.73 15.37
C ILE D 59 33.94 29.12 16.35
N GLU D 60 32.68 28.95 15.94
CA GLU D 60 31.55 29.24 16.82
C GLU D 60 31.60 28.35 18.06
N LYS D 61 32.06 27.11 17.88
CA LYS D 61 32.19 26.18 18.99
C LYS D 61 33.43 26.50 19.82
N LEU D 62 34.50 26.94 19.16
CA LEU D 62 35.71 27.35 19.86
C LEU D 62 35.44 28.53 20.78
N ALA D 63 34.70 29.51 20.28
CA ALA D 63 34.34 30.68 21.07
C ALA D 63 33.53 30.28 22.29
N PHE D 64 32.72 29.24 22.14
CA PHE D 64 31.95 28.71 23.25
C PHE D 64 32.87 28.07 24.29
N ASP D 65 33.84 27.28 23.81
CA ASP D 65 34.81 26.64 24.70
C ASP D 65 35.65 27.65 25.46
N ILE D 66 36.05 28.71 24.77
CA ILE D 66 36.87 29.76 25.35
C ILE D 66 36.12 30.51 26.44
N LYS D 67 34.85 30.82 26.20
CA LYS D 67 34.07 31.57 27.19
C LYS D 67 33.78 30.70 28.42
N GLN D 68 33.74 29.38 28.23
CA GLN D 68 33.47 28.46 29.33
C GLN D 68 34.54 28.53 30.42
N VAL D 69 35.79 28.77 30.01
CA VAL D 69 36.87 28.77 30.99
C VAL D 69 37.22 30.17 31.44
N TYR D 70 36.82 31.18 30.67
CA TYR D 70 37.15 32.56 31.02
C TYR D 70 35.96 33.31 31.61
N ARG D 71 34.82 32.63 31.71
CA ARG D 71 33.60 33.15 32.36
C ARG D 71 33.85 33.85 33.70
N ASN D 72 33.51 35.14 33.75
CA ASN D 72 33.53 36.00 34.94
C ASN D 72 34.91 36.60 35.18
N GLU D 73 35.78 36.50 34.19
CA GLU D 73 37.09 37.11 34.24
C GLU D 73 37.48 37.85 32.97
N GLU D 74 38.25 38.92 33.13
CA GLU D 74 38.78 39.67 31.99
C GLU D 74 39.90 38.91 31.33
N PHE D 75 39.89 38.85 30.00
CA PHE D 75 40.99 38.21 29.30
C PHE D 75 41.34 39.04 28.07
N HIS D 76 42.62 39.09 27.73
CA HIS D 76 43.10 39.90 26.62
C HIS D 76 43.45 39.03 25.42
N VAL D 77 42.74 39.22 24.32
CA VAL D 77 43.00 38.46 23.10
C VAL D 77 44.04 39.15 22.22
N ILE D 78 45.00 38.37 21.72
CA ILE D 78 46.05 38.90 20.88
C ILE D 78 45.96 38.37 19.46
N CYS D 79 45.70 39.27 18.53
CA CYS D 79 45.61 38.90 17.12
C CYS D 79 46.98 38.99 16.48
N LEU D 80 47.49 37.85 16.01
CA LEU D 80 48.78 37.83 15.35
C LEU D 80 48.60 38.16 13.87
N LEU D 81 48.72 39.45 13.55
CA LEU D 81 48.58 39.92 12.18
C LEU D 81 49.66 39.31 11.28
N LYS D 82 49.34 39.09 10.00
CA LYS D 82 48.03 39.43 9.45
C LYS D 82 47.29 38.19 8.93
N GLY D 83 47.77 37.01 9.34
CA GLY D 83 47.16 35.77 8.91
C GLY D 83 46.04 35.31 9.83
N SER D 84 46.02 35.85 11.05
CA SER D 84 45.00 35.47 12.04
C SER D 84 43.78 36.38 11.97
N ARG D 85 43.80 37.33 11.04
CA ARG D 85 42.74 38.33 10.94
C ARG D 85 41.38 37.69 10.74
N GLY D 86 41.30 36.75 9.80
CA GLY D 86 40.06 36.07 9.52
C GLY D 86 39.55 35.26 10.71
N PHE D 87 40.44 34.47 11.32
CA PHE D 87 40.09 33.69 12.50
C PHE D 87 39.69 34.61 13.65
N PHE D 88 40.43 35.70 13.82
CA PHE D 88 40.20 36.62 14.93
C PHE D 88 38.85 37.33 14.85
N SER D 89 38.54 37.88 13.67
CA SER D 89 37.31 38.63 13.50
C SER D 89 36.08 37.74 13.67
N ALA D 90 36.17 36.51 13.18
CA ALA D 90 35.09 35.55 13.37
C ALA D 90 34.95 35.18 14.84
N LEU D 91 36.08 35.09 15.53
CA LEU D 91 36.09 34.70 16.92
C LEU D 91 35.38 35.76 17.76
N LEU D 92 35.68 37.02 17.50
CA LEU D 92 35.07 38.14 18.21
C LEU D 92 33.59 38.21 17.90
N LYS D 93 33.22 37.88 16.67
CA LYS D 93 31.82 37.90 16.24
C LYS D 93 30.94 37.00 17.11
N TYR D 94 31.40 35.78 17.34
CA TYR D 94 30.65 34.81 18.13
C TYR D 94 30.81 35.06 19.62
N LEU D 95 31.93 35.68 19.99
CA LEU D 95 32.15 36.09 21.37
C LEU D 95 31.18 37.21 21.73
N ASN D 96 31.03 38.18 20.83
CA ASN D 96 30.04 39.23 20.99
C ASN D 96 28.63 38.63 21.01
N ARG D 97 28.42 37.64 20.15
CA ARG D 97 27.14 36.95 20.02
C ARG D 97 26.71 36.36 21.37
N ILE D 98 27.65 35.77 22.10
CA ILE D 98 27.36 35.22 23.41
C ILE D 98 27.03 36.33 24.41
N HIS D 99 27.81 37.40 24.38
CA HIS D 99 27.62 38.54 25.28
C HIS D 99 26.31 39.31 25.03
N ASN D 100 25.78 39.21 23.82
CA ASN D 100 24.58 39.96 23.47
C ASN D 100 23.31 39.23 23.88
N TYR D 101 23.44 37.95 24.20
CA TYR D 101 22.26 37.14 24.54
C TYR D 101 22.32 36.62 25.97
N SER D 102 23.37 37.03 26.67
CA SER D 102 23.61 36.62 28.06
C SER D 102 23.20 37.68 29.08
N SER D 103 22.43 37.27 30.07
CA SER D 103 22.00 38.18 31.13
C SER D 103 22.90 38.17 32.37
N THR D 104 23.97 37.39 32.35
CA THR D 104 24.87 37.30 33.51
C THR D 104 26.27 37.80 33.18
N GLU D 105 26.35 38.84 32.36
CA GLU D 105 27.64 39.36 31.93
C GLU D 105 27.97 40.64 32.67
N SER D 106 29.26 40.95 32.71
CA SER D 106 29.75 42.13 33.43
C SER D 106 30.74 42.87 32.54
N PRO D 107 30.54 44.19 32.39
CA PRO D 107 31.45 44.98 31.55
C PRO D 107 32.86 45.05 32.12
N LYS D 108 33.08 44.44 33.28
CA LYS D 108 34.41 44.42 33.88
C LYS D 108 35.11 43.14 33.46
N HIS D 109 34.31 42.13 33.14
CA HIS D 109 34.79 40.83 32.72
C HIS D 109 34.45 40.47 31.27
N LEU D 110 35.20 41.02 30.31
CA LEU D 110 34.92 40.73 28.91
C LEU D 110 36.24 40.48 28.19
N TYR D 111 36.42 41.02 26.99
CA TYR D 111 37.70 40.82 26.33
C TYR D 111 38.28 42.15 25.86
N VAL D 112 39.61 42.20 25.80
CA VAL D 112 40.31 43.36 25.29
C VAL D 112 41.21 42.95 24.12
N GLU D 113 41.04 43.62 22.99
CA GLU D 113 41.76 43.25 21.78
C GLU D 113 43.14 43.88 21.70
N HIS D 114 44.12 43.09 21.27
CA HIS D 114 45.48 43.57 21.06
C HIS D 114 45.99 43.06 19.72
N TYR D 115 46.90 43.81 19.11
CA TYR D 115 47.42 43.44 17.80
C TYR D 115 48.95 43.51 17.77
N VAL D 116 49.58 42.39 17.43
CA VAL D 116 51.04 42.31 17.31
C VAL D 116 51.42 41.73 15.94
N ARG D 117 52.62 42.05 15.49
CA ARG D 117 53.15 41.49 14.25
C ARG D 117 54.45 40.74 14.53
N VAL D 118 54.48 39.47 14.15
CA VAL D 118 55.62 38.61 14.48
C VAL D 118 56.44 38.24 13.23
N LYS D 119 57.76 38.44 13.33
CA LYS D 119 58.69 38.15 12.24
C LYS D 119 59.69 37.07 12.65
N SER D 120 60.31 36.44 11.65
CA SER D 120 61.29 35.39 11.90
C SER D 120 62.68 35.80 11.45
N ILE D 130 63.57 35.88 16.01
CA ILE D 130 62.25 36.27 16.50
C ILE D 130 62.19 37.75 16.92
N GLU D 131 61.39 38.52 16.20
CA GLU D 131 61.24 39.94 16.48
C GLU D 131 59.78 40.37 16.46
N ILE D 132 59.38 41.23 17.40
CA ILE D 132 57.98 41.61 17.54
C ILE D 132 57.77 43.11 17.31
N VAL D 133 56.89 43.44 16.37
CA VAL D 133 56.51 44.82 16.11
C VAL D 133 55.12 45.09 16.65
N SER D 134 55.08 45.78 17.78
CA SER D 134 53.84 46.02 18.49
C SER D 134 53.95 47.23 19.39
N GLU D 135 53.16 47.19 20.46
CA GLU D 135 53.13 48.21 21.49
C GLU D 135 54.09 47.74 22.60
N ASP D 136 53.94 48.29 23.79
CA ASP D 136 54.86 48.05 24.90
C ASP D 136 54.54 46.73 25.59
N LEU D 137 53.28 46.34 25.46
CA LEU D 137 52.73 45.15 26.10
C LEU D 137 52.86 45.15 27.63
N SER D 138 53.28 46.26 28.21
CA SER D 138 53.39 46.36 29.66
C SER D 138 52.03 46.44 30.33
N CYS D 139 51.00 46.73 29.54
CA CYS D 139 49.64 46.81 30.05
C CYS D 139 49.04 45.42 30.23
N LEU D 140 49.79 44.40 29.79
CA LEU D 140 49.36 43.01 29.93
C LEU D 140 49.82 42.40 31.24
N LYS D 141 50.42 43.22 32.10
CA LYS D 141 50.87 42.76 33.39
C LYS D 141 49.71 42.25 34.24
N ASP D 142 49.87 41.06 34.82
CA ASP D 142 48.85 40.43 35.64
C ASP D 142 47.50 40.26 34.93
N LYS D 143 47.53 39.99 33.63
CA LYS D 143 46.29 39.83 32.87
C LYS D 143 46.23 38.43 32.24
N HIS D 144 45.02 37.93 32.03
CA HIS D 144 44.85 36.66 31.32
C HIS D 144 44.97 36.90 29.83
N VAL D 145 45.92 36.20 29.22
CA VAL D 145 46.20 36.40 27.80
C VAL D 145 45.83 35.18 26.96
N LEU D 146 45.10 35.43 25.89
CA LEU D 146 44.75 34.38 24.93
C LEU D 146 45.33 34.72 23.57
N ILE D 147 46.27 33.90 23.10
CA ILE D 147 46.90 34.14 21.80
C ILE D 147 46.09 33.50 20.68
N VAL D 148 45.77 34.30 19.66
CA VAL D 148 45.01 33.83 18.52
C VAL D 148 45.90 33.68 17.30
N GLU D 149 46.29 32.43 16.98
CA GLU D 149 47.18 32.17 15.86
C GLU D 149 46.45 31.44 14.74
N ASP D 150 46.77 31.79 13.50
CA ASP D 150 46.11 31.21 12.34
C ASP D 150 46.51 29.76 12.12
N ILE D 151 47.80 29.46 12.24
CA ILE D 151 48.31 28.13 11.93
C ILE D 151 49.57 27.79 12.71
N ILE D 152 49.66 26.55 13.17
CA ILE D 152 50.87 26.05 13.82
C ILE D 152 51.55 25.03 12.92
N ASP D 153 52.78 25.35 12.52
CA ASP D 153 53.54 24.46 11.65
C ASP D 153 54.62 23.74 12.43
N THR D 154 55.72 24.44 12.66
CA THR D 154 56.85 23.88 13.38
C THR D 154 56.75 24.22 14.87
N GLY D 155 55.99 25.26 15.18
CA GLY D 155 55.78 25.67 16.56
C GLY D 155 56.91 26.50 17.11
N LYS D 156 57.88 26.85 16.28
CA LYS D 156 59.01 27.65 16.71
C LYS D 156 58.59 29.09 17.02
N THR D 157 57.80 29.67 16.12
CA THR D 157 57.38 31.06 16.26
C THR D 157 56.57 31.27 17.53
N LEU D 158 55.64 30.35 17.78
CA LEU D 158 54.76 30.47 18.93
C LEU D 158 55.48 30.12 20.23
N LEU D 159 56.50 29.28 20.15
CA LEU D 159 57.27 28.91 21.34
C LEU D 159 58.05 30.08 21.92
N LYS D 160 58.77 30.80 21.08
CA LYS D 160 59.54 31.96 21.52
C LYS D 160 58.66 33.13 21.92
N PHE D 161 57.51 33.27 21.26
CA PHE D 161 56.61 34.38 21.56
C PHE D 161 56.04 34.23 22.97
N CYS D 162 55.77 32.99 23.36
CA CYS D 162 55.28 32.72 24.69
C CYS D 162 56.33 33.01 25.75
N GLU D 163 57.59 32.80 25.38
CA GLU D 163 58.70 33.13 26.28
C GLU D 163 58.82 34.64 26.38
N TYR D 164 58.64 35.31 25.24
CA TYR D 164 58.71 36.76 25.16
C TYR D 164 57.59 37.40 25.96
N LEU D 165 56.43 36.78 25.91
CA LEU D 165 55.24 37.29 26.60
C LEU D 165 55.26 37.02 28.10
N LYS D 166 56.01 36.01 28.50
CA LYS D 166 56.06 35.63 29.91
C LYS D 166 56.98 36.57 30.71
N LYS D 167 57.75 37.40 29.99
CA LYS D 167 58.59 38.42 30.63
C LYS D 167 57.83 39.70 31.01
N PHE D 168 56.59 39.84 30.56
CA PHE D 168 55.80 41.04 30.87
C PHE D 168 54.92 40.77 32.07
N GLU D 169 55.24 39.68 32.77
CA GLU D 169 54.60 39.29 34.01
C GLU D 169 53.08 39.15 33.87
N VAL D 170 52.66 38.35 32.89
CA VAL D 170 51.26 38.05 32.70
C VAL D 170 50.85 36.97 33.66
N LYS D 171 49.55 36.89 33.95
CA LYS D 171 49.02 35.89 34.86
C LYS D 171 49.02 34.49 34.23
N THR D 172 48.34 34.36 33.09
CA THR D 172 48.25 33.09 32.38
C THR D 172 48.45 33.29 30.88
N ILE D 173 48.85 32.23 30.19
CA ILE D 173 48.96 32.27 28.73
C ILE D 173 48.28 31.06 28.08
N ALA D 174 47.20 31.32 27.35
CA ALA D 174 46.52 30.27 26.61
C ALA D 174 46.59 30.56 25.12
N ILE D 175 46.58 29.52 24.31
CA ILE D 175 46.67 29.69 22.86
C ILE D 175 45.53 28.98 22.15
N THR D 176 44.82 29.73 21.32
CA THR D 176 43.84 29.13 20.43
C THR D 176 44.36 29.16 19.00
N CYS D 177 44.16 28.06 18.28
CA CYS D 177 44.68 27.92 16.92
C CYS D 177 43.65 27.24 16.01
N LEU D 178 43.52 27.76 14.79
CA LEU D 178 42.53 27.25 13.86
C LEU D 178 42.98 25.97 13.18
N PHE D 179 44.23 25.94 12.72
CA PHE D 179 44.78 24.77 12.06
C PHE D 179 46.11 24.36 12.66
N ILE D 180 46.28 23.07 12.93
CA ILE D 180 47.59 22.55 13.29
C ILE D 180 48.02 21.52 12.24
N LYS D 181 49.19 21.75 11.66
CA LYS D 181 49.71 20.87 10.62
C LYS D 181 50.48 19.68 11.18
N ARG D 182 50.29 18.53 10.57
CA ARG D 182 51.00 17.32 10.98
C ARG D 182 52.35 17.24 10.26
N THR D 183 53.23 18.18 10.57
CA THR D 183 54.58 18.23 10.01
C THR D 183 55.54 17.49 10.95
N PRO D 184 56.44 16.67 10.38
CA PRO D 184 57.45 16.01 11.22
C PRO D 184 58.44 16.98 11.89
N LEU D 185 58.44 18.24 11.49
CA LEU D 185 59.31 19.25 12.10
C LEU D 185 58.71 19.92 13.32
N TRP D 186 57.54 19.44 13.73
CA TRP D 186 56.81 19.98 14.87
C TRP D 186 57.63 19.81 16.13
N ASN D 187 57.67 20.83 16.97
CA ASN D 187 58.48 20.79 18.19
C ASN D 187 57.69 20.33 19.42
N GLY D 188 56.42 20.01 19.23
CA GLY D 188 55.59 19.50 20.32
C GLY D 188 54.77 20.56 21.01
N PHE D 189 54.74 21.75 20.41
CA PHE D 189 53.97 22.86 20.95
C PHE D 189 52.49 22.66 20.70
N LYS D 190 51.72 22.49 21.77
CA LYS D 190 50.29 22.24 21.64
C LYS D 190 49.46 23.45 22.07
N ALA D 191 48.40 23.73 21.32
CA ALA D 191 47.45 24.80 21.67
C ALA D 191 46.35 24.30 22.59
N ASP D 192 45.70 25.22 23.29
CA ASP D 192 44.67 24.88 24.25
C ASP D 192 43.26 24.80 23.64
N PHE D 193 43.08 25.44 22.49
CA PHE D 193 41.82 25.41 21.76
C PHE D 193 42.09 25.24 20.28
N VAL D 194 41.95 24.03 19.78
CA VAL D 194 42.32 23.73 18.40
C VAL D 194 41.11 23.50 17.51
N GLY D 195 41.15 24.05 16.30
CA GLY D 195 40.06 23.90 15.35
C GLY D 195 40.18 22.66 14.48
N PHE D 196 41.24 22.60 13.68
CA PHE D 196 41.43 21.49 12.75
C PHE D 196 42.85 20.92 12.82
N SER D 197 42.97 19.62 12.56
CA SER D 197 44.27 19.00 12.38
C SER D 197 44.41 18.63 10.90
N ILE D 198 45.30 19.33 10.21
CA ILE D 198 45.40 19.20 8.76
C ILE D 198 46.71 18.55 8.32
N PRO D 199 46.69 17.89 7.15
CA PRO D 199 47.86 17.23 6.55
C PRO D 199 49.04 18.17 6.27
N ASP D 200 50.20 17.59 6.00
CA ASP D 200 51.40 18.36 5.68
C ASP D 200 51.35 18.86 4.25
N ALA D 201 50.51 19.86 4.00
CA ALA D 201 50.41 20.46 2.69
C ALA D 201 50.25 21.98 2.84
N PHE D 202 50.72 22.72 1.85
CA PHE D 202 50.64 24.17 1.92
C PHE D 202 49.23 24.65 1.57
N VAL D 203 48.55 25.25 2.55
CA VAL D 203 47.18 25.68 2.35
C VAL D 203 47.10 27.20 2.26
N VAL D 204 46.10 27.69 1.53
CA VAL D 204 45.85 29.12 1.45
C VAL D 204 44.37 29.38 1.65
N GLY D 205 44.02 30.66 1.82
CA GLY D 205 42.64 31.05 2.05
C GLY D 205 42.36 31.31 3.50
N TYR D 206 41.29 32.08 3.76
CA TYR D 206 40.89 32.48 5.11
C TYR D 206 42.06 33.18 5.82
N SER D 207 42.58 34.21 5.15
CA SER D 207 43.70 35.05 5.60
C SER D 207 45.05 34.34 5.58
N LEU D 208 45.09 33.10 5.12
CA LEU D 208 46.36 32.39 4.94
C LEU D 208 46.86 32.61 3.52
N ASP D 209 48.12 33.03 3.40
CA ASP D 209 48.61 33.55 2.13
C ASP D 209 49.74 32.74 1.51
N TYR D 210 49.93 32.96 0.22
CA TYR D 210 51.15 32.58 -0.48
C TYR D 210 51.66 33.80 -1.24
N ASN D 211 52.67 34.46 -0.68
CA ASN D 211 53.17 35.73 -1.21
C ASN D 211 52.05 36.75 -1.33
N GLU D 212 51.34 36.95 -0.23
CA GLU D 212 50.28 37.96 -0.11
C GLU D 212 49.09 37.70 -1.03
N LYS D 213 49.04 36.52 -1.64
CA LYS D 213 47.91 36.14 -2.48
C LYS D 213 46.98 35.17 -1.75
N PHE D 214 45.79 34.98 -2.30
CA PHE D 214 44.78 34.03 -1.80
C PHE D 214 44.24 34.34 -0.41
N ARG D 215 44.54 35.51 0.12
CA ARG D 215 44.05 35.86 1.45
C ARG D 215 42.54 36.07 1.43
N ASP D 216 42.03 36.58 0.31
CA ASP D 216 40.63 36.91 0.17
C ASP D 216 39.80 35.68 -0.16
N LEU D 217 40.47 34.54 -0.29
CA LEU D 217 39.79 33.28 -0.57
C LEU D 217 39.07 32.78 0.67
N ASP D 218 37.76 32.57 0.54
CA ASP D 218 36.93 32.22 1.69
C ASP D 218 37.11 30.77 2.14
N HIS D 219 37.48 29.88 1.22
CA HIS D 219 37.70 28.49 1.58
C HIS D 219 39.18 28.22 1.80
N LEU D 220 39.48 27.20 2.58
CA LEU D 220 40.86 26.76 2.77
C LEU D 220 41.23 25.74 1.70
N CYS D 221 42.17 26.09 0.84
CA CYS D 221 42.46 25.27 -0.33
C CYS D 221 43.94 24.92 -0.45
N LEU D 222 44.23 23.98 -1.35
CA LEU D 222 45.62 23.63 -1.65
C LEU D 222 46.01 24.22 -3.00
N VAL D 223 47.17 24.86 -3.04
CA VAL D 223 47.65 25.48 -4.25
C VAL D 223 48.24 24.43 -5.19
N ASN D 224 47.92 24.53 -6.48
CA ASN D 224 48.52 23.62 -7.45
C ASN D 224 49.89 24.12 -7.90
N ASP D 225 50.54 23.35 -8.76
CA ASP D 225 51.89 23.68 -9.19
C ASP D 225 51.96 24.97 -10.01
N GLU D 226 50.92 25.22 -10.81
CA GLU D 226 50.89 26.42 -11.63
C GLU D 226 50.77 27.66 -10.76
N GLY D 227 49.98 27.57 -9.69
CA GLY D 227 49.78 28.69 -8.79
C GLY D 227 51.04 29.09 -8.05
N ILE D 228 51.80 28.09 -7.58
CA ILE D 228 53.07 28.36 -6.92
C ILE D 228 54.02 29.03 -7.90
N LYS D 229 54.01 28.52 -9.14
CA LYS D 229 54.85 29.05 -10.19
C LYS D 229 54.41 30.46 -10.58
N LYS D 230 53.11 30.68 -10.65
CA LYS D 230 52.57 31.96 -11.08
C LYS D 230 52.90 33.12 -10.15
N PHE D 231 52.73 32.89 -8.85
CA PHE D 231 52.90 33.96 -7.88
C PHE D 231 54.19 33.86 -7.08
N ARG D 232 55.19 33.16 -7.62
CA ARG D 232 56.48 33.09 -6.94
C ARG D 232 57.22 34.43 -7.08
N THR D 233 57.92 34.83 -6.04
CA THR D 233 58.66 36.08 -6.05
C THR D 233 60.11 35.87 -6.44
N LYS E 7 -31.05 7.05 11.47
CA LYS E 7 -30.04 8.10 11.53
C LYS E 7 -29.91 9.01 10.31
N ILE E 8 -30.45 10.21 10.44
CA ILE E 8 -30.32 11.26 9.43
C ILE E 8 -28.96 11.96 9.51
N PRO E 9 -28.21 11.98 8.40
CA PRO E 9 -26.87 12.59 8.37
C PRO E 9 -26.93 14.09 8.70
N ASN E 10 -26.10 14.53 9.64
CA ASN E 10 -26.06 15.94 10.00
C ASN E 10 -24.63 16.39 10.28
N ASN E 11 -23.77 16.23 9.28
CA ASN E 11 -22.39 16.68 9.37
C ASN E 11 -21.81 16.82 7.97
N PRO E 12 -22.18 17.92 7.28
CA PRO E 12 -21.83 18.15 5.87
C PRO E 12 -20.33 18.14 5.61
N GLY E 13 -19.88 17.17 4.81
CA GLY E 13 -18.48 17.05 4.44
C GLY E 13 -17.81 15.87 5.10
N ALA E 14 -18.46 15.29 6.10
CA ALA E 14 -17.89 14.18 6.86
C ALA E 14 -18.15 12.85 6.19
N GLY E 15 -19.39 12.63 5.75
CA GLY E 15 -19.79 11.35 5.18
C GLY E 15 -19.66 10.27 6.23
N GLU E 16 -20.21 10.56 7.40
CA GLU E 16 -20.05 9.73 8.59
C GLU E 16 -20.53 8.29 8.42
N ASN E 17 -21.74 8.11 7.93
CA ASN E 17 -22.31 6.78 7.75
C ASN E 17 -22.54 6.39 6.30
N ALA E 18 -21.75 6.96 5.40
CA ALA E 18 -21.87 6.74 3.97
C ALA E 18 -21.45 5.33 3.56
N LEU E 19 -22.27 4.69 2.73
CA LEU E 19 -21.93 3.38 2.18
C LEU E 19 -20.92 3.55 1.05
N GLU E 20 -20.04 2.57 0.90
CA GLU E 20 -19.01 2.61 -0.13
C GLU E 20 -19.63 2.58 -1.53
N PRO E 21 -19.14 3.44 -2.43
CA PRO E 21 -19.66 3.52 -3.80
C PRO E 21 -19.00 2.51 -4.74
N ILE E 22 -19.39 2.53 -6.00
CA ILE E 22 -18.76 1.72 -7.02
C ILE E 22 -17.38 2.29 -7.35
N TYR E 23 -16.36 1.45 -7.28
CA TYR E 23 -15.00 1.90 -7.57
C TYR E 23 -14.64 1.67 -9.04
N ILE E 24 -14.72 2.72 -9.85
CA ILE E 24 -14.28 2.66 -11.24
C ILE E 24 -12.76 2.80 -11.34
N LYS E 25 -12.09 1.70 -11.67
CA LYS E 25 -10.63 1.65 -11.70
C LYS E 25 -9.97 2.54 -12.77
N ASP E 26 -8.69 2.84 -12.56
CA ASP E 26 -7.87 3.60 -13.50
C ASP E 26 -7.59 2.83 -14.77
N ASP E 27 -8.20 3.28 -15.88
CA ASP E 27 -7.95 2.74 -17.22
C ASP E 27 -8.78 1.48 -17.44
N ASP E 28 -10.07 1.60 -17.19
CA ASP E 28 -11.02 0.56 -17.55
C ASP E 28 -12.22 1.21 -18.23
N GLY E 29 -13.03 0.40 -18.90
CA GLY E 29 -14.17 0.94 -19.60
C GLY E 29 -14.41 0.21 -20.89
N TYR E 30 -15.05 0.90 -21.83
CA TYR E 30 -15.47 0.28 -23.07
C TYR E 30 -15.09 1.15 -24.27
N ASP E 31 -14.85 0.52 -25.41
CA ASP E 31 -14.55 1.26 -26.63
C ASP E 31 -15.85 1.84 -27.20
N ILE E 32 -15.73 2.60 -28.28
CA ILE E 32 -16.87 3.31 -28.85
C ILE E 32 -17.93 2.36 -29.41
N ASP E 33 -17.48 1.32 -30.09
CA ASP E 33 -18.38 0.41 -30.81
C ASP E 33 -19.17 -0.55 -29.92
N THR E 34 -19.03 -0.39 -28.61
CA THR E 34 -19.69 -1.27 -27.65
C THR E 34 -21.16 -0.92 -27.42
N PHE E 35 -21.43 0.36 -27.21
CA PHE E 35 -22.80 0.83 -26.98
C PHE E 35 -23.22 1.81 -28.06
N LEU E 36 -24.44 2.35 -27.94
CA LEU E 36 -24.91 3.35 -28.88
C LEU E 36 -24.40 4.74 -28.52
N ILE E 37 -23.58 5.29 -29.41
CA ILE E 37 -23.07 6.65 -29.24
C ILE E 37 -23.49 7.50 -30.42
N PRO E 38 -24.04 8.71 -30.14
CA PRO E 38 -24.42 9.65 -31.19
C PRO E 38 -23.28 9.89 -32.19
N ASP E 39 -23.59 9.89 -33.49
CA ASP E 39 -22.57 10.02 -34.51
C ASP E 39 -21.81 11.33 -34.43
N HIS E 40 -22.47 12.39 -33.96
CA HIS E 40 -21.86 13.69 -33.89
C HIS E 40 -20.93 13.87 -32.69
N TYR E 41 -20.84 12.83 -31.86
CA TYR E 41 -19.97 12.85 -30.69
C TYR E 41 -18.91 11.77 -30.80
N LYS E 42 -19.06 10.91 -31.81
CA LYS E 42 -18.25 9.71 -31.93
C LYS E 42 -16.75 9.98 -32.11
N ASN E 43 -16.40 11.07 -32.80
CA ASN E 43 -14.98 11.41 -33.00
C ASN E 43 -14.37 12.20 -31.85
N TYR E 44 -15.17 12.52 -30.84
CA TYR E 44 -14.68 13.37 -29.75
C TYR E 44 -14.65 12.64 -28.43
N ILE E 45 -14.80 11.32 -28.49
CA ILE E 45 -14.85 10.51 -27.30
C ILE E 45 -13.77 9.44 -27.36
N THR E 46 -12.94 9.37 -26.33
CA THR E 46 -11.90 8.36 -26.27
C THR E 46 -12.54 7.01 -26.00
N LYS E 47 -13.28 6.94 -24.91
CA LYS E 47 -13.89 5.70 -24.47
C LYS E 47 -15.07 5.96 -23.52
N VAL E 48 -15.92 4.97 -23.37
CA VAL E 48 -17.05 5.07 -22.44
C VAL E 48 -16.68 4.55 -21.05
N LEU E 49 -16.79 5.43 -20.06
CA LEU E 49 -16.44 5.06 -18.70
C LEU E 49 -17.59 4.32 -18.02
N ILE E 50 -18.76 4.97 -17.97
CA ILE E 50 -19.94 4.36 -17.37
C ILE E 50 -21.18 4.43 -18.27
N PRO E 51 -21.74 3.27 -18.62
CA PRO E 51 -22.97 3.20 -19.44
C PRO E 51 -24.18 3.84 -18.77
N ASN E 52 -25.11 4.34 -19.57
CA ASN E 52 -26.31 5.00 -19.05
C ASN E 52 -27.12 4.11 -18.11
N GLY E 53 -27.13 2.81 -18.40
CA GLY E 53 -27.88 1.88 -17.61
C GLY E 53 -27.34 1.68 -16.20
N VAL E 54 -26.01 1.68 -16.06
CA VAL E 54 -25.40 1.54 -14.73
C VAL E 54 -25.77 2.74 -13.87
N LEU E 55 -25.75 3.92 -14.50
CA LEU E 55 -26.10 5.16 -13.84
C LEU E 55 -27.50 5.06 -13.26
N LYS E 56 -28.45 4.65 -14.10
CA LYS E 56 -29.84 4.53 -13.68
C LYS E 56 -30.02 3.52 -12.57
N ASN E 57 -29.34 2.38 -12.67
CA ASN E 57 -29.42 1.34 -11.65
C ASN E 57 -28.80 1.78 -10.33
N ARG E 58 -27.72 2.55 -10.41
CA ARG E 58 -27.03 3.04 -9.22
C ARG E 58 -27.86 4.12 -8.51
N ILE E 59 -28.38 5.06 -9.30
CA ILE E 59 -29.21 6.12 -8.76
C ILE E 59 -30.44 5.52 -8.08
N GLU E 60 -30.97 4.46 -8.67
CA GLU E 60 -32.11 3.75 -8.11
C GLU E 60 -31.80 3.18 -6.73
N LYS E 61 -30.56 2.75 -6.53
CA LYS E 61 -30.13 2.22 -5.26
C LYS E 61 -29.84 3.37 -4.28
N LEU E 62 -29.33 4.47 -4.81
CA LEU E 62 -29.09 5.65 -3.99
C LEU E 62 -30.40 6.17 -3.41
N ALA E 63 -31.43 6.21 -4.25
CA ALA E 63 -32.76 6.63 -3.84
C ALA E 63 -33.30 5.71 -2.76
N PHE E 64 -32.94 4.44 -2.86
CA PHE E 64 -33.33 3.45 -1.87
C PHE E 64 -32.65 3.76 -0.55
N ASP E 65 -31.37 4.08 -0.62
CA ASP E 65 -30.59 4.43 0.57
C ASP E 65 -31.12 5.70 1.24
N ILE E 66 -31.50 6.68 0.42
CA ILE E 66 -32.05 7.94 0.90
C ILE E 66 -33.39 7.69 1.58
N LYS E 67 -34.21 6.83 0.98
CA LYS E 67 -35.51 6.50 1.53
C LYS E 67 -35.41 5.74 2.86
N GLN E 68 -34.35 4.95 3.00
CA GLN E 68 -34.14 4.15 4.21
C GLN E 68 -33.89 5.00 5.45
N VAL E 69 -33.25 6.15 5.28
CA VAL E 69 -32.88 6.97 6.44
C VAL E 69 -33.89 8.08 6.70
N TYR E 70 -34.69 8.42 5.71
CA TYR E 70 -35.67 9.51 5.80
C TYR E 70 -37.11 9.03 6.03
N ARG E 71 -37.27 7.75 6.33
CA ARG E 71 -38.57 7.08 6.63
C ARG E 71 -39.78 7.81 5.97
N ASN E 72 -40.44 8.75 6.65
CA ASN E 72 -41.54 9.52 6.12
C ASN E 72 -41.39 10.99 6.51
N GLU E 73 -40.18 11.37 6.91
CA GLU E 73 -39.92 12.77 7.23
C GLU E 73 -39.86 13.59 5.96
N GLU E 74 -40.34 14.82 6.05
CA GLU E 74 -40.25 15.73 4.92
C GLU E 74 -38.83 16.25 4.82
N PHE E 75 -38.29 16.23 3.61
CA PHE E 75 -36.95 16.76 3.38
C PHE E 75 -36.92 17.53 2.07
N HIS E 76 -36.14 18.59 2.02
CA HIS E 76 -36.10 19.44 0.84
C HIS E 76 -34.86 19.17 0.00
N VAL E 77 -35.07 18.71 -1.22
CA VAL E 77 -33.97 18.43 -2.13
C VAL E 77 -33.59 19.66 -2.93
N ILE E 78 -32.29 19.91 -3.04
CA ILE E 78 -31.80 21.07 -3.78
C ILE E 78 -31.00 20.64 -5.00
N CYS E 79 -31.50 20.99 -6.18
CA CYS E 79 -30.81 20.66 -7.42
C CYS E 79 -29.81 21.75 -7.82
N LEU E 80 -28.53 21.40 -7.88
CA LEU E 80 -27.51 22.36 -8.29
C LEU E 80 -27.37 22.40 -9.81
N LEU E 81 -28.13 23.31 -10.42
CA LEU E 81 -28.13 23.50 -11.86
C LEU E 81 -26.75 23.95 -12.34
N LYS E 82 -26.38 23.56 -13.57
CA LYS E 82 -27.25 22.80 -14.46
C LYS E 82 -26.67 21.43 -14.84
N GLY E 83 -25.66 21.00 -14.09
CA GLY E 83 -24.99 19.74 -14.37
C GLY E 83 -25.66 18.59 -13.63
N SER E 84 -26.46 18.93 -12.64
CA SER E 84 -27.12 17.94 -11.81
C SER E 84 -28.51 17.55 -12.34
N ARG E 85 -28.90 18.10 -13.49
CA ARG E 85 -30.27 17.89 -13.97
C ARG E 85 -30.60 16.42 -14.16
N GLY E 86 -29.69 15.71 -14.84
CA GLY E 86 -29.88 14.30 -15.12
C GLY E 86 -29.99 13.45 -13.87
N PHE E 87 -29.06 13.67 -12.94
CA PHE E 87 -29.05 12.97 -11.66
C PHE E 87 -30.32 13.28 -10.87
N PHE E 88 -30.72 14.55 -10.87
CA PHE E 88 -31.86 15.02 -10.09
C PHE E 88 -33.17 14.42 -10.58
N SER E 89 -33.38 14.47 -11.91
CA SER E 89 -34.61 13.97 -12.50
C SER E 89 -34.72 12.47 -12.30
N ALA E 90 -33.58 11.78 -12.42
CA ALA E 90 -33.54 10.34 -12.20
C ALA E 90 -33.81 10.00 -10.75
N LEU E 91 -33.33 10.85 -9.84
CA LEU E 91 -33.51 10.62 -8.42
C LEU E 91 -34.98 10.75 -8.03
N LEU E 92 -35.65 11.77 -8.58
CA LEU E 92 -37.07 11.98 -8.29
C LEU E 92 -37.92 10.83 -8.83
N LYS E 93 -37.53 10.32 -9.99
CA LYS E 93 -38.24 9.20 -10.62
C LYS E 93 -38.27 7.98 -9.73
N TYR E 94 -37.11 7.59 -9.22
CA TYR E 94 -37.01 6.42 -8.38
C TYR E 94 -37.49 6.71 -6.98
N LEU E 95 -37.46 7.97 -6.58
CA LEU E 95 -38.04 8.29 -5.30
C LEU E 95 -39.54 8.09 -5.37
N ASN E 96 -40.18 8.58 -6.43
CA ASN E 96 -41.61 8.39 -6.59
C ASN E 96 -42.00 6.91 -6.68
N ARG E 97 -41.20 6.13 -7.39
CA ARG E 97 -41.46 4.70 -7.54
C ARG E 97 -41.46 3.95 -6.21
N ILE E 98 -40.51 4.27 -5.35
CA ILE E 98 -40.41 3.63 -4.05
C ILE E 98 -41.65 4.00 -3.25
N HIS E 99 -42.02 5.27 -3.32
CA HIS E 99 -43.17 5.74 -2.56
C HIS E 99 -44.49 5.14 -3.07
N ASN E 100 -44.54 4.75 -4.34
CA ASN E 100 -45.75 4.16 -4.91
C ASN E 100 -45.78 2.62 -4.82
N TYR E 101 -44.62 1.99 -4.62
CA TYR E 101 -44.51 0.53 -4.63
C TYR E 101 -44.00 -0.11 -3.35
N SER E 102 -43.84 0.65 -2.28
CA SER E 102 -43.29 0.10 -1.05
C SER E 102 -44.36 -0.62 -0.23
N SER E 103 -43.94 -1.68 0.47
CA SER E 103 -44.84 -2.44 1.32
C SER E 103 -45.38 -1.55 2.43
N THR E 104 -44.56 -0.61 2.86
CA THR E 104 -44.95 0.32 3.93
C THR E 104 -45.69 1.50 3.33
N GLU E 105 -46.77 1.91 4.00
CA GLU E 105 -47.58 3.00 3.49
C GLU E 105 -46.95 4.34 3.88
N SER E 106 -47.28 5.39 3.14
CA SER E 106 -46.68 6.70 3.42
C SER E 106 -47.68 7.85 3.39
N PRO E 107 -48.32 8.13 4.54
CA PRO E 107 -49.23 9.27 4.62
C PRO E 107 -48.44 10.56 4.44
N LYS E 108 -49.09 11.62 3.95
CA LYS E 108 -48.45 12.91 3.68
C LYS E 108 -47.46 12.79 2.52
N HIS E 109 -47.09 13.92 1.94
CA HIS E 109 -46.15 13.90 0.82
C HIS E 109 -44.72 13.59 1.25
N LEU E 110 -43.76 14.27 0.63
CA LEU E 110 -42.42 13.72 0.61
C LEU E 110 -41.28 14.70 0.71
N TYR E 111 -40.94 15.21 -0.47
CA TYR E 111 -39.85 16.11 -0.68
C TYR E 111 -40.36 17.37 -1.36
N VAL E 112 -39.65 18.45 -1.13
CA VAL E 112 -39.96 19.70 -1.78
C VAL E 112 -38.71 20.07 -2.54
N GLU E 113 -38.88 20.28 -3.84
CA GLU E 113 -37.78 20.52 -4.75
C GLU E 113 -37.38 21.99 -4.78
N HIS E 114 -36.09 22.24 -4.77
CA HIS E 114 -35.56 23.59 -4.84
C HIS E 114 -34.46 23.65 -5.88
N TYR E 115 -34.28 24.80 -6.51
CA TYR E 115 -33.30 24.90 -7.56
C TYR E 115 -32.39 26.11 -7.39
N VAL E 116 -31.09 25.86 -7.35
CA VAL E 116 -30.11 26.93 -7.31
C VAL E 116 -29.14 26.70 -8.46
N ARG E 117 -28.54 27.76 -8.97
CA ARG E 117 -27.56 27.63 -10.03
C ARG E 117 -26.22 28.23 -9.65
N VAL E 118 -25.18 27.41 -9.70
CA VAL E 118 -23.85 27.83 -9.27
C VAL E 118 -23.20 28.72 -10.34
N GLU E 135 -32.27 33.53 -4.36
CA GLU E 135 -32.16 33.09 -2.97
C GLU E 135 -33.41 33.37 -2.14
N ASP E 136 -34.14 32.30 -1.84
CA ASP E 136 -35.36 32.35 -1.04
C ASP E 136 -35.14 31.27 0.02
N LEU E 137 -33.86 30.98 0.26
CA LEU E 137 -33.44 29.90 1.16
C LEU E 137 -33.78 30.14 2.62
N SER E 138 -34.47 31.24 2.89
CA SER E 138 -34.87 31.57 4.26
C SER E 138 -36.04 30.70 4.72
N CYS E 139 -36.75 30.09 3.76
CA CYS E 139 -37.87 29.22 4.08
C CYS E 139 -37.42 27.80 4.45
N LEU E 140 -36.11 27.57 4.37
CA LEU E 140 -35.54 26.25 4.68
C LEU E 140 -35.21 26.09 6.15
N LYS E 141 -35.53 27.09 6.95
CA LYS E 141 -35.29 27.00 8.40
C LYS E 141 -36.17 25.91 9.01
N ASP E 142 -35.56 25.12 9.91
CA ASP E 142 -36.20 23.97 10.56
C ASP E 142 -36.64 22.92 9.55
N LYS E 143 -35.87 22.79 8.47
CA LYS E 143 -36.15 21.80 7.43
C LYS E 143 -34.97 20.88 7.17
N HIS E 144 -35.25 19.66 6.73
CA HIS E 144 -34.21 18.72 6.32
C HIS E 144 -33.76 19.02 4.90
N VAL E 145 -32.46 19.26 4.72
CA VAL E 145 -31.94 19.63 3.41
C VAL E 145 -31.08 18.53 2.81
N LEU E 146 -31.39 18.16 1.58
CA LEU E 146 -30.58 17.20 0.83
C LEU E 146 -30.06 17.83 -0.45
N ILE E 147 -28.74 18.02 -0.53
CA ILE E 147 -28.13 18.65 -1.70
C ILE E 147 -27.79 17.62 -2.76
N VAL E 148 -28.24 17.88 -3.99
CA VAL E 148 -28.03 16.96 -5.10
C VAL E 148 -26.96 17.48 -6.07
N GLU E 149 -25.75 16.94 -5.95
CA GLU E 149 -24.64 17.38 -6.80
C GLU E 149 -24.20 16.28 -7.76
N ASP E 150 -23.85 16.70 -8.97
CA ASP E 150 -23.43 15.78 -10.02
C ASP E 150 -22.03 15.22 -9.76
N ILE E 151 -21.11 16.10 -9.35
CA ILE E 151 -19.71 15.69 -9.22
C ILE E 151 -18.96 16.51 -8.17
N ILE E 152 -18.13 15.82 -7.39
CA ILE E 152 -17.24 16.47 -6.44
C ILE E 152 -15.80 16.28 -6.89
N ASP E 153 -15.11 17.39 -7.14
CA ASP E 153 -13.73 17.36 -7.57
C ASP E 153 -12.81 17.78 -6.43
N THR E 154 -12.74 19.09 -6.21
CA THR E 154 -11.89 19.65 -5.17
C THR E 154 -12.62 19.84 -3.84
N GLY E 155 -13.95 19.91 -3.89
CA GLY E 155 -14.74 20.05 -2.68
C GLY E 155 -14.87 21.49 -2.21
N LYS E 156 -14.37 22.42 -3.03
CA LYS E 156 -14.40 23.83 -2.68
C LYS E 156 -15.81 24.39 -2.66
N THR E 157 -16.56 24.10 -3.71
CA THR E 157 -17.91 24.64 -3.89
C THR E 157 -18.89 24.19 -2.79
N LEU E 158 -18.86 22.91 -2.45
CA LEU E 158 -19.79 22.37 -1.48
C LEU E 158 -19.44 22.82 -0.07
N LEU E 159 -18.16 23.08 0.17
CA LEU E 159 -17.70 23.55 1.48
C LEU E 159 -18.21 24.95 1.77
N LYS E 160 -18.13 25.84 0.78
CA LYS E 160 -18.56 27.22 0.89
C LYS E 160 -20.07 27.28 1.03
N PHE E 161 -20.73 26.41 0.26
CA PHE E 161 -22.19 26.38 0.20
C PHE E 161 -22.86 25.83 1.45
N CYS E 162 -22.26 24.82 2.05
CA CYS E 162 -22.84 24.23 3.25
C CYS E 162 -22.83 25.15 4.45
N GLU E 163 -21.78 25.94 4.58
CA GLU E 163 -21.70 26.90 5.67
C GLU E 163 -22.65 28.05 5.43
N TYR E 164 -22.74 28.46 4.16
CA TYR E 164 -23.64 29.53 3.77
C TYR E 164 -25.08 29.07 3.98
N LEU E 165 -25.30 27.78 3.79
CA LEU E 165 -26.63 27.22 3.97
C LEU E 165 -26.94 27.12 5.46
N LYS E 166 -25.88 27.09 6.28
CA LYS E 166 -26.04 26.98 7.72
C LYS E 166 -26.45 28.30 8.38
N LYS E 167 -26.28 29.41 7.66
CA LYS E 167 -26.63 30.73 8.19
C LYS E 167 -28.11 30.99 8.06
N PHE E 168 -28.80 30.10 7.35
CA PHE E 168 -30.24 30.19 7.13
C PHE E 168 -30.98 29.31 8.13
N GLU E 169 -30.23 28.86 9.13
CA GLU E 169 -30.74 28.11 10.27
C GLU E 169 -31.54 26.86 9.89
N VAL E 170 -30.96 26.01 9.06
CA VAL E 170 -31.60 24.76 8.67
C VAL E 170 -31.44 23.67 9.74
N LYS E 171 -32.29 22.66 9.70
CA LYS E 171 -32.23 21.57 10.69
C LYS E 171 -31.02 20.67 10.43
N THR E 172 -30.96 20.07 9.25
CA THR E 172 -29.86 19.18 8.87
C THR E 172 -29.40 19.47 7.43
N ILE E 173 -28.16 19.12 7.13
CA ILE E 173 -27.66 19.23 5.76
C ILE E 173 -26.99 17.94 5.31
N ALA E 174 -27.60 17.27 4.34
CA ALA E 174 -27.02 16.06 3.77
C ALA E 174 -26.70 16.29 2.30
N ILE E 175 -25.71 15.57 1.80
CA ILE E 175 -25.31 15.72 0.40
C ILE E 175 -25.31 14.37 -0.30
N THR E 176 -26.03 14.29 -1.42
CA THR E 176 -25.94 13.11 -2.28
C THR E 176 -25.20 13.50 -3.54
N CYS E 177 -24.29 12.63 -3.98
CA CYS E 177 -23.45 12.91 -5.12
C CYS E 177 -23.29 11.70 -6.02
N LEU E 178 -23.35 11.92 -7.33
CA LEU E 178 -23.29 10.83 -8.29
C LEU E 178 -21.87 10.36 -8.57
N PHE E 179 -20.95 11.31 -8.76
CA PHE E 179 -19.54 10.99 -9.01
C PHE E 179 -18.60 11.78 -8.10
N ILE E 180 -17.61 11.10 -7.52
CA ILE E 180 -16.52 11.81 -6.86
C ILE E 180 -15.18 11.46 -7.51
N LYS E 181 -14.44 12.50 -7.92
CA LYS E 181 -13.15 12.29 -8.59
C LYS E 181 -12.04 12.08 -7.59
N ARG E 182 -11.15 11.14 -7.89
CA ARG E 182 -10.00 10.89 -7.04
C ARG E 182 -8.86 11.83 -7.40
N THR E 183 -9.08 13.12 -7.18
CA THR E 183 -8.08 14.15 -7.44
C THR E 183 -7.27 14.40 -6.18
N PRO E 184 -5.95 14.50 -6.30
CA PRO E 184 -5.13 14.84 -5.13
C PRO E 184 -5.43 16.23 -4.57
N LEU E 185 -6.21 17.03 -5.31
CA LEU E 185 -6.61 18.35 -4.85
C LEU E 185 -7.87 18.29 -3.99
N TRP E 186 -8.35 17.08 -3.71
CA TRP E 186 -9.55 16.90 -2.92
C TRP E 186 -9.32 17.40 -1.50
N ASN E 187 -10.27 18.15 -0.95
CA ASN E 187 -10.10 18.76 0.35
C ASN E 187 -10.65 17.91 1.49
N GLY E 188 -11.17 16.73 1.16
CA GLY E 188 -11.65 15.82 2.16
C GLY E 188 -13.15 15.92 2.39
N PHE E 189 -13.83 16.66 1.52
CA PHE E 189 -15.28 16.83 1.63
C PHE E 189 -15.99 15.56 1.15
N LYS E 190 -16.69 14.89 2.05
CA LYS E 190 -17.39 13.65 1.73
C LYS E 190 -18.90 13.80 1.67
N ALA E 191 -19.52 13.14 0.70
CA ALA E 191 -20.98 13.10 0.58
C ALA E 191 -21.57 11.97 1.42
N ASP E 192 -22.86 12.07 1.73
CA ASP E 192 -23.53 11.07 2.56
C ASP E 192 -24.11 9.94 1.71
N PHE E 193 -24.31 10.21 0.43
CA PHE E 193 -24.82 9.22 -0.52
C PHE E 193 -24.06 9.31 -1.84
N VAL E 194 -23.09 8.43 -2.02
CA VAL E 194 -22.20 8.49 -3.18
C VAL E 194 -22.48 7.36 -4.18
N GLY E 195 -22.50 7.71 -5.46
CA GLY E 195 -22.74 6.73 -6.51
C GLY E 195 -21.49 6.06 -7.02
N PHE E 196 -20.58 6.84 -7.59
CA PHE E 196 -19.37 6.29 -8.20
C PHE E 196 -18.11 7.04 -7.74
N SER E 197 -17.01 6.31 -7.66
CA SER E 197 -15.69 6.90 -7.46
C SER E 197 -14.88 6.75 -8.74
N ILE E 198 -14.60 7.87 -9.40
CA ILE E 198 -13.98 7.85 -10.72
C ILE E 198 -12.55 8.41 -10.71
N PRO E 199 -11.71 7.96 -11.65
CA PRO E 199 -10.33 8.43 -11.79
C PRO E 199 -10.21 9.92 -12.02
N ASP E 200 -9.02 10.47 -11.84
CA ASP E 200 -8.77 11.89 -12.04
C ASP E 200 -8.64 12.24 -13.52
N ALA E 201 -9.78 12.22 -14.22
CA ALA E 201 -9.83 12.57 -15.63
C ALA E 201 -11.08 13.38 -15.92
N PHE E 202 -11.04 14.22 -16.94
CA PHE E 202 -12.19 15.04 -17.28
C PHE E 202 -13.26 14.25 -18.05
N VAL E 203 -14.43 14.09 -17.43
CA VAL E 203 -15.50 13.31 -18.02
C VAL E 203 -16.67 14.18 -18.49
N VAL E 204 -17.39 13.72 -19.50
CA VAL E 204 -18.58 14.42 -19.98
C VAL E 204 -19.74 13.45 -20.16
N GLY E 205 -20.92 14.01 -20.41
CA GLY E 205 -22.12 13.20 -20.55
C GLY E 205 -22.98 13.21 -19.30
N TYR E 206 -24.25 12.87 -19.46
CA TYR E 206 -25.22 12.87 -18.37
C TYR E 206 -25.28 14.23 -17.69
N SER E 207 -25.51 15.27 -18.50
CA SER E 207 -25.60 16.67 -18.07
C SER E 207 -24.26 17.27 -17.62
N LEU E 208 -23.18 16.50 -17.72
CA LEU E 208 -21.84 17.03 -17.47
C LEU E 208 -21.23 17.53 -18.77
N ASP E 209 -20.74 18.76 -18.75
CA ASP E 209 -20.40 19.45 -19.98
C ASP E 209 -18.92 19.80 -20.12
N TYR E 210 -18.54 20.08 -21.36
CA TYR E 210 -17.29 20.77 -21.67
C TYR E 210 -17.63 21.94 -22.58
N ASN E 211 -17.67 23.14 -22.00
CA ASN E 211 -18.13 24.35 -22.68
C ASN E 211 -19.54 24.15 -23.23
N GLU E 212 -20.44 23.73 -22.35
CA GLU E 212 -21.85 23.55 -22.65
C GLU E 212 -22.10 22.49 -23.72
N LYS E 213 -21.06 21.72 -24.05
CA LYS E 213 -21.20 20.62 -24.99
C LYS E 213 -21.27 19.29 -24.25
N PHE E 214 -21.69 18.25 -24.95
CA PHE E 214 -21.75 16.88 -24.43
C PHE E 214 -22.76 16.68 -23.28
N ARG E 215 -23.63 17.66 -23.03
CA ARG E 215 -24.60 17.51 -21.96
C ARG E 215 -25.64 16.44 -22.27
N ASP E 216 -26.02 16.34 -23.54
CA ASP E 216 -27.10 15.46 -23.97
C ASP E 216 -26.64 14.01 -24.19
N LEU E 217 -25.36 13.77 -23.96
CA LEU E 217 -24.78 12.43 -24.07
C LEU E 217 -25.23 11.54 -22.90
N ASP E 218 -25.83 10.40 -23.22
CA ASP E 218 -26.45 9.54 -22.21
C ASP E 218 -25.47 8.76 -21.34
N HIS E 219 -24.29 8.50 -21.88
CA HIS E 219 -23.25 7.76 -21.14
C HIS E 219 -22.23 8.72 -20.55
N LEU E 220 -21.51 8.28 -19.53
CA LEU E 220 -20.39 9.05 -18.98
C LEU E 220 -19.12 8.70 -19.75
N CYS E 221 -18.57 9.68 -20.46
CA CYS E 221 -17.46 9.42 -21.37
C CYS E 221 -16.26 10.31 -21.14
N LEU E 222 -15.14 9.95 -21.77
CA LEU E 222 -13.93 10.75 -21.74
C LEU E 222 -13.68 11.45 -23.07
N VAL E 223 -13.39 12.75 -23.02
CA VAL E 223 -13.09 13.53 -24.22
C VAL E 223 -11.65 13.29 -24.65
N ASN E 224 -11.43 13.13 -25.95
CA ASN E 224 -10.08 12.99 -26.49
C ASN E 224 -9.41 14.34 -26.71
N ASP E 225 -8.17 14.32 -27.19
CA ASP E 225 -7.42 15.55 -27.40
C ASP E 225 -8.05 16.41 -28.49
N GLU E 226 -8.60 15.77 -29.52
CA GLU E 226 -9.26 16.47 -30.60
C GLU E 226 -10.55 17.15 -30.14
N GLY E 227 -11.28 16.48 -29.25
CA GLY E 227 -12.53 17.04 -28.75
C GLY E 227 -12.29 18.30 -27.92
N ILE E 228 -11.25 18.25 -27.09
CA ILE E 228 -10.87 19.40 -26.28
C ILE E 228 -10.44 20.57 -27.17
N LYS E 229 -9.67 20.24 -28.19
CA LYS E 229 -9.15 21.25 -29.10
C LYS E 229 -10.27 21.83 -29.95
N LYS E 230 -11.20 20.97 -30.38
CA LYS E 230 -12.31 21.40 -31.22
C LYS E 230 -13.27 22.37 -30.52
N PHE E 231 -13.68 22.05 -29.29
CA PHE E 231 -14.69 22.83 -28.61
C PHE E 231 -14.18 23.75 -27.50
N ARG E 232 -12.88 24.06 -27.51
CA ARG E 232 -12.32 25.00 -26.54
C ARG E 232 -12.71 26.43 -26.88
N THR E 233 -12.97 27.23 -25.85
CA THR E 233 -13.38 28.63 -26.03
C THR E 233 -12.19 29.59 -25.96
N HIS F 5 -20.51 -2.50 -47.23
CA HIS F 5 -21.64 -3.01 -46.47
C HIS F 5 -21.35 -4.40 -45.92
N HIS F 6 -21.96 -4.71 -44.77
CA HIS F 6 -21.78 -6.01 -44.14
C HIS F 6 -22.66 -7.06 -44.79
N LYS F 7 -22.09 -8.20 -45.14
CA LYS F 7 -22.90 -9.30 -45.65
C LYS F 7 -23.75 -9.91 -44.54
N ILE F 8 -24.92 -10.41 -44.92
CA ILE F 8 -25.80 -11.08 -43.99
C ILE F 8 -25.26 -12.49 -43.76
N PRO F 9 -25.00 -12.84 -42.49
CA PRO F 9 -24.39 -14.13 -42.12
C PRO F 9 -25.19 -15.35 -42.54
N ASN F 10 -24.51 -16.29 -43.19
CA ASN F 10 -25.13 -17.54 -43.61
C ASN F 10 -24.15 -18.71 -43.44
N ASN F 11 -23.70 -18.91 -42.21
CA ASN F 11 -22.84 -20.03 -41.86
C ASN F 11 -22.89 -20.28 -40.35
N PRO F 12 -23.98 -20.89 -39.86
CA PRO F 12 -24.26 -21.05 -38.44
C PRO F 12 -23.16 -21.80 -37.68
N GLY F 13 -22.57 -21.11 -36.70
CA GLY F 13 -21.54 -21.68 -35.86
C GLY F 13 -20.16 -21.11 -36.15
N ALA F 14 -20.04 -20.42 -37.28
CA ALA F 14 -18.74 -19.87 -37.69
C ALA F 14 -18.50 -18.51 -37.08
N GLY F 15 -19.51 -17.64 -37.13
CA GLY F 15 -19.37 -16.27 -36.67
C GLY F 15 -18.31 -15.55 -37.47
N GLU F 16 -18.42 -15.67 -38.80
CA GLU F 16 -17.38 -15.19 -39.71
C GLU F 16 -17.05 -13.71 -39.56
N ASN F 17 -18.07 -12.86 -39.56
CA ASN F 17 -17.83 -11.42 -39.45
C ASN F 17 -18.36 -10.83 -38.14
N ALA F 18 -18.41 -11.66 -37.10
CA ALA F 18 -18.92 -11.22 -35.80
C ALA F 18 -17.99 -10.25 -35.10
N LEU F 19 -18.56 -9.17 -34.58
CA LEU F 19 -17.80 -8.20 -33.79
C LEU F 19 -17.60 -8.72 -32.37
N GLU F 20 -16.48 -8.34 -31.76
CA GLU F 20 -16.12 -8.80 -30.42
C GLU F 20 -17.13 -8.33 -29.37
N PRO F 21 -17.50 -9.21 -28.43
CA PRO F 21 -18.48 -8.85 -27.40
C PRO F 21 -17.82 -8.18 -26.20
N ILE F 22 -18.61 -7.84 -25.19
CA ILE F 22 -18.05 -7.34 -23.94
C ILE F 22 -17.40 -8.48 -23.16
N TYR F 23 -16.15 -8.29 -22.77
CA TYR F 23 -15.43 -9.31 -22.04
C TYR F 23 -15.58 -9.12 -20.53
N ILE F 24 -16.46 -9.90 -19.92
CA ILE F 24 -16.60 -9.94 -18.47
C ILE F 24 -15.47 -10.78 -17.91
N LYS F 25 -14.49 -10.14 -17.29
CA LYS F 25 -13.31 -10.83 -16.79
C LYS F 25 -13.64 -11.79 -15.66
N ASP F 26 -12.74 -12.76 -15.44
CA ASP F 26 -12.90 -13.72 -14.35
C ASP F 26 -12.73 -13.08 -12.98
N ASP F 27 -13.85 -12.98 -12.26
CA ASP F 27 -13.89 -12.51 -10.87
C ASP F 27 -13.92 -10.98 -10.79
N ASP F 28 -14.87 -10.40 -11.50
CA ASP F 28 -15.17 -8.98 -11.34
C ASP F 28 -16.69 -8.83 -11.25
N GLY F 29 -17.15 -7.67 -10.79
CA GLY F 29 -18.57 -7.44 -10.63
C GLY F 29 -18.83 -6.59 -9.41
N TYR F 30 -20.02 -6.70 -8.85
CA TYR F 30 -20.40 -5.82 -7.76
C TYR F 30 -21.05 -6.62 -6.64
N ASP F 31 -20.93 -6.12 -5.42
CA ASP F 31 -21.55 -6.79 -4.29
C ASP F 31 -23.06 -6.56 -4.29
N ILE F 32 -23.75 -7.18 -3.35
CA ILE F 32 -25.20 -7.16 -3.29
C ILE F 32 -25.76 -5.76 -3.04
N ASP F 33 -25.13 -5.04 -2.11
CA ASP F 33 -25.61 -3.73 -1.69
C ASP F 33 -25.32 -2.64 -2.72
N THR F 34 -24.81 -3.02 -3.88
CA THR F 34 -24.47 -2.07 -4.92
C THR F 34 -25.72 -1.62 -5.67
N PHE F 35 -26.54 -2.59 -6.08
CA PHE F 35 -27.77 -2.28 -6.79
C PHE F 35 -28.98 -2.75 -6.00
N LEU F 36 -30.17 -2.49 -6.53
CA LEU F 36 -31.39 -2.90 -5.88
C LEU F 36 -31.69 -4.35 -6.22
N ILE F 37 -31.69 -5.20 -5.20
CA ILE F 37 -31.98 -6.63 -5.32
C ILE F 37 -33.20 -6.98 -4.45
N PRO F 38 -34.12 -7.80 -4.99
CA PRO F 38 -35.26 -8.27 -4.18
C PRO F 38 -34.86 -8.95 -2.85
N ASP F 39 -35.56 -8.65 -1.76
CA ASP F 39 -35.21 -9.21 -0.45
C ASP F 39 -35.25 -10.72 -0.39
N HIS F 40 -36.13 -11.32 -1.19
CA HIS F 40 -36.32 -12.76 -1.17
C HIS F 40 -35.25 -13.51 -1.96
N TYR F 41 -34.36 -12.76 -2.62
CA TYR F 41 -33.27 -13.36 -3.38
C TYR F 41 -31.89 -12.94 -2.84
N LYS F 42 -31.86 -11.98 -1.91
CA LYS F 42 -30.60 -11.40 -1.45
C LYS F 42 -29.66 -12.37 -0.77
N ASN F 43 -30.23 -13.31 -0.03
CA ASN F 43 -29.43 -14.26 0.73
C ASN F 43 -29.00 -15.47 -0.09
N TYR F 44 -29.41 -15.51 -1.35
CA TYR F 44 -29.12 -16.66 -2.21
C TYR F 44 -28.26 -16.26 -3.40
N ILE F 45 -27.68 -15.06 -3.33
CA ILE F 45 -26.85 -14.54 -4.42
C ILE F 45 -25.45 -14.18 -3.94
N THR F 46 -24.44 -14.69 -4.63
CA THR F 46 -23.06 -14.36 -4.30
C THR F 46 -22.74 -12.92 -4.67
N LYS F 47 -22.97 -12.56 -5.93
CA LYS F 47 -22.67 -11.23 -6.42
C LYS F 47 -23.46 -10.89 -7.69
N VAL F 48 -23.52 -9.60 -8.02
CA VAL F 48 -24.11 -9.17 -9.27
C VAL F 48 -23.03 -9.17 -10.35
N LEU F 49 -23.24 -9.97 -11.39
CA LEU F 49 -22.26 -10.07 -12.46
C LEU F 49 -22.42 -8.94 -13.47
N ILE F 50 -23.61 -8.82 -14.04
CA ILE F 50 -23.90 -7.75 -15.00
C ILE F 50 -25.18 -7.01 -14.62
N PRO F 51 -25.07 -5.69 -14.39
CA PRO F 51 -26.23 -4.85 -14.06
C PRO F 51 -27.29 -4.86 -15.16
N ASN F 52 -28.55 -4.66 -14.78
CA ASN F 52 -29.65 -4.66 -15.72
C ASN F 52 -29.49 -3.64 -16.84
N GLY F 53 -28.90 -2.50 -16.51
CA GLY F 53 -28.73 -1.43 -17.48
C GLY F 53 -27.72 -1.74 -18.57
N VAL F 54 -26.65 -2.43 -18.20
CA VAL F 54 -25.64 -2.82 -19.19
C VAL F 54 -26.25 -3.76 -20.22
N LEU F 55 -27.07 -4.69 -19.75
CA LEU F 55 -27.75 -5.63 -20.63
C LEU F 55 -28.56 -4.88 -21.67
N LYS F 56 -29.41 -3.97 -21.21
CA LYS F 56 -30.26 -3.18 -22.09
C LYS F 56 -29.45 -2.33 -23.06
N ASN F 57 -28.36 -1.73 -22.57
CA ASN F 57 -27.52 -0.90 -23.44
C ASN F 57 -26.81 -1.71 -24.53
N ARG F 58 -26.40 -2.93 -24.20
CA ARG F 58 -25.74 -3.80 -25.18
C ARG F 58 -26.74 -4.31 -26.20
N ILE F 59 -27.90 -4.74 -25.73
CA ILE F 59 -28.95 -5.22 -26.59
C ILE F 59 -29.39 -4.12 -27.55
N GLU F 60 -29.41 -2.89 -27.03
CA GLU F 60 -29.74 -1.73 -27.86
C GLU F 60 -28.71 -1.58 -28.98
N LYS F 61 -27.46 -1.91 -28.68
CA LYS F 61 -26.39 -1.86 -29.68
C LYS F 61 -26.42 -3.07 -30.60
N LEU F 62 -26.77 -4.23 -30.05
CA LEU F 62 -26.91 -5.45 -30.84
C LEU F 62 -28.02 -5.27 -31.87
N ALA F 63 -29.13 -4.68 -31.45
CA ALA F 63 -30.26 -4.40 -32.34
C ALA F 63 -29.84 -3.48 -33.48
N PHE F 64 -28.94 -2.55 -33.17
CA PHE F 64 -28.42 -1.66 -34.20
C PHE F 64 -27.57 -2.43 -35.21
N ASP F 65 -26.71 -3.31 -34.70
CA ASP F 65 -25.85 -4.13 -35.55
C ASP F 65 -26.66 -5.08 -36.43
N ILE F 66 -27.73 -5.65 -35.87
CA ILE F 66 -28.61 -6.56 -36.60
C ILE F 66 -29.33 -5.82 -37.72
N LYS F 67 -29.81 -4.62 -37.44
CA LYS F 67 -30.54 -3.82 -38.42
C LYS F 67 -29.63 -3.37 -39.57
N GLN F 68 -28.34 -3.22 -39.28
CA GLN F 68 -27.38 -2.77 -40.29
C GLN F 68 -27.25 -3.77 -41.43
N VAL F 69 -27.41 -5.05 -41.13
CA VAL F 69 -27.22 -6.08 -42.15
C VAL F 69 -28.54 -6.55 -42.76
N TYR F 70 -29.65 -6.27 -42.09
CA TYR F 70 -30.95 -6.71 -42.60
C TYR F 70 -31.80 -5.56 -43.18
N ARG F 71 -31.24 -4.35 -43.28
CA ARG F 71 -31.94 -3.22 -43.90
C ARG F 71 -32.47 -3.50 -45.30
N ASN F 72 -33.80 -3.42 -45.44
CA ASN F 72 -34.58 -3.57 -46.69
C ASN F 72 -34.89 -5.03 -47.00
N GLU F 73 -34.73 -5.90 -46.01
CA GLU F 73 -35.09 -7.31 -46.19
C GLU F 73 -35.98 -7.78 -45.06
N GLU F 74 -36.95 -8.64 -45.34
CA GLU F 74 -37.76 -9.22 -44.26
C GLU F 74 -36.99 -10.36 -43.61
N PHE F 75 -37.01 -10.43 -42.28
CA PHE F 75 -36.34 -11.52 -41.57
C PHE F 75 -37.20 -12.05 -40.42
N HIS F 76 -37.10 -13.35 -40.17
CA HIS F 76 -37.91 -13.99 -39.15
C HIS F 76 -37.09 -14.30 -37.90
N VAL F 77 -37.44 -13.65 -36.78
CA VAL F 77 -36.74 -13.87 -35.53
C VAL F 77 -37.39 -15.01 -34.74
N ILE F 78 -36.55 -15.89 -34.20
CA ILE F 78 -37.03 -17.03 -33.46
C ILE F 78 -36.65 -16.98 -31.98
N CYS F 79 -37.65 -16.88 -31.12
CA CYS F 79 -37.41 -16.82 -29.69
C CYS F 79 -37.32 -18.22 -29.08
N LEU F 80 -36.15 -18.55 -28.54
CA LEU F 80 -35.93 -19.84 -27.91
C LEU F 80 -36.40 -19.82 -26.46
N LEU F 81 -37.66 -20.21 -26.26
CA LEU F 81 -38.28 -20.24 -24.94
C LEU F 81 -37.57 -21.21 -24.00
N LYS F 82 -37.54 -20.89 -22.71
CA LYS F 82 -38.17 -19.67 -22.20
C LYS F 82 -37.14 -18.73 -21.58
N GLY F 83 -35.87 -18.99 -21.86
CA GLY F 83 -34.79 -18.20 -21.30
C GLY F 83 -34.44 -17.00 -22.14
N SER F 84 -34.87 -17.01 -23.41
CA SER F 84 -34.54 -15.93 -24.31
C SER F 84 -35.61 -14.84 -24.32
N ARG F 85 -36.67 -15.03 -23.53
CA ARG F 85 -37.84 -14.15 -23.58
C ARG F 85 -37.47 -12.69 -23.23
N GLY F 86 -36.73 -12.51 -22.15
CA GLY F 86 -36.30 -11.18 -21.75
C GLY F 86 -35.41 -10.54 -22.80
N PHE F 87 -34.45 -11.33 -23.28
CA PHE F 87 -33.57 -10.90 -24.35
C PHE F 87 -34.37 -10.58 -25.61
N PHE F 88 -35.35 -11.43 -25.91
CA PHE F 88 -36.15 -11.32 -27.12
C PHE F 88 -37.02 -10.06 -27.10
N SER F 89 -37.72 -9.85 -25.99
CA SER F 89 -38.63 -8.71 -25.87
C SER F 89 -37.85 -7.39 -25.87
N ALA F 90 -36.70 -7.39 -25.22
CA ALA F 90 -35.84 -6.20 -25.21
C ALA F 90 -35.33 -5.91 -26.61
N LEU F 91 -35.05 -6.98 -27.36
CA LEU F 91 -34.54 -6.86 -28.71
C LEU F 91 -35.59 -6.24 -29.64
N LEU F 92 -36.83 -6.70 -29.51
CA LEU F 92 -37.93 -6.17 -30.31
C LEU F 92 -38.20 -4.72 -29.98
N LYS F 93 -38.07 -4.40 -28.70
CA LYS F 93 -38.30 -3.04 -28.22
C LYS F 93 -37.40 -2.05 -28.96
N TYR F 94 -36.12 -2.37 -29.07
CA TYR F 94 -35.16 -1.48 -29.72
C TYR F 94 -35.21 -1.58 -31.24
N LEU F 95 -35.66 -2.72 -31.76
CA LEU F 95 -35.85 -2.87 -33.19
C LEU F 95 -37.02 -1.99 -33.64
N ASN F 96 -38.10 -2.03 -32.87
CA ASN F 96 -39.24 -1.15 -33.11
C ASN F 96 -38.83 0.31 -32.99
N ARG F 97 -37.97 0.60 -32.03
CA ARG F 97 -37.49 1.95 -31.78
C ARG F 97 -36.83 2.55 -33.02
N ILE F 98 -36.01 1.75 -33.69
CA ILE F 98 -35.33 2.17 -34.90
C ILE F 98 -36.34 2.38 -36.04
N HIS F 99 -37.29 1.46 -36.16
CA HIS F 99 -38.33 1.53 -37.19
C HIS F 99 -39.24 2.75 -37.00
N ASN F 100 -39.34 3.23 -35.78
CA ASN F 100 -40.24 4.33 -35.46
C ASN F 100 -39.61 5.69 -35.74
N TYR F 101 -38.29 5.72 -35.90
CA TYR F 101 -37.61 6.99 -36.12
C TYR F 101 -36.94 7.05 -37.49
N SER F 102 -37.01 5.95 -38.24
CA SER F 102 -36.42 5.94 -39.58
C SER F 102 -37.54 6.03 -40.63
N SER F 103 -37.54 7.11 -41.40
CA SER F 103 -38.53 7.32 -42.45
C SER F 103 -38.45 6.33 -43.60
N THR F 104 -37.24 5.84 -43.90
CA THR F 104 -37.10 4.93 -45.03
C THR F 104 -37.42 3.51 -44.63
N GLU F 105 -38.72 3.20 -44.51
CA GLU F 105 -39.13 1.87 -44.09
C GLU F 105 -40.21 1.31 -45.03
N SER F 106 -40.35 0.00 -45.09
CA SER F 106 -41.35 -0.65 -45.95
C SER F 106 -42.05 -1.76 -45.16
N PRO F 107 -43.40 -1.78 -45.13
CA PRO F 107 -44.07 -2.81 -44.33
C PRO F 107 -43.89 -4.25 -44.81
N LYS F 108 -43.22 -4.47 -45.93
CA LYS F 108 -43.00 -5.84 -46.39
C LYS F 108 -41.61 -6.34 -46.01
N HIS F 109 -40.79 -5.40 -45.53
CA HIS F 109 -39.44 -5.66 -45.06
C HIS F 109 -39.26 -5.37 -43.57
N LEU F 110 -39.73 -6.24 -42.70
CA LEU F 110 -39.61 -5.96 -41.28
C LEU F 110 -39.16 -7.22 -40.57
N TYR F 111 -39.79 -7.55 -39.45
CA TYR F 111 -39.45 -8.81 -38.80
C TYR F 111 -40.72 -9.58 -38.49
N VAL F 112 -40.61 -10.90 -38.48
CA VAL F 112 -41.74 -11.75 -38.13
C VAL F 112 -41.35 -12.60 -36.95
N GLU F 113 -42.14 -12.53 -35.88
CA GLU F 113 -41.81 -13.23 -34.64
C GLU F 113 -42.30 -14.68 -34.66
N HIS F 114 -41.44 -15.58 -34.20
CA HIS F 114 -41.76 -17.00 -34.08
C HIS F 114 -41.30 -17.53 -32.73
N TYR F 115 -41.97 -18.56 -32.22
CA TYR F 115 -41.60 -19.09 -30.92
C TYR F 115 -41.45 -20.61 -30.96
N VAL F 116 -40.28 -21.09 -30.56
CA VAL F 116 -40.00 -22.53 -30.49
C VAL F 116 -39.50 -22.91 -29.09
N ARG F 117 -39.66 -24.18 -28.73
CA ARG F 117 -39.11 -24.68 -27.48
C ARG F 117 -38.15 -25.85 -27.67
N VAL F 118 -36.92 -25.67 -27.22
CA VAL F 118 -35.88 -26.69 -27.39
C VAL F 118 -35.44 -27.28 -26.05
N LYS F 119 -35.50 -28.60 -25.94
CA LYS F 119 -35.08 -29.30 -24.72
C LYS F 119 -33.93 -30.25 -25.04
N SER F 120 -33.15 -30.60 -24.02
CA SER F 120 -32.05 -31.55 -24.22
C SER F 120 -32.23 -32.80 -23.34
N ILE F 130 -33.53 -34.10 -26.98
CA ILE F 130 -33.77 -33.07 -27.99
C ILE F 130 -35.20 -33.11 -28.56
N GLU F 131 -36.06 -32.26 -28.02
CA GLU F 131 -37.45 -32.20 -28.43
C GLU F 131 -37.83 -30.79 -28.88
N ILE F 132 -38.62 -30.67 -29.96
CA ILE F 132 -38.98 -29.35 -30.45
C ILE F 132 -40.48 -29.12 -30.36
N VAL F 133 -40.86 -28.10 -29.61
CA VAL F 133 -42.24 -27.68 -29.49
C VAL F 133 -42.48 -26.36 -30.17
N SER F 134 -43.12 -26.40 -31.33
CA SER F 134 -43.36 -25.17 -32.07
C SER F 134 -44.54 -25.31 -33.01
N GLU F 135 -44.64 -24.40 -33.97
CA GLU F 135 -45.67 -24.44 -34.97
C GLU F 135 -45.01 -25.03 -36.23
N ASP F 136 -45.63 -24.87 -37.39
CA ASP F 136 -45.14 -25.45 -38.63
C ASP F 136 -43.99 -24.59 -39.18
N LEU F 137 -42.78 -25.13 -39.14
CA LEU F 137 -41.59 -24.40 -39.53
C LEU F 137 -41.42 -24.38 -41.05
N SER F 138 -42.39 -24.92 -41.78
CA SER F 138 -42.32 -24.95 -43.25
C SER F 138 -42.56 -23.57 -43.84
N CYS F 139 -43.12 -22.66 -43.05
CA CYS F 139 -43.38 -21.32 -43.55
C CYS F 139 -42.11 -20.48 -43.55
N LEU F 140 -41.03 -21.04 -43.03
CA LEU F 140 -39.76 -20.33 -42.98
C LEU F 140 -38.91 -20.61 -44.22
N LYS F 141 -39.47 -21.39 -45.15
CA LYS F 141 -38.75 -21.69 -46.39
C LYS F 141 -38.54 -20.43 -47.21
N ASP F 142 -37.34 -20.28 -47.76
CA ASP F 142 -36.93 -19.11 -48.54
C ASP F 142 -37.04 -17.83 -47.71
N LYS F 143 -36.79 -17.94 -46.41
CA LYS F 143 -36.84 -16.79 -45.52
C LYS F 143 -35.51 -16.59 -44.79
N HIS F 144 -35.21 -15.35 -44.42
CA HIS F 144 -34.03 -15.09 -43.59
C HIS F 144 -34.37 -15.39 -42.13
N VAL F 145 -33.63 -16.29 -41.51
CA VAL F 145 -33.92 -16.69 -40.14
C VAL F 145 -32.85 -16.21 -39.15
N LEU F 146 -33.31 -15.54 -38.09
CA LEU F 146 -32.43 -15.10 -37.01
C LEU F 146 -32.85 -15.73 -35.68
N ILE F 147 -31.97 -16.59 -35.15
CA ILE F 147 -32.25 -17.28 -33.90
C ILE F 147 -31.78 -16.45 -32.71
N VAL F 148 -32.66 -16.23 -31.75
CA VAL F 148 -32.34 -15.44 -30.57
C VAL F 148 -32.19 -16.32 -29.35
N GLU F 149 -30.94 -16.59 -28.96
CA GLU F 149 -30.64 -17.48 -27.85
C GLU F 149 -30.09 -16.73 -26.66
N ASP F 150 -30.49 -17.18 -25.47
CA ASP F 150 -30.08 -16.54 -24.22
C ASP F 150 -28.61 -16.80 -23.86
N ILE F 151 -28.17 -18.04 -24.00
CA ILE F 151 -26.82 -18.41 -23.58
C ILE F 151 -26.27 -19.63 -24.33
N ILE F 152 -24.98 -19.57 -24.64
CA ILE F 152 -24.27 -20.70 -25.25
C ILE F 152 -23.26 -21.25 -24.25
N ASP F 153 -23.40 -22.51 -23.88
CA ASP F 153 -22.45 -23.14 -22.97
C ASP F 153 -21.56 -24.08 -23.75
N THR F 154 -22.11 -25.25 -24.09
CA THR F 154 -21.35 -26.25 -24.84
C THR F 154 -21.57 -26.09 -26.34
N GLY F 155 -22.66 -25.44 -26.72
CA GLY F 155 -22.94 -25.18 -28.13
C GLY F 155 -23.59 -26.37 -28.80
N LYS F 156 -23.90 -27.37 -27.99
CA LYS F 156 -24.49 -28.61 -28.46
C LYS F 156 -25.92 -28.38 -28.96
N THR F 157 -26.69 -27.63 -28.18
CA THR F 157 -28.10 -27.35 -28.49
C THR F 157 -28.28 -26.58 -29.80
N LEU F 158 -27.50 -25.52 -29.98
CA LEU F 158 -27.64 -24.67 -31.16
C LEU F 158 -27.10 -25.35 -32.42
N LEU F 159 -26.12 -26.23 -32.24
CA LEU F 159 -25.56 -26.98 -33.36
C LEU F 159 -26.59 -27.93 -33.94
N LYS F 160 -27.28 -28.65 -33.06
CA LYS F 160 -28.30 -29.60 -33.45
C LYS F 160 -29.51 -28.88 -34.01
N PHE F 161 -29.84 -27.74 -33.42
CA PHE F 161 -31.03 -26.99 -33.81
C PHE F 161 -30.85 -26.31 -35.17
N CYS F 162 -29.65 -25.80 -35.43
CA CYS F 162 -29.37 -25.15 -36.70
C CYS F 162 -29.35 -26.17 -37.83
N GLU F 163 -28.91 -27.39 -37.55
CA GLU F 163 -28.91 -28.44 -38.56
C GLU F 163 -30.33 -28.87 -38.86
N TYR F 164 -31.15 -28.91 -37.81
CA TYR F 164 -32.56 -29.25 -37.95
C TYR F 164 -33.32 -28.20 -38.74
N LEU F 165 -32.93 -26.94 -38.61
CA LEU F 165 -33.60 -25.87 -39.32
C LEU F 165 -33.22 -25.87 -40.79
N LYS F 166 -32.12 -26.55 -41.12
CA LYS F 166 -31.62 -26.62 -42.48
C LYS F 166 -32.51 -27.53 -43.32
N LYS F 167 -33.39 -28.24 -42.63
CA LYS F 167 -34.30 -29.18 -43.26
C LYS F 167 -35.51 -28.54 -43.89
N PHE F 168 -35.74 -27.27 -43.55
CA PHE F 168 -36.90 -26.57 -44.05
C PHE F 168 -36.55 -25.66 -45.21
N GLU F 169 -35.34 -25.82 -45.73
CA GLU F 169 -34.89 -25.06 -46.89
C GLU F 169 -35.02 -23.56 -46.66
N VAL F 170 -34.44 -23.09 -45.56
CA VAL F 170 -34.44 -21.66 -45.25
C VAL F 170 -33.35 -20.98 -46.07
N LYS F 171 -33.49 -19.67 -46.26
CA LYS F 171 -32.53 -18.91 -47.06
C LYS F 171 -31.22 -18.71 -46.29
N THR F 172 -31.29 -18.09 -45.12
CA THR F 172 -30.11 -17.86 -44.29
C THR F 172 -30.38 -18.21 -42.84
N ILE F 173 -29.31 -18.54 -42.10
CA ILE F 173 -29.43 -18.77 -40.67
C ILE F 173 -28.37 -17.98 -39.92
N ALA F 174 -28.83 -17.00 -39.15
CA ALA F 174 -27.95 -16.19 -38.32
C ALA F 174 -28.30 -16.37 -36.85
N ILE F 175 -27.32 -16.21 -35.98
CA ILE F 175 -27.54 -16.39 -34.55
C ILE F 175 -27.09 -15.18 -33.75
N THR F 176 -27.99 -14.65 -32.94
CA THR F 176 -27.61 -13.63 -31.97
C THR F 176 -27.68 -14.25 -30.58
N CYS F 177 -26.69 -13.96 -29.74
CA CYS F 177 -26.64 -14.56 -28.42
C CYS F 177 -26.24 -13.53 -27.39
N LEU F 178 -26.89 -13.56 -26.23
CA LEU F 178 -26.63 -12.58 -25.19
C LEU F 178 -25.38 -12.92 -24.38
N PHE F 179 -25.26 -14.20 -24.02
CA PHE F 179 -24.11 -14.64 -23.23
C PHE F 179 -23.44 -15.88 -23.84
N ILE F 180 -22.13 -15.85 -23.94
CA ILE F 180 -21.38 -17.06 -24.27
C ILE F 180 -20.41 -17.39 -23.13
N LYS F 181 -20.50 -18.62 -22.62
CA LYS F 181 -19.64 -19.04 -21.52
C LYS F 181 -18.30 -19.56 -22.02
N ARG F 182 -17.24 -19.20 -21.31
CA ARG F 182 -15.90 -19.66 -21.62
C ARG F 182 -15.64 -21.03 -20.99
N THR F 183 -16.39 -22.03 -21.44
CA THR F 183 -16.24 -23.40 -20.97
C THR F 183 -15.29 -24.18 -21.85
N PRO F 184 -14.38 -24.96 -21.25
CA PRO F 184 -13.50 -25.82 -22.04
C PRO F 184 -14.26 -26.92 -22.79
N LEU F 185 -15.54 -27.10 -22.47
CA LEU F 185 -16.40 -28.06 -23.15
C LEU F 185 -17.06 -27.50 -24.41
N TRP F 186 -16.68 -26.28 -24.77
CA TRP F 186 -17.25 -25.60 -25.93
C TRP F 186 -16.90 -26.32 -27.24
N ASN F 187 -17.89 -26.49 -28.11
CA ASN F 187 -17.69 -27.25 -29.35
C ASN F 187 -17.32 -26.37 -30.53
N GLY F 188 -17.17 -25.08 -30.29
CA GLY F 188 -16.72 -24.16 -31.31
C GLY F 188 -17.83 -23.43 -32.05
N PHE F 189 -19.05 -23.54 -31.56
CA PHE F 189 -20.19 -22.88 -32.19
C PHE F 189 -20.21 -21.39 -31.86
N LYS F 190 -20.04 -20.56 -32.87
CA LYS F 190 -20.00 -19.10 -32.68
C LYS F 190 -21.24 -18.40 -33.22
N ALA F 191 -21.73 -17.41 -32.47
CA ALA F 191 -22.85 -16.58 -32.92
C ALA F 191 -22.37 -15.39 -33.74
N ASP F 192 -23.28 -14.83 -34.53
CA ASP F 192 -22.95 -13.71 -35.41
C ASP F 192 -23.13 -12.35 -34.72
N PHE F 193 -23.92 -12.34 -33.66
CA PHE F 193 -24.16 -11.12 -32.87
C PHE F 193 -24.08 -11.48 -31.39
N VAL F 194 -22.93 -11.21 -30.77
CA VAL F 194 -22.72 -11.63 -29.39
C VAL F 194 -22.75 -10.44 -28.45
N GLY F 195 -23.40 -10.62 -27.31
CA GLY F 195 -23.52 -9.58 -26.31
C GLY F 195 -22.37 -9.60 -25.31
N PHE F 196 -22.26 -10.69 -24.57
CA PHE F 196 -21.24 -10.81 -23.51
C PHE F 196 -20.49 -12.14 -23.55
N SER F 197 -19.23 -12.09 -23.13
CA SER F 197 -18.44 -13.30 -22.88
C SER F 197 -18.22 -13.42 -21.37
N ILE F 198 -18.82 -14.43 -20.75
CA ILE F 198 -18.81 -14.55 -19.29
C ILE F 198 -17.98 -15.77 -18.83
N PRO F 199 -17.45 -15.71 -17.58
CA PRO F 199 -16.68 -16.82 -17.01
C PRO F 199 -17.48 -18.12 -16.91
N ASP F 200 -16.79 -19.23 -16.69
CA ASP F 200 -17.45 -20.51 -16.57
C ASP F 200 -18.05 -20.69 -15.17
N ALA F 201 -19.15 -19.98 -14.92
CA ALA F 201 -19.87 -20.08 -13.66
C ALA F 201 -21.36 -20.03 -13.93
N PHE F 202 -22.14 -20.65 -13.05
CA PHE F 202 -23.58 -20.72 -13.24
C PHE F 202 -24.27 -19.41 -12.85
N VAL F 203 -24.89 -18.77 -13.85
CA VAL F 203 -25.54 -17.48 -13.65
C VAL F 203 -27.06 -17.58 -13.73
N VAL F 204 -27.74 -16.69 -13.01
CA VAL F 204 -29.19 -16.60 -13.05
C VAL F 204 -29.62 -15.15 -13.20
N GLY F 205 -30.91 -14.93 -13.43
CA GLY F 205 -31.42 -13.60 -13.61
C GLY F 205 -31.65 -13.30 -15.08
N TYR F 206 -32.48 -12.30 -15.37
CA TYR F 206 -32.81 -11.93 -16.73
C TYR F 206 -33.32 -13.12 -17.55
N SER F 207 -34.36 -13.76 -17.02
CA SER F 207 -35.01 -14.93 -17.64
C SER F 207 -34.15 -16.20 -17.63
N LEU F 208 -32.97 -16.13 -17.03
CA LEU F 208 -32.15 -17.32 -16.83
C LEU F 208 -32.41 -17.92 -15.45
N ASP F 209 -32.67 -19.22 -15.40
CA ASP F 209 -33.21 -19.85 -14.20
C ASP F 209 -32.31 -20.90 -13.57
N TYR F 210 -32.61 -21.21 -12.30
CA TYR F 210 -32.11 -22.41 -11.64
C TYR F 210 -33.32 -23.13 -11.04
N ASN F 211 -33.79 -24.17 -11.73
CA ASN F 211 -35.03 -24.86 -11.37
C ASN F 211 -36.22 -23.91 -11.30
N GLU F 212 -36.44 -23.18 -12.39
CA GLU F 212 -37.58 -22.27 -12.56
C GLU F 212 -37.57 -21.10 -11.57
N LYS F 213 -36.48 -20.93 -10.84
CA LYS F 213 -36.34 -19.79 -9.94
C LYS F 213 -35.42 -18.73 -10.53
N PHE F 214 -35.47 -17.53 -9.93
CA PHE F 214 -34.59 -16.41 -10.28
C PHE F 214 -34.79 -15.81 -11.68
N ARG F 215 -35.85 -16.21 -12.39
CA ARG F 215 -36.08 -15.67 -13.73
C ARG F 215 -36.46 -14.20 -13.69
N ASP F 216 -37.20 -13.81 -12.65
CA ASP F 216 -37.72 -12.45 -12.53
C ASP F 216 -36.68 -11.46 -11.99
N LEU F 217 -35.47 -11.96 -11.74
CA LEU F 217 -34.36 -11.14 -11.29
C LEU F 217 -33.83 -10.26 -12.44
N ASP F 218 -33.78 -8.95 -12.24
CA ASP F 218 -33.41 -8.04 -13.33
C ASP F 218 -31.92 -8.05 -13.66
N HIS F 219 -31.09 -8.38 -12.67
CA HIS F 219 -29.64 -8.42 -12.87
C HIS F 219 -29.16 -9.84 -13.12
N LEU F 220 -28.01 -9.96 -13.77
CA LEU F 220 -27.38 -11.27 -13.94
C LEU F 220 -26.49 -11.56 -12.74
N CYS F 221 -26.82 -12.60 -11.99
CA CYS F 221 -26.14 -12.86 -10.72
C CYS F 221 -25.61 -14.28 -10.61
N LEU F 222 -24.77 -14.51 -9.61
CA LEU F 222 -24.24 -15.84 -9.32
C LEU F 222 -24.90 -16.46 -8.10
N VAL F 223 -25.34 -17.70 -8.21
CA VAL F 223 -25.96 -18.40 -7.11
C VAL F 223 -24.92 -18.94 -6.14
N ASN F 224 -25.14 -18.76 -4.85
CA ASN F 224 -24.27 -19.31 -3.83
C ASN F 224 -24.65 -20.76 -3.54
N ASP F 225 -23.90 -21.43 -2.66
CA ASP F 225 -24.18 -22.83 -2.37
C ASP F 225 -25.52 -23.03 -1.68
N GLU F 226 -25.89 -22.08 -0.82
CA GLU F 226 -27.16 -22.18 -0.09
C GLU F 226 -28.33 -22.08 -1.06
N GLY F 227 -28.18 -21.22 -2.08
CA GLY F 227 -29.21 -21.05 -3.08
C GLY F 227 -29.38 -22.32 -3.89
N ILE F 228 -28.26 -22.95 -4.21
CA ILE F 228 -28.25 -24.21 -4.95
C ILE F 228 -28.94 -25.32 -4.16
N LYS F 229 -28.64 -25.37 -2.86
CA LYS F 229 -29.20 -26.39 -1.99
C LYS F 229 -30.69 -26.19 -1.71
N LYS F 230 -31.11 -24.94 -1.52
CA LYS F 230 -32.50 -24.64 -1.17
C LYS F 230 -33.49 -25.04 -2.26
N PHE F 231 -33.16 -24.73 -3.51
CA PHE F 231 -34.09 -24.96 -4.61
C PHE F 231 -33.66 -26.17 -5.44
N ARG F 232 -32.91 -27.07 -4.82
CA ARG F 232 -32.49 -28.30 -5.51
C ARG F 232 -33.65 -29.28 -5.69
N THR F 233 -33.65 -29.96 -6.83
CA THR F 233 -34.69 -30.93 -7.14
C THR F 233 -34.29 -32.34 -6.75
N LYS G 7 24.60 -58.92 -11.79
CA LYS G 7 24.20 -60.33 -11.79
C LYS G 7 23.63 -60.69 -10.42
N ILE G 8 22.66 -61.60 -10.38
CA ILE G 8 22.08 -62.01 -9.11
C ILE G 8 23.00 -63.01 -8.42
N PRO G 9 23.46 -62.70 -7.20
CA PRO G 9 24.35 -63.67 -6.55
C PRO G 9 23.61 -64.98 -6.27
N ASN G 10 24.18 -66.10 -6.72
CA ASN G 10 23.58 -67.40 -6.49
C ASN G 10 24.66 -68.42 -6.18
N ASN G 11 25.37 -68.15 -5.10
CA ASN G 11 26.39 -69.05 -4.60
C ASN G 11 26.57 -68.76 -3.12
N PRO G 12 25.59 -69.21 -2.31
CA PRO G 12 25.50 -68.91 -0.88
C PRO G 12 26.74 -69.36 -0.11
N GLY G 13 27.44 -68.40 0.48
CA GLY G 13 28.61 -68.70 1.29
C GLY G 13 29.91 -68.28 0.62
N ALA G 14 29.83 -67.99 -0.67
CA ALA G 14 31.01 -67.61 -1.44
C ALA G 14 31.28 -66.12 -1.33
N GLY G 15 30.22 -65.32 -1.46
CA GLY G 15 30.36 -63.87 -1.47
C GLY G 15 31.23 -63.45 -2.63
N GLU G 16 30.91 -63.99 -3.81
CA GLU G 16 31.74 -63.83 -5.00
C GLU G 16 31.98 -62.37 -5.38
N ASN G 17 30.91 -61.58 -5.43
CA ASN G 17 31.04 -60.18 -5.84
C ASN G 17 30.76 -59.17 -4.73
N ALA G 18 31.00 -59.56 -3.49
CA ALA G 18 30.71 -58.71 -2.33
C ALA G 18 31.62 -57.49 -2.22
N LEU G 19 31.04 -56.33 -1.96
CA LEU G 19 31.81 -55.11 -1.71
C LEU G 19 32.33 -55.11 -0.27
N GLU G 20 33.49 -54.50 -0.06
CA GLU G 20 34.11 -54.46 1.27
C GLU G 20 33.28 -53.65 2.27
N PRO G 21 33.14 -54.18 3.49
CA PRO G 21 32.36 -53.52 4.55
C PRO G 21 33.18 -52.52 5.37
N ILE G 22 32.53 -51.91 6.36
CA ILE G 22 33.25 -51.05 7.31
C ILE G 22 34.10 -51.90 8.23
N TYR G 23 35.38 -51.60 8.33
CA TYR G 23 36.28 -52.37 9.19
C TYR G 23 36.41 -51.74 10.57
N ILE G 24 35.68 -52.27 11.54
CA ILE G 24 35.80 -51.85 12.93
C ILE G 24 37.02 -52.50 13.59
N LYS G 25 38.06 -51.70 13.82
CA LYS G 25 39.33 -52.21 14.35
C LYS G 25 39.23 -52.73 15.79
N ASP G 26 40.21 -53.55 16.17
CA ASP G 26 40.33 -54.11 17.52
C ASP G 26 40.64 -53.04 18.56
N ASP G 27 39.69 -52.79 19.46
CA ASP G 27 39.85 -51.84 20.56
C ASP G 27 39.57 -50.47 19.99
N ASP G 28 38.42 -50.34 19.38
CA ASP G 28 37.96 -49.06 18.89
C ASP G 28 36.52 -48.83 19.34
N GLY G 29 36.10 -47.57 19.37
CA GLY G 29 34.76 -47.24 19.81
C GLY G 29 34.77 -45.98 20.64
N TYR G 30 33.73 -45.84 21.48
CA TYR G 30 33.55 -44.62 22.26
C TYR G 30 33.19 -44.98 23.68
N ASP G 31 33.52 -44.11 24.63
CA ASP G 31 33.15 -44.36 26.02
C ASP G 31 31.66 -44.14 26.24
N ILE G 32 31.20 -44.44 27.44
CA ILE G 32 29.78 -44.42 27.79
C ILE G 32 29.18 -43.02 27.74
N ASP G 33 29.93 -42.04 28.26
CA ASP G 33 29.43 -40.68 28.40
C ASP G 33 29.37 -39.93 27.08
N THR G 34 29.65 -40.63 25.99
CA THR G 34 29.67 -40.01 24.67
C THR G 34 28.27 -39.85 24.07
N PHE G 35 27.47 -40.90 24.13
CA PHE G 35 26.12 -40.85 23.59
C PHE G 35 25.07 -41.08 24.66
N LEU G 36 23.81 -41.03 24.26
CA LEU G 36 22.72 -41.31 25.18
C LEU G 36 22.54 -42.81 25.32
N ILE G 37 22.77 -43.29 26.53
CA ILE G 37 22.58 -44.70 26.85
C ILE G 37 21.51 -44.79 27.94
N PRO G 38 20.55 -45.71 27.78
CA PRO G 38 19.53 -45.92 28.81
C PRO G 38 20.13 -46.12 30.19
N ASP G 39 19.55 -45.48 31.21
CA ASP G 39 20.10 -45.53 32.57
C ASP G 39 20.17 -46.95 33.14
N HIS G 40 19.25 -47.82 32.70
CA HIS G 40 19.18 -49.18 33.20
C HIS G 40 20.22 -50.07 32.53
N TYR G 41 20.95 -49.51 31.58
CA TYR G 41 21.99 -50.26 30.87
C TYR G 41 23.40 -49.66 31.06
N LYS G 42 23.48 -48.48 31.67
CA LYS G 42 24.76 -47.76 31.74
C LYS G 42 25.86 -48.46 32.51
N ASN G 43 25.46 -49.14 33.58
CA ASN G 43 26.43 -49.83 34.43
C ASN G 43 26.77 -51.22 33.91
N TYR G 44 26.15 -51.61 32.80
CA TYR G 44 26.32 -52.96 32.29
C TYR G 44 26.99 -52.94 30.93
N ILE G 45 27.53 -51.78 30.57
CA ILE G 45 28.16 -51.59 29.27
C ILE G 45 29.59 -51.07 29.44
N THR G 46 30.55 -51.76 28.83
CA THR G 46 31.94 -51.33 28.85
C THR G 46 32.14 -50.09 27.99
N LYS G 47 31.77 -50.23 26.72
CA LYS G 47 31.96 -49.17 25.75
C LYS G 47 31.02 -49.32 24.56
N VAL G 48 30.83 -48.23 23.82
CA VAL G 48 30.02 -48.25 22.61
C VAL G 48 30.89 -48.55 21.40
N LEU G 49 30.58 -49.64 20.71
CA LEU G 49 31.35 -50.06 19.54
C LEU G 49 30.92 -49.29 18.30
N ILE G 50 29.63 -49.39 17.96
CA ILE G 50 29.08 -48.69 16.80
C ILE G 50 27.81 -47.92 17.16
N PRO G 51 27.81 -46.60 16.93
CA PRO G 51 26.65 -45.74 17.19
C PRO G 51 25.43 -46.11 16.35
N ASN G 52 24.24 -45.82 16.88
CA ASN G 52 22.98 -46.14 16.20
C ASN G 52 22.85 -45.52 14.82
N GLY G 53 23.37 -44.31 14.67
CA GLY G 53 23.28 -43.60 13.41
C GLY G 53 24.12 -44.19 12.30
N VAL G 54 25.30 -44.70 12.65
CA VAL G 54 26.18 -45.35 11.67
C VAL G 54 25.49 -46.57 11.10
N LEU G 55 24.81 -47.30 11.98
CA LEU G 55 24.06 -48.48 11.60
C LEU G 55 23.04 -48.13 10.52
N LYS G 56 22.22 -47.12 10.80
CA LYS G 56 21.18 -46.70 9.87
C LYS G 56 21.76 -46.19 8.54
N ASN G 57 22.84 -45.41 8.63
CA ASN G 57 23.48 -44.87 7.44
C ASN G 57 24.11 -45.95 6.58
N ARG G 58 24.64 -46.98 7.23
CA ARG G 58 25.26 -48.09 6.51
C ARG G 58 24.21 -48.96 5.83
N ILE G 59 23.15 -49.29 6.57
CA ILE G 59 22.06 -50.08 6.05
C ILE G 59 21.39 -49.37 4.88
N GLU G 60 21.30 -48.05 4.98
CA GLU G 60 20.72 -47.24 3.91
C GLU G 60 21.52 -47.44 2.63
N LYS G 61 22.82 -47.65 2.77
CA LYS G 61 23.66 -47.93 1.62
C LYS G 61 23.51 -49.38 1.17
N LEU G 62 23.32 -50.28 2.13
CA LEU G 62 23.10 -51.70 1.85
C LEU G 62 21.83 -51.90 1.04
N ALA G 63 20.77 -51.20 1.43
CA ALA G 63 19.51 -51.26 0.71
C ALA G 63 19.70 -50.79 -0.73
N PHE G 64 20.58 -49.81 -0.93
CA PHE G 64 20.88 -49.32 -2.26
C PHE G 64 21.58 -50.39 -3.08
N ASP G 65 22.56 -51.06 -2.48
CA ASP G 65 23.31 -52.12 -3.15
C ASP G 65 22.39 -53.27 -3.53
N ILE G 66 21.47 -53.59 -2.62
CA ILE G 66 20.52 -54.66 -2.84
C ILE G 66 19.57 -54.33 -3.99
N LYS G 67 19.08 -53.10 -4.02
CA LYS G 67 18.15 -52.73 -5.08
C LYS G 67 18.89 -52.65 -6.42
N GLN G 68 20.19 -52.32 -6.37
CA GLN G 68 20.96 -52.19 -7.62
C GLN G 68 21.01 -53.50 -8.40
N VAL G 69 21.04 -54.61 -7.68
CA VAL G 69 21.21 -55.91 -8.33
C VAL G 69 19.88 -56.64 -8.53
N TYR G 70 18.83 -56.24 -7.82
CA TYR G 70 17.54 -56.93 -7.96
C TYR G 70 16.55 -56.14 -8.82
N ARG G 71 17.01 -55.00 -9.35
CA ARG G 71 16.26 -54.19 -10.30
C ARG G 71 15.56 -55.00 -11.40
N ASN G 72 14.24 -54.89 -11.45
CA ASN G 72 13.37 -55.47 -12.48
C ASN G 72 13.02 -56.92 -12.20
N GLU G 73 13.37 -57.39 -11.02
CA GLU G 73 12.97 -58.71 -10.58
C GLU G 73 12.48 -58.68 -9.14
N GLU G 74 11.46 -59.47 -8.85
CA GLU G 74 10.93 -59.58 -7.50
C GLU G 74 11.80 -60.51 -6.66
N PHE G 75 12.03 -60.15 -5.40
CA PHE G 75 12.84 -60.98 -4.51
C PHE G 75 12.19 -61.11 -3.15
N HIS G 76 12.35 -62.27 -2.53
CA HIS G 76 11.72 -62.55 -1.25
C HIS G 76 12.71 -62.46 -0.10
N VAL G 77 12.49 -61.50 0.79
CA VAL G 77 13.38 -61.31 1.92
C VAL G 77 12.94 -62.16 3.11
N ILE G 78 13.92 -62.82 3.73
CA ILE G 78 13.64 -63.69 4.85
C ILE G 78 14.28 -63.15 6.13
N CYS G 79 13.43 -62.76 7.07
CA CYS G 79 13.89 -62.23 8.34
C CYS G 79 14.13 -63.36 9.33
N LEU G 80 15.37 -63.51 9.74
CA LEU G 80 15.70 -64.52 10.73
C LEU G 80 15.45 -63.93 12.10
N LEU G 81 14.25 -64.19 12.61
CA LEU G 81 13.81 -63.71 13.92
C LEU G 81 14.74 -64.29 14.98
N LYS G 82 14.91 -63.58 16.10
CA LYS G 82 14.28 -62.31 16.35
C LYS G 82 15.36 -61.29 16.57
N GLY G 83 16.57 -61.68 16.18
CA GLY G 83 17.74 -60.83 16.30
C GLY G 83 17.96 -60.01 15.05
N SER G 84 17.33 -60.42 13.95
CA SER G 84 17.50 -59.71 12.68
C SER G 84 16.44 -58.62 12.50
N ARG G 85 15.55 -58.52 13.48
CA ARG G 85 14.38 -57.66 13.39
C ARG G 85 14.73 -56.20 13.16
N GLY G 86 15.67 -55.69 13.95
CA GLY G 86 16.10 -54.30 13.84
C GLY G 86 16.69 -54.01 12.48
N PHE G 87 17.59 -54.90 12.05
CA PHE G 87 18.20 -54.81 10.74
C PHE G 87 17.15 -54.90 9.64
N PHE G 88 16.19 -55.82 9.82
CA PHE G 88 15.18 -56.11 8.82
C PHE G 88 14.25 -54.92 8.60
N SER G 89 13.74 -54.35 9.70
CA SER G 89 12.81 -53.23 9.61
C SER G 89 13.48 -51.98 9.04
N ALA G 90 14.72 -51.74 9.43
CA ALA G 90 15.48 -50.61 8.90
C ALA G 90 15.72 -50.82 7.41
N LEU G 91 15.91 -52.06 7.02
CA LEU G 91 16.14 -52.41 5.64
C LEU G 91 14.92 -52.10 4.77
N LEU G 92 13.75 -52.48 5.27
CA LEU G 92 12.50 -52.23 4.55
C LEU G 92 12.19 -50.74 4.47
N LYS G 93 12.54 -50.01 5.53
CA LYS G 93 12.31 -48.57 5.57
C LYS G 93 12.99 -47.88 4.41
N TYR G 94 14.26 -48.20 4.19
CA TYR G 94 15.03 -47.57 3.13
C TYR G 94 14.73 -48.19 1.77
N LEU G 95 14.28 -49.44 1.76
CA LEU G 95 13.85 -50.05 0.52
C LEU G 95 12.57 -49.38 0.01
N ASN G 96 11.63 -49.14 0.91
CA ASN G 96 10.42 -48.40 0.59
C ASN G 96 10.73 -46.98 0.15
N ARG G 97 11.71 -46.38 0.81
CA ARG G 97 12.14 -45.01 0.52
C ARG G 97 12.54 -44.92 -0.95
N ILE G 98 13.25 -45.94 -1.42
CA ILE G 98 13.66 -45.98 -2.82
C ILE G 98 12.45 -46.14 -3.74
N HIS G 99 11.54 -47.05 -3.39
CA HIS G 99 10.35 -47.29 -4.20
C HIS G 99 9.38 -46.12 -4.21
N ASN G 100 9.44 -45.27 -3.19
CA ASN G 100 8.49 -44.18 -3.08
C ASN G 100 8.89 -42.98 -3.92
N TYR G 101 10.14 -42.97 -4.37
CA TYR G 101 10.65 -41.85 -5.14
C TYR G 101 11.04 -42.26 -6.54
N SER G 102 10.80 -43.53 -6.87
CA SER G 102 11.19 -44.02 -8.19
C SER G 102 10.02 -44.06 -9.17
N SER G 103 10.13 -43.27 -10.23
CA SER G 103 9.12 -43.27 -11.29
C SER G 103 9.14 -44.63 -11.98
N THR G 104 10.33 -45.21 -12.06
CA THR G 104 10.54 -46.49 -12.72
C THR G 104 10.38 -47.69 -11.82
N GLU G 105 9.15 -48.13 -11.60
CA GLU G 105 8.95 -49.27 -10.73
C GLU G 105 7.69 -50.02 -11.14
N SER G 106 7.65 -51.28 -10.75
CA SER G 106 6.55 -52.18 -11.08
C SER G 106 6.16 -52.99 -9.85
N PRO G 107 4.85 -53.02 -9.54
CA PRO G 107 4.41 -53.77 -8.35
C PRO G 107 4.69 -55.26 -8.52
N LYS G 108 4.90 -55.68 -9.76
CA LYS G 108 5.30 -57.04 -10.10
C LYS G 108 6.71 -57.31 -9.58
N HIS G 109 7.52 -56.26 -9.58
CA HIS G 109 8.92 -56.33 -9.15
C HIS G 109 9.18 -55.58 -7.84
N LEU G 110 8.85 -56.20 -6.73
CA LEU G 110 9.01 -55.57 -5.43
C LEU G 110 9.56 -56.63 -4.49
N TYR G 111 9.26 -56.54 -3.21
CA TYR G 111 9.77 -57.55 -2.29
C TYR G 111 8.64 -58.19 -1.51
N VAL G 112 8.84 -59.44 -1.11
CA VAL G 112 7.88 -60.13 -0.27
C VAL G 112 8.57 -60.55 1.01
N GLU G 113 8.00 -60.13 2.14
CA GLU G 113 8.58 -60.36 3.44
C GLU G 113 8.19 -61.73 3.99
N HIS G 114 9.17 -62.44 4.55
CA HIS G 114 8.95 -63.73 5.16
C HIS G 114 9.68 -63.77 6.50
N TYR G 115 9.16 -64.55 7.46
CA TYR G 115 9.81 -64.59 8.76
C TYR G 115 9.98 -66.04 9.20
N VAL G 116 11.23 -66.40 9.46
CA VAL G 116 11.55 -67.73 9.94
C VAL G 116 12.38 -67.63 11.21
N ARG G 117 12.36 -68.69 12.00
CA ARG G 117 13.21 -68.77 13.18
C ARG G 117 14.09 -69.99 13.14
N VAL G 118 15.40 -69.76 13.17
CA VAL G 118 16.35 -70.87 13.06
C VAL G 118 17.14 -71.15 14.34
N LYS G 119 17.09 -72.41 14.75
CA LYS G 119 17.79 -72.88 15.94
C LYS G 119 18.78 -74.00 15.58
N SER G 120 19.77 -74.22 16.45
CA SER G 120 20.76 -75.26 16.22
C SER G 120 20.70 -76.35 17.28
N ILE G 130 19.18 -79.39 11.21
CA ILE G 130 18.72 -78.04 11.48
C ILE G 130 17.22 -78.12 11.78
N GLU G 131 16.71 -77.28 12.68
CA GLU G 131 15.28 -77.33 12.96
C GLU G 131 14.69 -75.98 12.58
N ILE G 132 13.62 -76.01 11.79
CA ILE G 132 13.02 -74.78 11.30
C ILE G 132 11.55 -74.66 11.69
N VAL G 133 11.23 -73.58 12.38
CA VAL G 133 9.86 -73.23 12.73
C VAL G 133 9.46 -72.01 11.89
N SER G 134 8.66 -72.24 10.86
CA SER G 134 8.32 -71.19 9.91
C SER G 134 7.00 -71.41 9.19
N GLU G 135 6.89 -70.75 8.04
CA GLU G 135 5.70 -70.79 7.23
C GLU G 135 5.84 -71.83 6.13
N ASP G 136 5.01 -71.71 5.10
CA ASP G 136 5.07 -72.66 4.01
C ASP G 136 6.10 -72.15 3.01
N LEU G 137 7.31 -72.70 3.12
CA LEU G 137 8.44 -72.29 2.31
C LEU G 137 8.34 -72.90 0.91
N SER G 138 7.20 -73.53 0.64
CA SER G 138 6.92 -74.15 -0.65
C SER G 138 6.63 -73.10 -1.72
N CYS G 139 6.31 -71.88 -1.28
CA CYS G 139 6.04 -70.78 -2.20
C CYS G 139 7.31 -70.10 -2.70
N LEU G 140 8.46 -70.56 -2.20
CA LEU G 140 9.74 -69.98 -2.59
C LEU G 140 10.29 -70.66 -3.84
N LYS G 141 9.51 -71.56 -4.42
CA LYS G 141 9.91 -72.26 -5.63
C LYS G 141 10.08 -71.28 -6.79
N ASP G 142 11.19 -71.41 -7.51
CA ASP G 142 11.50 -70.54 -8.63
C ASP G 142 11.49 -69.06 -8.25
N LYS G 143 11.89 -68.76 -7.03
CA LYS G 143 11.91 -67.37 -6.54
C LYS G 143 13.30 -66.95 -6.09
N HIS G 144 13.58 -65.64 -6.19
CA HIS G 144 14.82 -65.09 -5.70
C HIS G 144 14.76 -64.84 -4.21
N VAL G 145 15.68 -65.45 -3.48
CA VAL G 145 15.69 -65.37 -2.02
C VAL G 145 16.86 -64.56 -1.49
N LEU G 146 16.56 -63.59 -0.62
CA LEU G 146 17.57 -62.82 0.10
C LEU G 146 17.42 -63.00 1.60
N ILE G 147 18.40 -63.64 2.21
CA ILE G 147 18.36 -63.93 3.64
C ILE G 147 18.93 -62.77 4.46
N VAL G 148 18.18 -62.33 5.46
CA VAL G 148 18.59 -61.21 6.30
C VAL G 148 19.01 -61.67 7.69
N GLU G 149 20.33 -61.70 7.92
CA GLU G 149 20.85 -62.14 9.21
C GLU G 149 21.52 -60.99 9.96
N ASP G 150 21.34 -60.95 11.28
CA ASP G 150 21.92 -59.89 12.09
C ASP G 150 23.43 -60.04 12.25
N ILE G 151 23.89 -61.26 12.51
CA ILE G 151 25.31 -61.48 12.79
C ILE G 151 25.75 -62.90 12.43
N ILE G 152 26.96 -62.99 11.87
CA ILE G 152 27.58 -64.27 11.56
C ILE G 152 28.81 -64.50 12.45
N ASP G 153 28.78 -65.57 13.23
CA ASP G 153 29.89 -65.89 14.11
C ASP G 153 30.68 -67.04 13.53
N THR G 154 30.18 -68.25 13.69
CA THR G 154 30.87 -69.43 13.18
C THR G 154 30.37 -69.77 11.77
N GLY G 155 29.15 -69.31 11.47
CA GLY G 155 28.57 -69.52 10.15
C GLY G 155 27.93 -70.88 9.95
N LYS G 156 27.84 -71.66 11.02
CA LYS G 156 27.28 -73.00 10.94
C LYS G 156 25.78 -72.93 10.66
N THR G 157 25.11 -72.04 11.39
CA THR G 157 23.66 -71.89 11.31
C THR G 157 23.22 -71.53 9.90
N LEU G 158 23.93 -70.57 9.31
CA LEU G 158 23.59 -70.07 7.99
C LEU G 158 23.95 -71.08 6.90
N LEU G 159 24.97 -71.90 7.17
CA LEU G 159 25.37 -72.94 6.23
C LEU G 159 24.31 -74.02 6.13
N LYS G 160 23.83 -74.46 7.29
CA LYS G 160 22.82 -75.51 7.36
C LYS G 160 21.48 -75.04 6.80
N PHE G 161 21.16 -73.77 7.01
CA PHE G 161 19.89 -73.22 6.55
C PHE G 161 19.84 -73.09 5.04
N CYS G 162 20.97 -72.71 4.43
CA CYS G 162 21.04 -72.58 2.99
C CYS G 162 20.90 -73.94 2.32
N GLU G 163 21.38 -74.97 3.02
CA GLU G 163 21.28 -76.34 2.52
C GLU G 163 19.83 -76.81 2.57
N TYR G 164 19.16 -76.44 3.65
CA TYR G 164 17.74 -76.77 3.85
C TYR G 164 16.86 -76.03 2.85
N LEU G 165 17.28 -74.82 2.49
CA LEU G 165 16.51 -73.97 1.60
C LEU G 165 16.58 -74.44 0.15
N LYS G 166 17.60 -75.24 -0.17
CA LYS G 166 17.77 -75.74 -1.52
C LYS G 166 16.83 -76.90 -1.84
N LYS G 167 16.17 -77.48 -0.84
CA LYS G 167 15.21 -78.55 -1.13
C LYS G 167 13.89 -78.00 -1.64
N PHE G 168 13.74 -76.68 -1.59
CA PHE G 168 12.51 -76.04 -2.03
C PHE G 168 12.64 -75.47 -3.45
N GLU G 169 13.73 -75.84 -4.11
CA GLU G 169 13.96 -75.51 -5.52
C GLU G 169 13.84 -74.02 -5.83
N VAL G 170 14.57 -73.19 -5.10
CA VAL G 170 14.57 -71.75 -5.34
C VAL G 170 15.50 -71.41 -6.50
N LYS G 171 15.29 -70.24 -7.11
CA LYS G 171 16.17 -69.83 -8.20
C LYS G 171 17.52 -69.39 -7.67
N THR G 172 17.53 -68.41 -6.77
CA THR G 172 18.79 -67.91 -6.21
C THR G 172 18.74 -67.76 -4.71
N ILE G 173 19.90 -67.81 -4.07
CA ILE G 173 20.01 -67.57 -2.64
C ILE G 173 21.13 -66.57 -2.35
N ALA G 174 20.75 -65.38 -1.90
CA ALA G 174 21.73 -64.36 -1.53
C ALA G 174 21.61 -64.06 -0.04
N ILE G 175 22.71 -63.63 0.57
CA ILE G 175 22.72 -63.33 1.99
C ILE G 175 23.19 -61.92 2.27
N THR G 176 22.39 -61.16 3.01
CA THR G 176 22.84 -59.87 3.53
C THR G 176 23.04 -60.00 5.03
N CYS G 177 24.12 -59.43 5.53
CA CYS G 177 24.44 -59.53 6.95
C CYS G 177 24.95 -58.21 7.48
N LEU G 178 24.51 -57.84 8.69
CA LEU G 178 24.89 -56.56 9.27
C LEU G 178 26.29 -56.61 9.90
N PHE G 179 26.57 -57.68 10.65
CA PHE G 179 27.87 -57.83 11.30
C PHE G 179 28.50 -59.19 11.03
N ILE G 180 29.79 -59.19 10.69
CA ILE G 180 30.55 -60.45 10.67
C ILE G 180 31.70 -60.38 11.67
N LYS G 181 31.76 -61.36 12.56
CA LYS G 181 32.80 -61.40 13.56
C LYS G 181 34.06 -62.08 13.03
N ARG G 182 35.22 -61.51 13.38
CA ARG G 182 36.50 -62.09 12.98
C ARG G 182 36.94 -63.17 13.96
N THR G 183 36.16 -64.25 14.01
CA THR G 183 36.45 -65.38 14.87
C THR G 183 37.27 -66.41 14.10
N PRO G 184 38.32 -66.96 14.73
CA PRO G 184 39.09 -68.04 14.09
C PRO G 184 38.27 -69.32 13.92
N LEU G 185 37.11 -69.38 14.56
CA LEU G 185 36.23 -70.55 14.43
C LEU G 185 35.29 -70.42 13.24
N TRP G 186 35.47 -69.34 12.47
CA TRP G 186 34.67 -69.08 11.28
C TRP G 186 34.95 -70.11 10.20
N ASN G 187 33.90 -70.61 9.55
CA ASN G 187 34.05 -71.68 8.58
C ASN G 187 34.20 -71.18 7.13
N GLY G 188 34.23 -69.87 6.96
CA GLY G 188 34.45 -69.29 5.65
C GLY G 188 33.18 -68.89 4.92
N PHE G 189 32.05 -68.92 5.63
CA PHE G 189 30.77 -68.53 5.02
C PHE G 189 30.70 -67.01 4.88
N LYS G 190 30.66 -66.54 3.63
CA LYS G 190 30.60 -65.11 3.36
C LYS G 190 29.23 -64.69 2.85
N ALA G 191 28.78 -63.54 3.32
CA ALA G 191 27.53 -62.95 2.83
C ALA G 191 27.80 -62.12 1.59
N ASP G 192 26.77 -61.87 0.81
CA ASP G 192 26.92 -61.12 -0.43
C ASP G 192 26.80 -59.63 -0.19
N PHE G 193 26.19 -59.28 0.93
CA PHE G 193 26.04 -57.88 1.33
C PHE G 193 26.34 -57.70 2.82
N VAL G 194 27.54 -57.22 3.12
CA VAL G 194 27.98 -57.12 4.50
C VAL G 194 28.00 -55.67 4.98
N GLY G 195 27.53 -55.45 6.21
CA GLY G 195 27.51 -54.11 6.77
C GLY G 195 28.80 -53.76 7.50
N PHE G 196 29.10 -54.52 8.54
CA PHE G 196 30.27 -54.24 9.38
C PHE G 196 31.11 -55.49 9.64
N SER G 197 32.41 -55.27 9.79
CA SER G 197 33.31 -56.33 10.25
C SER G 197 33.79 -55.97 11.66
N ILE G 198 33.36 -56.74 12.65
CA ILE G 198 33.64 -56.43 14.06
C ILE G 198 34.59 -57.44 14.69
N PRO G 199 35.33 -57.02 15.74
CA PRO G 199 36.25 -57.90 16.47
C PRO G 199 35.58 -59.11 17.11
N ASP G 200 36.38 -60.08 17.53
CA ASP G 200 35.84 -61.28 18.16
C ASP G 200 35.51 -61.00 19.63
N ALA G 201 34.42 -60.27 19.85
CA ALA G 201 33.93 -59.96 21.19
C ALA G 201 32.41 -60.04 21.22
N PHE G 202 31.84 -60.35 22.38
CA PHE G 202 30.40 -60.47 22.49
C PHE G 202 29.72 -59.11 22.52
N VAL G 203 28.93 -58.82 21.49
CA VAL G 203 28.28 -57.53 21.38
C VAL G 203 26.78 -57.62 21.64
N VAL G 204 26.21 -56.53 22.13
CA VAL G 204 24.77 -56.48 22.35
C VAL G 204 24.20 -55.18 21.81
N GLY G 205 22.88 -55.11 21.74
CA GLY G 205 22.21 -53.93 21.20
C GLY G 205 21.76 -54.14 19.78
N TYR G 206 20.81 -53.31 19.34
CA TYR G 206 20.21 -53.39 18.01
C TYR G 206 19.65 -54.78 17.72
N SER G 207 18.76 -55.22 18.63
CA SER G 207 18.08 -56.52 18.58
C SER G 207 19.00 -57.71 18.84
N LEU G 208 20.27 -57.44 19.12
CA LEU G 208 21.21 -58.49 19.50
C LEU G 208 21.20 -58.61 21.02
N ASP G 209 21.03 -59.83 21.51
CA ASP G 209 20.72 -60.02 22.92
C ASP G 209 21.77 -60.77 23.72
N TYR G 210 21.67 -60.62 25.03
CA TYR G 210 22.34 -61.49 25.98
C TYR G 210 21.27 -61.98 26.97
N ASN G 211 20.81 -63.21 26.75
CA ASN G 211 19.70 -63.77 27.50
C ASN G 211 18.47 -62.85 27.46
N GLU G 212 18.08 -62.52 26.23
CA GLU G 212 16.89 -61.72 25.95
C GLU G 212 16.97 -60.31 26.51
N LYS G 213 18.15 -59.91 26.97
CA LYS G 213 18.36 -58.57 27.46
C LYS G 213 19.10 -57.76 26.39
N PHE G 214 19.11 -56.44 26.56
CA PHE G 214 19.85 -55.51 25.69
C PHE G 214 19.34 -55.44 24.25
N ARG G 215 18.19 -56.04 23.95
CA ARG G 215 17.65 -55.97 22.59
C ARG G 215 17.19 -54.55 22.25
N ASP G 216 16.66 -53.85 23.26
CA ASP G 216 16.10 -52.52 23.05
C ASP G 216 17.16 -51.44 23.00
N LEU G 217 18.42 -51.83 23.15
CA LEU G 217 19.54 -50.90 23.07
C LEU G 217 19.79 -50.45 21.64
N ASP G 218 19.77 -49.14 21.41
CA ASP G 218 19.89 -48.59 20.06
C ASP G 218 21.32 -48.65 19.51
N HIS G 219 22.29 -48.64 20.39
CA HIS G 219 23.69 -48.70 19.96
C HIS G 219 24.22 -50.12 20.05
N LEU G 220 25.26 -50.42 19.28
CA LEU G 220 25.95 -51.69 19.40
C LEU G 220 27.04 -51.58 20.45
N CYS G 221 26.89 -52.32 21.55
CA CYS G 221 27.80 -52.16 22.68
C CYS G 221 28.39 -53.47 23.18
N LEU G 222 29.42 -53.35 24.03
CA LEU G 222 30.05 -54.50 24.67
C LEU G 222 29.69 -54.60 26.15
N VAL G 223 29.34 -55.80 26.60
CA VAL G 223 29.00 -56.02 28.00
C VAL G 223 30.23 -56.14 28.90
N ASN G 224 30.18 -55.50 30.06
CA ASN G 224 31.24 -55.64 31.05
C ASN G 224 31.03 -56.89 31.88
N ASP G 225 31.94 -57.15 32.82
CA ASP G 225 31.85 -58.36 33.63
C ASP G 225 30.63 -58.35 34.56
N GLU G 226 30.25 -57.19 35.07
CA GLU G 226 29.09 -57.11 35.96
C GLU G 226 27.80 -57.42 35.21
N GLY G 227 27.69 -56.94 33.98
CA GLY G 227 26.52 -57.20 33.16
C GLY G 227 26.38 -58.66 32.83
N ILE G 228 27.50 -59.30 32.51
CA ILE G 228 27.53 -60.73 32.23
C ILE G 228 27.12 -61.49 33.50
N LYS G 229 27.60 -61.01 34.63
CA LYS G 229 27.29 -61.62 35.93
C LYS G 229 25.84 -61.47 36.35
N LYS G 230 25.32 -60.26 36.17
CA LYS G 230 23.99 -59.92 36.65
C LYS G 230 22.90 -60.68 35.90
N PHE G 231 23.04 -60.80 34.58
CA PHE G 231 21.99 -61.38 33.75
C PHE G 231 22.25 -62.82 33.33
N ARG G 232 23.02 -63.56 34.11
CA ARG G 232 23.22 -64.97 33.82
C ARG G 232 21.95 -65.75 34.14
N THR G 233 21.63 -66.72 33.29
CA THR G 233 20.44 -67.55 33.46
C THR G 233 20.77 -68.87 34.16
N LYS H 7 26.53 -26.18 37.98
CA LYS H 7 26.49 -24.73 38.08
C LYS H 7 26.35 -24.19 36.65
N ILE H 8 25.78 -23.00 36.47
CA ILE H 8 25.68 -22.42 35.14
C ILE H 8 27.01 -21.82 34.65
N PRO H 9 27.49 -22.29 33.48
CA PRO H 9 28.77 -21.79 32.96
C PRO H 9 28.73 -20.30 32.65
N ASN H 10 29.69 -19.53 33.17
CA ASN H 10 29.76 -18.11 32.89
C ASN H 10 31.20 -17.61 32.76
N ASN H 11 31.92 -18.14 31.78
CA ASN H 11 33.28 -17.71 31.51
C ASN H 11 33.67 -18.06 30.07
N PRO H 12 33.20 -17.26 29.12
CA PRO H 12 33.35 -17.51 27.68
C PRO H 12 34.82 -17.66 27.24
N GLY H 13 35.15 -18.84 26.75
CA GLY H 13 36.49 -19.14 26.25
C GLY H 13 37.28 -20.05 27.16
N ALA H 14 36.81 -20.22 28.38
CA ALA H 14 37.51 -21.04 29.36
C ALA H 14 37.13 -22.51 29.28
N GLY H 15 35.83 -22.80 29.19
CA GLY H 15 35.35 -24.17 29.20
C GLY H 15 35.73 -24.84 30.51
N GLU H 16 35.44 -24.17 31.62
CA GLU H 16 35.90 -24.57 32.94
C GLU H 16 35.51 -26.00 33.32
N ASN H 17 34.23 -26.34 33.20
CA ASN H 17 33.79 -27.71 33.50
C ASN H 17 33.24 -28.42 32.26
N ALA H 18 33.80 -28.07 31.11
CA ALA H 18 33.35 -28.63 29.83
C ALA H 18 33.70 -30.11 29.74
N LEU H 19 32.75 -30.90 29.26
CA LEU H 19 32.98 -32.34 29.08
C LEU H 19 33.84 -32.62 27.86
N GLU H 20 34.66 -33.67 27.94
CA GLU H 20 35.57 -34.02 26.85
C GLU H 20 34.76 -34.51 25.64
N PRO H 21 35.13 -34.05 24.44
CA PRO H 21 34.43 -34.44 23.21
C PRO H 21 34.95 -35.73 22.58
N ILE H 22 34.35 -36.13 21.47
CA ILE H 22 34.84 -37.26 20.68
C ILE H 22 36.09 -36.85 19.94
N TYR H 23 37.15 -37.64 20.06
CA TYR H 23 38.41 -37.33 19.39
C TYR H 23 38.47 -38.04 18.03
N ILE H 24 38.20 -37.30 16.97
CA ILE H 24 38.37 -37.83 15.61
C ILE H 24 39.85 -37.80 15.25
N LYS H 25 40.47 -38.97 15.23
CA LYS H 25 41.91 -39.06 15.02
C LYS H 25 42.34 -38.59 13.63
N ASP H 26 43.61 -38.25 13.51
CA ASP H 26 44.21 -37.82 12.26
C ASP H 26 44.31 -38.92 11.22
N ASP H 27 43.52 -38.80 10.16
CA ASP H 27 43.57 -39.70 9.00
C ASP H 27 42.79 -40.97 9.28
N ASP H 28 41.55 -40.79 9.71
CA ASP H 28 40.60 -41.88 9.85
C ASP H 28 39.26 -41.47 9.26
N GLY H 29 38.38 -42.43 9.03
CA GLY H 29 37.09 -42.14 8.45
C GLY H 29 36.69 -43.25 7.51
N TYR H 30 35.86 -42.91 6.52
CA TYR H 30 35.30 -43.92 5.64
C TYR H 30 35.45 -43.47 4.19
N ASP H 31 35.56 -44.44 3.29
CA ASP H 31 35.64 -44.15 1.85
C ASP H 31 34.26 -43.80 1.27
N ILE H 32 34.24 -43.46 -0.02
CA ILE H 32 33.02 -42.99 -0.67
C ILE H 32 31.91 -44.04 -0.75
N ASP H 33 32.27 -45.27 -1.09
CA ASP H 33 31.28 -46.32 -1.32
C ASP H 33 30.65 -46.87 -0.04
N THR H 34 30.99 -46.26 1.09
CA THR H 34 30.49 -46.71 2.38
C THR H 34 29.07 -46.24 2.66
N PHE H 35 28.81 -44.96 2.43
CA PHE H 35 27.49 -44.39 2.69
C PHE H 35 26.82 -43.87 1.43
N LEU H 36 25.61 -43.36 1.57
CA LEU H 36 24.90 -42.75 0.45
C LEU H 36 25.37 -41.32 0.24
N ILE H 37 26.02 -41.09 -0.89
CA ILE H 37 26.47 -39.75 -1.24
C ILE H 37 25.84 -39.32 -2.57
N PRO H 38 25.26 -38.11 -2.59
CA PRO H 38 24.67 -37.55 -3.82
C PRO H 38 25.65 -37.63 -4.99
N ASP H 39 25.15 -38.03 -6.15
CA ASP H 39 26.00 -38.26 -7.32
C ASP H 39 26.75 -37.03 -7.79
N HIS H 40 26.17 -35.85 -7.54
CA HIS H 40 26.79 -34.61 -7.96
C HIS H 40 27.91 -34.21 -7.01
N TYR H 41 28.13 -35.01 -5.97
CA TYR H 41 29.19 -34.72 -5.02
C TYR H 41 30.30 -35.77 -4.98
N LYS H 42 30.09 -36.92 -5.62
CA LYS H 42 31.01 -38.04 -5.46
C LYS H 42 32.42 -37.74 -5.95
N ASN H 43 32.54 -36.92 -7.00
CA ASN H 43 33.85 -36.62 -7.55
C ASN H 43 34.58 -35.50 -6.82
N TYR H 44 33.93 -34.91 -5.82
CA TYR H 44 34.49 -33.75 -5.13
C TYR H 44 34.77 -34.02 -3.67
N ILE H 45 34.71 -35.28 -3.27
CA ILE H 45 34.91 -35.66 -1.88
C ILE H 45 36.02 -36.69 -1.74
N THR H 46 36.97 -36.41 -0.87
CA THR H 46 38.07 -37.33 -0.61
C THR H 46 37.55 -38.54 0.16
N LYS H 47 36.94 -38.26 1.31
CA LYS H 47 36.40 -39.31 2.16
C LYS H 47 35.36 -38.75 3.12
N VAL H 48 34.60 -39.64 3.74
CA VAL H 48 33.64 -39.24 4.76
C VAL H 48 34.29 -39.23 6.14
N LEU H 49 34.30 -38.06 6.79
CA LEU H 49 34.91 -37.91 8.10
C LEU H 49 33.97 -38.35 9.21
N ILE H 50 32.79 -37.72 9.27
CA ILE H 50 31.77 -38.07 10.25
C ILE H 50 30.40 -38.27 9.61
N PRO H 51 29.83 -39.47 9.76
CA PRO H 51 28.50 -39.79 9.23
C PRO H 51 27.39 -38.92 9.83
N ASN H 52 26.33 -38.73 9.05
CA ASN H 52 25.18 -37.92 9.48
C ASN H 52 24.57 -38.43 10.78
N GLY H 53 24.57 -39.74 10.96
CA GLY H 53 23.99 -40.36 12.13
C GLY H 53 24.76 -40.14 13.41
N VAL H 54 26.08 -40.14 13.33
CA VAL H 54 26.91 -39.88 14.51
C VAL H 54 26.67 -38.47 15.00
N LEU H 55 26.57 -37.54 14.05
CA LEU H 55 26.30 -36.15 14.34
C LEU H 55 25.03 -36.01 15.15
N LYS H 56 23.96 -36.63 14.66
CA LYS H 56 22.66 -36.58 15.31
C LYS H 56 22.73 -37.22 16.70
N ASN H 57 23.45 -38.33 16.83
CA ASN H 57 23.56 -38.99 18.13
C ASN H 57 24.33 -38.16 19.14
N ARG H 58 25.36 -37.45 18.68
CA ARG H 58 26.17 -36.61 19.53
C ARG H 58 25.41 -35.36 19.95
N ILE H 59 24.76 -34.73 18.98
CA ILE H 59 23.98 -33.54 19.22
C ILE H 59 22.86 -33.86 20.21
N GLU H 60 22.31 -35.07 20.09
CA GLU H 60 21.28 -35.56 21.00
C GLU H 60 21.80 -35.62 22.43
N LYS H 61 23.08 -35.96 22.57
CA LYS H 61 23.70 -36.01 23.89
C LYS H 61 24.04 -34.61 24.39
N LEU H 62 24.44 -33.74 23.48
CA LEU H 62 24.73 -32.35 23.83
C LEU H 62 23.50 -31.66 24.37
N ALA H 63 22.35 -31.90 23.73
CA ALA H 63 21.08 -31.32 24.17
C ALA H 63 20.76 -31.78 25.59
N PHE H 64 21.15 -33.01 25.92
CA PHE H 64 20.97 -33.51 27.27
C PHE H 64 21.89 -32.79 28.24
N ASP H 65 23.14 -32.61 27.86
CA ASP H 65 24.11 -31.91 28.71
C ASP H 65 23.66 -30.49 28.96
N ILE H 66 23.15 -29.87 27.91
CA ILE H 66 22.69 -28.49 27.98
C ILE H 66 21.47 -28.32 28.89
N LYS H 67 20.50 -29.21 28.78
CA LYS H 67 19.28 -29.10 29.61
C LYS H 67 19.56 -29.41 31.08
N GLN H 68 20.56 -30.25 31.33
CA GLN H 68 20.91 -30.63 32.70
C GLN H 68 21.40 -29.44 33.52
N VAL H 69 22.04 -28.47 32.86
CA VAL H 69 22.58 -27.35 33.60
C VAL H 69 21.64 -26.15 33.58
N TYR H 70 20.71 -26.12 32.63
CA TYR H 70 19.80 -24.98 32.49
C TYR H 70 18.40 -25.24 33.01
N ARG H 71 18.19 -26.43 33.57
CA ARG H 71 16.93 -26.81 34.22
C ARG H 71 16.48 -25.68 35.18
N ASN H 72 15.17 -25.48 35.31
CA ASN H 72 14.60 -24.45 36.19
C ASN H 72 15.04 -23.01 35.90
N GLU H 73 15.64 -22.79 34.73
CA GLU H 73 15.98 -21.45 34.26
C GLU H 73 15.75 -21.27 32.76
N GLU H 74 15.32 -20.07 32.38
CA GLU H 74 15.15 -19.72 30.96
C GLU H 74 16.50 -19.38 30.34
N PHE H 75 16.74 -19.86 29.13
CA PHE H 75 17.98 -19.55 28.45
C PHE H 75 17.78 -19.22 26.97
N HIS H 76 18.56 -18.29 26.46
CA HIS H 76 18.44 -17.83 25.08
C HIS H 76 19.52 -18.38 24.18
N VAL H 77 19.12 -19.19 23.19
CA VAL H 77 20.07 -19.74 22.24
C VAL H 77 20.20 -18.83 21.03
N ILE H 78 21.43 -18.58 20.60
CA ILE H 78 21.67 -17.72 19.46
C ILE H 78 22.30 -18.49 18.30
N CYS H 79 21.58 -18.56 17.19
CA CYS H 79 22.06 -19.27 16.00
C CYS H 79 22.91 -18.35 15.14
N LEU H 80 24.17 -18.70 14.97
CA LEU H 80 25.07 -17.90 14.15
C LEU H 80 24.95 -18.32 12.68
N LEU H 81 24.08 -17.61 11.97
CA LEU H 81 23.80 -17.88 10.57
C LEU H 81 25.04 -17.67 9.69
N LYS H 82 25.18 -18.48 8.64
CA LYS H 82 24.20 -19.50 8.29
C LYS H 82 24.82 -20.90 8.37
N GLY H 83 25.96 -21.01 9.02
CA GLY H 83 26.66 -22.28 9.10
C GLY H 83 26.23 -23.12 10.29
N SER H 84 25.57 -22.50 11.26
CA SER H 84 25.15 -23.21 12.47
C SER H 84 23.74 -23.80 12.35
N ARG H 85 23.09 -23.59 11.21
CA ARG H 85 21.70 -24.01 11.02
C ARG H 85 21.44 -25.50 11.21
N GLY H 86 22.26 -26.33 10.59
CA GLY H 86 22.11 -27.77 10.70
C GLY H 86 22.26 -28.20 12.15
N PHE H 87 23.30 -27.68 12.78
CA PHE H 87 23.54 -27.93 14.19
C PHE H 87 22.39 -27.40 15.05
N PHE H 88 21.93 -26.19 14.71
CA PHE H 88 20.89 -25.51 15.51
C PHE H 88 19.53 -26.21 15.47
N SER H 89 19.05 -26.55 14.27
CA SER H 89 17.74 -27.16 14.13
C SER H 89 17.70 -28.54 14.79
N ALA H 90 18.80 -29.27 14.67
CA ALA H 90 18.92 -30.58 15.30
C ALA H 90 18.92 -30.43 16.81
N LEU H 91 19.51 -29.34 17.28
CA LEU H 91 19.57 -29.06 18.70
C LEU H 91 18.18 -28.77 19.24
N LEU H 92 17.42 -27.97 18.50
CA LEU H 92 16.06 -27.63 18.91
C LEU H 92 15.18 -28.87 18.90
N LYS H 93 15.43 -29.75 17.93
CA LYS H 93 14.67 -30.99 17.81
C LYS H 93 14.75 -31.86 19.07
N TYR H 94 15.96 -32.08 19.57
CA TYR H 94 16.15 -32.96 20.72
C TYR H 94 15.83 -32.25 22.03
N LEU H 95 15.95 -30.93 22.03
CA LEU H 95 15.53 -30.16 23.20
C LEU H 95 14.02 -30.25 23.37
N ASN H 96 13.31 -30.12 22.26
CA ASN H 96 11.87 -30.26 22.27
C ASN H 96 11.44 -31.65 22.74
N ARG H 97 12.17 -32.67 22.29
CA ARG H 97 11.90 -34.05 22.67
C ARG H 97 11.95 -34.21 24.19
N ILE H 98 12.94 -33.58 24.81
CA ILE H 98 13.09 -33.64 26.25
C ILE H 98 11.90 -32.94 26.89
N HIS H 99 11.56 -31.78 26.35
CA HIS H 99 10.44 -30.98 26.83
C HIS H 99 9.10 -31.66 26.58
N ASN H 100 9.04 -32.54 25.58
CA ASN H 100 7.80 -33.18 25.19
C ASN H 100 7.47 -34.41 26.02
N TYR H 101 8.48 -34.93 26.72
CA TYR H 101 8.29 -36.16 27.48
C TYR H 101 8.51 -35.88 28.95
N SER H 102 8.75 -34.62 29.29
CA SER H 102 9.00 -34.26 30.68
C SER H 102 7.78 -33.66 31.38
N SER H 103 7.31 -34.36 32.41
CA SER H 103 6.20 -33.89 33.22
C SER H 103 6.66 -32.64 33.99
N THR H 104 7.94 -32.61 34.31
CA THR H 104 8.55 -31.55 35.10
C THR H 104 9.02 -30.43 34.21
N GLU H 105 8.12 -29.54 33.79
CA GLU H 105 8.56 -28.49 32.92
C GLU H 105 7.71 -27.26 33.17
N SER H 106 8.26 -26.11 32.83
CA SER H 106 7.59 -24.86 33.03
C SER H 106 7.79 -24.01 31.79
N PRO H 107 6.70 -23.49 31.23
CA PRO H 107 6.83 -22.65 30.03
C PRO H 107 7.59 -21.35 30.33
N LYS H 108 7.93 -21.14 31.59
CA LYS H 108 8.71 -19.98 32.00
C LYS H 108 10.20 -20.31 31.94
N HIS H 109 10.49 -21.61 32.04
CA HIS H 109 11.86 -22.11 31.99
C HIS H 109 12.10 -22.95 30.74
N LEU H 110 12.28 -22.30 29.60
CA LEU H 110 12.49 -23.04 28.35
C LEU H 110 13.57 -22.34 27.55
N TYR H 111 13.47 -22.35 26.23
CA TYR H 111 14.49 -21.67 25.43
C TYR H 111 13.86 -20.67 24.46
N VAL H 112 14.62 -19.63 24.15
CA VAL H 112 14.20 -18.62 23.18
C VAL H 112 15.23 -18.50 22.07
N GLU H 113 14.78 -18.64 20.83
CA GLU H 113 15.67 -18.64 19.67
C GLU H 113 15.98 -17.23 19.14
N HIS H 114 17.25 -17.01 18.80
CA HIS H 114 17.70 -15.75 18.20
C HIS H 114 18.61 -16.06 17.01
N TYR H 115 18.63 -15.18 16.01
CA TYR H 115 19.46 -15.43 14.83
C TYR H 115 20.31 -14.23 14.47
N VAL H 116 21.61 -14.46 14.39
CA VAL H 116 22.56 -13.42 13.98
C VAL H 116 23.49 -13.89 12.87
N ARG H 117 24.00 -12.94 12.09
CA ARG H 117 25.03 -13.25 11.10
C ARG H 117 26.26 -12.38 11.37
N VAL H 118 27.40 -13.03 11.55
CA VAL H 118 28.61 -12.30 11.92
C VAL H 118 29.70 -12.28 10.83
N LYS H 119 30.07 -11.07 10.41
CA LYS H 119 31.14 -10.82 9.45
C LYS H 119 32.15 -9.79 9.99
N SER H 120 33.29 -9.67 9.31
CA SER H 120 34.33 -8.73 9.72
C SER H 120 34.49 -7.61 8.70
N ILE H 130 34.39 -5.92 13.82
CA ILE H 130 33.42 -7.00 13.88
C ILE H 130 32.00 -6.45 13.63
N GLU H 131 31.29 -7.03 12.67
CA GLU H 131 29.97 -6.53 12.32
C GLU H 131 28.86 -7.57 12.52
N ILE H 132 27.74 -7.12 13.09
CA ILE H 132 26.62 -8.01 13.43
C ILE H 132 25.33 -7.62 12.71
N VAL H 133 24.74 -8.57 11.99
CA VAL H 133 23.44 -8.35 11.35
C VAL H 133 22.32 -9.16 12.04
N SER H 134 21.50 -8.48 12.83
CA SER H 134 20.42 -9.13 13.57
C SER H 134 19.36 -8.11 13.97
N GLU H 135 18.57 -8.43 15.00
CA GLU H 135 17.61 -7.48 15.54
C GLU H 135 18.29 -6.84 16.75
N ASP H 136 17.51 -6.23 17.63
CA ASP H 136 18.12 -5.53 18.76
C ASP H 136 18.33 -6.49 19.92
N LEU H 137 19.59 -6.68 20.27
CA LEU H 137 20.02 -7.61 21.30
C LEU H 137 19.87 -7.03 22.71
N SER H 138 19.19 -5.88 22.80
CA SER H 138 18.98 -5.22 24.07
C SER H 138 17.99 -5.99 24.94
N CYS H 139 17.26 -6.92 24.34
CA CYS H 139 16.34 -7.74 25.11
C CYS H 139 17.08 -8.88 25.80
N LEU H 140 18.39 -8.98 25.54
CA LEU H 140 19.22 -10.02 26.13
C LEU H 140 19.83 -9.58 27.46
N LYS H 141 19.50 -8.37 27.89
CA LYS H 141 19.99 -7.85 29.17
C LYS H 141 19.44 -8.70 30.31
N ASP H 142 20.31 -9.04 31.25
CA ASP H 142 19.95 -9.86 32.40
C ASP H 142 19.41 -11.23 31.97
N LYS H 143 19.91 -11.74 30.85
CA LYS H 143 19.49 -13.03 30.33
C LYS H 143 20.66 -13.99 30.16
N HIS H 144 20.36 -15.29 30.27
CA HIS H 144 21.35 -16.34 30.01
C HIS H 144 21.43 -16.62 28.51
N VAL H 145 22.62 -16.48 27.94
CA VAL H 145 22.82 -16.65 26.52
C VAL H 145 23.64 -17.90 26.20
N LEU H 146 23.15 -18.71 25.27
CA LEU H 146 23.90 -19.86 24.80
C LEU H 146 24.17 -19.70 23.32
N ILE H 147 25.45 -19.55 22.97
CA ILE H 147 25.83 -19.33 21.58
C ILE H 147 26.01 -20.65 20.84
N VAL H 148 25.36 -20.77 19.70
CA VAL H 148 25.43 -21.99 18.91
C VAL H 148 26.31 -21.82 17.67
N GLU H 149 27.53 -22.32 17.73
CA GLU H 149 28.45 -22.23 16.60
C GLU H 149 28.75 -23.61 16.01
N ASP H 150 28.84 -23.67 14.69
CA ASP H 150 29.11 -24.93 14.01
C ASP H 150 30.56 -25.37 14.20
N ILE H 151 31.48 -24.41 14.11
CA ILE H 151 32.90 -24.76 14.13
C ILE H 151 33.80 -23.65 14.69
N ILE H 152 34.79 -24.06 15.47
CA ILE H 152 35.83 -23.16 15.99
C ILE H 152 37.17 -23.53 15.37
N ASP H 153 37.77 -22.60 14.64
CA ASP H 153 39.05 -22.87 14.00
C ASP H 153 40.15 -22.13 14.78
N THR H 154 40.25 -20.83 14.53
CA THR H 154 41.26 -20.01 15.21
C THR H 154 40.68 -19.38 16.47
N GLY H 155 39.35 -19.25 16.50
CA GLY H 155 38.65 -18.76 17.67
C GLY H 155 38.57 -17.25 17.85
N LYS H 156 39.08 -16.50 16.89
CA LYS H 156 39.06 -15.04 16.98
C LYS H 156 37.66 -14.47 16.86
N THR H 157 36.89 -15.02 15.92
CA THR H 157 35.54 -14.54 15.64
C THR H 157 34.67 -14.64 16.89
N LEU H 158 34.77 -15.77 17.58
CA LEU H 158 33.95 -16.01 18.76
C LEU H 158 34.42 -15.17 19.94
N LEU H 159 35.72 -14.85 19.95
CA LEU H 159 36.29 -14.01 20.99
C LEU H 159 35.75 -12.59 20.91
N LYS H 160 35.70 -12.06 19.68
CA LYS H 160 35.19 -10.71 19.44
C LYS H 160 33.70 -10.62 19.75
N PHE H 161 32.97 -11.69 19.45
CA PHE H 161 31.53 -11.71 19.64
C PHE H 161 31.18 -11.74 21.12
N CYS H 162 31.97 -12.47 21.90
CA CYS H 162 31.77 -12.53 23.35
C CYS H 162 32.09 -11.19 24.02
N GLU H 163 33.04 -10.47 23.44
CA GLU H 163 33.38 -9.13 23.92
C GLU H 163 32.23 -8.19 23.61
N TYR H 164 31.66 -8.36 22.42
CA TYR H 164 30.54 -7.56 21.96
C TYR H 164 29.26 -7.80 22.76
N LEU H 165 29.06 -9.04 23.22
CA LEU H 165 27.84 -9.38 23.96
C LEU H 165 27.83 -8.84 25.38
N LYS H 166 29.01 -8.50 25.89
CA LYS H 166 29.14 -7.96 27.24
C LYS H 166 28.64 -6.53 27.27
N LYS H 167 28.43 -5.98 26.09
CA LYS H 167 27.99 -4.59 25.92
C LYS H 167 26.50 -4.46 26.17
N PHE H 168 25.80 -5.58 26.16
CA PHE H 168 24.36 -5.61 26.38
C PHE H 168 24.05 -6.07 27.80
N GLU H 169 25.08 -6.12 28.64
CA GLU H 169 24.91 -6.45 30.05
C GLU H 169 24.15 -7.76 30.23
N VAL H 170 24.64 -8.81 29.59
CA VAL H 170 24.00 -10.11 29.73
C VAL H 170 24.42 -10.72 31.05
N LYS H 171 23.61 -11.65 31.55
CA LYS H 171 23.90 -12.27 32.83
C LYS H 171 25.01 -13.31 32.64
N THR H 172 24.80 -14.26 31.74
CA THR H 172 25.79 -15.30 31.47
C THR H 172 26.00 -15.50 29.97
N ILE H 173 27.18 -16.00 29.60
CA ILE H 173 27.47 -16.34 28.22
C ILE H 173 28.09 -17.73 28.14
N ALA H 174 27.35 -18.66 27.54
CA ALA H 174 27.86 -20.00 27.33
C ALA H 174 27.96 -20.31 25.84
N ILE H 175 28.90 -21.17 25.47
CA ILE H 175 29.09 -21.51 24.06
C ILE H 175 29.02 -23.02 23.84
N THR H 176 28.16 -23.42 22.91
CA THR H 176 28.14 -24.81 22.45
C THR H 176 28.72 -24.88 21.03
N CYS H 177 29.55 -25.89 20.78
CA CYS H 177 30.19 -26.02 19.48
C CYS H 177 30.21 -27.45 18.99
N LEU H 178 29.95 -27.63 17.70
CA LEU H 178 29.88 -28.96 17.12
C LEU H 178 31.26 -29.49 16.79
N PHE H 179 32.10 -28.65 16.18
CA PHE H 179 33.46 -29.04 15.81
C PHE H 179 34.51 -28.02 16.25
N ILE H 180 35.60 -28.51 16.84
CA ILE H 180 36.77 -27.67 17.04
C ILE H 180 37.94 -28.28 16.28
N LYS H 181 38.56 -27.47 15.43
CA LYS H 181 39.69 -27.96 14.65
C LYS H 181 40.96 -27.89 15.48
N ARG H 182 41.78 -28.93 15.39
CA ARG H 182 43.05 -28.95 16.10
C ARG H 182 44.11 -28.23 15.27
N THR H 183 43.90 -26.93 15.06
CA THR H 183 44.83 -26.08 14.34
C THR H 183 45.76 -25.48 15.36
N PRO H 184 47.07 -25.47 15.08
CA PRO H 184 48.03 -24.79 15.97
C PRO H 184 47.82 -23.29 16.04
N LEU H 185 46.97 -22.74 15.16
CA LEU H 185 46.65 -21.31 15.15
C LEU H 185 45.51 -20.92 16.11
N TRP H 186 45.02 -21.91 16.85
CA TRP H 186 43.95 -21.72 17.83
C TRP H 186 44.42 -20.84 18.99
N ASN H 187 43.59 -19.88 19.41
CA ASN H 187 43.99 -18.92 20.43
C ASN H 187 43.62 -19.35 21.84
N GLY H 188 43.05 -20.55 21.98
CA GLY H 188 42.74 -21.09 23.29
C GLY H 188 41.32 -20.88 23.76
N PHE H 189 40.46 -20.43 22.86
CA PHE H 189 39.05 -20.21 23.19
C PHE H 189 38.30 -21.54 23.25
N LYS H 190 37.81 -21.90 24.43
CA LYS H 190 37.10 -23.16 24.60
C LYS H 190 35.60 -22.96 24.77
N ALA H 191 34.83 -23.83 24.15
CA ALA H 191 33.37 -23.84 24.29
C ALA H 191 32.99 -24.67 25.51
N ASP H 192 31.77 -24.46 26.02
CA ASP H 192 31.34 -25.19 27.20
C ASP H 192 30.68 -26.51 26.81
N PHE H 193 30.25 -26.61 25.56
CA PHE H 193 29.63 -27.84 25.06
C PHE H 193 30.16 -28.21 23.67
N VAL H 194 31.12 -29.12 23.63
CA VAL H 194 31.79 -29.47 22.38
C VAL H 194 31.38 -30.86 21.90
N GLY H 195 31.14 -30.97 20.61
CA GLY H 195 30.74 -32.24 20.01
C GLY H 195 31.92 -33.08 19.56
N PHE H 196 32.71 -32.54 18.63
CA PHE H 196 33.83 -33.29 18.06
C PHE H 196 35.13 -32.49 18.02
N SER H 197 36.24 -33.23 18.14
CA SER H 197 37.57 -32.67 17.89
C SER H 197 38.09 -33.26 16.59
N ILE H 198 38.22 -32.41 15.57
CA ILE H 198 38.55 -32.90 14.23
C ILE H 198 39.95 -32.46 13.79
N PRO H 199 40.58 -33.24 12.89
CA PRO H 199 41.91 -32.92 12.36
C PRO H 199 41.97 -31.57 11.67
N ASP H 200 43.18 -31.07 11.45
CA ASP H 200 43.37 -29.79 10.78
C ASP H 200 43.23 -29.94 9.27
N ALA H 201 42.00 -30.13 8.81
CA ALA H 201 41.68 -30.25 7.39
C ALA H 201 40.36 -29.55 7.09
N PHE H 202 40.20 -29.07 5.85
CA PHE H 202 38.98 -28.35 5.49
C PHE H 202 37.82 -29.31 5.22
N VAL H 203 36.79 -29.23 6.06
CA VAL H 203 35.65 -30.12 5.97
C VAL H 203 34.40 -29.41 5.48
N VAL H 204 33.52 -30.14 4.81
CA VAL H 204 32.25 -29.62 4.36
C VAL H 204 31.10 -30.56 4.70
N GLY H 205 29.88 -30.09 4.48
CA GLY H 205 28.70 -30.89 4.78
C GLY H 205 28.08 -30.47 6.09
N TYR H 206 26.80 -30.79 6.26
CA TYR H 206 26.05 -30.42 7.46
C TYR H 206 26.10 -28.92 7.71
N SER H 207 25.67 -28.14 6.72
CA SER H 207 25.60 -26.68 6.76
C SER H 207 26.97 -26.00 6.77
N LEU H 208 28.04 -26.78 6.69
CA LEU H 208 29.38 -26.23 6.53
C LEU H 208 29.67 -26.15 5.04
N ASP H 209 30.09 -24.98 4.57
CA ASP H 209 30.11 -24.71 3.14
C ASP H 209 31.50 -24.49 2.57
N TYR H 210 31.58 -24.61 1.25
CA TYR H 210 32.71 -24.07 0.50
C TYR H 210 32.14 -23.22 -0.63
N ASN H 211 32.13 -21.91 -0.44
CA ASN H 211 31.47 -20.97 -1.36
C ASN H 211 30.00 -21.35 -1.57
N GLU H 212 29.27 -21.48 -0.47
CA GLU H 212 27.84 -21.79 -0.49
C GLU H 212 27.52 -23.16 -1.09
N LYS H 213 28.55 -23.98 -1.28
CA LYS H 213 28.37 -25.35 -1.75
C LYS H 213 28.48 -26.37 -0.62
N PHE H 214 28.03 -27.58 -0.90
CA PHE H 214 28.14 -28.72 0.01
C PHE H 214 27.34 -28.55 1.31
N ARG H 215 26.48 -27.54 1.39
CA ARG H 215 25.69 -27.33 2.60
C ARG H 215 24.65 -28.44 2.79
N ASP H 216 24.11 -28.92 1.67
CA ASP H 216 23.04 -29.91 1.70
C ASP H 216 23.54 -31.35 1.89
N LEU H 217 24.84 -31.52 2.00
CA LEU H 217 25.43 -32.83 2.23
C LEU H 217 25.19 -33.26 3.67
N ASP H 218 24.60 -34.43 3.86
CA ASP H 218 24.21 -34.88 5.19
C ASP H 218 25.41 -35.30 6.03
N HIS H 219 26.47 -35.75 5.36
CA HIS H 219 27.67 -36.18 6.07
C HIS H 219 28.74 -35.11 6.11
N LEU H 220 29.62 -35.20 7.11
CA LEU H 220 30.78 -34.34 7.20
C LEU H 220 31.94 -35.00 6.45
N CYS H 221 32.40 -34.35 5.38
CA CYS H 221 33.39 -34.95 4.48
C CYS H 221 34.57 -34.03 4.22
N LEU H 222 35.61 -34.56 3.59
CA LEU H 222 36.78 -33.78 3.19
C LEU H 222 36.74 -33.49 1.69
N VAL H 223 36.96 -32.23 1.33
CA VAL H 223 36.97 -31.82 -0.07
C VAL H 223 38.30 -32.17 -0.70
N ASN H 224 38.27 -32.69 -1.92
CA ASN H 224 39.50 -32.95 -2.65
C ASN H 224 39.97 -31.68 -3.34
N ASP H 225 41.12 -31.74 -4.02
CA ASP H 225 41.64 -30.56 -4.69
C ASP H 225 40.75 -30.12 -5.84
N GLU H 226 40.13 -31.09 -6.53
CA GLU H 226 39.27 -30.76 -7.66
C GLU H 226 38.05 -29.99 -7.20
N GLY H 227 37.51 -30.37 -6.05
CA GLY H 227 36.34 -29.70 -5.50
C GLY H 227 36.66 -28.27 -5.13
N ILE H 228 37.83 -28.07 -4.55
CA ILE H 228 38.30 -26.73 -4.17
C ILE H 228 38.49 -25.82 -5.39
N LYS H 229 39.11 -26.37 -6.44
CA LYS H 229 39.35 -25.59 -7.67
C LYS H 229 38.08 -25.33 -8.46
N LYS H 230 37.19 -26.32 -8.53
CA LYS H 230 35.96 -26.21 -9.31
C LYS H 230 35.07 -25.08 -8.82
N PHE H 231 34.96 -24.95 -7.51
CA PHE H 231 34.05 -23.98 -6.91
C PHE H 231 34.77 -22.74 -6.38
N ARG H 232 35.92 -22.42 -6.96
CA ARG H 232 36.64 -21.21 -6.59
C ARG H 232 35.87 -19.99 -7.09
N THR H 233 35.87 -18.94 -6.29
CA THR H 233 35.13 -17.72 -6.62
C THR H 233 36.01 -16.67 -7.29
N LYS I 7 -41.70 28.23 -42.11
CA LYS I 7 -40.42 27.82 -41.54
C LYS I 7 -40.37 27.92 -40.02
N ILE I 8 -39.25 28.42 -39.51
CA ILE I 8 -39.05 28.57 -38.07
C ILE I 8 -39.82 29.79 -37.54
N PRO I 9 -40.67 29.56 -36.52
CA PRO I 9 -41.58 30.57 -35.92
C PRO I 9 -40.88 31.77 -35.29
N ASN I 10 -41.31 32.97 -35.66
CA ASN I 10 -40.77 34.19 -35.08
C ASN I 10 -41.86 35.24 -34.88
N ASN I 11 -42.85 34.91 -34.07
CA ASN I 11 -43.92 35.84 -33.72
C ASN I 11 -44.60 35.40 -32.44
N PRO I 12 -43.95 35.67 -31.29
CA PRO I 12 -44.39 35.18 -29.98
C PRO I 12 -45.81 35.60 -29.63
N GLY I 13 -46.67 34.61 -29.48
CA GLY I 13 -48.05 34.85 -29.09
C GLY I 13 -49.06 34.64 -30.19
N ALA I 14 -48.58 34.56 -31.43
CA ALA I 14 -49.46 34.43 -32.59
C ALA I 14 -49.83 32.98 -32.85
N GLY I 15 -48.84 32.08 -32.77
CA GLY I 15 -49.03 30.68 -33.07
C GLY I 15 -49.45 30.52 -34.52
N GLU I 16 -48.70 31.21 -35.38
CA GLU I 16 -49.01 31.35 -36.79
C GLU I 16 -49.11 30.00 -37.49
N ASN I 17 -48.12 29.15 -37.27
CA ASN I 17 -48.07 27.86 -37.94
C ASN I 17 -48.31 26.69 -36.99
N ALA I 18 -49.02 26.94 -35.89
CA ALA I 18 -49.26 25.93 -34.87
C ALA I 18 -50.21 24.83 -35.31
N LEU I 19 -49.83 23.58 -35.05
CA LEU I 19 -50.71 22.44 -35.29
C LEU I 19 -51.71 22.32 -34.16
N GLU I 20 -52.92 21.86 -34.47
CA GLU I 20 -53.98 21.74 -33.49
C GLU I 20 -53.63 20.68 -32.44
N PRO I 21 -53.89 20.98 -31.15
CA PRO I 21 -53.59 20.06 -30.05
C PRO I 21 -54.70 19.05 -29.78
N ILE I 22 -54.51 18.21 -28.76
CA ILE I 22 -55.55 17.28 -28.31
C ILE I 22 -56.66 18.01 -27.57
N TYR I 23 -57.90 17.78 -27.99
CA TYR I 23 -59.04 18.42 -27.35
C TYR I 23 -59.60 17.55 -26.23
N ILE I 24 -59.24 17.88 -25.00
CA ILE I 24 -59.80 17.25 -23.81
C ILE I 24 -61.18 17.83 -23.51
N LYS I 25 -62.21 17.00 -23.70
CA LYS I 25 -63.61 17.41 -23.59
C LYS I 25 -63.92 17.91 -22.17
N ASP I 26 -65.02 18.63 -22.00
CA ASP I 26 -65.34 19.27 -20.73
C ASP I 26 -65.52 18.35 -19.52
N ASP I 27 -66.21 17.24 -19.69
CA ASP I 27 -66.40 16.31 -18.58
C ASP I 27 -66.01 14.88 -18.92
N ASP I 28 -64.73 14.67 -19.22
CA ASP I 28 -64.22 13.31 -19.41
C ASP I 28 -62.97 13.03 -18.58
N GLY I 29 -62.63 11.76 -18.48
CA GLY I 29 -61.48 11.31 -17.71
C GLY I 29 -61.75 9.98 -17.06
N TYR I 30 -61.04 9.67 -15.98
CA TYR I 30 -61.15 8.34 -15.38
C TYR I 30 -61.28 8.42 -13.87
N ASP I 31 -61.93 7.44 -13.26
CA ASP I 31 -62.05 7.44 -11.81
C ASP I 31 -60.73 7.00 -11.19
N ILE I 32 -60.68 7.06 -9.87
CA ILE I 32 -59.44 6.80 -9.14
C ILE I 32 -58.92 5.35 -9.27
N ASP I 33 -59.83 4.37 -9.21
CA ASP I 33 -59.44 2.96 -9.21
C ASP I 33 -59.00 2.46 -10.58
N THR I 34 -58.93 3.38 -11.54
CA THR I 34 -58.58 3.04 -12.91
C THR I 34 -57.08 2.87 -13.09
N PHE I 35 -56.31 3.83 -12.59
CA PHE I 35 -54.87 3.78 -12.69
C PHE I 35 -54.23 3.73 -11.31
N LEU I 36 -52.90 3.65 -11.27
CA LEU I 36 -52.18 3.68 -10.00
C LEU I 36 -52.00 5.11 -9.51
N ILE I 37 -52.61 5.42 -8.37
CA ILE I 37 -52.46 6.72 -7.74
C ILE I 37 -51.85 6.57 -6.35
N PRO I 38 -50.85 7.40 -6.03
CA PRO I 38 -50.21 7.36 -4.71
C PRO I 38 -51.25 7.38 -3.59
N ASP I 39 -51.06 6.52 -2.59
CA ASP I 39 -52.04 6.38 -1.52
C ASP I 39 -52.23 7.66 -0.71
N HIS I 40 -51.19 8.47 -0.64
CA HIS I 40 -51.26 9.71 0.13
C HIS I 40 -52.00 10.81 -0.65
N TYR I 41 -52.37 10.50 -1.89
CA TYR I 41 -53.09 11.45 -2.72
C TYR I 41 -54.47 10.95 -3.14
N LYS I 42 -54.74 9.67 -2.87
CA LYS I 42 -55.92 8.99 -3.41
C LYS I 42 -57.24 9.60 -2.89
N ASN I 43 -57.23 10.05 -1.62
CA ASN I 43 -58.42 10.62 -1.01
C ASN I 43 -58.58 12.12 -1.30
N TYR I 44 -57.64 12.68 -2.05
CA TYR I 44 -57.63 14.10 -2.35
C TYR I 44 -57.78 14.38 -3.84
N ILE I 45 -58.17 13.35 -4.61
CA ILE I 45 -58.31 13.50 -6.06
C ILE I 45 -59.71 13.11 -6.53
N THR I 46 -60.33 14.00 -7.30
CA THR I 46 -61.65 13.74 -7.87
C THR I 46 -61.60 12.70 -8.98
N LYS I 47 -60.79 12.97 -10.00
CA LYS I 47 -60.67 12.07 -11.13
C LYS I 47 -59.35 12.29 -11.85
N VAL I 48 -58.97 11.31 -12.67
CA VAL I 48 -57.79 11.45 -13.50
C VAL I 48 -58.20 12.05 -14.83
N LEU I 49 -57.66 13.23 -15.15
CA LEU I 49 -58.00 13.90 -16.39
C LEU I 49 -57.17 13.35 -17.55
N ILE I 50 -55.85 13.41 -17.41
CA ILE I 50 -54.94 12.86 -18.42
C ILE I 50 -53.91 11.94 -17.78
N PRO I 51 -53.88 10.67 -18.22
CA PRO I 51 -52.91 9.68 -17.74
C PRO I 51 -51.46 10.07 -18.05
N ASN I 52 -50.54 9.59 -17.21
CA ASN I 52 -49.13 9.88 -17.35
C ASN I 52 -48.58 9.45 -18.70
N GLY I 53 -49.09 8.32 -19.20
CA GLY I 53 -48.64 7.78 -20.46
C GLY I 53 -49.04 8.60 -21.67
N VAL I 54 -50.24 9.19 -21.63
CA VAL I 54 -50.70 10.04 -22.71
C VAL I 54 -49.81 11.27 -22.79
N LEU I 55 -49.47 11.80 -21.62
CA LEU I 55 -48.57 12.94 -21.54
C LEU I 55 -47.25 12.61 -22.22
N LYS I 56 -46.64 11.48 -21.85
CA LYS I 56 -45.36 11.09 -22.43
C LYS I 56 -45.46 10.88 -23.93
N ASN I 57 -46.54 10.25 -24.39
CA ASN I 57 -46.70 9.99 -25.82
C ASN I 57 -46.88 11.26 -26.65
N ARG I 58 -47.57 12.25 -26.08
CA ARG I 58 -47.80 13.51 -26.77
C ARG I 58 -46.53 14.34 -26.87
N ILE I 59 -45.81 14.42 -25.76
CA ILE I 59 -44.56 15.15 -25.68
C ILE I 59 -43.54 14.57 -26.65
N GLU I 60 -43.58 13.25 -26.83
CA GLU I 60 -42.71 12.59 -27.79
C GLU I 60 -42.98 13.08 -29.20
N LYS I 61 -44.24 13.39 -29.50
CA LYS I 61 -44.62 13.93 -30.80
C LYS I 61 -44.28 15.41 -30.91
N LEU I 62 -44.41 16.13 -29.80
CA LEU I 62 -44.04 17.54 -29.76
C LEU I 62 -42.56 17.70 -30.08
N ALA I 63 -41.74 16.83 -29.50
CA ALA I 63 -40.31 16.85 -29.73
C ALA I 63 -39.99 16.62 -31.21
N PHE I 64 -40.79 15.78 -31.87
CA PHE I 64 -40.63 15.55 -33.29
C PHE I 64 -40.98 16.80 -34.09
N ASP I 65 -42.07 17.45 -33.73
CA ASP I 65 -42.50 18.68 -34.39
C ASP I 65 -41.48 19.81 -34.23
N ILE I 66 -40.91 19.91 -33.02
CA ILE I 66 -39.92 20.93 -32.72
C ILE I 66 -38.64 20.67 -33.54
N LYS I 67 -38.25 19.41 -33.65
CA LYS I 67 -37.07 19.04 -34.42
C LYS I 67 -37.26 19.28 -35.92
N GLN I 68 -38.51 19.23 -36.39
CA GLN I 68 -38.80 19.43 -37.81
C GLN I 68 -38.45 20.84 -38.28
N VAL I 69 -38.61 21.83 -37.40
CA VAL I 69 -38.37 23.22 -37.77
C VAL I 69 -37.00 23.73 -37.33
N TYR I 70 -36.39 23.05 -36.36
CA TYR I 70 -35.09 23.44 -35.82
C TYR I 70 -33.98 22.50 -36.30
N ARG I 71 -34.33 21.64 -37.28
CA ARG I 71 -33.44 20.60 -37.81
C ARG I 71 -31.94 20.87 -37.91
N ASN I 72 -31.55 21.96 -38.57
CA ASN I 72 -30.11 22.26 -38.69
C ASN I 72 -29.67 23.56 -38.06
N GLU I 73 -30.44 24.05 -37.10
CA GLU I 73 -30.03 25.24 -36.38
C GLU I 73 -29.98 25.00 -34.87
N GLU I 74 -29.04 25.65 -34.22
CA GLU I 74 -28.92 25.57 -32.77
C GLU I 74 -29.99 26.42 -32.13
N PHE I 75 -30.62 25.89 -31.09
CA PHE I 75 -31.66 26.62 -30.40
C PHE I 75 -31.54 26.48 -28.89
N HIS I 76 -31.88 27.54 -28.18
CA HIS I 76 -31.75 27.58 -26.73
C HIS I 76 -33.11 27.41 -26.07
N VAL I 77 -33.27 26.32 -25.33
CA VAL I 77 -34.52 26.03 -24.64
C VAL I 77 -34.50 26.64 -23.22
N ILE I 78 -35.60 27.29 -22.85
CA ILE I 78 -35.68 27.90 -21.53
C ILE I 78 -36.74 27.23 -20.66
N CYS I 79 -36.30 26.59 -19.59
CA CYS I 79 -37.22 25.93 -18.67
C CYS I 79 -37.71 26.92 -17.61
N LEU I 80 -39.02 27.14 -17.57
CA LEU I 80 -39.62 28.03 -16.60
C LEU I 80 -39.88 27.28 -15.29
N LEU I 81 -38.93 27.35 -14.38
CA LEU I 81 -39.05 26.67 -13.09
C LEU I 81 -40.22 27.24 -12.28
N LYS I 82 -40.87 26.39 -11.50
CA LYS I 82 -40.49 24.99 -11.36
C LYS I 82 -41.58 24.06 -11.85
N GLY I 83 -42.52 24.60 -12.61
CA GLY I 83 -43.65 23.82 -13.11
C GLY I 83 -43.41 23.15 -14.45
N SER I 84 -42.42 23.60 -15.19
CA SER I 84 -42.16 23.04 -16.51
C SER I 84 -41.18 21.88 -16.45
N ARG I 85 -40.71 21.53 -15.26
CA ARG I 85 -39.66 20.53 -15.09
C ARG I 85 -40.01 19.17 -15.68
N GLY I 86 -41.20 18.68 -15.37
CA GLY I 86 -41.65 17.40 -15.89
C GLY I 86 -41.74 17.45 -17.40
N PHE I 87 -42.34 18.51 -17.90
CA PHE I 87 -42.46 18.74 -19.34
C PHE I 87 -41.09 18.88 -19.98
N PHE I 88 -40.20 19.63 -19.32
CA PHE I 88 -38.89 19.95 -19.88
C PHE I 88 -37.98 18.72 -20.00
N SER I 89 -37.87 17.94 -18.94
CA SER I 89 -36.97 16.79 -18.95
C SER I 89 -37.45 15.72 -19.91
N ALA I 90 -38.76 15.53 -20.00
CA ALA I 90 -39.33 14.58 -20.94
C ALA I 90 -39.05 15.02 -22.37
N LEU I 91 -39.08 16.33 -22.59
CA LEU I 91 -38.84 16.89 -23.90
C LEU I 91 -37.40 16.63 -24.35
N LEU I 92 -36.45 16.84 -23.44
CA LEU I 92 -35.04 16.62 -23.74
C LEU I 92 -34.77 15.15 -24.00
N LYS I 93 -35.45 14.29 -23.24
CA LYS I 93 -35.30 12.86 -23.37
C LYS I 93 -35.61 12.40 -24.78
N TYR I 94 -36.72 12.88 -25.33
CA TYR I 94 -37.13 12.48 -26.67
C TYR I 94 -36.35 13.23 -27.73
N LEU I 95 -35.85 14.42 -27.39
CA LEU I 95 -34.96 15.14 -28.28
C LEU I 95 -33.66 14.38 -28.39
N ASN I 96 -33.14 13.92 -27.24
CA ASN I 96 -31.95 13.08 -27.23
C ASN I 96 -32.18 11.81 -28.01
N ARG I 97 -33.39 11.27 -27.87
CA ARG I 97 -33.79 10.07 -28.59
C ARG I 97 -33.64 10.28 -30.09
N ILE I 98 -34.05 11.45 -30.57
CA ILE I 98 -33.91 11.78 -31.98
C ILE I 98 -32.44 11.94 -32.37
N HIS I 99 -31.68 12.68 -31.56
CA HIS I 99 -30.25 12.92 -31.81
C HIS I 99 -29.41 11.65 -31.70
N ASN I 100 -29.91 10.67 -30.95
CA ASN I 100 -29.19 9.43 -30.70
C ASN I 100 -29.42 8.42 -31.82
N TYR I 101 -30.44 8.68 -32.63
CA TYR I 101 -30.82 7.76 -33.71
C TYR I 101 -30.66 8.44 -35.07
N SER I 102 -30.12 9.66 -35.06
CA SER I 102 -29.94 10.48 -36.26
C SER I 102 -28.52 10.41 -36.82
N SER I 103 -28.38 9.88 -38.03
CA SER I 103 -27.08 9.83 -38.67
C SER I 103 -26.60 11.24 -39.04
N THR I 104 -27.53 12.06 -39.53
CA THR I 104 -27.25 13.42 -39.98
C THR I 104 -27.43 14.55 -38.96
N GLU I 105 -26.42 14.79 -38.14
CA GLU I 105 -26.53 15.85 -37.16
C GLU I 105 -25.13 16.37 -36.80
N SER I 106 -25.06 17.61 -36.29
CA SER I 106 -23.80 18.29 -36.00
C SER I 106 -23.81 18.96 -34.62
N PRO I 107 -22.78 18.69 -33.80
CA PRO I 107 -22.66 19.25 -32.44
C PRO I 107 -22.45 20.77 -32.43
N LYS I 108 -23.20 21.47 -33.28
CA LYS I 108 -23.15 22.91 -33.41
C LYS I 108 -24.59 23.33 -33.62
N HIS I 109 -25.39 22.38 -34.03
CA HIS I 109 -26.83 22.55 -34.18
C HIS I 109 -27.58 21.63 -33.24
N LEU I 110 -27.65 21.96 -31.96
CA LEU I 110 -28.38 21.11 -31.05
C LEU I 110 -29.18 22.01 -30.13
N TYR I 111 -29.18 21.73 -28.84
CA TYR I 111 -29.89 22.61 -27.93
C TYR I 111 -29.03 23.00 -26.75
N VAL I 112 -29.31 24.17 -26.20
CA VAL I 112 -28.62 24.63 -25.01
C VAL I 112 -29.68 24.88 -23.94
N GLU I 113 -29.52 24.23 -22.79
CA GLU I 113 -30.52 24.31 -21.75
C GLU I 113 -30.31 25.56 -20.88
N HIS I 114 -31.42 26.26 -20.59
CA HIS I 114 -31.41 27.44 -19.74
C HIS I 114 -32.53 27.37 -18.73
N TYR I 115 -32.33 27.97 -17.56
CA TYR I 115 -33.35 27.89 -16.51
C TYR I 115 -33.63 29.25 -15.90
N VAL I 116 -34.90 29.65 -15.90
CA VAL I 116 -35.32 30.92 -15.29
C VAL I 116 -36.46 30.72 -14.29
N ARG I 117 -36.59 31.67 -13.37
CA ARG I 117 -37.69 31.67 -12.41
C ARG I 117 -38.50 32.97 -12.57
N VAL I 118 -39.77 32.83 -12.92
CA VAL I 118 -40.63 33.98 -13.17
C VAL I 118 -41.73 34.08 -12.12
N LYS I 119 -41.85 35.23 -11.46
CA LYS I 119 -42.91 35.39 -10.48
C LYS I 119 -43.84 36.57 -10.79
N ILE I 130 -42.09 43.08 -14.58
CA ILE I 130 -42.02 41.63 -14.42
C ILE I 130 -40.61 41.30 -14.00
N GLU I 131 -40.48 40.58 -12.89
CA GLU I 131 -39.15 40.30 -12.41
C GLU I 131 -38.83 38.84 -12.61
N ILE I 132 -37.61 38.64 -13.11
CA ILE I 132 -37.11 37.37 -13.55
C ILE I 132 -35.94 37.00 -12.68
N VAL I 133 -35.97 35.81 -12.12
CA VAL I 133 -34.83 35.35 -11.33
C VAL I 133 -34.03 34.40 -12.19
N SER I 134 -32.95 34.94 -12.73
CA SER I 134 -32.08 34.19 -13.63
C SER I 134 -30.70 34.82 -13.68
N GLU I 135 -29.96 34.43 -14.70
CA GLU I 135 -28.65 34.99 -14.98
C GLU I 135 -28.68 35.87 -16.22
N ASP I 136 -27.49 36.17 -16.75
CA ASP I 136 -27.29 37.04 -17.92
C ASP I 136 -28.47 37.25 -18.87
N LEU I 137 -28.71 36.23 -19.69
CA LEU I 137 -29.68 36.24 -20.79
C LEU I 137 -29.20 37.18 -21.91
N SER I 138 -28.05 37.79 -21.71
CA SER I 138 -27.44 38.65 -22.72
C SER I 138 -26.74 37.79 -23.77
N CYS I 139 -26.49 36.54 -23.39
CA CYS I 139 -25.83 35.58 -24.28
C CYS I 139 -26.82 34.98 -25.27
N LEU I 140 -28.08 35.36 -25.15
CA LEU I 140 -29.12 34.86 -26.03
C LEU I 140 -29.25 35.74 -27.27
N LYS I 141 -28.37 36.74 -27.38
CA LYS I 141 -28.36 37.63 -28.53
C LYS I 141 -28.02 36.84 -29.78
N ASP I 142 -28.78 37.10 -30.85
CA ASP I 142 -28.62 36.39 -32.11
C ASP I 142 -28.78 34.88 -31.94
N LYS I 143 -29.66 34.47 -31.04
CA LYS I 143 -29.92 33.05 -30.83
C LYS I 143 -31.39 32.69 -31.05
N HIS I 144 -31.64 31.45 -31.46
CA HIS I 144 -33.00 30.95 -31.55
C HIS I 144 -33.44 30.52 -30.17
N VAL I 145 -34.53 31.11 -29.68
CA VAL I 145 -34.99 30.83 -28.34
C VAL I 145 -36.32 30.07 -28.36
N LEU I 146 -36.37 28.98 -27.62
CA LEU I 146 -37.60 28.21 -27.47
C LEU I 146 -38.00 28.16 -26.01
N ILE I 147 -39.13 28.79 -25.67
CA ILE I 147 -39.60 28.83 -24.30
C ILE I 147 -40.45 27.60 -23.94
N VAL I 148 -40.11 26.95 -22.84
CA VAL I 148 -40.81 25.75 -22.41
C VAL I 148 -41.69 26.02 -21.19
N GLU I 149 -42.99 26.17 -21.42
CA GLU I 149 -43.95 26.46 -20.36
C GLU I 149 -44.92 25.30 -20.13
N ASP I 150 -45.25 25.08 -18.85
CA ASP I 150 -46.15 23.98 -18.48
C ASP I 150 -47.60 24.28 -18.85
N ILE I 151 -48.06 25.49 -18.57
CA ILE I 151 -49.46 25.81 -18.76
C ILE I 151 -49.70 27.30 -19.02
N ILE I 152 -50.64 27.58 -19.94
CA ILE I 152 -51.06 28.93 -20.23
C ILE I 152 -52.49 29.14 -19.76
N ASP I 153 -52.68 30.08 -18.85
CA ASP I 153 -54.01 30.35 -18.32
C ASP I 153 -54.55 31.65 -18.90
N THR I 154 -54.10 32.78 -18.35
CA THR I 154 -54.54 34.08 -18.81
C THR I 154 -53.61 34.61 -19.87
N GLY I 155 -52.39 34.09 -19.89
CA GLY I 155 -51.41 34.47 -20.88
C GLY I 155 -50.65 35.73 -20.53
N LYS I 156 -50.87 36.25 -19.33
CA LYS I 156 -50.21 37.47 -18.90
C LYS I 156 -48.71 37.27 -18.72
N THR I 157 -48.33 36.21 -18.00
CA THR I 157 -46.92 35.97 -17.72
C THR I 157 -46.10 35.76 -18.98
N LEU I 158 -46.61 34.96 -19.89
CA LEU I 158 -45.86 34.61 -21.10
C LEU I 158 -45.79 35.78 -22.09
N LEU I 159 -46.80 36.63 -22.10
CA LEU I 159 -46.81 37.81 -22.96
C LEU I 159 -45.74 38.79 -22.50
N LYS I 160 -45.71 38.99 -21.19
CA LYS I 160 -44.80 39.89 -20.52
C LYS I 160 -43.34 39.44 -20.58
N PHE I 161 -43.12 38.13 -20.51
CA PHE I 161 -41.78 37.57 -20.53
C PHE I 161 -41.11 37.74 -21.89
N CYS I 162 -41.92 37.59 -22.94
CA CYS I 162 -41.42 37.76 -24.30
C CYS I 162 -41.04 39.19 -24.59
N GLU I 163 -41.73 40.14 -23.95
CA GLU I 163 -41.42 41.55 -24.16
C GLU I 163 -40.08 41.87 -23.51
N TYR I 164 -39.86 41.29 -22.34
CA TYR I 164 -38.61 41.44 -21.60
C TYR I 164 -37.48 40.77 -22.36
N LEU I 165 -37.83 39.69 -23.06
CA LEU I 165 -36.87 38.88 -23.81
C LEU I 165 -36.40 39.58 -25.08
N LYS I 166 -37.21 40.53 -25.57
CA LYS I 166 -36.87 41.26 -26.78
C LYS I 166 -35.80 42.31 -26.52
N LYS I 167 -35.50 42.53 -25.25
CA LYS I 167 -34.51 43.51 -24.84
C LYS I 167 -33.11 42.93 -25.01
N PHE I 168 -33.04 41.62 -25.24
CA PHE I 168 -31.75 40.96 -25.40
C PHE I 168 -31.44 40.68 -26.87
N GLU I 169 -32.24 41.26 -27.77
CA GLU I 169 -32.00 41.19 -29.20
C GLU I 169 -31.81 39.76 -29.71
N VAL I 170 -32.76 38.89 -29.40
CA VAL I 170 -32.70 37.51 -29.87
C VAL I 170 -33.17 37.44 -31.31
N LYS I 171 -32.81 36.38 -32.01
CA LYS I 171 -33.22 36.19 -33.40
C LYS I 171 -34.70 35.85 -33.51
N THR I 172 -35.09 34.76 -32.87
CA THR I 172 -36.48 34.31 -32.90
C THR I 172 -36.97 33.92 -31.52
N ILE I 173 -38.28 33.97 -31.32
CA ILE I 173 -38.89 33.51 -30.09
C ILE I 173 -40.07 32.59 -30.39
N ALA I 174 -39.89 31.31 -30.04
CA ALA I 174 -40.96 30.34 -30.20
C ALA I 174 -41.37 29.80 -28.83
N ILE I 175 -42.63 29.39 -28.70
CA ILE I 175 -43.13 28.89 -27.44
C ILE I 175 -43.75 27.50 -27.59
N THR I 176 -43.30 26.56 -26.78
CA THR I 176 -43.97 25.27 -26.70
C THR I 176 -44.66 25.17 -25.33
N CYS I 177 -45.89 24.67 -25.34
CA CYS I 177 -46.70 24.61 -24.12
C CYS I 177 -47.45 23.28 -24.03
N LEU I 178 -47.49 22.71 -22.84
CA LEU I 178 -48.11 21.40 -22.65
C LEU I 178 -49.64 21.48 -22.55
N PHE I 179 -50.13 22.44 -21.77
CA PHE I 179 -51.58 22.61 -21.57
C PHE I 179 -52.02 24.05 -21.80
N ILE I 180 -53.11 24.22 -22.54
CA ILE I 180 -53.78 25.52 -22.61
C ILE I 180 -55.19 25.42 -22.05
N LYS I 181 -55.51 26.28 -21.10
CA LYS I 181 -56.83 26.27 -20.46
C LYS I 181 -57.82 27.08 -21.28
N ARG I 182 -59.04 26.56 -21.42
CA ARG I 182 -60.08 27.27 -22.15
C ARG I 182 -60.80 28.28 -21.26
N THR I 183 -60.05 29.26 -20.77
CA THR I 183 -60.59 30.34 -19.94
C THR I 183 -60.97 31.53 -20.81
N PRO I 184 -62.15 32.12 -20.56
CA PRO I 184 -62.56 33.32 -21.28
C PRO I 184 -61.69 34.54 -20.98
N LEU I 185 -60.85 34.45 -19.94
CA LEU I 185 -59.96 35.55 -19.56
C LEU I 185 -58.66 35.53 -20.35
N TRP I 186 -58.58 34.61 -21.31
CA TRP I 186 -57.41 34.45 -22.16
C TRP I 186 -57.19 35.67 -23.04
N ASN I 187 -55.96 36.14 -23.13
CA ASN I 187 -55.65 37.37 -23.86
C ASN I 187 -55.24 37.11 -25.31
N GLY I 188 -55.27 35.86 -25.73
CA GLY I 188 -54.99 35.50 -27.11
C GLY I 188 -53.57 35.05 -27.40
N PHE I 189 -52.78 34.82 -26.35
CA PHE I 189 -51.40 34.37 -26.55
C PHE I 189 -51.38 32.89 -26.93
N LYS I 190 -50.91 32.61 -28.14
CA LYS I 190 -50.88 31.24 -28.65
C LYS I 190 -49.45 30.71 -28.71
N ALA I 191 -49.27 29.45 -28.32
CA ALA I 191 -47.97 28.80 -28.45
C ALA I 191 -47.83 28.19 -29.84
N ASP I 192 -46.60 27.95 -30.25
CA ASP I 192 -46.33 27.41 -31.58
C ASP I 192 -46.33 25.88 -31.57
N PHE I 193 -46.16 25.31 -30.39
CA PHE I 193 -46.20 23.86 -30.20
C PHE I 193 -47.02 23.53 -28.97
N VAL I 194 -48.29 23.16 -29.19
CA VAL I 194 -49.22 22.92 -28.09
C VAL I 194 -49.54 21.45 -27.93
N GLY I 195 -49.57 20.98 -26.68
CA GLY I 195 -49.87 19.58 -26.40
C GLY I 195 -51.34 19.29 -26.24
N PHE I 196 -51.96 19.91 -25.25
CA PHE I 196 -53.36 19.66 -24.93
C PHE I 196 -54.17 20.93 -24.76
N SER I 197 -55.44 20.84 -25.11
CA SER I 197 -56.41 21.89 -24.80
C SER I 197 -57.34 21.34 -23.72
N ILE I 198 -57.23 21.89 -22.51
CA ILE I 198 -57.93 21.33 -21.36
C ILE I 198 -59.02 22.28 -20.88
N PRO I 199 -60.06 21.73 -20.22
CA PRO I 199 -61.17 22.52 -19.68
C PRO I 199 -60.70 23.56 -18.66
N ASP I 200 -61.57 24.53 -18.36
CA ASP I 200 -61.26 25.56 -17.38
C ASP I 200 -61.47 25.01 -15.97
N ALA I 201 -60.55 24.16 -15.53
CA ALA I 201 -60.61 23.58 -14.19
C ALA I 201 -59.21 23.55 -13.58
N PHE I 202 -59.14 23.57 -12.26
CA PHE I 202 -57.86 23.55 -11.58
C PHE I 202 -57.25 22.15 -11.58
N VAL I 203 -56.15 22.00 -12.29
CA VAL I 203 -55.50 20.69 -12.43
C VAL I 203 -54.19 20.62 -11.67
N VAL I 204 -53.83 19.42 -11.21
CA VAL I 204 -52.57 19.22 -10.54
C VAL I 204 -51.87 17.97 -11.09
N GLY I 205 -50.61 17.79 -10.72
CA GLY I 205 -49.85 16.66 -11.20
C GLY I 205 -48.93 17.02 -12.34
N TYR I 206 -47.93 16.16 -12.57
CA TYR I 206 -46.92 16.37 -13.60
C TYR I 206 -46.24 17.73 -13.42
N SER I 207 -45.70 17.94 -12.22
CA SER I 207 -44.99 19.15 -11.80
C SER I 207 -45.91 20.37 -11.64
N LEU I 208 -47.21 20.18 -11.85
CA LEU I 208 -48.19 21.24 -11.59
C LEU I 208 -48.72 21.13 -10.16
N ASP I 209 -48.67 22.23 -9.42
CA ASP I 209 -48.85 22.19 -7.97
C ASP I 209 -50.05 22.94 -7.41
N TYR I 210 -50.38 22.58 -6.17
CA TYR I 210 -51.23 23.38 -5.30
C TYR I 210 -50.51 23.56 -3.96
N ASN I 211 -49.91 24.73 -3.78
CA ASN I 211 -49.05 25.00 -2.62
C ASN I 211 -47.93 23.98 -2.48
N GLU I 212 -47.17 23.82 -3.56
CA GLU I 212 -45.99 22.97 -3.60
C GLU I 212 -46.29 21.49 -3.37
N LYS I 213 -47.57 21.13 -3.38
CA LYS I 213 -47.99 19.74 -3.29
C LYS I 213 -48.40 19.22 -4.67
N PHE I 214 -48.55 17.90 -4.77
CA PHE I 214 -49.01 17.22 -5.98
C PHE I 214 -48.07 17.33 -7.19
N ARG I 215 -46.86 17.83 -6.98
CA ARG I 215 -45.92 17.95 -8.09
C ARG I 215 -45.49 16.55 -8.51
N ASP I 216 -45.41 15.65 -7.54
CA ASP I 216 -44.92 14.30 -7.77
C ASP I 216 -45.99 13.37 -8.32
N LEU I 217 -47.20 13.89 -8.52
CA LEU I 217 -48.27 13.10 -9.10
C LEU I 217 -48.02 12.90 -10.59
N ASP I 218 -47.95 11.64 -11.02
CA ASP I 218 -47.57 11.32 -12.39
C ASP I 218 -48.68 11.61 -13.39
N HIS I 219 -49.92 11.58 -12.94
CA HIS I 219 -51.06 11.86 -13.80
C HIS I 219 -51.54 13.31 -13.61
N LEU I 220 -52.21 13.84 -14.62
CA LEU I 220 -52.83 15.15 -14.49
C LEU I 220 -54.24 14.98 -13.92
N CYS I 221 -54.45 15.52 -12.71
CA CYS I 221 -55.70 15.27 -12.00
C CYS I 221 -56.41 16.52 -11.52
N LEU I 222 -57.66 16.35 -11.10
CA LEU I 222 -58.45 17.42 -10.50
C LEU I 222 -58.56 17.21 -9.00
N VAL I 223 -58.31 18.26 -8.23
CA VAL I 223 -58.40 18.19 -6.77
C VAL I 223 -59.84 18.28 -6.29
N ASN I 224 -60.20 17.44 -5.32
CA ASN I 224 -61.52 17.51 -4.72
C ASN I 224 -61.53 18.58 -3.62
N ASP I 225 -62.68 18.76 -2.99
CA ASP I 225 -62.86 19.77 -1.95
C ASP I 225 -62.00 19.48 -0.73
N GLU I 226 -61.81 18.18 -0.46
CA GLU I 226 -61.07 17.74 0.70
C GLU I 226 -59.60 18.13 0.62
N GLY I 227 -59.05 18.00 -0.59
CA GLY I 227 -57.67 18.33 -0.88
C GLY I 227 -57.32 19.81 -0.78
N ILE I 228 -58.23 20.65 -1.26
CA ILE I 228 -58.05 22.09 -1.21
C ILE I 228 -57.95 22.62 0.22
N LYS I 229 -58.83 22.14 1.09
CA LYS I 229 -58.82 22.56 2.49
C LYS I 229 -57.60 22.00 3.22
N LYS I 230 -57.24 20.76 2.91
CA LYS I 230 -56.14 20.07 3.58
C LYS I 230 -54.80 20.76 3.40
N PHE I 231 -54.50 21.17 2.17
CA PHE I 231 -53.18 21.71 1.89
C PHE I 231 -53.19 23.23 1.73
N ARG I 232 -54.20 23.89 2.29
CA ARG I 232 -54.26 25.35 2.24
C ARG I 232 -53.21 25.92 3.19
N THR I 233 -52.61 27.04 2.80
CA THR I 233 -51.58 27.69 3.60
C THR I 233 -52.19 28.77 4.50
N LYS J 7 -59.86 -13.17 -2.25
CA LYS J 7 -60.44 -14.43 -2.67
C LYS J 7 -59.97 -14.79 -4.07
N ILE J 8 -59.31 -15.94 -4.21
CA ILE J 8 -58.80 -16.35 -5.51
C ILE J 8 -59.96 -16.85 -6.36
N PRO J 9 -60.16 -16.23 -7.54
CA PRO J 9 -61.27 -16.54 -8.44
C PRO J 9 -61.24 -17.99 -8.93
N ASN J 10 -62.36 -18.69 -8.81
CA ASN J 10 -62.47 -20.06 -9.28
C ASN J 10 -63.83 -20.32 -9.92
N ASN J 11 -64.12 -19.57 -10.96
CA ASN J 11 -65.35 -19.76 -11.72
C ASN J 11 -65.16 -19.14 -13.10
N PRO J 12 -64.42 -19.82 -13.98
CA PRO J 12 -64.03 -19.29 -15.29
C PRO J 12 -65.22 -18.89 -16.14
N GLY J 13 -65.30 -17.60 -16.45
CA GLY J 13 -66.37 -17.08 -17.27
C GLY J 13 -67.37 -16.26 -16.48
N ALA J 14 -67.30 -16.35 -15.17
CA ALA J 14 -68.25 -15.65 -14.32
C ALA J 14 -67.85 -14.21 -14.03
N GLY J 15 -66.58 -14.01 -13.69
CA GLY J 15 -66.10 -12.69 -13.30
C GLY J 15 -66.84 -12.21 -12.07
N GLU J 16 -66.90 -13.07 -11.05
CA GLU J 16 -67.71 -12.84 -9.86
C GLU J 16 -67.39 -11.52 -9.16
N ASN J 17 -66.11 -11.29 -8.90
CA ASN J 17 -65.67 -10.08 -8.21
C ASN J 17 -64.87 -9.17 -9.13
N ALA J 18 -65.18 -9.25 -10.43
CA ALA J 18 -64.46 -8.47 -11.43
C ALA J 18 -64.75 -6.98 -11.32
N LEU J 19 -63.70 -6.18 -11.34
CA LEU J 19 -63.81 -4.73 -11.34
C LEU J 19 -64.15 -4.20 -12.73
N GLU J 20 -64.88 -3.09 -12.78
CA GLU J 20 -65.27 -2.50 -14.05
C GLU J 20 -64.04 -2.00 -14.82
N PRO J 21 -64.01 -2.24 -16.14
CA PRO J 21 -62.88 -1.80 -16.97
C PRO J 21 -63.04 -0.38 -17.47
N ILE J 22 -62.07 0.10 -18.25
CA ILE J 22 -62.19 1.40 -18.90
C ILE J 22 -63.16 1.31 -20.08
N TYR J 23 -64.13 2.22 -20.12
CA TYR J 23 -65.10 2.22 -21.20
C TYR J 23 -64.65 3.16 -22.32
N ILE J 24 -64.08 2.58 -23.38
CA ILE J 24 -63.73 3.33 -24.58
C ILE J 24 -64.98 3.56 -25.41
N LYS J 25 -65.48 4.79 -25.45
CA LYS J 25 -66.74 5.06 -26.14
C LYS J 25 -66.72 4.82 -27.64
N ASP J 26 -67.92 4.62 -28.20
CA ASP J 26 -68.09 4.43 -29.64
C ASP J 26 -67.81 5.71 -30.40
N ASP J 27 -66.70 5.71 -31.15
CA ASP J 27 -66.32 6.81 -32.05
C ASP J 27 -65.60 7.90 -31.26
N ASP J 28 -64.58 7.50 -30.50
CA ASP J 28 -63.68 8.45 -29.86
C ASP J 28 -62.24 7.99 -30.06
N GLY J 29 -61.30 8.89 -29.83
CA GLY J 29 -59.89 8.56 -30.03
C GLY J 29 -59.15 9.74 -30.61
N TYR J 30 -58.05 9.47 -31.31
CA TYR J 30 -57.20 10.55 -31.77
C TYR J 30 -56.82 10.37 -33.24
N ASP J 31 -56.59 11.47 -33.93
CA ASP J 31 -56.16 11.42 -35.33
C ASP J 31 -54.69 11.03 -35.41
N ILE J 32 -54.20 10.86 -36.63
CA ILE J 32 -52.85 10.35 -36.85
C ILE J 32 -51.74 11.29 -36.37
N ASP J 33 -51.87 12.59 -36.65
CA ASP J 33 -50.80 13.54 -36.36
C ASP J 33 -50.67 13.87 -34.88
N THR J 34 -51.44 13.18 -34.04
CA THR J 34 -51.42 13.42 -32.61
C THR J 34 -50.22 12.75 -31.96
N PHE J 35 -49.97 11.50 -32.32
CA PHE J 35 -48.83 10.77 -31.77
C PHE J 35 -47.83 10.35 -32.85
N LEU J 36 -46.75 9.69 -32.42
CA LEU J 36 -45.76 9.16 -33.35
C LEU J 36 -46.20 7.83 -33.94
N ILE J 37 -46.42 7.80 -35.24
CA ILE J 37 -46.76 6.58 -35.93
C ILE J 37 -45.73 6.28 -37.01
N PRO J 38 -45.21 5.05 -37.05
CA PRO J 38 -44.27 4.62 -38.09
C PRO J 38 -44.81 4.93 -39.48
N ASP J 39 -43.95 5.47 -40.34
CA ASP J 39 -44.37 5.93 -41.66
C ASP J 39 -44.95 4.83 -42.56
N HIS J 40 -44.50 3.60 -42.35
CA HIS J 40 -44.94 2.50 -43.20
C HIS J 40 -46.32 1.98 -42.79
N TYR J 41 -46.87 2.54 -41.72
CA TYR J 41 -48.19 2.15 -41.22
C TYR J 41 -49.18 3.31 -41.26
N LYS J 42 -48.69 4.52 -41.53
CA LYS J 42 -49.50 5.73 -41.44
C LYS J 42 -50.67 5.74 -42.41
N ASN J 43 -50.45 5.16 -43.58
CA ASN J 43 -51.46 5.19 -44.64
C ASN J 43 -52.51 4.09 -44.48
N TYR J 44 -52.34 3.27 -43.45
CA TYR J 44 -53.22 2.12 -43.25
C TYR J 44 -54.00 2.22 -41.93
N ILE J 45 -53.98 3.40 -41.32
CA ILE J 45 -54.62 3.58 -40.03
C ILE J 45 -55.65 4.73 -40.04
N THR J 46 -56.87 4.41 -39.62
CA THR J 46 -57.93 5.40 -39.53
C THR J 46 -57.72 6.36 -38.37
N LYS J 47 -57.56 5.79 -37.18
CA LYS J 47 -57.46 6.56 -35.96
C LYS J 47 -56.75 5.76 -34.87
N VAL J 48 -56.23 6.47 -33.88
CA VAL J 48 -55.63 5.83 -32.72
C VAL J 48 -56.72 5.66 -31.66
N LEU J 49 -56.99 4.43 -31.27
CA LEU J 49 -58.04 4.16 -30.30
C LEU J 49 -57.50 4.39 -28.89
N ILE J 50 -56.44 3.66 -28.54
CA ILE J 50 -55.78 3.81 -27.24
C ILE J 50 -54.28 4.00 -27.40
N PRO J 51 -53.75 5.12 -26.90
CA PRO J 51 -52.31 5.42 -26.92
C PRO J 51 -51.48 4.40 -26.14
N ASN J 52 -50.22 4.23 -26.53
CA ASN J 52 -49.32 3.27 -25.89
C ASN J 52 -49.16 3.51 -24.40
N GLY J 53 -49.18 4.77 -23.99
CA GLY J 53 -49.00 5.11 -22.60
C GLY J 53 -50.16 4.69 -21.71
N VAL J 54 -51.38 4.80 -22.23
CA VAL J 54 -52.56 4.39 -21.49
C VAL J 54 -52.55 2.90 -21.23
N LEU J 55 -52.14 2.14 -22.24
CA LEU J 55 -52.06 0.69 -22.13
C LEU J 55 -51.17 0.28 -20.97
N LYS J 56 -49.96 0.82 -20.94
CA LYS J 56 -49.01 0.49 -19.88
C LYS J 56 -49.54 0.92 -18.52
N ASN J 57 -50.18 2.09 -18.45
CA ASN J 57 -50.72 2.58 -17.19
C ASN J 57 -51.86 1.73 -16.66
N ARG J 58 -52.68 1.20 -17.55
CA ARG J 58 -53.80 0.34 -17.17
C ARG J 58 -53.30 -1.02 -16.71
N ILE J 59 -52.38 -1.58 -17.49
CA ILE J 59 -51.76 -2.86 -17.18
C ILE J 59 -51.03 -2.78 -15.85
N GLU J 60 -50.42 -1.64 -15.60
CA GLU J 60 -49.72 -1.37 -14.36
C GLU J 60 -50.69 -1.46 -13.18
N LYS J 61 -51.93 -1.06 -13.41
CA LYS J 61 -52.96 -1.16 -12.39
C LYS J 61 -53.49 -2.59 -12.30
N LEU J 62 -53.58 -3.25 -13.45
CA LEU J 62 -54.02 -4.64 -13.51
C LEU J 62 -53.07 -5.55 -12.74
N ALA J 63 -51.77 -5.32 -12.89
CA ALA J 63 -50.76 -6.09 -12.17
C ALA J 63 -50.95 -5.92 -10.67
N PHE J 64 -51.35 -4.71 -10.26
CA PHE J 64 -51.63 -4.43 -8.87
C PHE J 64 -52.82 -5.22 -8.39
N ASP J 65 -53.87 -5.24 -9.20
CA ASP J 65 -55.10 -5.96 -8.90
C ASP J 65 -54.86 -7.46 -8.76
N ILE J 66 -54.00 -7.98 -9.64
CA ILE J 66 -53.66 -9.40 -9.63
C ILE J 66 -52.91 -9.80 -8.37
N LYS J 67 -51.96 -8.97 -7.96
CA LYS J 67 -51.15 -9.27 -6.80
C LYS J 67 -51.96 -9.19 -5.50
N GLN J 68 -53.00 -8.35 -5.51
CA GLN J 68 -53.85 -8.17 -4.34
C GLN J 68 -54.60 -9.45 -3.99
N VAL J 69 -54.93 -10.23 -5.01
CA VAL J 69 -55.72 -11.44 -4.80
C VAL J 69 -54.86 -12.69 -4.73
N TYR J 70 -53.62 -12.61 -5.20
CA TYR J 70 -52.72 -13.78 -5.19
C TYR J 70 -51.68 -13.65 -4.09
N ARG J 71 -51.82 -12.59 -3.29
CA ARG J 71 -50.99 -12.34 -2.12
C ARG J 71 -50.72 -13.60 -1.28
N ASN J 72 -49.45 -14.00 -1.21
CA ASN J 72 -48.95 -15.10 -0.36
C ASN J 72 -49.15 -16.48 -0.98
N GLU J 73 -49.52 -16.52 -2.26
CA GLU J 73 -49.65 -17.79 -2.96
C GLU J 73 -48.96 -17.78 -4.33
N GLU J 74 -48.40 -18.93 -4.70
CA GLU J 74 -47.80 -19.10 -6.03
C GLU J 74 -48.89 -19.33 -7.07
N PHE J 75 -48.77 -18.68 -8.22
CA PHE J 75 -49.73 -18.83 -9.29
C PHE J 75 -49.04 -18.92 -10.65
N HIS J 76 -49.63 -19.70 -11.56
CA HIS J 76 -49.03 -19.93 -12.88
C HIS J 76 -49.72 -19.13 -13.97
N VAL J 77 -48.98 -18.22 -14.59
CA VAL J 77 -49.53 -17.41 -15.68
C VAL J 77 -49.29 -18.08 -17.03
N ILE J 78 -50.32 -18.09 -17.87
CA ILE J 78 -50.22 -18.71 -19.18
C ILE J 78 -50.35 -17.68 -20.29
N CYS J 79 -49.29 -17.52 -21.08
CA CYS J 79 -49.28 -16.58 -22.19
C CYS J 79 -49.82 -17.22 -23.46
N LEU J 80 -50.91 -16.67 -23.97
CA LEU J 80 -51.54 -17.15 -25.19
C LEU J 80 -50.88 -16.54 -26.44
N LEU J 81 -49.92 -17.25 -26.99
CA LEU J 81 -49.19 -16.79 -28.17
C LEU J 81 -50.14 -16.63 -29.37
N LYS J 82 -49.88 -15.65 -30.23
CA LYS J 82 -48.74 -14.76 -30.12
C LYS J 82 -49.22 -13.33 -29.91
N GLY J 83 -50.50 -13.19 -29.59
CA GLY J 83 -51.11 -11.88 -29.42
C GLY J 83 -51.04 -11.34 -28.01
N SER J 84 -50.78 -12.22 -27.04
CA SER J 84 -50.75 -11.79 -25.66
C SER J 84 -49.34 -11.39 -25.22
N ARG J 85 -48.38 -11.51 -26.12
CA ARG J 85 -46.98 -11.30 -25.76
C ARG J 85 -46.73 -9.89 -25.22
N GLY J 86 -47.26 -8.90 -25.92
CA GLY J 86 -47.10 -7.51 -25.48
C GLY J 86 -47.74 -7.30 -24.13
N PHE J 87 -48.97 -7.79 -23.98
CA PHE J 87 -49.67 -7.72 -22.70
C PHE J 87 -48.92 -8.49 -21.63
N PHE J 88 -48.43 -9.68 -22.01
CA PHE J 88 -47.77 -10.59 -21.08
C PHE J 88 -46.44 -10.03 -20.56
N SER J 89 -45.60 -9.53 -21.46
CA SER J 89 -44.31 -9.00 -21.06
C SER J 89 -44.50 -7.75 -20.19
N ALA J 90 -45.49 -6.95 -20.55
CA ALA J 90 -45.82 -5.75 -19.78
C ALA J 90 -46.34 -6.14 -18.40
N LEU J 91 -47.09 -7.23 -18.34
CA LEU J 91 -47.65 -7.72 -17.08
C LEU J 91 -46.55 -8.21 -16.13
N LEU J 92 -45.59 -8.96 -16.69
CA LEU J 92 -44.49 -9.49 -15.89
C LEU J 92 -43.59 -8.39 -15.37
N LYS J 93 -43.41 -7.35 -16.18
CA LYS J 93 -42.56 -6.22 -15.82
C LYS J 93 -43.05 -5.53 -14.55
N TYR J 94 -44.34 -5.26 -14.47
CA TYR J 94 -44.90 -4.57 -13.30
C TYR J 94 -45.08 -5.50 -12.11
N LEU J 95 -45.25 -6.79 -12.40
CA LEU J 95 -45.30 -7.78 -11.33
C LEU J 95 -43.95 -7.91 -10.65
N ASN J 96 -42.89 -7.95 -11.46
CA ASN J 96 -41.53 -7.94 -10.93
C ASN J 96 -41.29 -6.65 -10.18
N ARG J 97 -41.81 -5.55 -10.73
CA ARG J 97 -41.66 -4.24 -10.12
C ARG J 97 -42.18 -4.25 -8.69
N ILE J 98 -43.33 -4.90 -8.49
CA ILE J 98 -43.91 -5.02 -7.15
C ILE J 98 -43.03 -5.91 -6.27
N HIS J 99 -42.62 -7.03 -6.83
CA HIS J 99 -41.77 -7.99 -6.13
C HIS J 99 -40.39 -7.43 -5.83
N ASN J 100 -39.98 -6.44 -6.60
CA ASN J 100 -38.64 -5.92 -6.50
C ASN J 100 -38.55 -4.88 -5.39
N TYR J 101 -39.69 -4.39 -4.95
CA TYR J 101 -39.75 -3.35 -3.93
C TYR J 101 -40.48 -3.82 -2.67
N SER J 102 -40.88 -5.09 -2.65
CA SER J 102 -41.61 -5.60 -1.49
C SER J 102 -40.76 -6.42 -0.52
N SER J 103 -40.63 -5.91 0.70
CA SER J 103 -39.93 -6.57 1.78
C SER J 103 -40.63 -7.85 2.26
N THR J 104 -41.97 -7.86 2.15
CA THR J 104 -42.79 -8.97 2.61
C THR J 104 -43.00 -10.11 1.60
N GLU J 105 -42.00 -10.44 0.79
CA GLU J 105 -42.21 -11.49 -0.21
C GLU J 105 -41.40 -12.74 0.08
N SER J 106 -41.86 -13.85 -0.51
CA SER J 106 -41.28 -15.17 -0.33
C SER J 106 -41.09 -15.84 -1.68
N PRO J 107 -39.89 -16.36 -1.94
CA PRO J 107 -39.60 -16.94 -3.26
C PRO J 107 -40.43 -18.17 -3.61
N LYS J 108 -41.21 -18.71 -2.66
CA LYS J 108 -42.10 -19.83 -3.00
C LYS J 108 -43.49 -19.35 -3.35
N HIS J 109 -43.74 -18.06 -3.12
CA HIS J 109 -45.01 -17.43 -3.46
C HIS J 109 -44.79 -16.36 -4.52
N LEU J 110 -44.61 -16.79 -5.76
CA LEU J 110 -44.36 -15.85 -6.85
C LEU J 110 -45.14 -16.36 -8.05
N TYR J 111 -44.60 -16.18 -9.25
CA TYR J 111 -45.31 -16.66 -10.43
C TYR J 111 -44.43 -17.53 -11.31
N VAL J 112 -45.08 -18.43 -12.06
CA VAL J 112 -44.39 -19.27 -13.01
C VAL J 112 -44.97 -19.10 -14.42
N GLU J 113 -44.11 -18.77 -15.38
CA GLU J 113 -44.54 -18.49 -16.74
C GLU J 113 -44.68 -19.74 -17.60
N HIS J 114 -45.76 -19.80 -18.39
CA HIS J 114 -46.00 -20.89 -19.33
C HIS J 114 -46.46 -20.31 -20.67
N TYR J 115 -46.17 -21.02 -21.76
CA TYR J 115 -46.52 -20.52 -23.08
C TYR J 115 -47.24 -21.59 -23.90
N VAL J 116 -48.43 -21.24 -24.37
CA VAL J 116 -49.23 -22.13 -25.22
C VAL J 116 -49.68 -21.43 -26.50
N ARG J 117 -49.95 -22.23 -27.54
CA ARG J 117 -50.54 -21.73 -28.78
C ARG J 117 -51.84 -22.47 -29.06
N VAL J 118 -52.93 -21.73 -29.18
CA VAL J 118 -54.26 -22.33 -29.35
C VAL J 118 -54.84 -22.09 -30.75
N LYS J 119 -55.25 -23.16 -31.42
CA LYS J 119 -55.84 -23.05 -32.75
C LYS J 119 -57.27 -23.56 -32.76
N SER J 120 -58.17 -22.77 -33.33
CA SER J 120 -59.57 -23.13 -33.41
C SER J 120 -60.04 -23.30 -34.85
N ILE J 130 -60.36 -28.72 -30.12
CA ILE J 130 -59.45 -27.66 -29.71
C ILE J 130 -58.08 -28.26 -29.58
N GLU J 131 -57.10 -27.71 -30.28
CA GLU J 131 -55.77 -28.29 -30.19
C GLU J 131 -54.82 -27.28 -29.59
N ILE J 132 -54.00 -27.77 -28.67
CA ILE J 132 -53.10 -26.92 -27.91
C ILE J 132 -51.66 -27.32 -28.20
N VAL J 133 -50.84 -26.36 -28.60
CA VAL J 133 -49.43 -26.65 -28.84
C VAL J 133 -48.56 -26.08 -27.72
N SER J 134 -48.13 -26.95 -26.82
CA SER J 134 -47.29 -26.57 -25.69
C SER J 134 -46.57 -27.79 -25.13
N GLU J 135 -46.02 -27.64 -23.93
CA GLU J 135 -45.39 -28.76 -23.23
C GLU J 135 -46.33 -29.26 -22.13
N ASP J 136 -46.06 -30.47 -21.64
CA ASP J 136 -46.84 -31.18 -20.62
C ASP J 136 -48.22 -30.62 -20.16
N LEU J 137 -48.18 -29.63 -19.26
CA LEU J 137 -49.33 -29.00 -18.58
C LEU J 137 -49.82 -29.87 -17.42
N SER J 138 -49.16 -31.01 -17.20
CA SER J 138 -49.48 -31.89 -16.08
C SER J 138 -48.93 -31.38 -14.76
N CYS J 139 -47.99 -30.44 -14.84
CA CYS J 139 -47.38 -29.85 -13.66
C CYS J 139 -48.29 -28.78 -13.08
N LEU J 140 -49.42 -28.57 -13.74
CA LEU J 140 -50.39 -27.57 -13.31
C LEU J 140 -51.38 -28.19 -12.32
N LYS J 141 -51.15 -29.45 -11.98
CA LYS J 141 -52.00 -30.13 -11.00
C LYS J 141 -51.86 -29.45 -9.65
N ASP J 142 -53.01 -29.19 -9.02
CA ASP J 142 -53.05 -28.51 -7.72
C ASP J 142 -52.37 -27.15 -7.76
N LYS J 143 -52.45 -26.46 -8.89
CA LYS J 143 -51.84 -25.14 -9.02
C LYS J 143 -52.88 -24.08 -9.38
N HIS J 144 -52.63 -22.85 -8.95
CA HIS J 144 -53.47 -21.71 -9.34
C HIS J 144 -53.06 -21.21 -10.71
N VAL J 145 -53.98 -21.20 -11.66
CA VAL J 145 -53.68 -20.82 -13.04
C VAL J 145 -54.32 -19.49 -13.41
N LEU J 146 -53.52 -18.59 -13.99
CA LEU J 146 -54.01 -17.33 -14.50
C LEU J 146 -53.75 -17.24 -16.00
N ILE J 147 -54.82 -17.22 -16.78
CA ILE J 147 -54.72 -17.16 -18.24
C ILE J 147 -54.61 -15.73 -18.72
N VAL J 148 -53.63 -15.46 -19.58
CA VAL J 148 -53.41 -14.12 -20.11
C VAL J 148 -53.83 -14.02 -21.58
N GLU J 149 -54.99 -13.41 -21.82
CA GLU J 149 -55.52 -13.25 -23.18
C GLU J 149 -55.52 -11.79 -23.61
N ASP J 150 -55.20 -11.54 -24.88
CA ASP J 150 -55.15 -10.19 -25.41
C ASP J 150 -56.54 -9.58 -25.62
N ILE J 151 -57.46 -10.35 -26.18
CA ILE J 151 -58.76 -9.81 -26.53
C ILE J 151 -59.86 -10.88 -26.53
N ILE J 152 -61.03 -10.51 -26.04
CA ILE J 152 -62.20 -11.37 -26.09
C ILE J 152 -63.24 -10.79 -27.04
N ASP J 153 -63.59 -11.55 -28.08
CA ASP J 153 -64.58 -11.12 -29.05
C ASP J 153 -65.90 -11.85 -28.80
N THR J 154 -65.95 -13.11 -29.23
CA THR J 154 -67.15 -13.93 -29.07
C THR J 154 -67.09 -14.74 -27.78
N GLY J 155 -65.88 -14.95 -27.28
CA GLY J 155 -65.67 -15.66 -26.03
C GLY J 155 -65.67 -17.17 -26.14
N LYS J 156 -65.75 -17.68 -27.36
CA LYS J 156 -65.79 -19.12 -27.59
C LYS J 156 -64.47 -19.80 -27.28
N THR J 157 -63.37 -19.18 -27.69
CA THR J 157 -62.04 -19.74 -27.52
C THR J 157 -61.71 -20.01 -26.05
N LEU J 158 -62.00 -19.05 -25.19
CA LEU J 158 -61.66 -19.19 -23.77
C LEU J 158 -62.55 -20.20 -23.06
N LEU J 159 -63.78 -20.35 -23.52
CA LEU J 159 -64.71 -21.30 -22.92
C LEU J 159 -64.22 -22.72 -23.15
N LYS J 160 -63.83 -23.02 -24.38
CA LYS J 160 -63.31 -24.34 -24.73
C LYS J 160 -61.94 -24.62 -24.09
N PHE J 161 -61.13 -23.58 -23.93
CA PHE J 161 -59.81 -23.76 -23.34
C PHE J 161 -59.95 -24.13 -21.86
N CYS J 162 -60.95 -23.54 -21.21
CA CYS J 162 -61.25 -23.84 -19.81
C CYS J 162 -61.74 -25.29 -19.66
N GLU J 163 -62.40 -25.79 -20.71
CA GLU J 163 -62.82 -27.19 -20.73
C GLU J 163 -61.64 -28.13 -20.82
N TYR J 164 -60.68 -27.77 -21.67
CA TYR J 164 -59.47 -28.56 -21.83
C TYR J 164 -58.57 -28.50 -20.59
N LEU J 165 -58.56 -27.34 -19.94
CA LEU J 165 -57.68 -27.10 -18.80
C LEU J 165 -58.12 -27.80 -17.52
N LYS J 166 -59.38 -28.18 -17.43
CA LYS J 166 -59.89 -28.84 -16.22
C LYS J 166 -59.45 -30.31 -16.16
N LYS J 167 -58.87 -30.79 -17.25
CA LYS J 167 -58.42 -32.19 -17.33
C LYS J 167 -57.10 -32.42 -16.58
N PHE J 168 -56.44 -31.33 -16.20
CA PHE J 168 -55.15 -31.43 -15.49
C PHE J 168 -55.32 -31.24 -13.99
N GLU J 169 -56.57 -31.24 -13.54
CA GLU J 169 -56.90 -31.16 -12.12
C GLU J 169 -56.28 -29.94 -11.43
N VAL J 170 -56.51 -28.76 -11.99
CA VAL J 170 -56.02 -27.54 -11.38
C VAL J 170 -56.94 -27.10 -10.25
N LYS J 171 -56.42 -26.29 -9.33
CA LYS J 171 -57.20 -25.79 -8.22
C LYS J 171 -58.18 -24.70 -8.63
N THR J 172 -57.63 -23.63 -9.21
CA THR J 172 -58.44 -22.50 -9.63
C THR J 172 -58.06 -22.04 -11.04
N ILE J 173 -59.00 -21.41 -11.72
CA ILE J 173 -58.73 -20.84 -13.04
C ILE J 173 -59.25 -19.41 -13.09
N ALA J 174 -58.33 -18.46 -13.21
CA ALA J 174 -58.71 -17.06 -13.36
C ALA J 174 -58.25 -16.55 -14.73
N ILE J 175 -58.95 -15.56 -15.25
CA ILE J 175 -58.61 -15.02 -16.56
C ILE J 175 -58.41 -13.52 -16.51
N THR J 176 -57.26 -13.07 -17.01
CA THR J 176 -57.02 -11.65 -17.19
C THR J 176 -57.04 -11.35 -18.69
N CYS J 177 -57.68 -10.25 -19.07
CA CYS J 177 -57.80 -9.90 -20.48
C CYS J 177 -57.64 -8.41 -20.69
N LEU J 178 -56.92 -8.04 -21.74
CA LEU J 178 -56.61 -6.64 -22.02
C LEU J 178 -57.77 -5.91 -22.69
N PHE J 179 -58.41 -6.55 -23.67
CA PHE J 179 -59.53 -5.95 -24.39
C PHE J 179 -60.75 -6.86 -24.48
N ILE J 180 -61.92 -6.31 -24.22
CA ILE J 180 -63.16 -7.02 -24.53
C ILE J 180 -63.99 -6.20 -25.52
N LYS J 181 -64.36 -6.82 -26.65
CA LYS J 181 -65.15 -6.12 -27.65
C LYS J 181 -66.61 -6.21 -27.29
N ARG J 182 -67.33 -5.11 -27.47
CA ARG J 182 -68.76 -5.09 -27.20
C ARG J 182 -69.52 -5.61 -28.42
N THR J 183 -69.27 -6.88 -28.73
CA THR J 183 -69.95 -7.53 -29.84
C THR J 183 -71.19 -8.21 -29.30
N PRO J 184 -72.32 -8.07 -30.00
CA PRO J 184 -73.54 -8.76 -29.60
C PRO J 184 -73.41 -10.29 -29.73
N LEU J 185 -72.33 -10.74 -30.35
CA LEU J 185 -72.06 -12.17 -30.52
C LEU J 185 -71.36 -12.78 -29.31
N TRP J 186 -71.19 -11.97 -28.27
CA TRP J 186 -70.54 -12.40 -27.04
C TRP J 186 -71.36 -13.47 -26.32
N ASN J 187 -70.70 -14.52 -25.85
CA ASN J 187 -71.40 -15.66 -25.26
C ASN J 187 -71.53 -15.55 -23.74
N GLY J 188 -71.05 -14.44 -23.18
CA GLY J 188 -71.22 -14.17 -21.76
C GLY J 188 -70.04 -14.56 -20.90
N PHE J 189 -68.92 -14.90 -21.54
CA PHE J 189 -67.70 -15.26 -20.80
C PHE J 189 -67.01 -14.01 -20.28
N LYS J 190 -66.93 -13.88 -18.96
CA LYS J 190 -66.31 -12.71 -18.37
C LYS J 190 -64.94 -13.04 -17.76
N ALA J 191 -63.99 -12.12 -17.95
CA ALA J 191 -62.69 -12.28 -17.34
C ALA J 191 -62.72 -11.70 -15.93
N ASP J 192 -61.79 -12.12 -15.09
CA ASP J 192 -61.76 -11.67 -13.71
C ASP J 192 -60.94 -10.38 -13.59
N PHE J 193 -60.08 -10.16 -14.58
CA PHE J 193 -59.22 -8.97 -14.63
C PHE J 193 -59.21 -8.37 -16.04
N VAL J 194 -60.02 -7.34 -16.26
CA VAL J 194 -60.17 -6.74 -17.58
C VAL J 194 -59.53 -5.36 -17.66
N GLY J 195 -58.87 -5.09 -18.78
CA GLY J 195 -58.22 -3.81 -18.99
C GLY J 195 -59.12 -2.77 -19.62
N PHE J 196 -59.58 -3.04 -20.84
CA PHE J 196 -60.40 -2.08 -21.59
C PHE J 196 -61.66 -2.70 -22.19
N SER J 197 -62.71 -1.90 -22.30
CA SER J 197 -63.90 -2.27 -23.06
C SER J 197 -63.98 -1.44 -24.33
N ILE J 198 -63.77 -2.08 -25.48
CA ILE J 198 -63.66 -1.36 -26.75
C ILE J 198 -64.85 -1.64 -27.68
N PRO J 199 -65.16 -0.69 -28.59
CA PRO J 199 -66.26 -0.84 -29.56
C PRO J 199 -66.09 -2.04 -30.49
N ASP J 200 -67.17 -2.42 -31.18
CA ASP J 200 -67.12 -3.55 -32.09
C ASP J 200 -66.48 -3.14 -33.42
N ALA J 201 -65.17 -2.96 -33.39
CA ALA J 201 -64.39 -2.62 -34.59
C ALA J 201 -63.07 -3.38 -34.57
N PHE J 202 -62.50 -3.64 -35.73
CA PHE J 202 -61.25 -4.39 -35.82
C PHE J 202 -60.04 -3.53 -35.49
N VAL J 203 -59.36 -3.86 -34.40
CA VAL J 203 -58.22 -3.07 -33.95
C VAL J 203 -56.91 -3.81 -34.15
N VAL J 204 -55.83 -3.05 -34.34
CA VAL J 204 -54.49 -3.64 -34.46
C VAL J 204 -53.50 -2.87 -33.61
N GLY J 205 -52.29 -3.42 -33.48
CA GLY J 205 -51.28 -2.79 -32.66
C GLY J 205 -51.13 -3.47 -31.32
N TYR J 206 -50.00 -3.24 -30.67
CA TYR J 206 -49.70 -3.85 -29.38
C TYR J 206 -49.79 -5.38 -29.47
N SER J 207 -49.09 -5.95 -30.44
CA SER J 207 -49.03 -7.39 -30.68
C SER J 207 -50.36 -7.97 -31.21
N LEU J 208 -51.35 -7.11 -31.45
CA LEU J 208 -52.59 -7.54 -32.09
C LEU J 208 -52.43 -7.35 -33.59
N ASP J 209 -52.72 -8.39 -34.35
CA ASP J 209 -52.32 -8.41 -35.76
C ASP J 209 -53.46 -8.43 -36.76
N TYR J 210 -53.12 -8.08 -37.98
CA TYR J 210 -53.95 -8.38 -39.14
C TYR J 210 -53.06 -9.06 -40.16
N ASN J 211 -53.14 -10.39 -40.22
CA ASN J 211 -52.25 -11.20 -41.05
C ASN J 211 -50.77 -10.98 -40.76
N GLU J 212 -50.38 -11.16 -39.50
CA GLU J 212 -48.99 -11.04 -39.04
C GLU J 212 -48.43 -9.62 -39.20
N LYS J 213 -49.30 -8.68 -39.56
CA LYS J 213 -48.90 -7.28 -39.67
C LYS J 213 -49.37 -6.45 -38.48
N PHE J 214 -48.80 -5.26 -38.34
CA PHE J 214 -49.18 -4.28 -37.32
C PHE J 214 -48.90 -4.75 -35.89
N ARG J 215 -48.16 -5.85 -35.75
CA ARG J 215 -47.83 -6.34 -34.42
C ARG J 215 -46.86 -5.39 -33.72
N ASP J 216 -45.98 -4.79 -34.51
CA ASP J 216 -44.91 -3.94 -33.97
C ASP J 216 -45.37 -2.54 -33.64
N LEU J 217 -46.64 -2.25 -33.92
CA LEU J 217 -47.22 -0.95 -33.61
C LEU J 217 -47.49 -0.79 -32.12
N ASP J 218 -46.98 0.28 -31.52
CA ASP J 218 -47.07 0.47 -30.08
C ASP J 218 -48.45 0.93 -29.60
N HIS J 219 -49.20 1.58 -30.48
CA HIS J 219 -50.54 2.06 -30.13
C HIS J 219 -51.61 1.11 -30.63
N LEU J 220 -52.78 1.12 -29.98
CA LEU J 220 -53.93 0.37 -30.46
C LEU J 220 -54.75 1.22 -31.44
N CYS J 221 -54.82 0.78 -32.69
CA CYS J 221 -55.43 1.58 -33.75
C CYS J 221 -56.48 0.81 -34.53
N LEU J 222 -57.25 1.53 -35.33
CA LEU J 222 -58.23 0.92 -36.22
C LEU J 222 -57.72 0.92 -37.65
N VAL J 223 -57.82 -0.23 -38.31
CA VAL J 223 -57.37 -0.36 -39.69
C VAL J 223 -58.40 0.25 -40.62
N ASN J 224 -57.95 1.00 -41.62
CA ASN J 224 -58.87 1.54 -42.61
C ASN J 224 -59.15 0.50 -43.69
N ASP J 225 -60.03 0.83 -44.62
CA ASP J 225 -60.42 -0.10 -45.67
C ASP J 225 -59.27 -0.42 -46.62
N GLU J 226 -58.42 0.57 -46.86
CA GLU J 226 -57.27 0.36 -47.74
C GLU J 226 -56.28 -0.63 -47.14
N GLY J 227 -56.07 -0.53 -45.83
CA GLY J 227 -55.16 -1.42 -45.13
C GLY J 227 -55.65 -2.85 -45.15
N ILE J 228 -56.95 -3.02 -44.95
CA ILE J 228 -57.57 -4.33 -44.97
C ILE J 228 -57.40 -5.01 -46.33
N LYS J 229 -57.60 -4.26 -47.40
CA LYS J 229 -57.45 -4.83 -48.75
C LYS J 229 -56.01 -5.14 -49.11
N LYS J 230 -55.09 -4.24 -48.75
CA LYS J 230 -53.68 -4.39 -49.13
C LYS J 230 -53.04 -5.64 -48.54
N PHE J 231 -53.31 -5.89 -47.26
CA PHE J 231 -52.69 -6.99 -46.54
C PHE J 231 -53.60 -8.18 -46.29
N ARG J 232 -54.63 -8.30 -47.12
CA ARG J 232 -55.54 -9.44 -47.08
C ARG J 232 -54.80 -10.68 -47.62
N THR J 233 -55.06 -11.84 -47.03
CA THR J 233 -54.39 -13.10 -47.43
C THR J 233 -55.17 -13.92 -48.46
N LYS K 7 5.22 -24.86 -16.35
CA LYS K 7 6.21 -23.80 -16.20
C LYS K 7 6.30 -23.24 -14.78
N ILE K 8 7.48 -22.73 -14.44
CA ILE K 8 7.77 -22.13 -13.14
C ILE K 8 7.11 -20.74 -13.04
N PRO K 9 6.32 -20.54 -11.98
CA PRO K 9 5.51 -19.36 -11.69
C PRO K 9 6.30 -18.06 -11.57
N ASN K 10 5.83 -17.02 -12.25
CA ASN K 10 6.46 -15.71 -12.19
C ASN K 10 5.40 -14.61 -12.17
N ASN K 11 4.56 -14.64 -11.14
CA ASN K 11 3.55 -13.62 -10.91
C ASN K 11 3.13 -13.62 -9.45
N PRO K 12 3.97 -13.01 -8.59
CA PRO K 12 3.79 -13.05 -7.13
C PRO K 12 2.44 -12.51 -6.68
N GLY K 13 1.63 -13.38 -6.09
CA GLY K 13 0.33 -12.99 -5.58
C GLY K 13 -0.84 -13.54 -6.37
N ALA K 14 -0.56 -14.06 -7.57
CA ALA K 14 -1.62 -14.57 -8.44
C ALA K 14 -2.00 -16.02 -8.16
N GLY K 15 -1.00 -16.88 -7.98
CA GLY K 15 -1.24 -18.30 -7.77
C GLY K 15 -1.93 -18.93 -8.97
N GLU K 16 -1.42 -18.63 -10.16
CA GLU K 16 -2.04 -19.03 -11.42
C GLU K 16 -2.22 -20.55 -11.55
N ASN K 17 -1.16 -21.30 -11.27
CA ASN K 17 -1.23 -22.74 -11.41
C ASN K 17 -1.15 -23.45 -10.07
N ALA K 18 -1.57 -22.78 -9.01
CA ALA K 18 -1.49 -23.35 -7.67
C ALA K 18 -2.49 -24.48 -7.50
N LEU K 19 -2.01 -25.60 -6.97
CA LEU K 19 -2.89 -26.72 -6.65
C LEU K 19 -3.61 -26.44 -5.34
N GLU K 20 -4.85 -26.92 -5.24
CA GLU K 20 -5.63 -26.68 -4.04
C GLU K 20 -5.03 -27.38 -2.83
N PRO K 21 -5.02 -26.69 -1.67
CA PRO K 21 -4.45 -27.23 -0.44
C PRO K 21 -5.47 -28.07 0.32
N ILE K 22 -5.07 -28.60 1.47
CA ILE K 22 -6.01 -29.29 2.35
C ILE K 22 -6.94 -28.28 3.01
N TYR K 23 -8.24 -28.53 2.91
CA TYR K 23 -9.21 -27.64 3.50
C TYR K 23 -9.56 -28.11 4.90
N ILE K 24 -8.99 -27.46 5.91
CA ILE K 24 -9.34 -27.74 7.29
C ILE K 24 -10.65 -27.05 7.67
N LYS K 25 -11.71 -27.84 7.82
CA LYS K 25 -13.05 -27.31 8.06
C LYS K 25 -13.19 -26.60 9.40
N ASP K 26 -14.21 -25.75 9.49
CA ASP K 26 -14.53 -25.02 10.72
C ASP K 26 -15.05 -25.92 11.83
N ASP K 27 -14.23 -26.08 12.86
CA ASP K 27 -14.59 -26.80 14.09
C ASP K 27 -14.42 -28.30 13.88
N ASP K 28 -13.25 -28.68 13.40
CA ASP K 28 -12.85 -30.07 13.35
C ASP K 28 -11.44 -30.14 13.90
N GLY K 29 -11.01 -31.33 14.26
CA GLY K 29 -9.69 -31.49 14.84
C GLY K 29 -9.79 -32.55 15.91
N TYR K 30 -8.91 -32.49 16.88
CA TYR K 30 -8.88 -33.55 17.88
C TYR K 30 -8.79 -32.95 19.27
N ASP K 31 -9.31 -33.68 20.24
CA ASP K 31 -9.22 -33.24 21.63
C ASP K 31 -7.80 -33.46 22.13
N ILE K 32 -7.54 -33.03 23.37
CA ILE K 32 -6.19 -33.06 23.91
C ILE K 32 -5.66 -34.49 24.06
N ASP K 33 -6.53 -35.38 24.52
CA ASP K 33 -6.12 -36.74 24.84
C ASP K 33 -5.88 -37.61 23.60
N THR K 34 -5.96 -37.00 22.42
CA THR K 34 -5.77 -37.74 21.17
C THR K 34 -4.31 -38.00 20.86
N PHE K 35 -3.50 -36.94 20.92
CA PHE K 35 -2.07 -37.04 20.67
C PHE K 35 -1.26 -36.63 21.90
N LEU K 36 0.06 -36.69 21.78
CA LEU K 36 0.95 -36.30 22.86
C LEU K 36 1.15 -34.78 22.91
N ILE K 37 0.69 -34.17 23.99
CA ILE K 37 0.88 -32.73 24.20
C ILE K 37 1.66 -32.52 25.49
N PRO K 38 2.71 -31.66 25.42
CA PRO K 38 3.53 -31.31 26.58
C PRO K 38 2.70 -30.88 27.78
N ASP K 39 3.04 -31.37 28.97
CA ASP K 39 2.25 -31.08 30.17
C ASP K 39 2.22 -29.60 30.50
N HIS K 40 3.28 -28.89 30.15
CA HIS K 40 3.36 -27.46 30.46
C HIS K 40 2.56 -26.62 29.47
N TYR K 41 2.00 -27.27 28.46
CA TYR K 41 1.18 -26.60 27.44
C TYR K 41 -0.26 -27.11 27.43
N LYS K 42 -0.50 -28.20 28.15
CA LYS K 42 -1.77 -28.91 28.10
C LYS K 42 -2.96 -28.07 28.55
N ASN K 43 -2.72 -27.22 29.53
CA ASN K 43 -3.78 -26.42 30.13
C ASN K 43 -4.08 -25.13 29.37
N TYR K 44 -3.33 -24.89 28.30
CA TYR K 44 -3.45 -23.64 27.55
C TYR K 44 -3.90 -23.88 26.11
N ILE K 45 -4.36 -25.09 25.83
CA ILE K 45 -4.74 -25.46 24.47
C ILE K 45 -6.17 -25.98 24.39
N THR K 46 -6.97 -25.41 23.50
CA THR K 46 -8.35 -25.84 23.30
C THR K 46 -8.39 -27.22 22.65
N LYS K 47 -7.77 -27.32 21.47
CA LYS K 47 -7.77 -28.58 20.72
C LYS K 47 -6.63 -28.61 19.71
N VAL K 48 -6.31 -29.79 19.21
CA VAL K 48 -5.29 -29.94 18.18
C VAL K 48 -5.93 -29.82 16.79
N LEU K 49 -5.49 -28.83 16.03
CA LEU K 49 -6.05 -28.58 14.70
C LEU K 49 -5.43 -29.53 13.68
N ILE K 50 -4.11 -29.45 13.54
CA ILE K 50 -3.38 -30.31 12.61
C ILE K 50 -2.22 -31.00 13.32
N PRO K 51 -2.22 -32.34 13.32
CA PRO K 51 -1.15 -33.16 13.91
C PRO K 51 0.21 -32.95 13.25
N ASN K 52 1.27 -33.17 14.01
CA ASN K 52 2.65 -33.01 13.53
C ASN K 52 2.96 -33.85 12.30
N GLY K 53 2.40 -35.06 12.25
CA GLY K 53 2.63 -35.97 11.16
C GLY K 53 1.99 -35.54 9.85
N VAL K 54 0.80 -34.95 9.94
CA VAL K 54 0.11 -34.46 8.75
C VAL K 54 0.92 -33.35 8.08
N LEU K 55 1.48 -32.46 8.89
CA LEU K 55 2.30 -31.36 8.40
C LEU K 55 3.47 -31.86 7.57
N LYS K 56 4.24 -32.78 8.14
CA LYS K 56 5.42 -33.33 7.47
C LYS K 56 5.06 -34.05 6.16
N ASN K 57 3.96 -34.78 6.17
CA ASN K 57 3.51 -35.48 4.96
C ASN K 57 3.10 -34.50 3.86
N ARG K 58 2.49 -33.39 4.26
CA ARG K 58 2.06 -32.37 3.31
C ARG K 58 3.25 -31.61 2.77
N ILE K 59 4.16 -31.23 3.67
CA ILE K 59 5.38 -30.54 3.30
C ILE K 59 6.23 -31.43 2.39
N GLU K 60 6.24 -32.72 2.68
CA GLU K 60 6.97 -33.67 1.84
C GLU K 60 6.41 -33.64 0.42
N LYS K 61 5.10 -33.43 0.33
CA LYS K 61 4.43 -33.34 -0.97
C LYS K 61 4.65 -31.98 -1.63
N LEU K 62 4.71 -30.92 -0.81
CA LEU K 62 4.97 -29.58 -1.34
C LEU K 62 6.34 -29.54 -2.00
N ALA K 63 7.32 -30.14 -1.34
CA ALA K 63 8.67 -30.22 -1.88
C ALA K 63 8.69 -30.98 -3.20
N PHE K 64 7.82 -31.99 -3.31
CA PHE K 64 7.71 -32.74 -4.54
C PHE K 64 7.14 -31.84 -5.63
N ASP K 65 6.10 -31.08 -5.30
CA ASP K 65 5.48 -30.15 -6.25
C ASP K 65 6.44 -29.07 -6.70
N ILE K 66 7.24 -28.57 -5.76
CA ILE K 66 8.25 -27.54 -6.02
C ILE K 66 9.35 -28.07 -6.93
N LYS K 67 9.78 -29.30 -6.67
CA LYS K 67 10.84 -29.92 -7.47
C LYS K 67 10.38 -30.21 -8.89
N GLN K 68 9.07 -30.43 -9.06
CA GLN K 68 8.52 -30.74 -10.38
C GLN K 68 8.63 -29.55 -11.33
N VAL K 69 8.53 -28.33 -10.79
CA VAL K 69 8.53 -27.13 -11.61
C VAL K 69 9.90 -26.47 -11.71
N TYR K 70 10.80 -26.81 -10.80
CA TYR K 70 12.14 -26.21 -10.79
C TYR K 70 13.21 -27.14 -11.35
N ARG K 71 12.95 -28.44 -11.30
CA ARG K 71 13.87 -29.44 -11.85
C ARG K 71 15.30 -29.21 -11.36
N ASN K 72 16.25 -29.21 -12.29
CA ASN K 72 17.64 -28.95 -11.96
C ASN K 72 18.06 -27.50 -12.14
N GLU K 73 17.09 -26.59 -12.08
CA GLU K 73 17.46 -25.19 -12.14
C GLU K 73 17.77 -24.70 -10.73
N GLU K 74 18.77 -23.84 -10.60
CA GLU K 74 19.10 -23.34 -9.29
C GLU K 74 18.15 -22.23 -8.90
N PHE K 75 17.66 -22.31 -7.66
CA PHE K 75 16.73 -21.32 -7.12
C PHE K 75 17.09 -21.00 -5.68
N HIS K 76 16.86 -19.75 -5.28
CA HIS K 76 17.23 -19.31 -3.95
C HIS K 76 16.01 -19.22 -3.04
N VAL K 77 15.96 -20.04 -1.99
CA VAL K 77 14.85 -20.01 -1.06
C VAL K 77 15.10 -19.03 0.07
N ILE K 78 14.08 -18.24 0.38
CA ILE K 78 14.21 -17.24 1.42
C ILE K 78 13.29 -17.57 2.59
N CYS K 79 13.91 -17.80 3.74
CA CYS K 79 13.16 -18.12 4.95
C CYS K 79 12.76 -16.87 5.71
N LEU K 80 11.45 -16.68 5.86
CA LEU K 80 10.96 -15.51 6.59
C LEU K 80 10.96 -15.79 8.08
N LEU K 81 12.08 -15.45 8.71
CA LEU K 81 12.27 -15.66 10.14
C LEU K 81 11.27 -14.85 10.98
N LYS K 82 10.88 -15.37 12.13
CA LYS K 82 11.38 -16.65 12.63
C LYS K 82 10.26 -17.68 12.76
N GLY K 83 9.13 -17.40 12.12
CA GLY K 83 7.98 -18.29 12.19
C GLY K 83 8.03 -19.35 11.10
N SER K 84 8.84 -19.12 10.08
CA SER K 84 8.94 -20.04 8.95
C SER K 84 10.03 -21.09 9.15
N ARG K 85 10.74 -21.03 10.28
CA ARG K 85 11.91 -21.87 10.50
C ARG K 85 11.57 -23.36 10.42
N GLY K 86 10.52 -23.77 11.11
CA GLY K 86 10.10 -25.16 11.10
C GLY K 86 9.70 -25.64 9.71
N PHE K 87 8.89 -24.84 9.03
CA PHE K 87 8.49 -25.14 7.65
C PHE K 87 9.72 -25.20 6.75
N PHE K 88 10.64 -24.26 6.96
CA PHE K 88 11.83 -24.14 6.13
C PHE K 88 12.75 -25.35 6.29
N SER K 89 13.03 -25.74 7.53
CA SER K 89 13.94 -26.86 7.78
C SER K 89 13.33 -28.15 7.28
N ALA K 90 12.02 -28.30 7.45
CA ALA K 90 11.30 -29.49 6.97
C ALA K 90 11.32 -29.55 5.46
N LEU K 91 11.25 -28.38 4.83
CA LEU K 91 11.25 -28.30 3.37
C LEU K 91 12.60 -28.74 2.80
N LEU K 92 13.69 -28.29 3.43
CA LEU K 92 15.04 -28.64 2.99
C LEU K 92 15.31 -30.13 3.18
N LYS K 93 14.77 -30.69 4.26
CA LYS K 93 14.95 -32.10 4.57
C LYS K 93 14.44 -32.97 3.43
N TYR K 94 13.23 -32.67 2.95
CA TYR K 94 12.61 -33.45 1.89
C TYR K 94 13.15 -33.09 0.51
N LEU K 95 13.65 -31.87 0.35
CA LEU K 95 14.29 -31.46 -0.90
C LEU K 95 15.59 -32.22 -1.13
N ASN K 96 16.42 -32.34 -0.09
CA ASN K 96 17.63 -33.13 -0.17
C ASN K 96 17.28 -34.58 -0.44
N ARG K 97 16.20 -35.02 0.19
CA ARG K 97 15.69 -36.39 0.06
C ARG K 97 15.37 -36.73 -1.39
N ILE K 98 14.75 -35.79 -2.11
CA ILE K 98 14.38 -36.00 -3.50
C ILE K 98 15.57 -36.13 -4.47
N HIS K 99 16.55 -35.25 -4.36
CA HIS K 99 17.72 -35.33 -5.23
C HIS K 99 18.54 -36.58 -4.96
N ASN K 100 18.43 -37.11 -3.75
CA ASN K 100 19.22 -38.27 -3.35
C ASN K 100 18.54 -39.59 -3.71
N TYR K 101 17.23 -39.54 -3.96
CA TYR K 101 16.47 -40.76 -4.23
C TYR K 101 15.73 -40.81 -5.57
N SER K 102 15.21 -39.68 -6.05
CA SER K 102 14.45 -39.66 -7.30
C SER K 102 15.26 -40.21 -8.48
N SER K 103 14.53 -40.69 -9.48
CA SER K 103 15.13 -41.26 -10.69
C SER K 103 15.94 -40.27 -11.51
N THR K 104 15.58 -38.99 -11.42
CA THR K 104 16.25 -37.95 -12.20
C THR K 104 17.54 -37.50 -11.52
N GLU K 105 18.61 -37.41 -12.32
CA GLU K 105 19.92 -37.05 -11.80
C GLU K 105 20.01 -35.54 -11.67
N SER K 106 20.92 -35.06 -10.83
CA SER K 106 21.00 -33.62 -10.64
C SER K 106 22.39 -33.02 -10.61
N PRO K 107 22.68 -32.11 -11.54
CA PRO K 107 23.91 -31.32 -11.59
C PRO K 107 23.92 -30.30 -10.46
N LYS K 108 25.02 -30.22 -9.71
CA LYS K 108 25.17 -29.25 -8.63
C LYS K 108 24.14 -29.44 -7.50
N HIS K 109 23.75 -28.34 -6.86
CA HIS K 109 22.89 -28.37 -5.67
C HIS K 109 21.46 -27.94 -5.95
N LEU K 110 21.35 -26.90 -6.77
CA LEU K 110 20.10 -26.29 -7.23
C LEU K 110 19.38 -25.38 -6.22
N TYR K 111 19.65 -25.47 -4.92
CA TYR K 111 19.04 -24.44 -4.06
C TYR K 111 20.04 -23.76 -3.12
N VAL K 112 19.85 -22.46 -2.92
CA VAL K 112 20.65 -21.65 -1.98
C VAL K 112 19.74 -20.99 -0.96
N GLU K 113 20.07 -21.20 0.30
CA GLU K 113 19.28 -20.74 1.42
C GLU K 113 19.58 -19.29 1.82
N HIS K 114 18.53 -18.52 2.09
CA HIS K 114 18.65 -17.14 2.54
C HIS K 114 17.71 -16.85 3.71
N TYR K 115 18.09 -15.92 4.57
CA TYR K 115 17.26 -15.66 5.75
C TYR K 115 17.02 -14.15 5.91
N VAL K 116 15.76 -13.77 5.94
CA VAL K 116 15.37 -12.37 6.13
C VAL K 116 14.38 -12.18 7.26
N ARG K 117 14.33 -10.97 7.79
CA ARG K 117 13.33 -10.61 8.80
C ARG K 117 12.50 -9.42 8.32
N VAL K 118 11.20 -9.65 8.15
CA VAL K 118 10.29 -8.62 7.63
C VAL K 118 9.26 -8.16 8.65
N LYS K 119 9.19 -6.85 8.88
CA LYS K 119 8.21 -6.30 9.80
C LYS K 119 7.30 -5.30 9.08
N ILE K 130 7.41 -1.47 6.64
CA ILE K 130 8.23 -2.45 5.94
C ILE K 130 9.72 -2.24 6.20
N GLU K 131 10.23 -3.02 7.15
CA GLU K 131 11.63 -2.94 7.55
C GLU K 131 12.28 -4.31 7.39
N ILE K 132 13.49 -4.33 6.83
CA ILE K 132 14.15 -5.60 6.49
C ILE K 132 15.48 -5.84 7.20
N VAL K 133 15.59 -6.97 7.90
CA VAL K 133 16.86 -7.40 8.49
C VAL K 133 17.39 -8.57 7.68
N SER K 134 18.37 -8.29 6.81
CA SER K 134 18.87 -9.30 5.89
C SER K 134 20.26 -8.98 5.33
N GLU K 135 20.52 -9.55 4.16
CA GLU K 135 21.74 -9.33 3.38
C GLU K 135 21.51 -8.21 2.38
N ASP K 136 22.34 -8.18 1.35
CA ASP K 136 22.27 -7.13 0.34
C ASP K 136 21.21 -7.48 -0.68
N LEU K 137 21.02 -8.79 -0.89
CA LEU K 137 20.06 -9.32 -1.86
C LEU K 137 20.28 -8.85 -3.29
N SER K 138 21.35 -8.11 -3.53
CA SER K 138 21.69 -7.65 -4.87
C SER K 138 22.25 -8.84 -5.65
N CYS K 139 22.60 -9.89 -4.90
CA CYS K 139 23.11 -11.12 -5.48
C CYS K 139 21.96 -12.01 -5.99
N LEU K 140 20.72 -11.56 -5.78
CA LEU K 140 19.57 -12.32 -6.24
C LEU K 140 19.19 -11.87 -7.66
N LYS K 141 20.02 -11.00 -8.22
CA LYS K 141 19.81 -10.55 -9.59
C LYS K 141 19.93 -11.74 -10.53
N ASP K 142 18.98 -11.84 -11.46
CA ASP K 142 18.93 -12.94 -12.42
C ASP K 142 18.86 -14.30 -11.72
N LYS K 143 18.20 -14.35 -10.57
CA LYS K 143 18.02 -15.58 -9.82
C LYS K 143 16.55 -15.92 -9.60
N HIS K 144 16.25 -17.20 -9.49
CA HIS K 144 14.91 -17.67 -9.17
C HIS K 144 14.67 -17.61 -7.67
N VAL K 145 13.63 -16.89 -7.25
CA VAL K 145 13.37 -16.71 -5.83
C VAL K 145 12.12 -17.48 -5.40
N LEU K 146 12.26 -18.25 -4.32
CA LEU K 146 11.13 -18.94 -3.71
C LEU K 146 10.97 -18.49 -2.27
N ILE K 147 9.86 -17.81 -1.98
CA ILE K 147 9.61 -17.32 -0.63
C ILE K 147 8.89 -18.35 0.24
N VAL K 148 9.44 -18.63 1.41
CA VAL K 148 8.87 -19.59 2.33
C VAL K 148 8.23 -18.91 3.55
N GLU K 149 6.91 -18.78 3.55
CA GLU K 149 6.22 -18.12 4.65
C GLU K 149 5.38 -19.10 5.46
N ASP K 150 5.35 -18.90 6.77
CA ASP K 150 4.64 -19.78 7.69
C ASP K 150 3.14 -19.64 7.57
N ILE K 151 2.65 -18.41 7.47
CA ILE K 151 1.22 -18.17 7.46
C ILE K 151 0.85 -16.89 6.73
N ILE K 152 -0.25 -16.93 5.97
CA ILE K 152 -0.77 -15.74 5.32
C ILE K 152 -2.11 -15.37 5.95
N ASP K 153 -2.16 -14.16 6.52
CA ASP K 153 -3.37 -13.67 7.16
C ASP K 153 -4.04 -12.62 6.27
N THR K 154 -3.49 -11.41 6.29
CA THR K 154 -4.04 -10.31 5.51
C THR K 154 -3.36 -10.19 4.15
N GLY K 155 -2.16 -10.73 4.03
CA GLY K 155 -1.43 -10.71 2.77
C GLY K 155 -0.70 -9.41 2.56
N LYS K 156 -0.71 -8.56 3.57
CA LYS K 156 -0.07 -7.25 3.50
C LYS K 156 1.44 -7.37 3.45
N THR K 157 1.98 -8.23 4.32
CA THR K 157 3.42 -8.41 4.45
C THR K 157 4.12 -8.91 3.19
N LEU K 158 3.54 -9.94 2.57
CA LEU K 158 4.16 -10.55 1.40
C LEU K 158 4.00 -9.69 0.15
N LEU K 159 2.94 -8.88 0.11
CA LEU K 159 2.71 -7.98 -1.01
C LEU K 159 3.79 -6.91 -1.06
N LYS K 160 4.09 -6.34 0.10
CA LYS K 160 5.09 -5.30 0.22
C LYS K 160 6.47 -5.87 -0.08
N PHE K 161 6.70 -7.11 0.37
CA PHE K 161 7.99 -7.76 0.24
C PHE K 161 8.29 -8.16 -1.21
N CYS K 162 7.26 -8.58 -1.94
CA CYS K 162 7.45 -8.97 -3.34
C CYS K 162 7.81 -7.80 -4.23
N GLU K 163 7.29 -6.62 -3.92
CA GLU K 163 7.63 -5.42 -4.69
C GLU K 163 9.06 -5.02 -4.40
N TYR K 164 9.48 -5.19 -3.14
CA TYR K 164 10.84 -4.88 -2.73
C TYR K 164 11.83 -5.83 -3.42
N LEU K 165 11.40 -7.06 -3.65
CA LEU K 165 12.25 -8.05 -4.32
C LEU K 165 12.33 -7.77 -5.82
N LYS K 166 11.35 -7.04 -6.34
CA LYS K 166 11.34 -6.69 -7.77
C LYS K 166 12.34 -5.61 -8.11
N LYS K 167 12.86 -4.95 -7.09
CA LYS K 167 13.82 -3.89 -7.30
C LYS K 167 15.20 -4.48 -7.54
N PHE K 168 15.35 -5.78 -7.29
CA PHE K 168 16.67 -6.40 -7.39
C PHE K 168 16.84 -7.15 -8.70
N GLU K 169 15.89 -6.98 -9.62
CA GLU K 169 15.96 -7.57 -10.96
C GLU K 169 16.14 -9.09 -10.93
N VAL K 170 15.26 -9.76 -10.19
CA VAL K 170 15.28 -11.21 -10.12
C VAL K 170 14.57 -11.78 -11.33
N LYS K 171 14.85 -13.03 -11.67
CA LYS K 171 14.17 -13.62 -12.83
C LYS K 171 12.71 -13.93 -12.50
N THR K 172 12.49 -14.71 -11.45
CA THR K 172 11.13 -15.08 -11.06
C THR K 172 10.90 -14.94 -9.56
N ILE K 173 9.64 -14.77 -9.17
CA ILE K 173 9.27 -14.76 -7.76
C ILE K 173 8.12 -15.72 -7.52
N ALA K 174 8.40 -16.80 -6.79
CA ALA K 174 7.37 -17.77 -6.43
C ALA K 174 7.21 -17.83 -4.92
N ILE K 175 6.01 -18.16 -4.46
CA ILE K 175 5.76 -18.22 -3.03
C ILE K 175 5.15 -19.55 -2.60
N THR K 176 5.77 -20.21 -1.63
CA THR K 176 5.19 -21.38 -1.00
C THR K 176 4.75 -21.01 0.42
N CYS K 177 3.58 -21.51 0.83
CA CYS K 177 3.02 -21.17 2.12
C CYS K 177 2.41 -22.38 2.83
N LEU K 178 2.64 -22.49 4.13
CA LEU K 178 2.16 -23.64 4.89
C LEU K 178 0.68 -23.48 5.30
N PHE K 179 0.32 -22.31 5.80
CA PHE K 179 -1.06 -22.04 6.20
C PHE K 179 -1.59 -20.75 5.60
N ILE K 180 -2.80 -20.80 5.06
CA ILE K 180 -3.51 -19.59 4.67
C ILE K 180 -4.84 -19.49 5.44
N LYS K 181 -5.02 -18.36 6.11
CA LYS K 181 -6.23 -18.13 6.91
C LYS K 181 -7.35 -17.54 6.08
N ARG K 182 -8.57 -18.03 6.32
CA ARG K 182 -9.75 -17.53 5.62
C ARG K 182 -10.34 -16.31 6.33
N THR K 183 -9.55 -15.24 6.37
CA THR K 183 -9.98 -13.97 6.97
C THR K 183 -10.58 -13.07 5.89
N PRO K 184 -11.72 -12.41 6.20
CA PRO K 184 -12.31 -11.45 5.26
C PRO K 184 -11.43 -10.23 5.00
N LEU K 185 -10.36 -10.07 5.78
CA LEU K 185 -9.43 -8.97 5.62
C LEU K 185 -8.34 -9.31 4.59
N TRP K 186 -8.47 -10.47 3.97
CA TRP K 186 -7.50 -10.95 2.97
C TRP K 186 -7.50 -10.05 1.74
N ASN K 187 -6.32 -9.71 1.25
CA ASN K 187 -6.21 -8.78 0.13
C ASN K 187 -6.11 -9.48 -1.23
N GLY K 188 -6.21 -10.80 -1.22
CA GLY K 188 -6.21 -11.56 -2.45
C GLY K 188 -4.85 -12.12 -2.86
N PHE K 189 -3.88 -12.06 -1.94
CA PHE K 189 -2.55 -12.58 -2.23
C PHE K 189 -2.53 -14.10 -2.18
N LYS K 190 -2.23 -14.73 -3.31
CA LYS K 190 -2.21 -16.19 -3.42
C LYS K 190 -0.79 -16.73 -3.54
N ALA K 191 -0.51 -17.81 -2.83
CA ALA K 191 0.77 -18.48 -2.94
C ALA K 191 0.73 -19.53 -4.06
N ASP K 192 1.90 -19.91 -4.55
CA ASP K 192 1.97 -20.89 -5.63
C ASP K 192 2.03 -22.32 -5.11
N PHE K 193 2.42 -22.48 -3.86
CA PHE K 193 2.47 -23.80 -3.24
C PHE K 193 1.91 -23.72 -1.82
N VAL K 194 0.64 -24.09 -1.67
CA VAL K 194 -0.04 -23.95 -0.38
C VAL K 194 -0.28 -25.31 0.26
N GLY K 195 -0.04 -25.38 1.58
CA GLY K 195 -0.22 -26.60 2.33
C GLY K 195 -1.62 -26.78 2.87
N PHE K 196 -2.04 -25.85 3.72
CA PHE K 196 -3.34 -25.96 4.38
C PHE K 196 -4.13 -24.66 4.31
N SER K 197 -5.46 -24.79 4.28
CA SER K 197 -6.36 -23.65 4.41
C SER K 197 -7.08 -23.74 5.77
N ILE K 198 -6.79 -22.81 6.67
CA ILE K 198 -7.30 -22.89 8.03
C ILE K 198 -8.33 -21.80 8.36
N PRO K 199 -9.23 -22.08 9.33
CA PRO K 199 -10.24 -21.12 9.80
C PRO K 199 -9.65 -19.84 10.38
N ASP K 200 -10.48 -18.82 10.55
CA ASP K 200 -10.03 -17.56 11.13
C ASP K 200 -9.96 -17.66 12.65
N ALA K 201 -8.95 -18.37 13.14
CA ALA K 201 -8.72 -18.50 14.58
C ALA K 201 -7.22 -18.43 14.80
N PHE K 202 -6.82 -17.95 15.98
CA PHE K 202 -5.39 -17.79 16.25
C PHE K 202 -4.75 -19.13 16.57
N VAL K 203 -3.83 -19.56 15.70
CA VAL K 203 -3.19 -20.86 15.86
C VAL K 203 -1.75 -20.70 16.32
N VAL K 204 -1.26 -21.70 17.06
CA VAL K 204 0.12 -21.72 17.50
C VAL K 204 0.73 -23.10 17.26
N GLY K 205 2.05 -23.20 17.44
CA GLY K 205 2.73 -24.46 17.23
C GLY K 205 3.43 -24.49 15.87
N TYR K 206 4.40 -25.38 15.76
CA TYR K 206 5.22 -25.52 14.54
C TYR K 206 5.84 -24.17 14.17
N SER K 207 6.54 -23.57 15.14
CA SER K 207 7.23 -22.29 15.02
C SER K 207 6.30 -21.08 14.93
N LEU K 208 4.99 -21.30 15.02
CA LEU K 208 4.04 -20.19 15.09
C LEU K 208 3.78 -19.83 16.54
N ASP K 209 3.90 -18.55 16.87
CA ASP K 209 3.96 -18.12 18.27
C ASP K 209 2.81 -17.23 18.72
N TYR K 210 2.64 -17.16 20.03
CA TYR K 210 1.84 -16.13 20.67
C TYR K 210 2.71 -15.50 21.75
N ASN K 211 3.28 -14.33 21.44
CA ASN K 211 4.27 -13.68 22.30
C ASN K 211 5.45 -14.61 22.57
N GLU K 212 6.04 -15.13 21.49
CA GLU K 212 7.24 -15.97 21.55
C GLU K 212 7.06 -17.29 22.31
N LYS K 213 5.82 -17.64 22.61
CA LYS K 213 5.52 -18.93 23.22
C LYS K 213 4.94 -19.90 22.19
N PHE K 214 4.91 -21.18 22.56
CA PHE K 214 4.32 -22.25 21.74
C PHE K 214 5.04 -22.52 20.42
N ARG K 215 6.22 -21.95 20.23
CA ARG K 215 6.97 -22.18 18.99
C ARG K 215 7.44 -23.63 18.93
N ASP K 216 7.80 -24.17 20.08
CA ASP K 216 8.35 -25.52 20.17
C ASP K 216 7.24 -26.58 20.19
N LEU K 217 5.99 -26.14 20.12
CA LEU K 217 4.87 -27.06 20.06
C LEU K 217 4.83 -27.74 18.69
N ASP K 218 4.86 -29.07 18.68
CA ASP K 218 4.98 -29.81 17.43
C ASP K 218 3.69 -29.86 16.62
N HIS K 219 2.55 -29.75 17.29
CA HIS K 219 1.26 -29.79 16.61
C HIS K 219 0.72 -28.38 16.41
N LEU K 220 -0.14 -28.20 15.41
CA LEU K 220 -0.82 -26.92 15.21
C LEU K 220 -2.11 -26.86 16.03
N CYS K 221 -2.15 -25.94 16.99
CA CYS K 221 -3.24 -25.91 17.96
C CYS K 221 -3.93 -24.56 18.06
N LEU K 222 -5.08 -24.54 18.73
CA LEU K 222 -5.81 -23.31 19.00
C LEU K 222 -5.66 -22.93 20.48
N VAL K 223 -5.35 -21.66 20.73
CA VAL K 223 -5.18 -21.18 22.10
C VAL K 223 -6.53 -20.88 22.75
N ASN K 224 -6.67 -21.29 24.01
CA ASN K 224 -7.85 -20.97 24.80
C ASN K 224 -7.74 -19.59 25.45
N ASP K 225 -8.79 -19.18 26.14
CA ASP K 225 -8.81 -17.89 26.81
C ASP K 225 -7.80 -17.82 27.94
N GLU K 226 -7.57 -18.97 28.57
CA GLU K 226 -6.63 -19.06 29.68
C GLU K 226 -5.21 -18.77 29.20
N GLY K 227 -4.88 -19.27 28.02
CA GLY K 227 -3.57 -19.07 27.43
C GLY K 227 -3.32 -17.62 27.04
N ILE K 228 -4.33 -16.97 26.47
CA ILE K 228 -4.23 -15.58 26.05
C ILE K 228 -3.98 -14.67 27.25
N LYS K 229 -4.71 -14.92 28.33
CA LYS K 229 -4.60 -14.11 29.55
C LYS K 229 -3.27 -14.35 30.26
N LYS K 230 -2.84 -15.61 30.28
CA LYS K 230 -1.62 -16.02 31.00
C LYS K 230 -0.36 -15.40 30.40
N PHE K 231 -0.25 -15.43 29.08
CA PHE K 231 0.96 -14.96 28.39
C PHE K 231 0.77 -13.61 27.70
N ARG K 232 -0.18 -12.84 28.21
CA ARG K 232 -0.44 -11.49 27.72
C ARG K 232 0.68 -10.53 28.11
N THR K 233 1.02 -9.61 27.22
CA THR K 233 2.08 -8.64 27.47
C THR K 233 1.52 -7.33 28.01
N LYS L 7 -5.12 -49.14 36.65
CA LYS L 7 -4.67 -50.48 37.03
C LYS L 7 -4.38 -51.28 35.75
N ILE L 8 -3.55 -52.31 35.82
CA ILE L 8 -3.24 -53.14 34.65
C ILE L 8 -4.41 -53.97 34.15
N PRO L 9 -4.77 -53.79 32.88
CA PRO L 9 -5.91 -54.45 32.23
C PRO L 9 -5.76 -55.96 32.21
N ASN L 10 -6.78 -56.66 32.69
CA ASN L 10 -6.78 -58.12 32.71
C ASN L 10 -8.17 -58.68 32.43
N ASN L 11 -8.71 -58.36 31.25
CA ASN L 11 -9.99 -58.90 30.83
C ASN L 11 -10.16 -58.83 29.31
N PRO L 12 -9.49 -59.75 28.60
CA PRO L 12 -9.38 -59.77 27.14
C PRO L 12 -10.71 -59.81 26.39
N GLY L 13 -10.99 -58.75 25.63
CA GLY L 13 -12.19 -58.68 24.82
C GLY L 13 -13.20 -57.72 25.39
N ALA L 14 -13.00 -57.35 26.65
CA ALA L 14 -13.95 -56.50 27.34
C ALA L 14 -13.68 -55.03 27.05
N GLY L 15 -12.40 -54.65 27.11
CA GLY L 15 -12.03 -53.26 26.93
C GLY L 15 -12.65 -52.40 28.01
N GLU L 16 -12.49 -52.84 29.26
CA GLU L 16 -13.18 -52.24 30.38
C GLU L 16 -12.93 -50.75 30.54
N ASN L 17 -11.66 -50.37 30.56
CA ASN L 17 -11.28 -48.97 30.73
C ASN L 17 -10.59 -48.38 29.51
N ALA L 18 -10.91 -48.90 28.34
CA ALA L 18 -10.27 -48.47 27.11
C ALA L 18 -10.66 -47.03 26.78
N LEU L 19 -9.65 -46.24 26.43
CA LEU L 19 -9.86 -44.85 26.02
C LEU L 19 -10.40 -44.80 24.60
N GLU L 20 -11.21 -43.78 24.31
CA GLU L 20 -11.84 -43.64 23.01
C GLU L 20 -10.82 -43.44 21.90
N PRO L 21 -10.99 -44.13 20.77
CA PRO L 21 -10.06 -43.98 19.66
C PRO L 21 -10.45 -42.83 18.74
N ILE L 22 -9.66 -42.60 17.69
CA ILE L 22 -10.01 -41.63 16.68
C ILE L 22 -11.14 -42.17 15.81
N TYR L 23 -12.19 -41.38 15.66
CA TYR L 23 -13.33 -41.79 14.85
C TYR L 23 -13.19 -41.31 13.41
N ILE L 24 -12.76 -42.20 12.53
CA ILE L 24 -12.69 -41.92 11.09
C ILE L 24 -14.07 -42.05 10.45
N LYS L 25 -14.65 -40.92 10.05
CA LYS L 25 -16.01 -40.88 9.52
C LYS L 25 -16.17 -41.63 8.20
N ASP L 26 -17.40 -42.05 7.90
CA ASP L 26 -17.75 -42.69 6.64
C ASP L 26 -17.70 -41.72 5.48
N ASP L 27 -16.73 -41.92 4.59
CA ASP L 27 -16.58 -41.12 3.37
C ASP L 27 -15.85 -39.84 3.75
N ASP L 28 -14.72 -40.02 4.42
CA ASP L 28 -13.83 -38.91 4.70
C ASP L 28 -12.41 -39.37 4.37
N GLY L 29 -11.50 -38.42 4.18
CA GLY L 29 -10.13 -38.74 3.81
C GLY L 29 -9.59 -37.73 2.81
N TYR L 30 -8.61 -38.15 2.02
CA TYR L 30 -7.93 -37.24 1.10
C TYR L 30 -7.79 -37.85 -0.28
N ASP L 31 -7.73 -36.99 -1.30
CA ASP L 31 -7.54 -37.46 -2.67
C ASP L 31 -6.08 -37.84 -2.88
N ILE L 32 -5.75 -38.36 -4.05
CA ILE L 32 -4.42 -38.91 -4.31
C ILE L 32 -3.29 -37.88 -4.30
N ASP L 33 -3.52 -36.72 -4.92
CA ASP L 33 -2.47 -35.71 -5.09
C ASP L 33 -2.15 -34.92 -3.82
N THR L 34 -2.76 -35.30 -2.71
CA THR L 34 -2.57 -34.58 -1.45
C THR L 34 -1.26 -34.95 -0.78
N PHE L 35 -0.97 -36.24 -0.70
CA PHE L 35 0.26 -36.73 -0.08
C PHE L 35 1.11 -37.50 -1.09
N LEU L 36 2.26 -38.01 -0.65
CA LEU L 36 3.10 -38.81 -1.53
C LEU L 36 2.65 -40.25 -1.61
N ILE L 37 2.22 -40.64 -2.81
CA ILE L 37 1.85 -42.01 -3.10
C ILE L 37 2.74 -42.52 -4.23
N PRO L 38 3.34 -43.71 -4.05
CA PRO L 38 4.18 -44.35 -5.07
C PRO L 38 3.49 -44.45 -6.43
N ASP L 39 4.22 -44.16 -7.51
CA ASP L 39 3.63 -44.15 -8.85
C ASP L 39 3.09 -45.52 -9.27
N HIS L 40 3.71 -46.58 -8.74
CA HIS L 40 3.31 -47.94 -9.10
C HIS L 40 2.07 -48.42 -8.35
N TYR L 41 1.60 -47.59 -7.41
CA TYR L 41 0.39 -47.90 -6.64
C TYR L 41 -0.70 -46.87 -6.88
N LYS L 42 -0.35 -45.79 -7.57
CA LYS L 42 -1.24 -44.64 -7.70
C LYS L 42 -2.53 -44.96 -8.47
N ASN L 43 -2.47 -45.86 -9.43
CA ASN L 43 -3.65 -46.18 -10.23
C ASN L 43 -4.58 -47.20 -9.59
N TYR L 44 -4.20 -47.72 -8.41
CA TYR L 44 -4.97 -48.79 -7.79
C TYR L 44 -5.57 -48.35 -6.46
N ILE L 45 -5.53 -47.05 -6.20
CA ILE L 45 -5.97 -46.50 -4.94
C ILE L 45 -7.07 -45.46 -5.11
N THR L 46 -8.17 -45.65 -4.41
CA THR L 46 -9.28 -44.72 -4.44
C THR L 46 -8.95 -43.42 -3.72
N LYS L 47 -8.58 -43.55 -2.44
CA LYS L 47 -8.29 -42.40 -1.60
C LYS L 47 -7.41 -42.76 -0.41
N VAL L 48 -6.81 -41.75 0.21
CA VAL L 48 -6.04 -41.95 1.44
C VAL L 48 -6.96 -41.78 2.64
N LEU L 49 -7.09 -42.83 3.44
CA LEU L 49 -7.96 -42.79 4.61
C LEU L 49 -7.26 -42.11 5.77
N ILE L 50 -6.10 -42.66 6.13
CA ILE L 50 -5.27 -42.09 7.20
C ILE L 50 -3.84 -41.92 6.74
N PRO L 51 -3.32 -40.67 6.80
CA PRO L 51 -1.94 -40.35 6.43
C PRO L 51 -0.91 -41.05 7.32
N ASN L 52 0.28 -41.30 6.77
CA ASN L 52 1.35 -41.97 7.48
C ASN L 52 1.74 -41.29 8.79
N GLY L 53 1.69 -39.96 8.79
CA GLY L 53 2.08 -39.18 9.94
C GLY L 53 1.11 -39.27 11.10
N VAL L 54 -0.18 -39.33 10.79
CA VAL L 54 -1.20 -39.48 11.82
C VAL L 54 -1.05 -40.80 12.55
N LEU L 55 -0.76 -41.84 11.80
CA LEU L 55 -0.55 -43.17 12.37
C LEU L 55 0.57 -43.12 13.40
N LYS L 56 1.71 -42.56 13.01
CA LYS L 56 2.86 -42.47 13.89
C LYS L 56 2.55 -41.64 15.14
N ASN L 57 1.86 -40.52 14.96
CA ASN L 57 1.51 -39.67 16.10
C ASN L 57 0.55 -40.38 17.03
N ARG L 58 -0.36 -41.16 16.46
CA ARG L 58 -1.33 -41.90 17.24
C ARG L 58 -0.69 -43.07 17.96
N ILE L 59 0.16 -43.83 17.26
CA ILE L 59 0.87 -44.95 17.87
C ILE L 59 1.75 -44.46 19.01
N GLU L 60 2.34 -43.28 18.81
CA GLU L 60 3.16 -42.65 19.84
C GLU L 60 2.36 -42.35 21.11
N LYS L 61 1.09 -42.00 20.93
CA LYS L 61 0.21 -41.72 22.06
C LYS L 61 -0.23 -43.02 22.71
N LEU L 62 -0.42 -44.05 21.89
CA LEU L 62 -0.78 -45.37 22.37
C LEU L 62 0.32 -45.92 23.27
N ALA L 63 1.57 -45.74 22.83
CA ALA L 63 2.73 -46.18 23.59
C ALA L 63 2.79 -45.49 24.94
N PHE L 64 2.34 -44.24 24.98
CA PHE L 64 2.25 -43.50 26.23
C PHE L 64 1.19 -44.10 27.14
N ASP L 65 0.02 -44.42 26.56
CA ASP L 65 -1.08 -45.02 27.30
C ASP L 65 -0.69 -46.38 27.87
N ILE L 66 0.05 -47.15 27.08
CA ILE L 66 0.54 -48.46 27.49
C ILE L 66 1.52 -48.30 28.65
N LYS L 67 2.37 -47.29 28.55
CA LYS L 67 3.34 -46.99 29.59
C LYS L 67 2.69 -46.49 30.88
N GLN L 68 1.54 -45.82 30.75
CA GLN L 68 0.86 -45.28 31.92
C GLN L 68 0.41 -46.39 32.85
N VAL L 69 0.07 -47.54 32.29
CA VAL L 69 -0.40 -48.62 33.12
C VAL L 69 0.70 -49.64 33.45
N TYR L 70 1.71 -49.75 32.60
CA TYR L 70 2.75 -50.78 32.77
C TYR L 70 4.02 -50.20 33.38
N ARG L 71 3.90 -48.94 33.77
CA ARG L 71 4.97 -48.19 34.39
C ARG L 71 5.86 -48.99 35.36
N ASN L 72 7.04 -49.38 34.86
CA ASN L 72 8.09 -50.07 35.63
C ASN L 72 7.85 -51.56 35.87
N GLU L 73 7.01 -52.16 35.04
CA GLU L 73 6.79 -53.59 35.17
C GLU L 73 7.09 -54.28 33.86
N GLU L 74 7.65 -55.48 33.93
CA GLU L 74 7.96 -56.22 32.73
C GLU L 74 6.71 -56.84 32.15
N PHE L 75 6.54 -56.68 30.85
CA PHE L 75 5.41 -57.24 30.12
C PHE L 75 5.90 -57.78 28.78
N HIS L 76 5.28 -58.85 28.32
CA HIS L 76 5.71 -59.49 27.09
C HIS L 76 4.78 -59.15 25.93
N VAL L 77 5.32 -58.46 24.94
CA VAL L 77 4.55 -58.07 23.77
C VAL L 77 4.63 -59.15 22.68
N ILE L 78 3.48 -59.47 22.10
CA ILE L 78 3.40 -60.49 21.06
C ILE L 78 2.99 -59.89 19.72
N CYS L 79 3.88 -59.97 18.75
CA CYS L 79 3.61 -59.44 17.42
C CYS L 79 2.92 -60.47 16.54
N LEU L 80 1.70 -60.13 16.10
CA LEU L 80 0.92 -61.01 15.25
C LEU L 80 1.31 -60.82 13.78
N LEU L 81 2.28 -61.59 13.33
CA LEU L 81 2.77 -61.54 11.95
C LEU L 81 1.70 -61.93 10.94
N LYS L 82 1.75 -61.34 9.74
CA LYS L 82 2.79 -60.39 9.38
C LYS L 82 2.20 -59.03 9.10
N GLY L 83 0.96 -58.81 9.53
CA GLY L 83 0.29 -57.55 9.29
C GLY L 83 0.53 -56.55 10.40
N SER L 84 1.00 -57.03 11.55
CA SER L 84 1.21 -56.16 12.70
C SER L 84 2.61 -55.60 12.73
N ARG L 85 3.44 -55.99 11.76
CA ARG L 85 4.86 -55.65 11.77
C ARG L 85 5.06 -54.13 11.78
N GLY L 86 4.32 -53.44 10.91
CA GLY L 86 4.41 -51.99 10.85
C GLY L 86 4.00 -51.34 12.15
N PHE L 87 2.87 -51.77 12.69
CA PHE L 87 2.39 -51.27 13.97
C PHE L 87 3.38 -51.62 15.10
N PHE L 88 3.91 -52.84 15.07
CA PHE L 88 4.74 -53.34 16.16
C PHE L 88 6.07 -52.60 16.32
N SER L 89 6.80 -52.42 15.23
CA SER L 89 8.11 -51.76 15.29
C SER L 89 7.97 -50.29 15.69
N ALA L 90 6.93 -49.63 15.19
CA ALA L 90 6.68 -48.24 15.57
C ALA L 90 6.34 -48.17 17.04
N LEU L 91 5.65 -49.19 17.54
CA LEU L 91 5.29 -49.24 18.96
C LEU L 91 6.53 -49.38 19.83
N LEU L 92 7.45 -50.24 19.42
CA LEU L 92 8.68 -50.45 20.17
C LEU L 92 9.54 -49.20 20.15
N LYS L 93 9.55 -48.52 19.01
CA LYS L 93 10.34 -47.32 18.83
C LYS L 93 9.98 -46.26 19.86
N TYR L 94 8.67 -46.03 20.03
CA TYR L 94 8.21 -45.00 20.95
C TYR L 94 8.22 -45.49 22.39
N LEU L 95 8.14 -46.80 22.59
CA LEU L 95 8.25 -47.35 23.93
C LEU L 95 9.67 -47.13 24.44
N ASN L 96 10.64 -47.40 23.58
CA ASN L 96 12.04 -47.14 23.90
C ASN L 96 12.26 -45.66 24.14
N ARG L 97 11.62 -44.84 23.30
CA ARG L 97 11.71 -43.39 23.40
C ARG L 97 11.23 -42.83 24.72
N ILE L 98 10.09 -43.33 25.18
CA ILE L 98 9.49 -42.86 26.42
C ILE L 98 10.33 -43.23 27.63
N HIS L 99 10.82 -44.47 27.66
CA HIS L 99 11.63 -44.91 28.78
C HIS L 99 12.96 -44.15 28.85
N ASN L 100 13.42 -43.65 27.73
CA ASN L 100 14.69 -42.94 27.71
C ASN L 100 14.51 -41.45 28.01
N TYR L 101 13.28 -40.98 27.84
CA TYR L 101 12.98 -39.56 27.96
C TYR L 101 11.91 -39.15 28.98
N SER L 102 11.41 -40.08 29.78
CA SER L 102 10.35 -39.71 30.71
C SER L 102 10.97 -39.15 31.97
N SER L 103 10.27 -38.22 32.62
CA SER L 103 10.75 -37.59 33.84
C SER L 103 10.97 -38.58 34.95
N THR L 104 10.17 -39.65 34.94
CA THR L 104 10.29 -40.66 35.95
C THR L 104 11.39 -41.60 35.46
N GLU L 105 12.00 -42.33 36.38
CA GLU L 105 13.11 -43.19 36.04
C GLU L 105 12.70 -44.65 36.01
N SER L 106 13.41 -45.44 35.22
CA SER L 106 13.05 -46.83 35.04
C SER L 106 14.20 -47.83 35.04
N PRO L 107 14.56 -48.35 36.22
CA PRO L 107 15.56 -49.42 36.31
C PRO L 107 14.96 -50.67 35.66
N LYS L 108 15.78 -51.66 35.32
CA LYS L 108 15.30 -52.90 34.69
C LYS L 108 14.77 -52.64 33.27
N HIS L 109 14.94 -53.62 32.40
CA HIS L 109 14.46 -53.51 31.03
C HIS L 109 12.94 -53.48 31.02
N LEU L 110 12.35 -53.25 29.86
CA LEU L 110 10.89 -53.08 29.75
C LEU L 110 10.06 -54.27 29.32
N TYR L 111 10.20 -54.56 28.04
CA TYR L 111 9.37 -55.54 27.37
C TYR L 111 10.18 -56.65 26.76
N VAL L 112 9.55 -57.79 26.59
CA VAL L 112 10.17 -58.92 25.94
C VAL L 112 9.33 -59.21 24.71
N GLU L 113 9.97 -59.20 23.55
CA GLU L 113 9.27 -59.35 22.29
C GLU L 113 9.05 -60.82 21.96
N HIS L 114 7.85 -61.12 21.48
CA HIS L 114 7.53 -62.48 21.03
C HIS L 114 6.83 -62.40 19.69
N TYR L 115 6.99 -63.43 18.87
CA TYR L 115 6.40 -63.39 17.54
C TYR L 115 5.62 -64.65 17.24
N VAL L 116 4.35 -64.48 16.86
CA VAL L 116 3.52 -65.61 16.46
C VAL L 116 2.97 -65.32 15.05
N ARG L 117 2.69 -66.40 14.33
CA ARG L 117 2.09 -66.32 13.00
C ARG L 117 0.80 -67.13 12.89
N VAL L 118 -0.30 -66.49 12.49
CA VAL L 118 -1.59 -67.17 12.37
C VAL L 118 -2.01 -67.28 10.93
N ILE L 130 -8.57 -71.88 13.23
CA ILE L 130 -7.41 -71.05 13.54
C ILE L 130 -6.37 -71.80 14.38
N GLU L 131 -5.16 -71.81 13.86
CA GLU L 131 -4.02 -72.53 14.46
C GLU L 131 -2.92 -71.54 14.81
N ILE L 132 -1.99 -71.97 15.67
CA ILE L 132 -0.90 -71.10 16.08
C ILE L 132 0.45 -71.70 15.68
N VAL L 133 1.20 -70.95 14.88
CA VAL L 133 2.56 -71.34 14.52
C VAL L 133 3.54 -70.40 15.22
N SER L 134 4.13 -70.89 16.30
CA SER L 134 5.01 -70.07 17.13
C SER L 134 5.93 -70.92 17.99
N GLU L 135 6.31 -70.36 19.12
CA GLU L 135 7.12 -71.05 20.11
C GLU L 135 6.15 -71.65 21.13
N ASP L 136 6.67 -72.25 22.20
CA ASP L 136 5.81 -72.88 23.21
C ASP L 136 5.45 -71.86 24.31
N LEU L 137 4.36 -71.13 24.10
CA LEU L 137 3.91 -70.03 24.95
C LEU L 137 3.96 -70.21 26.48
N SER L 138 4.57 -71.29 26.96
CA SER L 138 4.67 -71.56 28.39
C SER L 138 5.66 -70.64 29.10
N CYS L 139 6.50 -69.95 28.35
CA CYS L 139 7.44 -69.03 28.99
C CYS L 139 6.71 -67.75 29.36
N LEU L 140 5.43 -67.68 28.98
CA LEU L 140 4.59 -66.54 29.29
C LEU L 140 3.82 -66.71 30.60
N LYS L 141 4.03 -67.84 31.27
CA LYS L 141 3.36 -68.09 32.55
C LYS L 141 3.82 -67.10 33.61
N ASP L 142 2.87 -66.59 34.39
CA ASP L 142 3.11 -65.57 35.41
C ASP L 142 3.74 -64.32 34.80
N LYS L 143 3.37 -64.03 33.56
CA LYS L 143 3.86 -62.85 32.86
C LYS L 143 2.70 -61.98 32.36
N HIS L 144 2.93 -60.68 32.29
CA HIS L 144 1.95 -59.78 31.71
C HIS L 144 2.09 -59.82 30.19
N VAL L 145 1.01 -60.18 29.51
CA VAL L 145 1.05 -60.34 28.06
C VAL L 145 0.27 -59.24 27.35
N LEU L 146 0.90 -58.61 26.38
CA LEU L 146 0.25 -57.60 25.55
C LEU L 146 0.23 -58.02 24.09
N ILE L 147 -0.96 -58.27 23.57
CA ILE L 147 -1.11 -58.71 22.19
C ILE L 147 -1.14 -57.50 21.26
N VAL L 148 -0.28 -57.52 20.24
CA VAL L 148 -0.21 -56.41 19.30
C VAL L 148 -0.82 -56.81 17.97
N GLU L 149 -2.05 -56.38 17.73
CA GLU L 149 -2.75 -56.73 16.49
C GLU L 149 -2.95 -55.53 15.59
N ASP L 150 -2.79 -55.75 14.29
CA ASP L 150 -2.90 -54.68 13.30
C ASP L 150 -4.34 -54.22 13.12
N ILE L 151 -5.27 -55.17 13.03
CA ILE L 151 -6.65 -54.83 12.73
C ILE L 151 -7.62 -55.86 13.32
N ILE L 152 -8.75 -55.37 13.84
CA ILE L 152 -9.83 -56.24 14.31
C ILE L 152 -11.05 -56.10 13.43
N ASP L 153 -11.45 -57.21 12.82
CA ASP L 153 -12.62 -57.20 11.94
C ASP L 153 -13.80 -57.88 12.60
N THR L 154 -13.80 -59.20 12.61
CA THR L 154 -14.90 -59.96 13.19
C THR L 154 -14.61 -60.30 14.64
N GLY L 155 -13.33 -60.29 14.99
CA GLY L 155 -12.90 -60.54 16.36
C GLY L 155 -12.78 -62.01 16.71
N LYS L 156 -12.97 -62.89 15.74
CA LYS L 156 -12.88 -64.33 15.97
C LYS L 156 -11.45 -64.80 16.27
N THR L 157 -10.49 -64.26 15.52
CA THR L 157 -9.09 -64.65 15.65
C THR L 157 -8.56 -64.39 17.05
N LEU L 158 -8.85 -63.20 17.58
CA LEU L 158 -8.37 -62.84 18.91
C LEU L 158 -9.16 -63.58 19.98
N LEU L 159 -10.41 -63.89 19.69
CA LEU L 159 -11.26 -64.61 20.63
C LEU L 159 -10.75 -66.03 20.83
N LYS L 160 -10.41 -66.69 19.72
CA LYS L 160 -9.89 -68.04 19.78
C LYS L 160 -8.49 -68.04 20.40
N PHE L 161 -7.72 -67.01 20.07
CA PHE L 161 -6.34 -66.89 20.55
C PHE L 161 -6.20 -66.60 22.03
N CYS L 162 -7.08 -65.75 22.55
CA CYS L 162 -7.05 -65.40 23.96
C CYS L 162 -7.41 -66.59 24.86
N GLU L 163 -8.30 -67.45 24.38
CA GLU L 163 -8.65 -68.65 25.16
C GLU L 163 -7.50 -69.63 25.14
N TYR L 164 -6.85 -69.76 23.98
CA TYR L 164 -5.70 -70.65 23.85
C TYR L 164 -4.55 -70.16 24.71
N LEU L 165 -4.43 -68.85 24.83
CA LEU L 165 -3.36 -68.25 25.60
C LEU L 165 -3.63 -68.37 27.11
N LYS L 166 -4.89 -68.55 27.49
CA LYS L 166 -5.23 -68.64 28.90
C LYS L 166 -4.88 -70.00 29.51
N LYS L 167 -4.59 -70.99 28.66
CA LYS L 167 -4.27 -72.32 29.17
C LYS L 167 -2.84 -72.37 29.69
N PHE L 168 -2.08 -71.30 29.43
CA PHE L 168 -0.68 -71.24 29.85
C PHE L 168 -0.54 -70.47 31.16
N GLU L 169 -1.68 -70.16 31.78
CA GLU L 169 -1.73 -69.55 33.11
C GLU L 169 -0.90 -68.27 33.24
N VAL L 170 -1.16 -67.30 32.36
CA VAL L 170 -0.48 -66.01 32.41
C VAL L 170 -1.13 -65.11 33.45
N LYS L 171 -0.43 -64.06 33.89
CA LYS L 171 -1.02 -63.14 34.86
C LYS L 171 -2.11 -62.29 34.24
N THR L 172 -1.76 -61.55 33.19
CA THR L 172 -2.73 -60.68 32.52
C THR L 172 -2.66 -60.82 31.01
N ILE L 173 -3.77 -60.49 30.36
CA ILE L 173 -3.83 -60.44 28.90
C ILE L 173 -4.47 -59.13 28.47
N ALA L 174 -3.67 -58.27 27.86
CA ALA L 174 -4.18 -57.02 27.31
C ALA L 174 -4.00 -56.99 25.81
N ILE L 175 -4.85 -56.24 25.11
CA ILE L 175 -4.78 -56.17 23.67
C ILE L 175 -4.68 -54.73 23.20
N THR L 176 -3.66 -54.44 22.41
CA THR L 176 -3.57 -53.15 21.74
C THR L 176 -3.82 -53.37 20.26
N CYS L 177 -4.60 -52.48 19.66
CA CYS L 177 -4.99 -52.63 18.26
C CYS L 177 -4.95 -51.28 17.55
N LEU L 178 -4.44 -51.27 16.32
CA LEU L 178 -4.32 -50.02 15.58
C LEU L 178 -5.63 -49.61 14.92
N PHE L 179 -6.32 -50.56 14.29
CA PHE L 179 -7.59 -50.30 13.61
C PHE L 179 -8.65 -51.32 14.00
N ILE L 180 -9.85 -50.85 14.32
CA ILE L 180 -11.00 -51.74 14.43
C ILE L 180 -12.08 -51.31 13.43
N LYS L 181 -12.53 -52.24 12.61
CA LYS L 181 -13.53 -51.93 11.59
C LYS L 181 -14.93 -51.98 12.18
N ARG L 182 -15.76 -51.02 11.79
CA ARG L 182 -17.14 -50.99 12.25
C ARG L 182 -17.96 -51.91 11.37
N THR L 183 -17.64 -53.20 11.42
CA THR L 183 -18.35 -54.21 10.67
C THR L 183 -19.45 -54.84 11.54
N PRO L 184 -20.64 -55.03 10.98
CA PRO L 184 -21.71 -55.76 11.70
C PRO L 184 -21.34 -57.23 11.92
N LEU L 185 -20.22 -57.68 11.35
CA LEU L 185 -19.75 -59.05 11.56
C LEU L 185 -18.96 -59.14 12.86
N TRP L 186 -18.81 -58.02 13.56
CA TRP L 186 -18.05 -57.92 14.80
C TRP L 186 -18.69 -58.69 15.96
N ASN L 187 -17.88 -59.43 16.71
CA ASN L 187 -18.41 -60.28 17.77
C ASN L 187 -18.39 -59.59 19.14
N GLY L 188 -17.98 -58.33 19.18
CA GLY L 188 -18.01 -57.55 20.41
C GLY L 188 -16.68 -57.55 21.15
N PHE L 189 -15.64 -58.05 20.51
CA PHE L 189 -14.31 -58.10 21.11
C PHE L 189 -13.64 -56.73 21.10
N LYS L 190 -13.40 -56.18 22.27
CA LYS L 190 -12.76 -54.87 22.37
C LYS L 190 -11.31 -54.97 22.86
N ALA L 191 -10.46 -54.15 22.26
CA ALA L 191 -9.06 -54.05 22.67
C ALA L 191 -8.93 -53.05 23.81
N ASP L 192 -7.84 -53.16 24.55
CA ASP L 192 -7.62 -52.29 25.71
C ASP L 192 -6.94 -50.99 25.30
N PHE L 193 -6.31 -51.00 24.13
CA PHE L 193 -5.65 -49.82 23.60
C PHE L 193 -5.97 -49.69 22.11
N VAL L 194 -6.92 -48.84 21.76
CA VAL L 194 -7.34 -48.73 20.37
C VAL L 194 -6.85 -47.43 19.76
N GLY L 195 -6.34 -47.52 18.54
CA GLY L 195 -5.83 -46.36 17.83
C GLY L 195 -6.89 -45.65 17.02
N PHE L 196 -7.48 -46.36 16.07
CA PHE L 196 -8.47 -45.80 15.16
C PHE L 196 -9.74 -46.64 15.03
N SER L 197 -10.86 -45.96 14.79
CA SER L 197 -12.10 -46.60 14.41
C SER L 197 -12.41 -46.28 12.95
N ILE L 198 -12.35 -47.29 12.09
CA ILE L 198 -12.46 -47.07 10.64
C ILE L 198 -13.75 -47.66 10.07
N PRO L 199 -14.25 -47.08 8.96
CA PRO L 199 -15.45 -47.58 8.28
C PRO L 199 -15.34 -49.03 7.81
N ASP L 200 -16.47 -49.64 7.48
CA ASP L 200 -16.49 -51.02 7.00
C ASP L 200 -16.10 -51.07 5.53
N ALA L 201 -14.81 -50.86 5.27
CA ALA L 201 -14.26 -50.93 3.92
C ALA L 201 -12.90 -51.60 3.95
N PHE L 202 -12.53 -52.24 2.85
CA PHE L 202 -11.25 -52.95 2.80
C PHE L 202 -10.10 -51.98 2.61
N VAL L 203 -9.23 -51.92 3.61
CA VAL L 203 -8.12 -50.98 3.61
C VAL L 203 -6.78 -51.66 3.40
N VAL L 204 -5.83 -50.94 2.80
CA VAL L 204 -4.48 -51.45 2.60
C VAL L 204 -3.43 -50.42 3.01
N GLY L 205 -2.17 -50.86 3.06
CA GLY L 205 -1.09 -49.97 3.45
C GLY L 205 -0.70 -50.19 4.90
N TYR L 206 0.51 -49.77 5.25
CA TYR L 206 1.05 -49.92 6.60
C TYR L 206 1.00 -51.38 7.05
N SER L 207 1.60 -52.25 6.24
CA SER L 207 1.66 -53.70 6.47
C SER L 207 0.31 -54.42 6.31
N LEU L 208 -0.73 -53.69 5.92
CA LEU L 208 -2.00 -54.32 5.61
C LEU L 208 -2.07 -54.62 4.11
N ASP L 209 -2.41 -55.86 3.77
CA ASP L 209 -2.24 -56.32 2.40
C ASP L 209 -3.52 -56.71 1.67
N TYR L 210 -3.43 -56.76 0.35
CA TYR L 210 -4.40 -57.43 -0.49
C TYR L 210 -3.63 -58.38 -1.41
N ASN L 211 -3.65 -59.67 -1.05
CA ASN L 211 -2.83 -60.67 -1.73
C ASN L 211 -1.35 -60.29 -1.74
N GLU L 212 -0.83 -60.01 -0.55
CA GLU L 212 0.59 -59.69 -0.34
C GLU L 212 1.05 -58.42 -1.05
N LYS L 213 0.10 -57.65 -1.57
CA LYS L 213 0.41 -56.36 -2.18
C LYS L 213 0.07 -55.21 -1.24
N PHE L 214 0.61 -54.04 -1.56
CA PHE L 214 0.34 -52.79 -0.85
C PHE L 214 0.83 -52.74 0.60
N ARG L 215 1.64 -53.72 1.01
CA ARG L 215 2.14 -53.73 2.37
C ARG L 215 3.11 -52.57 2.59
N ASP L 216 3.87 -52.24 1.55
CA ASP L 216 4.93 -51.24 1.64
C ASP L 216 4.40 -49.82 1.51
N LEU L 217 3.09 -49.69 1.34
CA LEU L 217 2.45 -48.39 1.26
C LEU L 217 2.43 -47.73 2.63
N ASP L 218 2.96 -46.52 2.73
CA ASP L 218 3.12 -45.88 4.04
C ASP L 218 1.81 -45.35 4.60
N HIS L 219 0.87 -45.02 3.71
CA HIS L 219 -0.43 -44.51 4.12
C HIS L 219 -1.48 -45.61 4.14
N LEU L 220 -2.53 -45.43 4.94
CA LEU L 220 -3.66 -46.35 4.94
C LEU L 220 -4.67 -45.92 3.88
N CYS L 221 -4.87 -46.78 2.88
CA CYS L 221 -5.67 -46.40 1.72
C CYS L 221 -6.77 -47.41 1.37
N LEU L 222 -7.68 -46.99 0.50
CA LEU L 222 -8.73 -47.86 -0.01
C LEU L 222 -8.46 -48.28 -1.45
N VAL L 223 -8.57 -49.57 -1.72
CA VAL L 223 -8.35 -50.10 -3.06
C VAL L 223 -9.57 -49.86 -3.94
N ASN L 224 -9.34 -49.43 -5.18
CA ASN L 224 -10.43 -49.25 -6.13
C ASN L 224 -10.77 -50.57 -6.82
N ASP L 225 -11.79 -50.56 -7.69
CA ASP L 225 -12.23 -51.78 -8.35
C ASP L 225 -11.17 -52.36 -9.29
N GLU L 226 -10.41 -51.49 -9.94
CA GLU L 226 -9.34 -51.96 -10.83
C GLU L 226 -8.25 -52.67 -10.03
N GLY L 227 -7.95 -52.17 -8.85
CA GLY L 227 -6.95 -52.77 -7.99
C GLY L 227 -7.32 -54.17 -7.54
N ILE L 228 -8.58 -54.35 -7.16
CA ILE L 228 -9.08 -55.65 -6.75
C ILE L 228 -9.00 -56.66 -7.90
N LYS L 229 -9.39 -56.20 -9.08
CA LYS L 229 -9.40 -57.03 -10.28
C LYS L 229 -7.98 -57.34 -10.73
N LYS L 230 -7.10 -56.34 -10.60
CA LYS L 230 -5.72 -56.45 -11.06
C LYS L 230 -4.95 -57.54 -10.32
N PHE L 231 -5.11 -57.58 -9.01
CA PHE L 231 -4.35 -58.52 -8.19
C PHE L 231 -5.20 -59.68 -7.68
N ARG L 232 -6.28 -60.02 -8.38
CA ARG L 232 -7.06 -61.17 -7.94
C ARG L 232 -6.34 -62.47 -8.27
N THR L 233 -6.43 -63.42 -7.34
CA THR L 233 -5.80 -64.72 -7.48
C THR L 233 -6.75 -65.78 -8.01
#